data_7YQX
#
_entry.id   7YQX
#
_cell.length_a   1.00
_cell.length_b   1.00
_cell.length_c   1.00
_cell.angle_alpha   90.00
_cell.angle_beta   90.00
_cell.angle_gamma   90.00
#
_symmetry.space_group_name_H-M   'P 1'
#
loop_
_entity.id
_entity.type
_entity.pdbx_description
1 polymer 'Spike glycoprotein'
2 polymer 'S309 heavy chain'
3 polymer 'S309 light chain'
4 branched 2-acetamido-2-deoxy-beta-D-glucopyranose-(1-4)-2-acetamido-2-deoxy-beta-D-glucopyranose
5 branched beta-D-mannopyranose-(1-4)-2-acetamido-2-deoxy-beta-D-glucopyranose-(1-4)-[alpha-L-fucopyranose-(1-6)]2-acetamido-2-deoxy-beta-D-glucopyranose
6 non-polymer 2-acetamido-2-deoxy-beta-D-glucopyranose
#
loop_
_entity_poly.entity_id
_entity_poly.type
_entity_poly.pdbx_seq_one_letter_code
_entity_poly.pdbx_strand_id
1 'polypeptide(L)'
;MFVFLVLLPLVSSQCVNLITRTQSYTNSFTRGVYYPDKVFRSSVLHSTQDLFLPFFSNVTWFHAIHVSGTNGTKRFDNPV
LPFNDGVYFASTEKSNIIRGWIFGTTLDSKTQSLLIVNNATNVVIKVCEFQFCNDPFLDVYYHENNKSRMESELRVYSSA
NNCTFEYVSQPFLMDLEGKQGNFKNLREFVFKNIDGYFKIYSKHTPVNLGRDLPQGFSALEPLVDLPIGINITRFQTLLA
LHRSYLTPGDSSSSWTAGAAAYYVGYLQPRTFLLKYNENGTITDAVDCALDPLSETKCTLKSFTVEKGIYQTSNFRVQPT
ESIVRFPNITNLCPFHEVFNATRFASVYAWNRKRISNCVADYSVLYNFAPFFAFKCYGVSPTKLNDLCFTNVYADSFVIR
GNEVSQIAPGQTGNIADYNYKLPDDFTGCVIAWNSNKLDSKVSGNYNYLYRLFRKSKLKPFERDISTEIYQAGNKPCNGV
AGFNCYFPLQSYGFRPTYGVGHQPYRVVVLSFELLHAPATVCGPKKSTNLVKNKCVNFNFNGLTGTGVLTESNKKFLPFQ
QFGRDIADTTDAVRDPQTLEILDITPCSFGGVSVITPGTNTSNQVAVLYQGVNCTEVPVAIHADQLTPTWRVYSTGSNVF
QTRAGCLIGAEYVNNSYECDIPIGAGICASYQTQTKSHRAAASVASQSIIAYTMSLGAENSVAYSNNSIAIPTNFTISVT
TEILPVSMTKTSVDCTMYICGDSTECSNLLLQYGSFCTQLKRALTGIAVEQDKNTQEVFAQVKQIYKTPPIKYFGGFNFS
QILPDPSKPSKRSPIEDLLFNKVTLADAGFIKQYGDCLGDIAARDLICAQKFNGLTVLPPLLTDEMIAQYTSALLAGTIT
SGWTFGAGPALQIPFPMQMAYRFNGIGVTQNVLYENQKLIANQFNSAIGKIQDSLSSTPSALGKLQDVVNHNAQALNTLV
KQLSSKFGAISSVLNDILSRLDPPEAEVQIDRLITGRLQSLQTYVTQQLIRAAEIRASANLAATKMSECVLGQSKRVDFC
GKGYHLMSFPQSAPHGVVFLHVTYVPAQEKNFTTAPAICHDGKAHFPREGVFVSNGTHWFVTQRNFYEPQIITTDNTFVS
GNCDVVIGIVNNTVYDPLQPELDSFKEELDKYFKNHTSPDVDLGDISGINASVVNIQKEIDRLNEVAKNLNESLIDLQEL
GKYEQYIKWPWYIWLGFIAGLIAIVMVTIMLCCMTSCCSCLKGCCSCGSCCKFDEDDSEPVLKGVKLHYT
;
A,B,C
2 'polypeptide(L)'
;QVQLVQSGAEVKKPGASVKVSCKASGYPFTSYGISWVRQAPGQGLEWMGWISTYNGNTNYAQKFQGRVTMTTDTSTTTGY
MELRRLRSDDTAVYYCARDYTRGAWFGESLIGGFDNWGQGTLVTVS
;
H,I
3 'polypeptide(L)'
;EIVLTQSPGTLSLSPGERATLSCRASQTVSSTSLAWYQQKPGQAPRLLIYGASSRATGIPDRFSGSGSGTDFTLTISRLE
PEDFAVYYCQQHDTSLTFGGGTKVEIKRTVAAPSVFIFPPSDEQLKSGTASVVCLLNNFYPREAKVQWKVDNALQSGNSQ
ESVTEQDSKDSTYSLSSTLTLSKADYEKHKVYACEVTHQGLSSPVTKSFNRGEC
;
F,G
#
loop_
_chem_comp.id
_chem_comp.type
_chem_comp.name
_chem_comp.formula
BMA D-saccharide, beta linking beta-D-mannopyranose 'C6 H12 O6'
FUC L-saccharide, alpha linking alpha-L-fucopyranose 'C6 H12 O5'
NAG D-saccharide, beta linking 2-acetamido-2-deoxy-beta-D-glucopyranose 'C8 H15 N O6'
#
# COMPACT_ATOMS: atom_id res chain seq x y z
N THR A 22 -14.65 59.88 15.66
CA THR A 22 -14.11 59.47 16.95
C THR A 22 -13.50 58.07 16.87
N GLN A 23 -12.39 57.97 16.14
CA GLN A 23 -11.65 56.72 16.05
C GLN A 23 -11.23 56.26 17.45
N SER A 24 -11.35 54.95 17.70
CA SER A 24 -10.85 54.41 18.95
C SER A 24 -10.75 52.89 18.82
N TYR A 25 -10.16 52.26 19.85
CA TYR A 25 -9.95 50.81 19.84
C TYR A 25 -10.22 50.25 21.23
N THR A 26 -11.25 49.42 21.34
CA THR A 26 -11.63 48.75 22.58
C THR A 26 -11.55 47.24 22.40
N ASN A 27 -11.97 46.51 23.42
CA ASN A 27 -11.90 45.06 23.41
C ASN A 27 -13.12 44.44 22.75
N SER A 28 -12.91 43.29 22.10
CA SER A 28 -13.98 42.64 21.36
C SER A 28 -14.89 41.80 22.26
N PHE A 29 -14.37 41.30 23.38
CA PHE A 29 -15.12 40.43 24.30
C PHE A 29 -15.62 39.22 23.50
N THR A 30 -16.81 38.69 23.78
CA THR A 30 -17.34 37.50 23.14
C THR A 30 -18.62 37.86 22.40
N ARG A 31 -18.48 38.18 21.11
CA ARG A 31 -19.62 38.44 20.24
C ARG A 31 -19.29 37.92 18.85
N GLY A 32 -20.34 37.71 18.07
CA GLY A 32 -20.15 37.27 16.70
C GLY A 32 -20.04 35.77 16.57
N VAL A 33 -21.00 35.04 17.13
CA VAL A 33 -21.08 33.59 17.01
C VAL A 33 -22.27 33.26 16.13
N TYR A 34 -22.00 32.66 14.97
CA TYR A 34 -23.02 32.39 13.98
C TYR A 34 -23.02 30.90 13.64
N TYR A 35 -24.15 30.42 13.16
CA TYR A 35 -24.24 29.03 12.72
C TYR A 35 -23.42 28.84 11.44
N PRO A 36 -22.51 27.89 11.41
CA PRO A 36 -21.72 27.67 10.17
C PRO A 36 -22.59 27.12 9.06
N ASP A 37 -23.33 26.05 9.36
CA ASP A 37 -24.30 25.48 8.46
C ASP A 37 -25.59 25.26 9.24
N LYS A 38 -26.72 25.48 8.59
CA LYS A 38 -27.99 25.39 9.29
C LYS A 38 -28.39 23.96 9.61
N VAL A 39 -27.84 22.98 8.89
CA VAL A 39 -28.20 21.58 9.08
C VAL A 39 -28.22 21.26 10.56
N PHE A 40 -29.33 20.70 11.02
CA PHE A 40 -29.60 20.62 12.45
C PHE A 40 -28.67 19.63 13.14
N ARG A 41 -28.22 20.01 14.33
CA ARG A 41 -27.50 19.13 15.24
C ARG A 41 -28.06 19.33 16.64
N SER A 42 -27.94 18.29 17.46
CA SER A 42 -28.52 18.37 18.79
C SER A 42 -27.67 17.57 19.78
N SER A 43 -27.29 18.22 20.88
CA SER A 43 -26.53 17.59 21.96
C SER A 43 -25.22 17.01 21.46
N VAL A 44 -24.60 17.67 20.48
CA VAL A 44 -23.33 17.23 19.93
C VAL A 44 -22.27 18.29 20.24
N LEU A 45 -21.03 18.01 19.87
CA LEU A 45 -19.90 18.92 20.10
C LEU A 45 -19.11 19.12 18.82
N HIS A 46 -19.82 19.42 17.73
CA HIS A 46 -19.17 19.58 16.44
C HIS A 46 -18.30 20.83 16.42
N SER A 47 -17.16 20.73 15.74
CA SER A 47 -16.23 21.84 15.57
C SER A 47 -16.01 22.08 14.08
N THR A 48 -15.60 23.30 13.74
CA THR A 48 -15.43 23.66 12.34
C THR A 48 -14.27 24.63 12.18
N GLN A 49 -13.72 24.65 10.97
CA GLN A 49 -12.69 25.61 10.57
C GLN A 49 -13.35 26.62 9.65
N ASP A 50 -13.50 27.86 10.12
CA ASP A 50 -14.27 28.83 9.38
C ASP A 50 -13.83 30.24 9.76
N LEU A 51 -14.37 31.22 9.05
CA LEU A 51 -14.09 32.61 9.35
C LEU A 51 -14.86 33.04 10.59
N PHE A 52 -14.14 33.53 11.60
CA PHE A 52 -14.73 33.92 12.86
C PHE A 52 -14.16 35.25 13.30
N LEU A 53 -14.89 35.94 14.16
CA LEU A 53 -14.35 37.11 14.82
C LEU A 53 -13.45 36.66 15.97
N PRO A 54 -12.16 36.98 15.94
CA PRO A 54 -11.25 36.47 16.98
C PRO A 54 -11.67 36.95 18.35
N PHE A 55 -11.47 36.08 19.35
CA PHE A 55 -11.82 36.41 20.72
C PHE A 55 -10.84 37.42 21.29
N PHE A 56 -11.36 38.32 22.12
CA PHE A 56 -10.55 39.27 22.88
C PHE A 56 -9.63 40.08 21.97
N SER A 57 -10.21 40.58 20.89
CA SER A 57 -9.47 41.32 19.88
C SER A 57 -9.82 42.81 19.95
N ASN A 58 -9.17 43.58 19.08
CA ASN A 58 -9.44 45.01 18.98
C ASN A 58 -10.65 45.27 18.10
N VAL A 59 -11.57 46.10 18.59
CA VAL A 59 -12.70 46.57 17.82
C VAL A 59 -12.62 48.08 17.74
N THR A 60 -12.74 48.62 16.54
CA THR A 60 -12.50 50.03 16.28
C THR A 60 -13.83 50.79 16.25
N TRP A 61 -13.85 51.95 16.91
CA TRP A 61 -14.99 52.85 16.88
C TRP A 61 -14.72 53.92 15.84
N PHE A 62 -15.60 54.01 14.84
CA PHE A 62 -15.55 55.01 13.79
C PHE A 62 -16.69 56.01 13.99
N HIS A 63 -16.42 57.27 13.69
CA HIS A 63 -17.47 58.30 13.79
C HIS A 63 -17.14 59.43 12.82
N ALA A 64 -17.89 59.49 11.72
CA ALA A 64 -17.83 60.65 10.85
C ALA A 64 -18.46 61.85 11.57
N ILE A 65 -17.78 62.98 11.55
CA ILE A 65 -18.12 64.10 12.42
C ILE A 65 -18.33 65.30 11.51
N HIS A 66 -19.57 65.46 11.01
CA HIS A 66 -19.91 66.62 10.17
C HIS A 66 -21.23 67.20 10.69
N VAL A 67 -21.13 68.02 11.73
CA VAL A 67 -22.25 68.83 12.19
C VAL A 67 -21.72 69.93 13.11
N SER A 68 -22.12 71.17 12.86
CA SER A 68 -21.71 72.28 13.70
C SER A 68 -22.55 73.52 13.40
N GLY A 69 -23.21 74.05 14.43
CA GLY A 69 -23.99 75.27 14.31
C GLY A 69 -24.97 75.26 13.14
N THR A 70 -24.81 76.23 12.25
CA THR A 70 -25.61 76.35 11.03
C THR A 70 -24.72 76.61 9.83
N ASN A 71 -23.61 75.88 9.74
CA ASN A 71 -22.63 76.07 8.67
C ASN A 71 -22.03 74.72 8.31
N GLY A 72 -21.28 74.71 7.21
CA GLY A 72 -20.75 73.48 6.65
C GLY A 72 -19.75 72.78 7.53
N THR A 73 -18.55 73.35 7.67
CA THR A 73 -17.49 72.80 8.52
C THR A 73 -17.16 71.36 8.11
N LYS A 74 -16.60 71.26 6.90
CA LYS A 74 -16.31 69.97 6.29
C LYS A 74 -15.56 69.04 7.25
N ARG A 75 -15.86 67.75 7.16
CA ARG A 75 -15.39 66.75 8.10
C ARG A 75 -14.15 65.99 7.65
N PHE A 76 -14.03 65.71 6.35
CA PHE A 76 -12.93 64.90 5.83
C PHE A 76 -12.87 63.53 6.51
N ASP A 77 -14.02 63.04 6.98
CA ASP A 77 -14.12 61.77 7.66
C ASP A 77 -14.42 60.66 6.66
N ASN A 78 -14.85 59.51 7.17
CA ASN A 78 -15.07 58.29 6.39
C ASN A 78 -13.79 57.85 5.69
N PRO A 79 -12.74 57.52 6.44
CA PRO A 79 -11.53 57.00 5.80
C PRO A 79 -11.80 55.66 5.14
N VAL A 80 -11.11 55.43 4.03
CA VAL A 80 -11.28 54.18 3.29
C VAL A 80 -10.51 53.08 3.99
N LEU A 81 -11.10 51.88 4.04
CA LEU A 81 -10.47 50.74 4.69
C LEU A 81 -10.26 49.62 3.68
N PRO A 82 -9.14 48.91 3.78
CA PRO A 82 -8.97 47.73 2.91
C PRO A 82 -10.05 46.69 3.19
N PHE A 83 -10.54 46.07 2.12
CA PHE A 83 -11.59 45.08 2.21
C PHE A 83 -10.98 43.70 2.03
N ASN A 84 -10.80 42.98 3.13
CA ASN A 84 -10.17 41.67 3.09
C ASN A 84 -10.63 40.86 4.29
N ASP A 85 -10.53 39.53 4.16
CA ASP A 85 -10.85 38.60 5.24
C ASP A 85 -12.26 38.80 5.78
N GLY A 86 -13.14 39.36 4.96
CA GLY A 86 -14.49 39.69 5.42
C GLY A 86 -14.49 40.87 6.35
N VAL A 87 -15.66 41.44 6.61
CA VAL A 87 -15.80 42.57 7.51
C VAL A 87 -17.02 42.34 8.39
N TYR A 88 -16.89 42.69 9.67
CA TYR A 88 -17.99 42.61 10.63
C TYR A 88 -18.30 44.02 11.11
N PHE A 89 -19.55 44.44 10.93
CA PHE A 89 -20.00 45.78 11.26
C PHE A 89 -21.07 45.68 12.33
N ALA A 90 -20.94 46.45 13.40
CA ALA A 90 -21.91 46.48 14.47
C ALA A 90 -22.28 47.92 14.78
N SER A 91 -23.55 48.15 15.08
CA SER A 91 -24.01 49.49 15.35
C SER A 91 -25.35 49.45 16.07
N THR A 92 -25.63 50.53 16.81
CA THR A 92 -26.94 50.79 17.40
C THR A 92 -27.39 52.15 16.88
N GLU A 93 -27.98 52.14 15.68
CA GLU A 93 -28.41 53.37 15.03
C GLU A 93 -29.67 53.90 15.70
N LYS A 94 -29.85 55.22 15.61
CA LYS A 94 -31.11 55.79 16.08
C LYS A 94 -32.27 55.27 15.25
N SER A 95 -32.35 55.69 13.98
CA SER A 95 -33.27 55.04 13.04
C SER A 95 -32.56 54.50 11.80
N ASN A 96 -31.96 55.36 10.98
CA ASN A 96 -31.40 54.95 9.69
C ASN A 96 -30.12 55.74 9.38
N ILE A 97 -29.23 55.87 10.36
CA ILE A 97 -28.05 56.71 10.16
C ILE A 97 -27.13 56.11 9.10
N ILE A 98 -26.88 54.80 9.19
CA ILE A 98 -26.00 54.10 8.25
C ILE A 98 -26.87 53.32 7.28
N ARG A 99 -26.67 53.55 5.98
CA ARG A 99 -27.47 52.89 4.95
C ARG A 99 -26.67 52.11 3.92
N GLY A 100 -25.49 52.60 3.51
CA GLY A 100 -24.81 52.08 2.34
C GLY A 100 -23.40 51.61 2.60
N TRP A 101 -22.87 50.88 1.61
CA TRP A 101 -21.52 50.34 1.63
C TRP A 101 -20.94 50.39 0.23
N ILE A 102 -19.63 50.66 0.15
CA ILE A 102 -18.90 50.68 -1.11
C ILE A 102 -17.78 49.66 -1.05
N PHE A 103 -17.78 48.72 -2.00
CA PHE A 103 -16.73 47.74 -2.14
C PHE A 103 -16.21 47.78 -3.57
N GLY A 104 -14.89 47.86 -3.73
CA GLY A 104 -14.30 47.90 -5.06
C GLY A 104 -12.93 48.54 -5.03
N THR A 105 -12.58 49.13 -6.18
CA THR A 105 -11.29 49.77 -6.37
C THR A 105 -11.47 51.05 -7.18
N THR A 106 -10.85 52.13 -6.70
CA THR A 106 -10.68 53.39 -7.42
C THR A 106 -12.00 54.17 -7.49
N LEU A 107 -13.11 53.52 -7.13
CA LEU A 107 -14.39 54.17 -6.88
C LEU A 107 -14.76 55.21 -7.95
N ASP A 108 -14.55 54.85 -9.21
CA ASP A 108 -14.84 55.78 -10.31
C ASP A 108 -15.31 54.98 -11.52
N SER A 109 -15.34 55.65 -12.67
CA SER A 109 -15.63 54.99 -13.94
C SER A 109 -14.37 54.47 -14.60
N LYS A 110 -13.57 53.73 -13.82
CA LYS A 110 -12.39 53.05 -14.34
C LYS A 110 -12.26 51.61 -13.85
N THR A 111 -12.87 51.25 -12.72
CA THR A 111 -12.93 49.89 -12.25
C THR A 111 -14.36 49.59 -11.81
N GLN A 112 -14.74 48.32 -11.92
CA GLN A 112 -16.09 47.91 -11.58
C GLN A 112 -16.39 48.20 -10.10
N SER A 113 -17.57 48.74 -9.83
CA SER A 113 -17.93 49.20 -8.49
C SER A 113 -19.21 48.52 -8.02
N LEU A 114 -19.34 48.39 -6.70
CA LEU A 114 -20.51 47.81 -6.07
C LEU A 114 -21.23 48.86 -5.24
N LEU A 115 -22.52 49.03 -5.49
CA LEU A 115 -23.36 49.95 -4.72
C LEU A 115 -24.37 49.13 -3.93
N ILE A 116 -24.37 49.29 -2.61
CA ILE A 116 -25.23 48.54 -1.70
C ILE A 116 -25.86 49.54 -0.75
N VAL A 117 -27.16 49.81 -0.93
CA VAL A 117 -27.86 50.82 -0.15
C VAL A 117 -29.15 50.21 0.41
N ASN A 118 -29.47 50.55 1.65
CA ASN A 118 -30.68 50.12 2.31
C ASN A 118 -31.76 51.19 2.22
N ASN A 119 -33.01 50.75 2.31
CA ASN A 119 -34.17 51.64 2.21
C ASN A 119 -35.17 51.33 3.30
N ALA A 120 -36.39 51.88 3.20
CA ALA A 120 -37.43 51.57 4.16
C ALA A 120 -37.69 50.07 4.18
N THR A 121 -38.19 49.52 3.07
CA THR A 121 -38.24 48.07 2.85
C THR A 121 -37.77 47.81 1.42
N ASN A 122 -36.44 47.76 1.23
CA ASN A 122 -35.81 47.59 -0.07
C ASN A 122 -34.30 47.43 0.07
N VAL A 123 -33.61 47.26 -1.07
CA VAL A 123 -32.16 47.28 -1.12
C VAL A 123 -31.76 47.69 -2.53
N VAL A 124 -30.63 48.39 -2.64
CA VAL A 124 -30.21 48.95 -3.92
C VAL A 124 -28.92 48.25 -4.34
N ILE A 125 -28.81 46.97 -4.01
CA ILE A 125 -27.68 46.16 -4.46
C ILE A 125 -27.56 46.20 -5.97
N LYS A 126 -26.40 46.62 -6.46
CA LYS A 126 -26.15 46.69 -7.89
C LYS A 126 -24.65 46.78 -8.12
N VAL A 127 -24.25 46.43 -9.34
CA VAL A 127 -22.86 46.53 -9.78
C VAL A 127 -22.82 47.45 -10.99
N CYS A 128 -22.04 48.51 -10.90
CA CYS A 128 -22.02 49.52 -11.95
C CYS A 128 -20.69 50.28 -11.90
N GLU A 129 -20.49 51.14 -12.89
CA GLU A 129 -19.24 51.87 -13.11
C GLU A 129 -19.34 53.32 -12.65
N PHE A 130 -19.97 53.55 -11.49
CA PHE A 130 -20.21 54.90 -10.98
C PHE A 130 -18.92 55.70 -10.94
N GLN A 131 -18.86 56.76 -11.76
CA GLN A 131 -17.75 57.69 -11.67
C GLN A 131 -17.71 58.34 -10.30
N PHE A 132 -18.88 58.75 -9.79
CA PHE A 132 -18.99 59.31 -8.45
C PHE A 132 -20.42 59.11 -7.97
N CYS A 133 -20.57 58.89 -6.67
CA CYS A 133 -21.89 58.76 -6.07
C CYS A 133 -21.98 59.46 -4.72
N ASN A 134 -20.92 60.14 -4.27
CA ASN A 134 -20.91 60.80 -2.97
C ASN A 134 -21.24 62.27 -3.20
N ASP A 135 -22.53 62.59 -3.11
CA ASP A 135 -23.03 63.96 -3.18
C ASP A 135 -23.79 64.21 -1.88
N PRO A 136 -23.12 64.72 -0.86
CA PRO A 136 -23.77 64.81 0.46
C PRO A 136 -25.03 65.66 0.48
N PHE A 137 -25.00 66.83 -0.13
CA PHE A 137 -26.10 67.79 -0.05
C PHE A 137 -26.49 68.03 1.41
N LEU A 138 -25.48 68.26 2.24
CA LEU A 138 -25.68 68.31 3.68
C LEU A 138 -26.59 69.46 4.08
N ASP A 139 -27.53 69.16 4.98
CA ASP A 139 -28.51 70.15 5.40
C ASP A 139 -27.82 71.29 6.15
N VAL A 140 -28.20 72.52 5.81
CA VAL A 140 -27.65 73.69 6.51
C VAL A 140 -28.16 73.74 7.95
N TYR A 141 -29.25 73.02 8.26
CA TYR A 141 -29.66 72.82 9.64
C TYR A 141 -29.50 71.36 10.01
N TYR A 142 -28.35 70.76 9.66
CA TYR A 142 -28.14 69.33 9.85
C TYR A 142 -28.24 68.91 11.31
N HIS A 143 -28.11 69.86 12.25
CA HIS A 143 -28.36 69.55 13.65
C HIS A 143 -29.77 69.02 13.82
N GLU A 144 -29.89 67.75 14.21
CA GLU A 144 -31.21 67.14 14.35
C GLU A 144 -31.96 67.62 15.58
N ASN A 145 -31.32 68.44 16.42
CA ASN A 145 -32.03 69.01 17.57
C ASN A 145 -33.21 69.86 17.14
N ASN A 146 -33.04 70.67 16.11
CA ASN A 146 -34.10 71.53 15.62
C ASN A 146 -34.96 70.82 14.57
N LYS A 147 -34.35 70.42 13.46
CA LYS A 147 -35.07 69.77 12.38
C LYS A 147 -34.25 68.58 11.88
N SER A 148 -34.85 67.39 11.94
CA SER A 148 -34.24 66.17 11.42
C SER A 148 -34.65 65.87 9.99
N ARG A 149 -34.96 66.91 9.22
CA ARG A 149 -35.51 66.74 7.87
C ARG A 149 -34.42 66.17 6.96
N MET A 150 -34.52 64.88 6.66
CA MET A 150 -33.60 64.23 5.74
C MET A 150 -34.36 63.07 5.10
N GLU A 151 -34.91 63.31 3.90
CA GLU A 151 -35.68 62.29 3.21
C GLU A 151 -35.44 62.42 1.71
N SER A 152 -35.24 61.28 1.06
CA SER A 152 -35.09 61.20 -0.40
C SER A 152 -33.90 62.03 -0.90
N GLU A 153 -32.89 62.22 -0.04
CA GLU A 153 -31.69 62.96 -0.42
C GLU A 153 -30.66 61.98 -1.00
N LEU A 154 -31.02 61.39 -2.14
CA LEU A 154 -30.23 60.33 -2.72
C LEU A 154 -28.91 60.85 -3.28
N ARG A 155 -29.00 61.68 -4.31
CA ARG A 155 -27.82 62.27 -4.97
C ARG A 155 -26.75 61.21 -5.22
N VAL A 156 -27.19 60.07 -5.75
CA VAL A 156 -26.37 58.87 -5.86
C VAL A 156 -26.74 58.16 -7.17
N TYR A 157 -25.90 57.20 -7.56
CA TYR A 157 -25.99 56.49 -8.85
C TYR A 157 -26.19 57.47 -10.01
N SER A 158 -25.44 58.57 -9.97
CA SER A 158 -25.57 59.61 -10.99
C SER A 158 -25.19 59.11 -12.36
N SER A 159 -24.12 58.32 -12.46
CA SER A 159 -23.57 57.91 -13.74
C SER A 159 -23.61 56.39 -13.89
N ALA A 160 -23.90 55.94 -15.11
CA ALA A 160 -23.89 54.51 -15.43
C ALA A 160 -23.44 54.36 -16.89
N ASN A 161 -22.14 54.18 -17.08
CA ASN A 161 -21.60 54.06 -18.44
C ASN A 161 -21.71 52.62 -18.95
N ASN A 162 -21.04 51.69 -18.28
CA ASN A 162 -21.10 50.27 -18.62
C ASN A 162 -21.57 49.53 -17.37
N CYS A 163 -22.88 49.46 -17.19
CA CYS A 163 -23.47 48.85 -16.00
C CYS A 163 -24.65 48.00 -16.43
N THR A 164 -24.74 46.80 -15.87
CA THR A 164 -25.78 45.85 -16.26
C THR A 164 -26.57 45.26 -15.08
N PHE A 165 -25.95 45.06 -13.92
CA PHE A 165 -26.58 44.30 -12.84
C PHE A 165 -27.21 45.27 -11.85
N GLU A 166 -28.53 45.17 -11.69
CA GLU A 166 -29.27 45.89 -10.66
C GLU A 166 -30.24 44.91 -10.01
N TYR A 167 -30.39 45.00 -8.69
CA TYR A 167 -31.21 44.04 -7.99
C TYR A 167 -31.86 44.71 -6.79
N VAL A 168 -33.05 44.21 -6.43
CA VAL A 168 -33.78 44.68 -5.26
C VAL A 168 -34.35 43.45 -4.53
N SER A 169 -34.62 43.63 -3.24
CA SER A 169 -35.19 42.58 -2.42
C SER A 169 -35.74 43.20 -1.14
N GLN A 170 -36.07 42.35 -0.18
CA GLN A 170 -36.50 42.81 1.14
C GLN A 170 -35.33 43.48 1.86
N PRO A 171 -35.61 44.40 2.78
CA PRO A 171 -34.51 45.14 3.42
C PRO A 171 -33.66 44.25 4.31
N PHE A 172 -32.39 44.63 4.44
CA PHE A 172 -31.48 43.91 5.33
C PHE A 172 -31.86 44.05 6.80
N LEU A 173 -32.62 45.09 7.15
CA LEU A 173 -32.89 45.42 8.54
C LEU A 173 -34.38 45.40 8.84
N MET A 174 -34.72 44.88 10.01
CA MET A 174 -36.06 44.99 10.60
C MET A 174 -35.86 45.39 12.05
N ASP A 175 -35.76 46.69 12.30
CA ASP A 175 -35.53 47.18 13.65
C ASP A 175 -36.81 47.13 14.46
N LEU A 176 -36.71 46.63 15.68
CA LEU A 176 -37.83 46.54 16.60
C LEU A 176 -37.62 47.54 17.73
N GLU A 177 -38.66 48.32 18.02
CA GLU A 177 -38.56 49.39 19.00
C GLU A 177 -38.97 48.87 20.37
N GLY A 178 -38.11 49.10 21.36
CA GLY A 178 -38.41 48.82 22.74
C GLY A 178 -39.14 49.94 23.46
N LYS A 179 -39.51 50.99 22.72
CA LYS A 179 -40.23 52.15 23.22
C LYS A 179 -39.43 52.97 24.24
N GLN A 180 -38.15 52.65 24.40
CA GLN A 180 -37.28 53.41 25.28
C GLN A 180 -35.84 53.21 24.83
N GLY A 181 -34.97 54.12 25.28
CA GLY A 181 -33.57 54.06 24.89
C GLY A 181 -32.75 53.00 25.56
N ASN A 182 -33.31 52.33 26.58
CA ASN A 182 -32.59 51.26 27.25
C ASN A 182 -32.34 50.08 26.31
N PHE A 183 -33.33 49.74 25.48
CA PHE A 183 -33.26 48.55 24.62
C PHE A 183 -32.89 48.99 23.20
N LYS A 184 -31.60 49.03 22.93
CA LYS A 184 -31.09 49.31 21.60
C LYS A 184 -30.60 48.01 20.97
N ASN A 185 -31.12 47.68 19.80
CA ASN A 185 -30.71 46.45 19.13
C ASN A 185 -29.25 46.56 18.68
N LEU A 186 -28.55 45.43 18.77
CA LEU A 186 -27.15 45.36 18.35
C LEU A 186 -27.14 44.86 16.91
N ARG A 187 -27.28 45.80 15.98
CA ARG A 187 -27.39 45.44 14.57
C ARG A 187 -26.01 45.11 14.00
N GLU A 188 -25.86 43.90 13.46
CA GLU A 188 -24.59 43.49 12.89
C GLU A 188 -24.79 42.97 11.48
N PHE A 189 -23.80 43.24 10.63
CA PHE A 189 -23.65 42.61 9.32
C PHE A 189 -22.30 41.94 9.24
N VAL A 190 -22.24 40.85 8.48
CA VAL A 190 -21.00 40.13 8.19
C VAL A 190 -20.89 39.96 6.69
N PHE A 191 -19.71 40.26 6.14
CA PHE A 191 -19.48 40.22 4.71
C PHE A 191 -18.25 39.39 4.39
N LYS A 192 -18.40 38.50 3.42
CA LYS A 192 -17.28 37.68 2.94
C LYS A 192 -17.63 37.21 1.53
N ASN A 193 -16.59 37.00 0.71
CA ASN A 193 -16.76 36.75 -0.71
C ASN A 193 -16.27 35.36 -1.07
N ILE A 194 -16.45 34.40 -0.15
CA ILE A 194 -16.04 33.03 -0.43
C ILE A 194 -17.20 32.30 -1.09
N ASP A 195 -16.88 31.22 -1.81
CA ASP A 195 -17.86 30.42 -2.57
C ASP A 195 -18.81 31.29 -3.37
N GLY A 196 -18.33 32.45 -3.80
CA GLY A 196 -19.10 33.34 -4.66
C GLY A 196 -20.39 33.85 -4.06
N TYR A 197 -20.48 33.88 -2.74
CA TYR A 197 -21.69 34.36 -2.08
C TYR A 197 -21.31 35.49 -1.13
N PHE A 198 -22.31 36.29 -0.77
CA PHE A 198 -22.16 37.44 0.12
C PHE A 198 -23.20 37.31 1.25
N LYS A 199 -23.25 36.13 1.84
CA LYS A 199 -24.25 35.83 2.86
C LYS A 199 -24.14 36.83 4.02
N ILE A 200 -25.29 37.26 4.52
CA ILE A 200 -25.35 38.28 5.57
C ILE A 200 -26.13 37.70 6.74
N TYR A 201 -25.41 37.44 7.84
CA TYR A 201 -26.06 36.96 9.05
C TYR A 201 -26.71 38.10 9.80
N SER A 202 -27.67 37.77 10.68
CA SER A 202 -28.43 38.79 11.36
C SER A 202 -29.07 38.25 12.62
N LYS A 203 -29.07 39.07 13.68
CA LYS A 203 -29.88 38.80 14.86
C LYS A 203 -30.03 40.12 15.61
N HIS A 204 -31.26 40.65 15.64
CA HIS A 204 -31.54 41.86 16.40
C HIS A 204 -31.47 41.53 17.89
N THR A 205 -30.61 42.24 18.61
CA THR A 205 -30.38 42.00 20.04
C THR A 205 -30.66 43.29 20.80
N PRO A 206 -31.90 43.55 21.18
CA PRO A 206 -32.21 44.71 22.02
C PRO A 206 -32.19 44.42 23.52
N VAL A 207 -31.80 43.21 23.93
CA VAL A 207 -31.74 42.88 25.35
C VAL A 207 -30.72 43.75 26.06
N ASN A 208 -29.71 44.23 25.33
CA ASN A 208 -28.68 45.08 25.91
C ASN A 208 -29.30 46.36 26.47
N LEU A 209 -28.74 46.82 27.59
CA LEU A 209 -29.17 48.07 28.20
C LEU A 209 -28.51 49.29 27.57
N GLY A 210 -27.52 49.09 26.70
CA GLY A 210 -26.81 50.19 26.09
C GLY A 210 -25.31 50.11 26.30
N ARG A 211 -24.88 49.16 27.13
CA ARG A 211 -23.47 48.96 27.38
C ARG A 211 -22.77 48.45 26.12
N ASP A 212 -21.55 48.95 25.88
CA ASP A 212 -20.78 48.54 24.71
C ASP A 212 -20.32 47.10 24.89
N LEU A 213 -20.89 46.19 24.12
CA LEU A 213 -20.47 44.80 24.05
C LEU A 213 -20.61 44.11 25.40
N PRO A 214 -21.82 43.89 25.89
CA PRO A 214 -21.97 43.20 27.18
C PRO A 214 -21.51 41.76 27.09
N GLN A 215 -21.04 41.24 28.22
CA GLN A 215 -20.46 39.90 28.23
C GLN A 215 -21.56 38.85 28.12
N GLY A 216 -21.41 37.95 27.16
CA GLY A 216 -22.40 36.92 26.94
C GLY A 216 -22.18 36.23 25.62
N PHE A 217 -23.17 35.43 25.23
CA PHE A 217 -23.12 34.69 23.97
C PHE A 217 -24.49 34.71 23.32
N SER A 218 -24.50 34.58 22.00
CA SER A 218 -25.74 34.55 21.23
C SER A 218 -25.46 33.85 19.90
N ALA A 219 -26.49 33.73 19.08
CA ALA A 219 -26.39 33.07 17.78
C ALA A 219 -26.90 34.00 16.71
N LEU A 220 -26.36 33.82 15.50
CA LEU A 220 -26.66 34.70 14.38
C LEU A 220 -27.26 33.86 13.24
N GLU A 221 -28.19 34.47 12.51
CA GLU A 221 -28.88 33.77 11.44
C GLU A 221 -28.77 34.56 10.13
N PRO A 222 -28.56 33.88 9.03
CA PRO A 222 -28.36 34.56 7.75
C PRO A 222 -29.67 34.76 6.99
N LEU A 223 -29.61 35.62 5.96
CA LEU A 223 -30.84 35.94 5.25
C LEU A 223 -30.75 35.80 3.72
N VAL A 224 -29.64 36.23 3.10
CA VAL A 224 -29.61 36.37 1.65
C VAL A 224 -28.15 36.47 1.19
N ASP A 225 -27.93 36.16 -0.09
CA ASP A 225 -26.61 36.28 -0.72
C ASP A 225 -26.81 36.30 -2.24
N LEU A 226 -25.77 36.76 -2.94
CA LEU A 226 -25.78 36.74 -4.40
C LEU A 226 -24.35 36.77 -4.90
N PRO A 227 -24.07 36.28 -6.11
CA PRO A 227 -22.70 36.30 -6.63
C PRO A 227 -22.38 37.55 -7.44
N ILE A 228 -21.15 38.01 -7.29
CA ILE A 228 -20.62 39.09 -8.11
C ILE A 228 -19.32 38.62 -8.77
N GLY A 229 -18.37 38.17 -7.96
CA GLY A 229 -17.10 37.70 -8.48
C GLY A 229 -16.18 38.82 -8.88
N ILE A 230 -15.90 39.73 -7.94
CA ILE A 230 -15.11 40.92 -8.21
C ILE A 230 -14.03 41.04 -7.15
N ASN A 231 -12.82 41.40 -7.58
CA ASN A 231 -11.77 41.76 -6.63
C ASN A 231 -12.15 43.02 -5.87
N ILE A 232 -11.95 42.99 -4.56
CA ILE A 232 -12.29 44.12 -3.70
C ILE A 232 -11.11 44.41 -2.79
N THR A 233 -10.77 45.70 -2.65
CA THR A 233 -9.69 46.09 -1.74
C THR A 233 -10.00 47.36 -0.96
N ARG A 234 -11.25 47.83 -0.97
CA ARG A 234 -11.66 49.03 -0.23
C ARG A 234 -13.00 48.78 0.44
N PHE A 235 -13.07 49.08 1.73
CA PHE A 235 -14.30 49.00 2.51
C PHE A 235 -14.68 50.39 3.00
N GLN A 236 -15.93 50.78 2.77
CA GLN A 236 -16.43 52.09 3.19
C GLN A 236 -17.88 51.94 3.65
N THR A 237 -18.34 52.93 4.40
CA THR A 237 -19.72 52.98 4.87
C THR A 237 -20.37 54.29 4.44
N LEU A 238 -21.68 54.25 4.24
CA LEU A 238 -22.44 55.41 3.79
C LEU A 238 -23.47 55.79 4.84
N LEU A 239 -23.57 57.07 5.12
CA LEU A 239 -24.45 57.61 6.15
C LEU A 239 -25.63 58.31 5.51
N ALA A 240 -26.56 58.74 6.37
CA ALA A 240 -27.62 59.65 5.97
C ALA A 240 -27.10 61.07 6.19
N LEU A 241 -26.21 61.49 5.29
CA LEU A 241 -25.44 62.71 5.50
C LEU A 241 -26.32 63.95 5.60
N HIS A 242 -27.56 63.89 5.12
CA HIS A 242 -28.46 65.02 5.25
C HIS A 242 -28.90 65.27 6.69
N ARG A 243 -28.63 64.33 7.60
CA ARG A 243 -28.97 64.51 9.02
C ARG A 243 -27.84 63.92 9.84
N SER A 244 -27.02 64.79 10.44
CA SER A 244 -25.89 64.37 11.25
C SER A 244 -25.96 65.02 12.62
N TYR A 245 -25.69 64.23 13.66
CA TYR A 245 -25.78 64.71 15.04
C TYR A 245 -25.03 63.73 15.94
N LEU A 246 -24.80 64.16 17.18
CA LEU A 246 -24.22 63.32 18.22
C LEU A 246 -22.80 62.88 17.84
N THR A 247 -22.08 63.75 17.14
CA THR A 247 -20.71 63.46 16.74
C THR A 247 -19.76 64.30 17.58
N PRO A 248 -19.11 63.71 18.61
CA PRO A 248 -18.18 64.48 19.44
C PRO A 248 -16.81 64.57 18.77
N GLY A 249 -15.95 65.38 19.38
CA GLY A 249 -14.60 65.61 18.88
C GLY A 249 -13.56 65.07 19.85
N ASP A 250 -12.58 64.34 19.30
CA ASP A 250 -11.53 63.73 20.10
C ASP A 250 -10.38 63.35 19.18
N SER A 251 -9.34 62.78 19.77
CA SER A 251 -8.14 62.35 19.04
C SER A 251 -7.67 60.99 19.54
N SER A 252 -8.61 60.05 19.69
CA SER A 252 -8.31 58.76 20.28
C SER A 252 -7.76 57.80 19.23
N SER A 253 -6.78 56.99 19.65
CA SER A 253 -6.17 55.98 18.79
C SER A 253 -5.28 55.09 19.65
N SER A 254 -4.88 53.96 19.08
CA SER A 254 -3.96 53.01 19.72
C SER A 254 -4.52 52.49 21.05
N TRP A 255 -5.62 51.74 20.92
CA TRP A 255 -6.27 51.08 22.05
C TRP A 255 -6.82 52.09 23.06
N THR A 256 -7.75 52.92 22.58
CA THR A 256 -8.44 53.90 23.40
C THR A 256 -9.94 53.87 23.08
N ALA A 257 -10.68 54.78 23.69
CA ALA A 257 -12.14 54.83 23.56
C ALA A 257 -12.59 56.24 23.19
N GLY A 258 -13.60 56.31 22.35
CA GLY A 258 -14.22 57.58 22.00
C GLY A 258 -15.58 57.39 21.36
N ALA A 259 -16.60 58.08 21.89
CA ALA A 259 -18.00 57.80 21.59
C ALA A 259 -18.29 57.79 20.09
N ALA A 260 -18.66 56.62 19.56
CA ALA A 260 -18.95 56.45 18.15
C ALA A 260 -20.21 55.66 17.84
N ALA A 261 -20.65 54.76 18.73
CA ALA A 261 -21.79 53.88 18.50
C ALA A 261 -21.58 52.97 17.30
N TYR A 262 -20.34 52.86 16.81
CA TYR A 262 -20.00 52.02 15.69
C TYR A 262 -18.89 51.05 16.10
N TYR A 263 -18.87 49.89 15.45
CA TYR A 263 -17.90 48.85 15.76
C TYR A 263 -17.49 48.17 14.47
N VAL A 264 -16.18 47.99 14.28
CA VAL A 264 -15.64 47.38 13.08
C VAL A 264 -14.69 46.27 13.50
N GLY A 265 -14.80 45.11 12.84
CA GLY A 265 -13.86 44.03 13.06
C GLY A 265 -13.56 43.32 11.76
N TYR A 266 -12.41 42.67 11.73
CA TYR A 266 -11.99 41.86 10.58
C TYR A 266 -11.84 40.42 11.03
N LEU A 267 -12.54 39.51 10.35
CA LEU A 267 -12.58 38.12 10.75
C LEU A 267 -11.37 37.36 10.19
N GLN A 268 -11.08 36.22 10.80
CA GLN A 268 -9.96 35.41 10.37
C GLN A 268 -10.35 33.93 10.39
N PRO A 269 -9.68 33.10 9.60
CA PRO A 269 -9.95 31.66 9.65
C PRO A 269 -9.42 31.01 10.91
N ARG A 270 -10.30 30.39 11.68
CA ARG A 270 -9.94 29.70 12.90
C ARG A 270 -10.69 28.37 12.98
N THR A 271 -10.04 27.38 13.59
CA THR A 271 -10.75 26.20 14.05
C THR A 271 -11.41 26.52 15.39
N PHE A 272 -12.61 25.98 15.61
CA PHE A 272 -13.47 26.55 16.62
C PHE A 272 -14.49 25.50 17.02
N LEU A 273 -14.61 25.25 18.32
CA LEU A 273 -15.47 24.21 18.86
C LEU A 273 -16.76 24.82 19.40
N LEU A 274 -17.87 24.11 19.18
CA LEU A 274 -19.21 24.58 19.51
C LEU A 274 -19.89 23.56 20.43
N LYS A 275 -20.90 24.02 21.17
CA LYS A 275 -21.73 23.13 21.97
C LYS A 275 -23.19 23.37 21.62
N TYR A 276 -23.88 22.32 21.21
CA TYR A 276 -25.26 22.43 20.74
C TYR A 276 -26.21 22.06 21.87
N ASN A 277 -27.20 22.91 22.10
CA ASN A 277 -28.22 22.63 23.08
C ASN A 277 -29.13 21.51 22.60
N GLU A 278 -29.79 20.85 23.56
CA GLU A 278 -30.75 19.82 23.20
C GLU A 278 -31.90 20.40 22.38
N ASN A 279 -32.27 21.64 22.63
CA ASN A 279 -33.19 22.33 21.73
C ASN A 279 -32.57 22.51 20.34
N GLY A 280 -31.29 22.87 20.30
CA GLY A 280 -30.61 23.06 19.04
C GLY A 280 -29.81 24.35 18.99
N THR A 281 -30.02 25.23 19.96
CA THR A 281 -29.31 26.50 19.99
C THR A 281 -27.88 26.28 20.49
N ILE A 282 -27.10 27.36 20.45
CA ILE A 282 -25.68 27.31 20.81
C ILE A 282 -25.52 27.92 22.20
N THR A 283 -24.97 27.15 23.13
CA THR A 283 -24.84 27.55 24.52
C THR A 283 -23.42 27.91 24.93
N ASP A 284 -22.41 27.28 24.33
CA ASP A 284 -21.04 27.58 24.68
C ASP A 284 -20.14 27.28 23.49
N ALA A 285 -18.95 27.88 23.50
CA ALA A 285 -18.01 27.67 22.41
C ALA A 285 -16.63 28.12 22.82
N VAL A 286 -15.61 27.51 22.21
CA VAL A 286 -14.22 27.86 22.45
C VAL A 286 -13.49 27.90 21.11
N ASP A 287 -12.32 28.55 21.13
CA ASP A 287 -11.47 28.63 19.94
C ASP A 287 -10.11 28.02 20.25
N CYS A 288 -9.54 27.37 19.23
CA CYS A 288 -8.33 26.57 19.42
C CYS A 288 -7.07 27.30 19.01
N ALA A 289 -7.04 28.62 19.14
CA ALA A 289 -5.82 29.37 18.83
C ALA A 289 -5.60 30.51 19.82
N LEU A 290 -6.03 30.35 21.06
CA LEU A 290 -5.92 31.41 22.04
C LEU A 290 -4.99 31.08 23.19
N ASP A 291 -5.23 29.99 23.90
CA ASP A 291 -4.52 29.65 25.12
C ASP A 291 -4.27 28.15 25.16
N PRO A 292 -3.20 27.70 25.82
CA PRO A 292 -2.95 26.26 25.90
C PRO A 292 -4.12 25.47 26.47
N LEU A 293 -4.86 26.00 27.44
CA LEU A 293 -6.00 25.25 27.95
C LEU A 293 -7.06 25.10 26.87
N SER A 294 -7.20 26.09 26.00
CA SER A 294 -8.12 25.97 24.88
C SER A 294 -7.68 24.87 23.92
N GLU A 295 -6.39 24.81 23.60
CA GLU A 295 -5.91 23.75 22.72
C GLU A 295 -6.08 22.38 23.36
N THR A 296 -5.93 22.28 24.68
CA THR A 296 -6.23 21.02 25.36
C THR A 296 -7.71 20.68 25.27
N LYS A 297 -8.58 21.69 25.41
CA LYS A 297 -10.01 21.44 25.23
C LYS A 297 -10.32 20.99 23.82
N CYS A 298 -9.50 21.39 22.85
CA CYS A 298 -9.73 21.02 21.46
C CYS A 298 -9.14 19.68 21.07
N THR A 299 -8.04 19.26 21.71
CA THR A 299 -7.45 17.98 21.35
C THR A 299 -8.26 16.79 21.87
N LEU A 300 -9.09 16.99 22.89
CA LEU A 300 -10.00 15.97 23.36
C LEU A 300 -11.38 16.61 23.49
N LYS A 301 -12.37 16.01 22.86
CA LYS A 301 -13.66 16.67 22.65
C LYS A 301 -14.43 16.69 23.96
N SER A 302 -14.18 17.71 24.77
CA SER A 302 -14.95 17.94 25.98
C SER A 302 -14.69 19.37 26.44
N PHE A 303 -15.56 19.84 27.33
CA PHE A 303 -15.41 21.15 27.94
C PHE A 303 -14.65 21.11 29.26
N THR A 304 -14.27 19.91 29.72
CA THR A 304 -13.50 19.77 30.94
C THR A 304 -12.29 18.89 30.68
N VAL A 305 -11.16 19.28 31.25
CA VAL A 305 -9.93 18.51 31.16
C VAL A 305 -9.43 18.24 32.57
N GLU A 306 -8.97 17.01 32.81
CA GLU A 306 -8.59 16.58 34.13
C GLU A 306 -7.08 16.69 34.32
N LYS A 307 -6.63 16.36 35.53
CA LYS A 307 -5.21 16.44 35.85
C LYS A 307 -4.41 15.47 34.99
N GLY A 308 -3.21 15.87 34.61
CA GLY A 308 -2.33 15.03 33.84
C GLY A 308 -1.47 15.86 32.92
N ILE A 309 -0.88 15.18 31.95
CA ILE A 309 -0.04 15.81 30.93
C ILE A 309 -0.53 15.33 29.56
N TYR A 310 -0.74 16.28 28.66
CA TYR A 310 -1.36 15.99 27.36
C TYR A 310 -0.39 16.31 26.22
N GLN A 311 -0.92 16.23 25.01
CA GLN A 311 -0.18 16.50 23.78
C GLN A 311 -1.09 17.27 22.83
N THR A 312 -0.57 18.36 22.27
CA THR A 312 -1.37 19.22 21.40
C THR A 312 -0.86 19.20 19.96
N SER A 313 0.39 19.57 19.72
CA SER A 313 0.86 19.73 18.35
C SER A 313 2.37 19.93 18.36
N ASN A 314 2.91 20.23 17.18
CA ASN A 314 4.32 20.51 16.99
C ASN A 314 4.54 22.01 16.81
N PHE A 315 5.81 22.41 16.78
CA PHE A 315 6.13 23.84 16.67
C PHE A 315 7.30 24.06 15.71
N ARG A 316 7.41 23.22 14.69
CA ARG A 316 8.52 23.31 13.75
C ARG A 316 8.68 24.73 13.22
N VAL A 317 9.90 25.25 13.29
CA VAL A 317 10.18 26.61 12.88
C VAL A 317 10.33 26.67 11.37
N GLN A 318 9.73 27.69 10.77
CA GLN A 318 9.70 27.84 9.33
C GLN A 318 10.99 28.48 8.82
N PRO A 319 11.31 28.30 7.53
CA PRO A 319 12.51 28.94 6.98
C PRO A 319 12.36 30.44 6.83
N THR A 320 13.47 31.13 6.57
CA THR A 320 13.48 32.59 6.46
C THR A 320 13.54 33.09 5.03
N GLU A 321 14.30 32.44 4.15
CA GLU A 321 14.43 32.86 2.76
C GLU A 321 14.90 31.67 1.94
N SER A 322 15.27 31.94 0.69
CA SER A 322 15.79 30.92 -0.21
C SER A 322 17.03 31.44 -0.92
N ILE A 323 17.95 30.54 -1.23
CA ILE A 323 19.19 30.87 -1.91
C ILE A 323 19.47 29.80 -2.97
N VAL A 324 20.02 30.24 -4.10
CA VAL A 324 20.34 29.37 -5.22
C VAL A 324 21.80 29.58 -5.59
N ARG A 325 22.54 28.49 -5.77
CA ARG A 325 23.96 28.54 -6.11
C ARG A 325 24.20 27.75 -7.38
N PHE A 326 25.01 28.23 -8.31
CA PHE A 326 25.14 27.44 -9.56
C PHE A 326 26.61 27.21 -9.89
N PRO A 327 26.99 26.53 -10.99
CA PRO A 327 28.40 26.44 -11.35
C PRO A 327 28.97 27.86 -11.35
N ASN A 328 30.29 28.01 -11.45
CA ASN A 328 30.84 29.39 -11.54
C ASN A 328 30.06 30.14 -12.64
N ILE A 329 29.52 29.41 -13.62
CA ILE A 329 28.66 30.03 -14.68
C ILE A 329 29.50 31.00 -15.52
N THR A 330 29.54 30.81 -16.84
CA THR A 330 30.32 31.71 -17.73
C THR A 330 30.33 31.15 -19.16
N ASN A 331 31.51 30.88 -19.73
CA ASN A 331 31.59 30.48 -21.16
C ASN A 331 30.24 30.78 -21.79
N LEU A 332 29.92 32.06 -21.87
CA LEU A 332 28.58 32.37 -22.37
C LEU A 332 28.59 32.42 -23.90
N CYS A 333 27.48 32.82 -24.49
CA CYS A 333 27.55 32.76 -25.95
C CYS A 333 27.83 34.14 -26.52
N PRO A 334 28.63 34.22 -27.60
CA PRO A 334 28.94 35.50 -28.24
C PRO A 334 27.84 35.92 -29.24
N PHE A 335 26.63 36.10 -28.72
CA PHE A 335 25.52 36.53 -29.56
C PHE A 335 25.71 37.94 -30.10
N HIS A 336 26.54 38.75 -29.43
CA HIS A 336 26.85 40.09 -29.94
C HIS A 336 27.56 40.04 -31.28
N GLU A 337 28.24 38.93 -31.59
CA GLU A 337 28.96 38.80 -32.86
C GLU A 337 28.01 38.72 -34.04
N VAL A 338 26.71 38.56 -33.82
CA VAL A 338 25.73 38.49 -34.89
C VAL A 338 25.23 39.89 -35.22
N PHE A 339 24.62 40.55 -34.23
CA PHE A 339 24.08 41.89 -34.46
C PHE A 339 25.19 42.90 -34.76
N ASN A 340 26.29 42.85 -34.03
CA ASN A 340 27.41 43.76 -34.23
C ASN A 340 28.30 43.18 -35.30
N ALA A 341 28.04 43.56 -36.56
CA ALA A 341 28.82 43.05 -37.68
C ALA A 341 28.70 44.03 -38.85
N THR A 342 29.68 43.94 -39.74
CA THR A 342 29.71 44.75 -40.95
C THR A 342 29.72 43.90 -42.21
N ARG A 343 29.43 42.61 -42.10
CA ARG A 343 29.46 41.68 -43.23
C ARG A 343 28.12 40.94 -43.32
N PHE A 344 27.04 41.72 -43.27
CA PHE A 344 25.71 41.13 -43.38
C PHE A 344 25.47 40.65 -44.80
N ALA A 345 24.98 39.42 -44.93
CA ALA A 345 24.88 38.75 -46.21
C ALA A 345 23.61 39.17 -46.95
N SER A 346 23.28 38.47 -48.02
CA SER A 346 22.13 38.76 -48.85
C SER A 346 21.02 37.75 -48.61
N VAL A 347 19.84 38.06 -49.13
CA VAL A 347 18.69 37.18 -48.93
C VAL A 347 18.86 35.87 -49.69
N TYR A 348 19.45 35.92 -50.89
CA TYR A 348 19.65 34.71 -51.67
C TYR A 348 20.91 33.95 -51.27
N ALA A 349 21.70 34.48 -50.34
CA ALA A 349 22.89 33.79 -49.84
C ALA A 349 23.12 34.28 -48.40
N TRP A 350 22.69 33.49 -47.44
CA TRP A 350 22.83 33.84 -46.03
C TRP A 350 23.82 32.90 -45.35
N ASN A 351 24.23 33.30 -44.14
CA ASN A 351 25.19 32.53 -43.35
C ASN A 351 24.46 31.69 -42.32
N ARG A 352 24.99 30.51 -42.06
CA ARG A 352 24.43 29.59 -41.07
C ARG A 352 25.31 29.62 -39.83
N LYS A 353 24.80 30.19 -38.75
CA LYS A 353 25.50 30.27 -37.48
C LYS A 353 24.85 29.30 -36.51
N ARG A 354 25.53 28.21 -36.21
CA ARG A 354 25.08 27.24 -35.22
C ARG A 354 25.81 27.50 -33.90
N ILE A 355 25.06 27.53 -32.81
CA ILE A 355 25.60 27.89 -31.50
C ILE A 355 25.99 26.62 -30.77
N SER A 356 27.25 26.55 -30.33
CA SER A 356 27.78 25.38 -29.64
C SER A 356 27.57 25.55 -28.13
N ASN A 357 28.23 24.70 -27.35
CA ASN A 357 28.06 24.71 -25.90
C ASN A 357 28.53 26.03 -25.32
N CYS A 358 27.60 26.77 -24.71
CA CYS A 358 27.88 28.04 -24.05
C CYS A 358 26.69 28.37 -23.15
N VAL A 359 26.69 29.57 -22.60
CA VAL A 359 25.60 30.03 -21.73
C VAL A 359 24.81 31.10 -22.49
N ALA A 360 23.51 30.86 -22.64
CA ALA A 360 22.63 31.72 -23.41
C ALA A 360 22.29 32.96 -22.60
N ASP A 361 22.92 34.09 -22.94
CA ASP A 361 22.68 35.35 -22.26
C ASP A 361 21.79 36.21 -23.16
N TYR A 362 20.52 36.33 -22.79
CA TYR A 362 19.54 37.11 -23.55
C TYR A 362 19.28 38.47 -22.91
N SER A 363 20.11 38.89 -21.95
CA SER A 363 19.89 40.17 -21.29
C SER A 363 20.06 41.33 -22.26
N VAL A 364 20.98 41.19 -23.22
CA VAL A 364 21.25 42.25 -24.18
C VAL A 364 20.33 42.14 -25.39
N LEU A 365 19.37 41.21 -25.34
CA LEU A 365 18.50 40.98 -26.48
C LEU A 365 17.22 41.81 -26.40
N TYR A 366 16.42 41.61 -25.36
CA TYR A 366 15.17 42.35 -25.17
C TYR A 366 15.34 43.57 -24.28
N ASN A 367 16.16 43.47 -23.23
CA ASN A 367 16.35 44.61 -22.35
C ASN A 367 17.23 45.69 -22.97
N PHE A 368 18.24 45.30 -23.72
CA PHE A 368 19.17 46.23 -24.35
C PHE A 368 18.91 46.26 -25.85
N ALA A 369 18.79 47.47 -26.39
CA ALA A 369 18.55 47.69 -27.82
C ALA A 369 17.37 46.89 -28.37
N PRO A 370 16.15 47.11 -27.84
CA PRO A 370 14.96 46.50 -28.47
C PRO A 370 14.36 47.44 -29.51
N PHE A 371 15.03 47.54 -30.66
CA PHE A 371 14.65 48.54 -31.65
C PHE A 371 13.23 48.33 -32.15
N PHE A 372 12.86 47.08 -32.43
CA PHE A 372 11.54 46.80 -32.98
C PHE A 372 10.82 45.74 -32.16
N ALA A 373 9.65 45.32 -32.63
CA ALA A 373 8.90 44.26 -31.96
C ALA A 373 9.69 42.96 -31.97
N PHE A 374 9.57 42.18 -30.90
CA PHE A 374 10.32 40.95 -30.78
C PHE A 374 9.91 39.95 -31.86
N LYS A 375 8.63 39.89 -32.20
CA LYS A 375 8.11 38.98 -33.23
C LYS A 375 8.49 37.53 -32.91
N CYS A 376 8.07 37.11 -31.72
CA CYS A 376 8.36 35.77 -31.22
C CYS A 376 7.42 34.78 -31.90
N TYR A 377 8.00 33.73 -32.51
CA TYR A 377 7.18 32.72 -33.15
C TYR A 377 6.53 31.82 -32.12
N GLY A 378 7.32 31.18 -31.26
CA GLY A 378 6.80 30.52 -30.08
C GLY A 378 7.80 30.56 -28.95
N VAL A 379 7.71 31.60 -28.12
CA VAL A 379 8.57 31.75 -26.94
C VAL A 379 8.01 32.90 -26.11
N SER A 380 8.23 32.84 -24.81
CA SER A 380 7.83 33.93 -23.93
C SER A 380 8.86 35.06 -24.01
N PRO A 381 8.45 36.29 -24.34
CA PRO A 381 9.43 37.39 -24.36
C PRO A 381 10.08 37.66 -23.02
N THR A 382 9.41 37.32 -21.91
CA THR A 382 9.97 37.51 -20.58
C THR A 382 10.77 36.30 -20.12
N LYS A 383 10.34 35.10 -20.49
CA LYS A 383 10.96 33.85 -20.06
C LYS A 383 11.97 33.33 -21.09
N LEU A 384 12.65 34.23 -21.79
CA LEU A 384 13.63 33.81 -22.79
C LEU A 384 14.74 32.98 -22.16
N ASN A 385 15.32 33.48 -21.07
CA ASN A 385 16.42 32.79 -20.40
C ASN A 385 15.96 31.58 -19.61
N ASP A 386 14.66 31.47 -19.30
CA ASP A 386 14.18 30.39 -18.45
C ASP A 386 14.31 29.04 -19.13
N LEU A 387 13.64 28.87 -20.26
CA LEU A 387 13.68 27.62 -21.02
C LEU A 387 14.69 27.74 -22.15
N CYS A 388 15.45 26.67 -22.37
CA CYS A 388 16.50 26.64 -23.37
C CYS A 388 16.31 25.44 -24.29
N PHE A 389 16.90 25.54 -25.48
CA PHE A 389 16.81 24.51 -26.51
C PHE A 389 18.21 23.95 -26.78
N THR A 390 18.30 23.10 -27.80
CA THR A 390 19.57 22.43 -28.10
C THR A 390 20.52 23.34 -28.87
N ASN A 391 20.13 23.74 -30.08
CA ASN A 391 20.99 24.56 -30.92
C ASN A 391 20.17 25.64 -31.60
N VAL A 392 20.87 26.70 -32.03
CA VAL A 392 20.24 27.84 -32.69
C VAL A 392 20.93 28.06 -34.02
N TYR A 393 20.14 28.22 -35.08
CA TYR A 393 20.63 28.52 -36.41
C TYR A 393 20.31 29.97 -36.72
N ALA A 394 21.34 30.77 -36.99
CA ALA A 394 21.21 32.21 -37.18
C ALA A 394 21.58 32.58 -38.61
N ASP A 395 20.70 33.33 -39.26
CA ASP A 395 20.92 33.82 -40.62
C ASP A 395 20.74 35.33 -40.64
N SER A 396 21.64 36.02 -41.34
CA SER A 396 21.60 37.48 -41.44
C SER A 396 21.57 37.89 -42.90
N PHE A 397 20.66 38.81 -43.24
CA PHE A 397 20.50 39.28 -44.60
C PHE A 397 19.71 40.58 -44.59
N VAL A 398 19.36 41.05 -45.79
CA VAL A 398 18.61 42.29 -45.97
C VAL A 398 17.52 42.08 -47.00
N ILE A 399 16.33 42.62 -46.73
CA ILE A 399 15.19 42.60 -47.64
C ILE A 399 14.49 43.95 -47.55
N ARG A 400 13.42 44.09 -48.34
CA ARG A 400 12.60 45.28 -48.30
C ARG A 400 11.75 45.30 -47.03
N GLY A 401 11.57 46.50 -46.48
CA GLY A 401 10.73 46.65 -45.29
C GLY A 401 9.31 46.21 -45.53
N ASN A 402 8.75 46.53 -46.71
CA ASN A 402 7.43 46.02 -47.07
C ASN A 402 7.45 44.51 -47.17
N GLU A 403 8.60 43.92 -47.48
CA GLU A 403 8.76 42.47 -47.54
C GLU A 403 9.25 41.89 -46.22
N VAL A 404 9.50 42.72 -45.21
CA VAL A 404 9.89 42.21 -43.89
C VAL A 404 8.74 41.47 -43.24
N SER A 405 7.51 42.00 -43.38
CA SER A 405 6.35 41.34 -42.81
C SER A 405 6.09 39.98 -43.44
N GLN A 406 6.69 39.69 -44.59
CA GLN A 406 6.54 38.39 -45.23
C GLN A 406 7.22 37.26 -44.47
N ILE A 407 8.09 37.58 -43.50
CA ILE A 407 8.79 36.56 -42.74
C ILE A 407 7.89 36.08 -41.60
N ALA A 408 7.06 35.09 -41.88
CA ALA A 408 6.13 34.52 -40.91
C ALA A 408 5.63 33.19 -41.46
N PRO A 409 5.19 32.28 -40.60
CA PRO A 409 4.68 30.99 -41.10
C PRO A 409 3.48 31.19 -42.02
N GLY A 410 3.44 30.40 -43.08
CA GLY A 410 2.33 30.42 -44.01
C GLY A 410 2.26 31.62 -44.93
N GLN A 411 3.29 32.46 -44.95
CA GLN A 411 3.30 33.68 -45.76
C GLN A 411 4.24 33.50 -46.94
N THR A 412 3.75 33.82 -48.13
CA THR A 412 4.52 33.72 -49.37
C THR A 412 4.69 35.09 -49.99
N GLY A 413 5.44 35.13 -51.09
CA GLY A 413 5.68 36.37 -51.81
C GLY A 413 6.87 36.22 -52.73
N ASN A 414 7.55 37.35 -52.96
CA ASN A 414 8.74 37.34 -53.81
C ASN A 414 9.94 36.74 -53.10
N ILE A 415 9.99 36.83 -51.77
CA ILE A 415 11.13 36.34 -51.01
C ILE A 415 10.85 35.00 -50.32
N ALA A 416 9.59 34.61 -50.18
CA ALA A 416 9.23 33.38 -49.48
C ALA A 416 8.88 32.24 -50.43
N ASP A 417 9.18 32.37 -51.72
CA ASP A 417 8.95 31.32 -52.69
C ASP A 417 10.23 30.63 -53.15
N TYR A 418 11.27 31.40 -53.45
CA TYR A 418 12.55 30.86 -53.90
C TYR A 418 13.73 31.23 -53.02
N ASN A 419 13.70 32.42 -52.40
CA ASN A 419 14.86 32.89 -51.65
C ASN A 419 14.96 32.19 -50.29
N TYR A 420 13.97 32.38 -49.43
CA TYR A 420 14.03 31.92 -48.05
C TYR A 420 12.74 31.19 -47.71
N LYS A 421 12.85 30.18 -46.86
CA LYS A 421 11.73 29.33 -46.50
C LYS A 421 11.68 29.14 -44.99
N LEU A 422 10.46 29.03 -44.46
CA LEU A 422 10.25 28.87 -43.03
C LEU A 422 9.29 27.72 -42.78
N PRO A 423 9.51 26.96 -41.72
CA PRO A 423 8.50 25.96 -41.31
C PRO A 423 7.29 26.63 -40.70
N ASP A 424 6.13 25.99 -40.86
CA ASP A 424 4.90 26.53 -40.30
C ASP A 424 4.94 26.55 -38.77
N ASP A 425 5.52 25.52 -38.16
CA ASP A 425 5.61 25.41 -36.71
C ASP A 425 6.94 25.95 -36.18
N PHE A 426 7.50 26.95 -36.85
CA PHE A 426 8.78 27.52 -36.44
C PHE A 426 8.68 28.11 -35.03
N THR A 427 9.74 27.93 -34.25
CA THR A 427 9.84 28.50 -32.92
C THR A 427 11.08 29.38 -32.84
N GLY A 428 10.98 30.45 -32.04
CA GLY A 428 12.03 31.43 -31.91
C GLY A 428 11.49 32.83 -32.12
N CYS A 429 12.27 33.66 -32.80
CA CYS A 429 11.89 35.04 -33.06
C CYS A 429 12.74 35.59 -34.20
N VAL A 430 12.42 36.81 -34.61
CA VAL A 430 13.20 37.55 -35.58
C VAL A 430 13.34 38.99 -35.09
N ILE A 431 14.54 39.55 -35.25
CA ILE A 431 14.83 40.91 -34.81
C ILE A 431 15.19 41.74 -36.03
N ALA A 432 14.51 42.88 -36.19
CA ALA A 432 14.72 43.76 -37.32
C ALA A 432 15.09 45.16 -36.82
N TRP A 433 15.90 45.85 -37.62
CA TRP A 433 16.32 47.20 -37.27
C TRP A 433 16.73 47.92 -38.55
N ASN A 434 16.71 49.25 -38.48
CA ASN A 434 17.11 50.07 -39.61
C ASN A 434 18.63 49.99 -39.82
N SER A 435 19.04 50.04 -41.09
CA SER A 435 20.45 49.98 -41.43
C SER A 435 20.79 50.95 -42.55
N ASN A 436 20.13 52.12 -42.59
CA ASN A 436 20.44 53.11 -43.61
C ASN A 436 21.89 53.55 -43.53
N LYS A 437 22.39 53.78 -42.32
CA LYS A 437 23.79 54.13 -42.15
C LYS A 437 24.74 52.95 -42.36
N LEU A 438 24.21 51.73 -42.48
CA LEU A 438 25.07 50.58 -42.68
C LEU A 438 25.51 50.45 -44.13
N ASP A 439 24.55 50.32 -45.05
CA ASP A 439 24.83 50.10 -46.47
C ASP A 439 24.02 51.10 -47.28
N SER A 440 24.62 52.26 -47.57
CA SER A 440 23.98 53.27 -48.41
C SER A 440 25.10 54.05 -49.11
N LYS A 441 25.35 53.70 -50.37
CA LYS A 441 26.36 54.38 -51.16
C LYS A 441 25.76 55.61 -51.83
N VAL A 442 26.57 56.30 -52.63
CA VAL A 442 26.07 57.42 -53.42
C VAL A 442 25.03 56.92 -54.42
N SER A 443 25.34 55.82 -55.10
CA SER A 443 24.39 55.17 -56.00
C SER A 443 23.60 54.05 -55.32
N GLY A 444 24.08 53.56 -54.19
CA GLY A 444 23.42 52.47 -53.49
C GLY A 444 24.08 51.14 -53.76
N ASN A 445 24.02 50.24 -52.78
CA ASN A 445 24.64 48.93 -52.87
C ASN A 445 23.83 48.05 -53.81
N TYR A 446 24.45 47.57 -54.88
CA TYR A 446 23.80 46.72 -55.85
C TYR A 446 24.24 45.26 -55.77
N ASN A 447 25.13 44.94 -54.82
CA ASN A 447 25.63 43.58 -54.70
C ASN A 447 24.60 42.62 -54.12
N TYR A 448 23.51 43.14 -53.56
CA TYR A 448 22.49 42.31 -52.94
C TYR A 448 21.46 41.92 -54.00
N LEU A 449 21.23 40.62 -54.14
CA LEU A 449 20.32 40.08 -55.14
C LEU A 449 19.20 39.33 -54.44
N TYR A 450 18.10 39.13 -55.17
CA TYR A 450 17.00 38.30 -54.67
C TYR A 450 16.51 37.40 -55.80
N ARG A 451 16.23 36.15 -55.46
CA ARG A 451 15.75 35.18 -56.44
C ARG A 451 14.30 35.45 -56.79
N LEU A 452 14.00 35.46 -58.08
CA LEU A 452 12.65 35.72 -58.57
C LEU A 452 12.10 34.63 -59.48
N PHE A 453 12.97 33.96 -60.25
CA PHE A 453 12.54 32.94 -61.21
C PHE A 453 13.18 31.61 -60.86
N ARG A 454 12.36 30.56 -60.80
CA ARG A 454 12.86 29.22 -60.53
C ARG A 454 11.86 28.21 -61.09
N LYS A 455 12.37 27.02 -61.42
CA LYS A 455 11.52 25.98 -61.99
C LYS A 455 10.46 25.50 -61.00
N SER A 456 10.83 25.34 -59.73
CA SER A 456 9.94 24.83 -58.71
C SER A 456 10.13 25.63 -57.43
N LYS A 457 9.41 25.24 -56.39
CA LYS A 457 9.47 25.93 -55.11
C LYS A 457 10.76 25.59 -54.38
N LEU A 458 10.86 26.08 -53.14
CA LEU A 458 12.03 25.91 -52.30
C LEU A 458 11.72 25.01 -51.12
N LYS A 459 12.63 24.07 -50.85
CA LYS A 459 12.52 23.26 -49.64
C LYS A 459 12.80 24.12 -48.41
N PRO A 460 12.26 23.76 -47.25
CA PRO A 460 12.50 24.55 -46.04
C PRO A 460 14.00 24.63 -45.73
N PHE A 461 14.48 25.87 -45.60
CA PHE A 461 15.90 26.15 -45.35
C PHE A 461 16.77 25.55 -46.46
N GLU A 462 16.53 26.01 -47.68
CA GLU A 462 17.32 25.61 -48.85
C GLU A 462 17.88 26.85 -49.53
N ARG A 463 19.14 26.75 -49.95
CA ARG A 463 19.81 27.79 -50.72
C ARG A 463 20.00 27.29 -52.14
N ASP A 464 19.38 27.99 -53.10
CA ASP A 464 19.50 27.67 -54.52
C ASP A 464 20.44 28.65 -55.21
N ILE A 465 21.51 29.05 -54.51
CA ILE A 465 22.46 30.02 -55.03
C ILE A 465 23.11 29.47 -56.30
N SER A 466 22.86 30.14 -57.43
CA SER A 466 23.38 29.70 -58.72
C SER A 466 23.26 30.85 -59.70
N THR A 467 24.03 30.76 -60.78
CA THR A 467 24.01 31.74 -61.87
C THR A 467 23.71 31.01 -63.16
N GLU A 468 22.45 30.99 -63.57
CA GLU A 468 22.05 30.37 -64.82
C GLU A 468 20.85 31.11 -65.39
N ILE A 469 20.67 30.96 -66.70
CA ILE A 469 19.60 31.65 -67.40
C ILE A 469 18.27 30.92 -67.16
N TYR A 470 17.17 31.62 -67.38
CA TYR A 470 15.83 31.07 -67.22
C TYR A 470 15.26 30.71 -68.58
N GLN A 471 14.71 29.49 -68.69
CA GLN A 471 14.12 29.01 -69.93
C GLN A 471 12.70 29.55 -70.02
N ALA A 472 12.57 30.75 -70.57
CA ALA A 472 11.28 31.41 -70.73
C ALA A 472 10.81 31.25 -72.17
N GLY A 473 9.61 30.72 -72.35
CA GLY A 473 9.08 30.52 -73.69
C GLY A 473 9.77 29.37 -74.40
N ASN A 474 10.01 29.56 -75.69
CA ASN A 474 10.61 28.54 -76.55
C ASN A 474 12.02 28.92 -76.97
N LYS A 475 12.79 29.50 -76.04
CA LYS A 475 14.16 29.94 -76.29
C LYS A 475 15.09 29.30 -75.27
N PRO A 476 15.49 28.04 -75.50
CA PRO A 476 16.47 27.41 -74.60
C PRO A 476 17.85 27.99 -74.79
N CYS A 477 18.09 29.14 -74.16
CA CYS A 477 19.34 29.87 -74.36
C CYS A 477 20.54 29.03 -73.94
N ASN A 478 21.55 28.96 -74.81
CA ASN A 478 22.81 28.30 -74.54
C ASN A 478 23.95 29.32 -74.53
N GLY A 479 23.70 30.47 -73.91
CA GLY A 479 24.62 31.60 -73.93
C GLY A 479 24.12 32.79 -74.71
N VAL A 480 22.92 32.73 -75.28
CA VAL A 480 22.38 33.84 -76.04
C VAL A 480 22.09 35.03 -75.13
N ALA A 481 21.37 34.78 -74.03
CA ALA A 481 20.98 35.82 -73.08
C ALA A 481 20.29 36.99 -73.79
N GLY A 482 19.44 36.67 -74.76
CA GLY A 482 18.78 37.68 -75.56
C GLY A 482 17.29 37.81 -75.32
N PHE A 483 16.50 37.24 -76.23
CA PHE A 483 15.05 37.34 -76.14
C PHE A 483 14.49 36.25 -75.25
N ASN A 484 13.62 36.65 -74.30
CA ASN A 484 12.99 35.72 -73.36
C ASN A 484 14.03 34.93 -72.58
N CYS A 485 15.11 35.60 -72.17
CA CYS A 485 16.16 34.98 -71.38
C CYS A 485 16.70 36.04 -70.42
N TYR A 486 16.36 35.91 -69.14
CA TYR A 486 16.74 36.89 -68.13
C TYR A 486 17.31 36.19 -66.91
N PHE A 487 18.16 36.90 -66.18
CA PHE A 487 18.71 36.39 -64.94
C PHE A 487 17.67 36.48 -63.84
N PRO A 488 17.36 35.37 -63.15
CA PRO A 488 16.34 35.42 -62.09
C PRO A 488 16.66 36.41 -60.99
N LEU A 489 17.93 36.58 -60.64
CA LEU A 489 18.31 37.55 -59.61
C LEU A 489 18.25 38.95 -60.18
N GLN A 490 17.60 39.86 -59.44
CA GLN A 490 17.46 41.25 -59.84
C GLN A 490 18.09 42.14 -58.79
N SER A 491 18.85 43.14 -59.24
CA SER A 491 19.56 44.03 -58.33
C SER A 491 18.59 44.76 -57.41
N TYR A 492 18.89 44.77 -56.11
CA TYR A 492 18.02 45.45 -55.16
C TYR A 492 17.98 46.94 -55.42
N GLY A 493 19.13 47.55 -55.70
CA GLY A 493 19.18 48.97 -55.99
C GLY A 493 18.90 49.83 -54.78
N PHE A 494 19.80 49.81 -53.80
CA PHE A 494 19.61 50.60 -52.59
C PHE A 494 19.58 52.08 -52.92
N ARG A 495 18.75 52.82 -52.18
CA ARG A 495 18.64 54.27 -52.34
C ARG A 495 18.80 54.91 -50.97
N PRO A 496 19.89 55.65 -50.73
CA PRO A 496 20.06 56.29 -49.42
C PRO A 496 18.98 57.32 -49.12
N THR A 497 18.45 57.99 -50.13
CA THR A 497 17.48 59.06 -49.93
C THR A 497 16.04 58.57 -49.91
N TYR A 498 15.80 57.29 -50.15
CA TYR A 498 14.43 56.77 -50.15
C TYR A 498 13.94 56.59 -48.73
N GLY A 499 12.62 56.56 -48.59
CA GLY A 499 11.98 56.38 -47.30
C GLY A 499 12.04 54.94 -46.81
N VAL A 500 11.02 54.57 -46.04
CA VAL A 500 10.96 53.26 -45.41
C VAL A 500 10.71 52.18 -46.46
N GLY A 501 10.90 50.92 -46.08
CA GLY A 501 10.72 49.81 -46.97
C GLY A 501 12.00 49.43 -47.71
N HIS A 502 12.39 50.25 -48.69
CA HIS A 502 13.60 49.98 -49.46
C HIS A 502 14.86 50.24 -48.65
N GLN A 503 14.77 50.92 -47.51
CA GLN A 503 15.93 51.17 -46.67
C GLN A 503 16.46 49.85 -46.12
N PRO A 504 17.77 49.77 -45.86
CA PRO A 504 18.36 48.50 -45.39
C PRO A 504 17.79 48.10 -44.04
N TYR A 505 17.08 46.97 -44.04
CA TYR A 505 16.50 46.39 -42.83
C TYR A 505 17.01 44.98 -42.67
N ARG A 506 17.82 44.75 -41.63
CA ARG A 506 18.48 43.47 -41.41
C ARG A 506 17.69 42.66 -40.40
N VAL A 507 17.41 41.40 -40.73
CA VAL A 507 16.67 40.49 -39.88
C VAL A 507 17.54 39.28 -39.61
N VAL A 508 17.74 38.96 -38.34
CA VAL A 508 18.49 37.79 -37.91
C VAL A 508 17.52 36.80 -37.27
N VAL A 509 17.54 35.56 -37.75
CA VAL A 509 16.60 34.54 -37.31
C VAL A 509 17.26 33.67 -36.25
N LEU A 510 16.43 33.06 -35.41
CA LEU A 510 16.89 32.15 -34.36
C LEU A 510 16.04 30.90 -34.43
N SER A 511 16.59 29.83 -35.01
CA SER A 511 15.88 28.57 -35.20
C SER A 511 16.10 27.69 -33.98
N PHE A 512 15.14 27.69 -33.07
CA PHE A 512 15.19 26.80 -31.92
C PHE A 512 14.60 25.44 -32.29
N GLU A 513 14.97 24.44 -31.50
CA GLU A 513 14.39 23.11 -31.67
C GLU A 513 14.54 22.35 -30.36
N LEU A 514 13.57 21.48 -30.08
CA LEU A 514 13.57 20.65 -28.87
C LEU A 514 13.71 19.20 -29.31
N LEU A 515 14.95 18.74 -29.42
CA LEU A 515 15.25 17.37 -29.80
C LEU A 515 15.87 16.64 -28.63
N HIS A 516 15.72 15.31 -28.63
CA HIS A 516 16.21 14.49 -27.53
C HIS A 516 17.74 14.41 -27.57
N ALA A 517 18.39 15.51 -27.29
CA ALA A 517 19.84 15.64 -27.27
C ALA A 517 20.25 16.36 -26.00
N PRO A 518 21.49 16.17 -25.54
CA PRO A 518 21.93 16.86 -24.33
C PRO A 518 21.86 18.38 -24.48
N ALA A 519 21.55 19.05 -23.38
CA ALA A 519 21.46 20.51 -23.38
C ALA A 519 22.80 21.11 -23.81
N THR A 520 22.75 22.06 -24.74
CA THR A 520 23.94 22.67 -25.29
C THR A 520 24.03 24.16 -24.99
N VAL A 521 22.97 24.91 -25.24
CA VAL A 521 22.95 26.35 -25.02
C VAL A 521 21.84 26.65 -24.01
N CYS A 522 22.22 27.10 -22.82
CA CYS A 522 21.25 27.40 -21.77
C CYS A 522 21.80 28.52 -20.89
N GLY A 523 20.94 29.48 -20.57
CA GLY A 523 21.30 30.54 -19.65
C GLY A 523 20.54 30.47 -18.33
N PRO A 524 21.22 30.07 -17.26
CA PRO A 524 20.57 30.05 -15.95
C PRO A 524 20.60 31.42 -15.28
N LYS A 525 19.74 31.56 -14.27
CA LYS A 525 19.67 32.79 -13.50
C LYS A 525 20.87 32.87 -12.55
N LYS A 526 21.30 34.09 -12.27
CA LYS A 526 22.52 34.32 -11.51
C LYS A 526 22.37 33.82 -10.07
N SER A 527 23.37 33.09 -9.60
CA SER A 527 23.32 32.49 -8.27
C SER A 527 23.35 33.58 -7.19
N THR A 528 22.50 33.41 -6.18
CA THR A 528 22.42 34.40 -5.10
C THR A 528 23.57 34.17 -4.11
N ASN A 529 23.53 34.88 -3.00
CA ASN A 529 24.59 34.83 -2.01
C ASN A 529 24.38 33.64 -1.07
N LEU A 530 25.17 33.59 0.00
CA LEU A 530 25.20 32.45 0.89
C LEU A 530 25.02 32.92 2.33
N VAL A 531 24.37 32.07 3.14
CA VAL A 531 24.14 32.34 4.55
C VAL A 531 24.58 31.13 5.37
N LYS A 532 24.89 31.39 6.63
CA LYS A 532 25.34 30.35 7.54
C LYS A 532 24.58 30.46 8.86
N ASN A 533 24.30 29.30 9.46
CA ASN A 533 23.62 29.21 10.74
C ASN A 533 22.26 29.91 10.71
N LYS A 534 21.58 29.83 9.58
CA LYS A 534 20.26 30.43 9.42
C LYS A 534 19.39 29.49 8.60
N CYS A 535 18.21 29.17 9.14
CA CYS A 535 17.30 28.21 8.50
C CYS A 535 16.75 28.81 7.23
N VAL A 536 17.26 28.36 6.08
CA VAL A 536 16.84 28.84 4.77
C VAL A 536 16.60 27.65 3.86
N ASN A 537 15.92 27.92 2.75
CA ASN A 537 15.64 26.89 1.74
C ASN A 537 16.76 26.89 0.70
N PHE A 538 17.84 26.21 1.05
CA PHE A 538 19.01 26.14 0.19
C PHE A 538 18.73 25.33 -1.06
N ASN A 539 19.28 25.80 -2.19
CA ASN A 539 19.28 25.04 -3.43
C ASN A 539 20.70 25.03 -3.98
N PHE A 540 21.21 23.83 -4.26
CA PHE A 540 22.56 23.64 -4.78
C PHE A 540 22.49 22.73 -6.00
N ASN A 541 22.32 23.33 -7.17
CA ASN A 541 22.36 22.64 -8.46
C ASN A 541 21.44 21.42 -8.45
N GLY A 542 20.17 21.69 -8.18
CA GLY A 542 19.17 20.65 -8.14
C GLY A 542 19.00 19.97 -6.82
N LEU A 543 19.46 20.56 -5.72
CA LEU A 543 19.34 19.99 -4.39
C LEU A 543 18.58 20.99 -3.52
N THR A 544 17.25 20.95 -3.62
CA THR A 544 16.39 21.92 -2.94
C THR A 544 15.98 21.32 -1.59
N GLY A 545 16.64 21.77 -0.53
CA GLY A 545 16.32 21.30 0.80
C GLY A 545 16.20 22.46 1.78
N THR A 546 15.72 22.18 2.98
CA THR A 546 15.59 23.17 4.03
C THR A 546 16.47 22.78 5.20
N GLY A 547 17.03 23.78 5.87
CA GLY A 547 17.85 23.52 7.04
C GLY A 547 18.84 24.65 7.26
N VAL A 548 19.92 24.29 7.95
CA VAL A 548 20.94 25.23 8.39
C VAL A 548 22.28 24.82 7.80
N LEU A 549 22.94 25.75 7.12
CA LEU A 549 24.22 25.49 6.47
C LEU A 549 25.36 25.89 7.39
N THR A 550 26.32 24.99 7.58
CA THR A 550 27.48 25.25 8.41
C THR A 550 28.71 24.64 7.76
N GLU A 551 29.88 25.17 8.12
CA GLU A 551 31.13 24.66 7.58
C GLU A 551 31.39 23.24 8.08
N SER A 552 31.87 22.38 7.18
CA SER A 552 32.14 20.99 7.49
C SER A 552 33.63 20.70 7.40
N ASN A 553 34.06 19.71 8.18
CA ASN A 553 35.45 19.31 8.24
C ASN A 553 35.78 18.19 7.25
N LYS A 554 34.84 17.79 6.40
CA LYS A 554 35.06 16.69 5.50
C LYS A 554 36.07 17.07 4.41
N LYS A 555 36.53 16.06 3.67
CA LYS A 555 37.64 16.17 2.73
C LYS A 555 37.28 15.50 1.41
N PHE A 556 36.14 15.91 0.84
CA PHE A 556 35.64 15.38 -0.42
C PHE A 556 36.75 15.17 -1.44
N LEU A 557 36.70 14.03 -2.11
CA LEU A 557 37.60 13.75 -3.22
C LEU A 557 37.18 14.56 -4.45
N PRO A 558 38.09 14.75 -5.41
CA PRO A 558 37.79 15.64 -6.56
C PRO A 558 36.56 15.25 -7.36
N PHE A 559 35.91 14.12 -7.05
CA PHE A 559 34.74 13.65 -7.78
C PHE A 559 33.59 13.39 -6.81
N GLN A 560 33.42 14.26 -5.83
CA GLN A 560 32.36 14.11 -4.84
C GLN A 560 31.54 15.39 -4.78
N GLN A 561 30.23 15.27 -5.01
CA GLN A 561 29.32 16.39 -4.97
C GLN A 561 28.16 16.22 -3.99
N PHE A 562 27.92 15.02 -3.50
CA PHE A 562 26.87 14.75 -2.53
C PHE A 562 27.51 14.24 -1.24
N GLY A 563 26.67 13.83 -0.29
CA GLY A 563 27.15 13.24 0.94
C GLY A 563 26.01 12.60 1.71
N ARG A 564 26.23 11.39 2.22
CA ARG A 564 25.16 10.64 2.86
C ARG A 564 25.67 9.91 4.08
N ASP A 565 24.81 9.76 5.08
CA ASP A 565 24.97 8.80 6.14
C ASP A 565 24.32 7.50 5.67
N ILE A 566 24.25 6.47 6.53
CA ILE A 566 23.54 5.28 6.09
C ILE A 566 22.08 5.52 6.44
N ALA A 567 21.42 6.36 5.66
CA ALA A 567 19.99 6.53 5.74
C ALA A 567 19.36 6.87 4.40
N ASP A 568 20.14 6.92 3.32
CA ASP A 568 19.71 7.51 2.05
C ASP A 568 19.22 8.94 2.27
N THR A 569 20.03 9.73 2.98
CA THR A 569 19.73 11.13 3.27
C THR A 569 20.92 11.99 2.91
N THR A 570 20.64 13.16 2.32
CA THR A 570 21.71 14.07 1.92
C THR A 570 22.33 14.73 3.15
N ASP A 571 23.66 14.67 3.25
CA ASP A 571 24.36 15.13 4.43
C ASP A 571 25.27 16.32 4.17
N ALA A 572 26.16 16.24 3.19
CA ALA A 572 27.09 17.31 2.90
C ALA A 572 27.09 17.59 1.41
N VAL A 573 27.12 18.88 1.05
CA VAL A 573 27.10 19.30 -0.34
C VAL A 573 28.22 20.32 -0.56
N ARG A 574 28.95 20.14 -1.65
CA ARG A 574 30.02 21.07 -2.00
C ARG A 574 29.46 22.25 -2.79
N ASP A 575 29.92 23.44 -2.45
CA ASP A 575 29.45 24.64 -3.14
C ASP A 575 29.89 24.61 -4.59
N PRO A 576 29.00 24.89 -5.54
CA PRO A 576 29.38 24.85 -6.96
C PRO A 576 30.46 25.82 -7.35
N GLN A 577 30.61 26.94 -6.65
CA GLN A 577 31.59 27.94 -7.06
C GLN A 577 32.36 28.50 -5.87
N THR A 578 32.52 27.71 -4.82
CA THR A 578 33.42 28.04 -3.72
C THR A 578 34.35 26.90 -3.36
N LEU A 579 34.02 25.65 -3.71
CA LEU A 579 34.89 24.50 -3.52
C LEU A 579 35.24 24.31 -2.05
N GLU A 580 34.21 24.05 -1.25
CA GLU A 580 34.39 23.67 0.14
C GLU A 580 33.23 22.78 0.55
N ILE A 581 33.31 22.25 1.76
CA ILE A 581 32.34 21.28 2.24
C ILE A 581 31.34 22.03 3.11
N LEU A 582 30.11 22.16 2.62
CA LEU A 582 29.03 22.81 3.35
C LEU A 582 28.17 21.73 3.99
N ASP A 583 28.22 21.65 5.32
CA ASP A 583 27.45 20.67 6.05
C ASP A 583 25.97 21.07 6.07
N ILE A 584 25.11 20.09 6.28
CA ILE A 584 23.67 20.31 6.29
C ILE A 584 23.13 19.96 7.67
N THR A 585 22.43 20.90 8.28
CA THR A 585 21.79 20.70 9.57
C THR A 585 20.29 20.95 9.42
N PRO A 586 19.44 20.04 9.91
CA PRO A 586 17.99 20.23 9.74
C PRO A 586 17.43 21.35 10.58
N CYS A 587 16.11 21.51 10.55
CA CYS A 587 15.43 22.57 11.30
C CYS A 587 15.34 22.17 12.77
N SER A 588 14.52 22.91 13.53
CA SER A 588 14.46 22.72 14.98
C SER A 588 13.09 22.21 15.42
N PHE A 589 12.56 21.21 14.71
CA PHE A 589 11.22 20.73 15.00
C PHE A 589 11.17 20.03 16.36
N GLY A 590 9.96 19.88 16.87
CA GLY A 590 9.72 19.22 18.13
C GLY A 590 8.26 19.28 18.52
N GLY A 591 7.85 18.50 19.52
CA GLY A 591 6.47 18.50 19.96
C GLY A 591 6.21 19.50 21.07
N VAL A 592 4.94 19.63 21.44
CA VAL A 592 4.50 20.53 22.49
C VAL A 592 3.57 19.76 23.42
N SER A 593 3.89 19.73 24.70
CA SER A 593 2.98 19.18 25.69
C SER A 593 2.27 20.31 26.42
N VAL A 594 1.52 19.98 27.45
CA VAL A 594 0.90 20.97 28.31
C VAL A 594 0.60 20.34 29.66
N ILE A 595 0.98 21.02 30.74
CA ILE A 595 0.83 20.51 32.09
C ILE A 595 -0.22 21.34 32.79
N THR A 596 -1.29 20.69 33.24
CA THR A 596 -2.39 21.40 33.88
C THR A 596 -2.93 20.62 35.06
N PRO A 597 -3.42 21.31 36.07
CA PRO A 597 -4.29 20.67 37.06
C PRO A 597 -5.72 20.62 36.54
N GLY A 598 -6.66 20.19 37.36
CA GLY A 598 -8.05 20.09 36.91
C GLY A 598 -8.57 21.44 36.45
N THR A 599 -9.28 21.43 35.32
CA THR A 599 -9.81 22.66 34.75
C THR A 599 -10.84 23.32 35.66
N ASN A 600 -11.43 22.57 36.59
CA ASN A 600 -12.38 23.12 37.54
C ASN A 600 -11.75 23.32 38.91
N THR A 601 -10.42 23.44 38.96
CA THR A 601 -9.71 23.73 40.20
C THR A 601 -8.73 24.88 39.95
N SER A 602 -8.30 25.04 38.71
CA SER A 602 -7.39 26.11 38.34
C SER A 602 -7.49 26.35 36.85
N ASN A 603 -6.88 27.44 36.39
CA ASN A 603 -6.91 27.81 34.98
C ASN A 603 -5.53 28.12 34.42
N GLN A 604 -4.48 28.00 35.23
CA GLN A 604 -3.13 28.34 34.77
C GLN A 604 -2.36 27.07 34.47
N VAL A 605 -1.55 27.11 33.40
CA VAL A 605 -0.88 25.95 32.87
C VAL A 605 0.58 26.27 32.62
N ALA A 606 1.38 25.22 32.43
CA ALA A 606 2.78 25.35 32.04
C ALA A 606 3.05 24.46 30.85
N VAL A 607 3.81 24.98 29.88
CA VAL A 607 4.02 24.32 28.60
C VAL A 607 5.46 23.82 28.54
N LEU A 608 5.63 22.57 28.16
CA LEU A 608 6.95 21.94 28.04
C LEU A 608 7.29 21.75 26.57
N TYR A 609 8.38 22.36 26.14
CA TYR A 609 8.88 22.23 24.77
C TYR A 609 9.96 21.17 24.78
N GLN A 610 9.58 19.91 24.53
CA GLN A 610 10.52 18.81 24.70
C GLN A 610 11.50 18.73 23.55
N GLY A 611 12.72 18.28 23.86
CA GLY A 611 13.71 17.99 22.84
C GLY A 611 14.29 19.21 22.16
N VAL A 612 14.18 20.38 22.77
CA VAL A 612 14.76 21.62 22.25
C VAL A 612 15.43 22.36 23.39
N ASN A 613 15.91 23.56 23.08
CA ASN A 613 16.74 24.35 23.99
C ASN A 613 16.16 25.75 24.06
N CYS A 614 15.90 26.24 25.27
CA CYS A 614 15.42 27.61 25.39
C CYS A 614 16.46 28.61 24.89
N THR A 615 17.74 28.27 25.00
CA THR A 615 18.77 29.09 24.35
C THR A 615 18.56 29.14 22.85
N GLU A 616 17.96 28.10 22.28
CA GLU A 616 17.69 28.04 20.85
C GLU A 616 16.46 28.86 20.50
N VAL A 617 15.92 28.63 19.30
CA VAL A 617 14.93 29.48 18.66
C VAL A 617 13.68 29.81 19.47
N PRO A 618 13.02 28.86 20.17
CA PRO A 618 11.67 29.15 20.66
C PRO A 618 11.59 30.31 21.64
N VAL A 619 12.70 30.71 22.26
CA VAL A 619 12.67 31.86 23.15
C VAL A 619 12.27 33.11 22.37
N ALA A 620 12.73 33.22 21.13
CA ALA A 620 12.33 34.32 20.26
C ALA A 620 11.08 33.95 19.46
N ILE A 621 10.04 33.49 20.15
CA ILE A 621 8.79 33.13 19.49
C ILE A 621 8.16 34.40 18.94
N HIS A 622 7.92 34.41 17.63
CA HIS A 622 7.46 35.61 16.94
C HIS A 622 6.40 35.24 15.91
N ALA A 623 5.60 36.23 15.54
CA ALA A 623 4.55 36.03 14.55
C ALA A 623 5.15 35.77 13.17
N ASP A 624 4.40 35.03 12.36
CA ASP A 624 4.75 34.69 10.98
C ASP A 624 5.98 33.81 10.87
N GLN A 625 6.50 33.29 11.98
CA GLN A 625 7.66 32.41 11.93
C GLN A 625 7.39 31.10 12.65
N LEU A 626 6.60 31.15 13.73
CA LEU A 626 6.27 29.98 14.53
C LEU A 626 4.79 29.69 14.39
N THR A 627 4.46 28.42 14.11
CA THR A 627 3.06 28.05 13.94
C THR A 627 2.18 28.31 15.16
N PRO A 628 2.61 28.05 16.41
CA PRO A 628 1.71 28.33 17.54
C PRO A 628 1.33 29.80 17.61
N THR A 629 0.06 30.05 17.94
CA THR A 629 -0.47 31.41 17.87
C THR A 629 0.06 32.29 18.99
N TRP A 630 0.05 31.78 20.22
CA TRP A 630 0.38 32.60 21.39
C TRP A 630 1.88 32.86 21.44
N ARG A 631 2.29 33.97 20.83
CA ARG A 631 3.63 34.52 21.05
C ARG A 631 3.59 35.62 22.11
N VAL A 632 3.10 35.24 23.30
CA VAL A 632 2.79 36.23 24.32
C VAL A 632 3.64 36.01 25.57
N TYR A 633 4.04 34.76 25.83
CA TYR A 633 4.93 34.51 26.96
C TYR A 633 6.26 35.22 26.77
N SER A 634 6.75 35.83 27.87
CA SER A 634 7.97 36.62 27.80
C SER A 634 9.17 35.77 27.45
N THR A 635 9.12 34.47 27.72
CA THR A 635 10.21 33.53 27.48
C THR A 635 11.52 33.96 28.15
N GLY A 636 11.43 34.85 29.14
CA GLY A 636 12.58 35.25 29.93
C GLY A 636 12.34 35.11 31.41
N SER A 637 11.06 35.02 31.79
CA SER A 637 10.64 34.86 33.17
C SER A 637 10.06 33.47 33.37
N ASN A 638 10.43 32.84 34.48
CA ASN A 638 10.01 31.48 34.80
C ASN A 638 10.40 30.51 33.68
N VAL A 639 11.69 30.52 33.36
CA VAL A 639 12.24 29.69 32.30
C VAL A 639 13.26 28.73 32.92
N PHE A 640 13.09 27.45 32.68
CA PHE A 640 13.90 26.41 33.29
C PHE A 640 14.32 25.42 32.22
N GLN A 641 15.45 24.75 32.45
CA GLN A 641 16.02 23.81 31.50
C GLN A 641 16.02 22.40 32.08
N THR A 642 15.68 21.44 31.23
CA THR A 642 15.62 20.04 31.61
C THR A 642 16.18 19.19 30.48
N ARG A 643 16.69 18.00 30.82
CA ARG A 643 17.29 17.13 29.82
C ARG A 643 16.30 16.81 28.69
N ALA A 644 15.02 16.66 29.03
CA ALA A 644 14.02 16.33 28.03
C ALA A 644 13.55 17.54 27.23
N GLY A 645 13.94 18.74 27.63
CA GLY A 645 13.51 19.97 26.99
C GLY A 645 13.29 21.03 28.05
N CYS A 646 13.28 22.29 27.61
CA CYS A 646 13.17 23.41 28.52
C CYS A 646 11.71 23.76 28.76
N LEU A 647 11.37 24.03 30.01
CA LEU A 647 10.00 24.15 30.48
C LEU A 647 9.67 25.60 30.77
N ILE A 648 8.48 26.03 30.31
CA ILE A 648 8.02 27.41 30.43
C ILE A 648 6.88 27.45 31.43
N GLY A 649 6.96 28.36 32.40
CA GLY A 649 5.86 28.60 33.29
C GLY A 649 5.94 27.94 34.65
N ALA A 650 7.10 27.43 35.04
CA ALA A 650 7.26 26.83 36.35
C ALA A 650 8.60 27.26 36.94
N GLU A 651 8.69 27.21 38.27
CA GLU A 651 9.88 27.59 39.00
C GLU A 651 10.47 26.37 39.69
N TYR A 652 11.76 26.13 39.45
CA TYR A 652 12.43 25.00 40.08
C TYR A 652 12.49 25.22 41.58
N VAL A 653 12.13 24.18 42.34
CA VAL A 653 12.14 24.22 43.79
C VAL A 653 13.04 23.09 44.29
N ASN A 654 13.96 23.41 45.20
CA ASN A 654 14.90 22.44 45.70
C ASN A 654 14.36 21.64 46.88
N ASN A 655 13.05 21.55 47.02
CA ASN A 655 12.42 20.64 47.97
C ASN A 655 12.41 19.24 47.37
N SER A 656 11.65 18.33 47.98
CA SER A 656 11.52 16.98 47.45
C SER A 656 10.14 16.46 47.79
N TYR A 657 9.30 16.31 46.77
CA TYR A 657 7.93 15.82 46.94
C TYR A 657 7.69 14.64 46.02
N GLU A 658 6.72 13.81 46.40
CA GLU A 658 6.36 12.65 45.59
C GLU A 658 5.81 13.11 44.24
N CYS A 659 6.00 12.26 43.23
CA CYS A 659 5.66 12.64 41.87
C CYS A 659 4.15 12.67 41.68
N ASP A 660 3.63 13.81 41.22
CA ASP A 660 2.21 13.96 40.89
C ASP A 660 1.99 13.85 39.38
N ILE A 661 2.63 14.71 38.62
CA ILE A 661 2.56 14.70 37.16
C ILE A 661 3.97 14.48 36.63
N PRO A 662 4.32 13.25 36.25
CA PRO A 662 5.68 12.99 35.76
C PRO A 662 5.97 13.78 34.49
N ILE A 663 7.21 14.24 34.39
CA ILE A 663 7.70 14.98 33.23
C ILE A 663 8.75 14.19 32.47
N GLY A 664 9.78 13.74 33.15
CA GLY A 664 10.85 12.98 32.53
C GLY A 664 12.18 13.34 33.15
N ALA A 665 13.09 12.38 33.16
CA ALA A 665 14.44 12.56 33.72
C ALA A 665 14.39 12.93 35.19
N GLY A 666 13.34 12.51 35.90
CA GLY A 666 13.24 12.69 37.33
C GLY A 666 12.45 13.91 37.77
N ILE A 667 12.27 14.89 36.90
CA ILE A 667 11.52 16.10 37.26
C ILE A 667 10.03 15.78 37.25
N CYS A 668 9.33 16.15 38.31
CA CYS A 668 7.90 15.88 38.43
C CYS A 668 7.19 17.14 38.88
N ALA A 669 6.36 17.70 38.01
CA ALA A 669 5.62 18.92 38.31
C ALA A 669 4.41 18.60 39.18
N SER A 670 3.90 19.64 39.84
CA SER A 670 2.74 19.49 40.70
C SER A 670 2.24 20.87 41.10
N TYR A 671 0.93 20.95 41.34
CA TYR A 671 0.35 22.14 41.95
C TYR A 671 0.73 22.23 43.42
N GLN A 672 0.89 23.45 43.90
CA GLN A 672 1.33 23.65 45.28
C GLN A 672 0.80 24.98 45.79
N THR A 673 0.78 25.11 47.11
CA THR A 673 0.38 26.33 47.79
C THR A 673 1.62 27.01 48.37
N GLN A 674 1.78 28.29 48.08
CA GLN A 674 2.95 29.02 48.57
C GLN A 674 2.70 29.61 49.95
N SER A 686 -0.66 32.87 46.11
CA SER A 686 0.04 31.82 46.83
C SER A 686 -0.10 30.48 46.11
N GLN A 687 -0.48 30.54 44.84
CA GLN A 687 -0.67 29.34 44.03
C GLN A 687 0.09 29.49 42.72
N SER A 688 0.77 28.42 42.32
CA SER A 688 1.55 28.42 41.09
C SER A 688 1.83 26.97 40.70
N ILE A 689 2.71 26.79 39.72
CA ILE A 689 3.12 25.47 39.25
C ILE A 689 4.60 25.30 39.56
N ILE A 690 4.94 24.26 40.31
CA ILE A 690 6.31 24.03 40.74
C ILE A 690 6.81 22.73 40.14
N ALA A 691 8.08 22.74 39.74
CA ALA A 691 8.78 21.56 39.25
C ALA A 691 9.99 21.33 40.13
N TYR A 692 10.26 20.06 40.45
CA TYR A 692 11.30 19.75 41.42
C TYR A 692 11.89 18.40 41.05
N THR A 693 12.62 17.81 42.00
CA THR A 693 13.25 16.51 41.81
C THR A 693 12.53 15.47 42.67
N MET A 694 12.32 14.28 42.11
CA MET A 694 11.59 13.24 42.81
C MET A 694 12.32 12.80 44.07
N SER A 695 11.55 12.44 45.09
CA SER A 695 12.06 11.87 46.32
C SER A 695 11.61 10.42 46.39
N LEU A 696 12.56 9.50 46.45
CA LEU A 696 12.25 8.08 46.43
C LEU A 696 11.66 7.59 47.75
N GLY A 697 11.59 8.44 48.76
CA GLY A 697 11.09 8.06 50.06
C GLY A 697 12.04 8.48 51.17
N ALA A 698 11.52 8.41 52.39
CA ALA A 698 12.29 8.84 53.54
C ALA A 698 13.53 7.97 53.71
N GLU A 699 14.67 8.62 53.93
CA GLU A 699 15.90 7.90 54.25
C GLU A 699 15.73 7.17 55.58
N ASN A 700 16.17 5.92 55.63
CA ASN A 700 16.13 5.15 56.87
C ASN A 700 17.44 4.42 57.05
N SER A 701 17.76 4.12 58.31
CA SER A 701 18.98 3.42 58.66
C SER A 701 18.66 2.20 59.51
N VAL A 702 19.59 1.25 59.48
CA VAL A 702 19.49 0.07 60.34
C VAL A 702 20.70 0.08 61.26
N ALA A 703 20.79 -0.91 62.15
CA ALA A 703 21.76 -0.92 63.24
C ALA A 703 22.44 -2.28 63.32
N TYR A 704 22.97 -2.76 62.20
CA TYR A 704 23.63 -4.06 62.16
C TYR A 704 24.70 -4.14 63.24
N SER A 705 24.70 -5.25 63.98
CA SER A 705 25.69 -5.49 65.01
C SER A 705 25.82 -6.99 65.23
N ASN A 706 26.95 -7.38 65.83
CA ASN A 706 27.23 -8.81 65.96
C ASN A 706 26.22 -9.52 66.85
N ASN A 707 25.62 -8.82 67.80
CA ASN A 707 24.78 -9.45 68.80
C ASN A 707 23.53 -8.62 69.08
N SER A 708 22.90 -8.11 68.03
CA SER A 708 21.70 -7.30 68.16
C SER A 708 20.54 -7.98 67.44
N ILE A 709 19.44 -8.22 68.14
CA ILE A 709 18.18 -8.66 67.54
C ILE A 709 17.06 -7.79 68.05
N ALA A 710 16.15 -7.42 67.15
CA ALA A 710 14.90 -6.78 67.50
C ALA A 710 13.75 -7.70 67.13
N ILE A 711 12.85 -7.94 68.08
CA ILE A 711 11.74 -8.87 67.91
C ILE A 711 10.45 -8.10 68.13
N PRO A 712 9.47 -8.18 67.23
CA PRO A 712 8.20 -7.46 67.44
C PRO A 712 7.43 -8.01 68.63
N THR A 713 6.60 -7.14 69.21
CA THR A 713 5.83 -7.48 70.39
C THR A 713 4.32 -7.41 70.16
N ASN A 714 3.87 -7.02 68.97
CA ASN A 714 2.45 -6.83 68.72
C ASN A 714 2.20 -6.94 67.24
N PHE A 715 0.99 -7.36 66.88
CA PHE A 715 0.63 -7.60 65.50
C PHE A 715 -0.45 -6.62 65.06
N THR A 716 -0.92 -6.81 63.83
CA THR A 716 -1.98 -5.98 63.29
C THR A 716 -2.58 -6.71 62.10
N ILE A 717 -3.89 -6.93 62.14
CA ILE A 717 -4.61 -7.55 61.03
C ILE A 717 -5.12 -6.43 60.13
N SER A 718 -4.73 -6.48 58.86
CA SER A 718 -5.11 -5.46 57.90
C SER A 718 -5.71 -6.13 56.68
N VAL A 719 -6.64 -5.43 56.03
CA VAL A 719 -7.34 -5.95 54.86
C VAL A 719 -7.16 -4.94 53.72
N THR A 720 -6.79 -5.45 52.55
CA THR A 720 -6.56 -4.64 51.37
C THR A 720 -7.50 -5.10 50.26
N THR A 721 -7.30 -4.55 49.07
CA THR A 721 -8.09 -4.94 47.91
C THR A 721 -7.17 -5.23 46.73
N GLU A 722 -7.76 -5.77 45.67
CA GLU A 722 -7.07 -6.07 44.43
C GLU A 722 -8.10 -6.29 43.35
N ILE A 723 -7.97 -5.55 42.25
CA ILE A 723 -8.99 -5.52 41.21
C ILE A 723 -8.40 -6.07 39.92
N LEU A 724 -9.09 -7.02 39.31
CA LEU A 724 -8.59 -7.71 38.13
C LEU A 724 -9.69 -7.82 37.10
N PRO A 725 -9.43 -7.48 35.84
CA PRO A 725 -10.41 -7.75 34.78
C PRO A 725 -10.45 -9.24 34.47
N VAL A 726 -11.61 -9.72 34.04
CA VAL A 726 -11.76 -11.13 33.75
C VAL A 726 -12.29 -11.35 32.33
N SER A 727 -13.05 -10.39 31.81
CA SER A 727 -13.61 -10.55 30.48
C SER A 727 -13.98 -9.19 29.92
N MET A 728 -14.09 -9.14 28.60
CA MET A 728 -14.49 -7.95 27.88
C MET A 728 -15.88 -8.14 27.29
N THR A 729 -16.34 -7.15 26.56
CA THR A 729 -17.69 -7.16 25.99
C THR A 729 -17.68 -7.95 24.68
N LYS A 730 -18.49 -9.00 24.62
CA LYS A 730 -18.62 -9.76 23.39
C LYS A 730 -19.15 -8.85 22.29
N THR A 731 -18.67 -9.07 21.07
CA THR A 731 -19.10 -8.24 19.95
C THR A 731 -19.14 -9.08 18.68
N SER A 732 -19.84 -8.56 17.69
CA SER A 732 -20.00 -9.25 16.41
C SER A 732 -20.30 -8.22 15.33
N VAL A 733 -19.87 -8.52 14.11
CA VAL A 733 -19.94 -7.58 13.00
C VAL A 733 -20.42 -8.31 11.76
N ASP A 734 -21.30 -7.66 11.00
CA ASP A 734 -21.75 -8.16 9.70
C ASP A 734 -21.07 -7.37 8.61
N CYS A 735 -20.33 -8.06 7.73
CA CYS A 735 -19.62 -7.39 6.66
C CYS A 735 -20.57 -6.60 5.78
N THR A 736 -21.59 -7.26 5.24
CA THR A 736 -22.42 -6.63 4.21
C THR A 736 -23.14 -5.41 4.74
N MET A 737 -23.64 -5.48 5.99
CA MET A 737 -24.32 -4.33 6.57
C MET A 737 -23.38 -3.16 6.76
N TYR A 738 -22.15 -3.41 7.22
CA TYR A 738 -21.23 -2.31 7.51
C TYR A 738 -20.73 -1.65 6.23
N ILE A 739 -20.25 -2.45 5.28
CA ILE A 739 -19.60 -1.90 4.09
C ILE A 739 -20.63 -1.52 3.05
N CYS A 740 -21.41 -2.49 2.58
CA CYS A 740 -22.39 -2.27 1.53
C CYS A 740 -23.79 -2.16 2.12
N GLY A 741 -24.07 -1.02 2.74
CA GLY A 741 -25.36 -0.84 3.36
C GLY A 741 -26.51 -0.79 2.37
N ASP A 742 -27.30 -1.87 2.33
CA ASP A 742 -28.50 -1.94 1.50
C ASP A 742 -28.22 -1.58 0.05
N SER A 743 -27.19 -2.22 -0.52
CA SER A 743 -26.82 -1.95 -1.91
C SER A 743 -26.49 -3.28 -2.58
N THR A 744 -27.31 -3.67 -3.55
CA THR A 744 -27.05 -4.90 -4.29
C THR A 744 -25.79 -4.79 -5.13
N GLU A 745 -25.62 -3.66 -5.82
CA GLU A 745 -24.43 -3.49 -6.66
C GLU A 745 -23.15 -3.51 -5.84
N CYS A 746 -23.17 -2.91 -4.65
CA CYS A 746 -22.03 -3.02 -3.76
C CYS A 746 -21.85 -4.46 -3.28
N SER A 747 -22.95 -5.14 -2.95
CA SER A 747 -22.86 -6.51 -2.48
C SER A 747 -22.26 -7.42 -3.55
N ASN A 748 -22.66 -7.22 -4.81
CA ASN A 748 -22.10 -8.02 -5.89
C ASN A 748 -20.61 -7.77 -6.06
N LEU A 749 -20.20 -6.50 -5.97
CA LEU A 749 -18.81 -6.16 -6.26
C LEU A 749 -17.87 -6.71 -5.19
N LEU A 750 -18.32 -6.71 -3.93
CA LEU A 750 -17.46 -7.19 -2.84
C LEU A 750 -17.13 -8.66 -2.97
N LEU A 751 -17.93 -9.42 -3.73
CA LEU A 751 -17.67 -10.84 -3.89
C LEU A 751 -16.35 -11.11 -4.60
N GLN A 752 -15.81 -10.12 -5.32
CA GLN A 752 -14.55 -10.33 -6.03
C GLN A 752 -13.38 -10.49 -5.07
N TYR A 753 -13.44 -9.85 -3.90
CA TYR A 753 -12.32 -9.80 -2.99
C TYR A 753 -12.07 -11.11 -2.25
N GLY A 754 -12.73 -12.19 -2.65
CA GLY A 754 -12.48 -13.46 -2.01
C GLY A 754 -13.01 -13.50 -0.59
N SER A 755 -12.33 -14.28 0.25
CA SER A 755 -12.78 -14.50 1.62
C SER A 755 -12.08 -13.54 2.59
N PHE A 756 -12.37 -12.25 2.43
CA PHE A 756 -12.04 -11.25 3.42
C PHE A 756 -13.15 -11.04 4.43
N CYS A 757 -14.12 -11.95 4.48
CA CYS A 757 -15.19 -11.83 5.47
C CYS A 757 -15.48 -13.10 6.24
N THR A 758 -15.15 -14.28 5.71
CA THR A 758 -15.17 -15.47 6.55
C THR A 758 -14.15 -15.37 7.67
N GLN A 759 -12.97 -14.81 7.36
CA GLN A 759 -11.97 -14.60 8.40
C GLN A 759 -12.44 -13.57 9.41
N LEU A 760 -13.05 -12.48 8.95
CA LEU A 760 -13.51 -11.44 9.85
C LEU A 760 -14.69 -11.89 10.71
N LYS A 761 -15.31 -13.03 10.39
CA LYS A 761 -16.32 -13.59 11.26
C LYS A 761 -15.80 -14.74 12.10
N ARG A 762 -14.87 -15.54 11.57
CA ARG A 762 -14.23 -16.56 12.39
C ARG A 762 -13.40 -15.92 13.50
N ALA A 763 -12.69 -14.84 13.20
CA ALA A 763 -11.83 -14.23 14.20
C ALA A 763 -12.65 -13.68 15.37
N LEU A 764 -13.77 -13.02 15.08
CA LEU A 764 -14.56 -12.43 16.16
C LEU A 764 -15.35 -13.48 16.92
N THR A 765 -15.80 -14.53 16.26
CA THR A 765 -16.43 -15.63 16.99
C THR A 765 -15.42 -16.42 17.80
N GLY A 766 -14.13 -16.33 17.46
CA GLY A 766 -13.12 -16.89 18.32
C GLY A 766 -13.02 -16.15 19.65
N ILE A 767 -13.17 -14.83 19.61
CA ILE A 767 -13.15 -14.04 20.83
C ILE A 767 -14.42 -14.28 21.65
N ALA A 768 -15.56 -14.35 20.97
CA ALA A 768 -16.84 -14.46 21.68
C ALA A 768 -16.90 -15.77 22.47
N VAL A 769 -16.46 -16.87 21.88
CA VAL A 769 -16.46 -18.14 22.61
C VAL A 769 -15.50 -18.07 23.79
N GLU A 770 -14.33 -17.46 23.59
CA GLU A 770 -13.32 -17.43 24.63
C GLU A 770 -13.82 -16.69 25.87
N GLN A 771 -14.53 -15.58 25.66
CA GLN A 771 -14.99 -14.78 26.80
C GLN A 771 -15.90 -15.58 27.71
N ASP A 772 -16.80 -16.38 27.13
CA ASP A 772 -17.70 -17.19 27.94
C ASP A 772 -16.99 -18.35 28.61
N LYS A 773 -15.72 -18.58 28.29
CA LYS A 773 -14.94 -19.62 28.95
C LYS A 773 -14.12 -19.08 30.11
N ASN A 774 -13.68 -17.82 30.03
CA ASN A 774 -12.93 -17.24 31.13
C ASN A 774 -13.77 -17.17 32.40
N THR A 775 -15.02 -16.74 32.28
CA THR A 775 -15.89 -16.63 33.44
C THR A 775 -16.27 -17.99 34.02
N GLN A 776 -15.95 -19.08 33.32
CA GLN A 776 -16.15 -20.42 33.87
C GLN A 776 -14.97 -20.86 34.73
N GLU A 777 -13.74 -20.53 34.32
CA GLU A 777 -12.56 -20.96 35.07
C GLU A 777 -12.36 -20.11 36.32
N VAL A 778 -12.67 -18.82 36.24
CA VAL A 778 -12.45 -17.94 37.39
C VAL A 778 -13.43 -18.27 38.51
N PHE A 779 -14.67 -18.62 38.17
CA PHE A 779 -15.72 -18.77 39.16
C PHE A 779 -16.14 -20.22 39.40
N ALA A 780 -16.43 -20.97 38.34
CA ALA A 780 -17.00 -22.32 38.51
C ALA A 780 -15.91 -23.32 38.91
N GLN A 781 -15.27 -23.03 40.03
CA GLN A 781 -14.29 -23.95 40.59
C GLN A 781 -14.95 -25.14 41.28
N VAL A 782 -16.13 -24.92 41.86
CA VAL A 782 -16.82 -25.94 42.63
C VAL A 782 -18.02 -26.45 41.84
N LYS A 783 -18.19 -27.78 41.84
CA LYS A 783 -19.28 -28.37 41.09
C LYS A 783 -20.63 -28.13 41.78
N GLN A 784 -20.63 -27.96 43.10
CA GLN A 784 -21.85 -27.85 43.88
C GLN A 784 -22.08 -26.40 44.31
N ILE A 785 -23.26 -26.16 44.85
CA ILE A 785 -23.64 -24.87 45.39
C ILE A 785 -23.99 -25.04 46.85
N TYR A 786 -23.36 -24.25 47.71
CA TYR A 786 -23.56 -24.33 49.14
C TYR A 786 -24.53 -23.25 49.61
N LYS A 787 -25.09 -23.46 50.79
CA LYS A 787 -26.06 -22.55 51.37
C LYS A 787 -25.51 -22.03 52.70
N THR A 788 -25.59 -20.72 52.90
CA THR A 788 -25.11 -20.13 54.14
C THR A 788 -25.98 -20.60 55.31
N PRO A 789 -25.37 -20.85 56.46
CA PRO A 789 -26.14 -21.32 57.61
C PRO A 789 -27.09 -20.24 58.09
N PRO A 790 -28.17 -20.62 58.79
CA PRO A 790 -29.17 -19.62 59.18
C PRO A 790 -28.65 -18.54 60.12
N ILE A 791 -28.09 -18.92 61.25
CA ILE A 791 -27.59 -17.95 62.23
C ILE A 791 -26.22 -17.49 61.79
N LYS A 792 -26.06 -16.17 61.67
CA LYS A 792 -24.80 -15.60 61.19
C LYS A 792 -23.87 -15.22 62.33
N TYR A 793 -23.62 -16.18 63.23
CA TYR A 793 -22.67 -16.01 64.32
C TYR A 793 -21.46 -16.89 64.07
N PHE A 794 -20.27 -16.32 64.17
CA PHE A 794 -19.03 -17.02 63.85
C PHE A 794 -17.98 -16.74 64.91
N GLY A 795 -18.36 -16.90 66.17
CA GLY A 795 -17.40 -16.75 67.25
C GLY A 795 -16.99 -15.33 67.55
N GLY A 796 -17.74 -14.35 67.05
CA GLY A 796 -17.46 -12.94 67.28
C GLY A 796 -17.17 -12.15 66.02
N PHE A 797 -16.84 -12.81 64.92
CA PHE A 797 -16.57 -12.10 63.68
C PHE A 797 -17.86 -11.55 63.10
N ASN A 798 -17.75 -10.50 62.31
CA ASN A 798 -18.89 -9.80 61.72
C ASN A 798 -18.82 -9.92 60.21
N PHE A 799 -19.64 -10.80 59.64
CA PHE A 799 -19.60 -11.09 58.22
C PHE A 799 -20.80 -10.49 57.47
N SER A 800 -21.52 -9.55 58.10
CA SER A 800 -22.73 -9.04 57.49
C SER A 800 -22.44 -8.32 56.18
N GLN A 801 -21.28 -7.68 56.07
CA GLN A 801 -21.02 -6.84 54.90
C GLN A 801 -20.60 -7.64 53.67
N ILE A 802 -20.32 -8.93 53.81
CA ILE A 802 -19.98 -9.75 52.66
C ILE A 802 -21.00 -10.85 52.38
N LEU A 803 -21.68 -11.34 53.39
CA LEU A 803 -22.71 -12.32 53.11
C LEU A 803 -23.96 -11.64 52.54
N PRO A 804 -24.68 -12.31 51.65
CA PRO A 804 -25.84 -11.66 51.01
C PRO A 804 -26.93 -11.31 52.01
N ASP A 805 -27.59 -10.18 51.74
CA ASP A 805 -28.74 -9.75 52.51
C ASP A 805 -30.00 -10.06 51.74
N PRO A 806 -30.88 -10.93 52.24
CA PRO A 806 -32.07 -11.31 51.46
C PRO A 806 -33.03 -10.17 51.17
N SER A 807 -32.95 -9.06 51.91
CA SER A 807 -33.92 -7.98 51.75
C SER A 807 -33.90 -7.41 50.34
N LYS A 808 -32.71 -7.18 49.80
CA LYS A 808 -32.59 -6.62 48.46
C LYS A 808 -33.13 -7.60 47.43
N PRO A 809 -33.81 -7.12 46.39
CA PRO A 809 -34.37 -8.03 45.39
C PRO A 809 -33.33 -8.89 44.68
N SER A 810 -32.13 -8.37 44.46
CA SER A 810 -31.11 -9.11 43.72
C SER A 810 -30.29 -10.03 44.61
N LYS A 811 -30.50 -9.99 45.94
CA LYS A 811 -29.83 -10.88 46.87
C LYS A 811 -28.31 -10.75 46.77
N ARG A 812 -27.83 -9.53 46.58
CA ARG A 812 -26.40 -9.25 46.49
C ARG A 812 -25.90 -8.69 47.81
N SER A 813 -24.64 -8.98 48.11
CA SER A 813 -24.03 -8.47 49.33
C SER A 813 -23.88 -6.96 49.24
N PRO A 814 -23.84 -6.27 50.39
CA PRO A 814 -23.78 -4.80 50.36
C PRO A 814 -22.58 -4.25 49.62
N ILE A 815 -21.44 -4.94 49.64
CA ILE A 815 -20.23 -4.40 49.04
C ILE A 815 -20.42 -4.21 47.55
N GLU A 816 -20.89 -5.24 46.85
CA GLU A 816 -21.01 -5.13 45.40
C GLU A 816 -22.06 -4.12 44.97
N ASP A 817 -22.93 -3.68 45.88
CA ASP A 817 -23.82 -2.58 45.56
C ASP A 817 -23.04 -1.31 45.30
N LEU A 818 -22.01 -1.05 46.10
CA LEU A 818 -21.08 0.03 45.78
C LEU A 818 -20.38 -0.25 44.46
N LEU A 819 -20.06 -1.51 44.20
CA LEU A 819 -19.38 -1.88 42.96
C LEU A 819 -20.23 -1.50 41.75
N PHE A 820 -21.52 -1.83 41.78
CA PHE A 820 -22.37 -1.50 40.65
C PHE A 820 -22.65 -0.01 40.57
N ASN A 821 -22.71 0.68 41.71
CA ASN A 821 -22.93 2.12 41.66
C ASN A 821 -21.67 2.86 41.24
N LYS A 822 -20.50 2.38 41.66
CA LYS A 822 -19.25 3.03 41.26
C LYS A 822 -18.95 2.77 39.79
N VAL A 823 -19.15 1.54 39.32
CA VAL A 823 -18.94 1.24 37.91
C VAL A 823 -20.07 1.82 37.09
N THR A 824 -19.73 2.58 36.06
CA THR A 824 -20.70 3.22 35.19
C THR A 824 -20.64 2.53 33.83
N LEU A 825 -21.39 1.43 33.70
CA LEU A 825 -21.41 0.69 32.44
C LEU A 825 -22.12 1.49 31.36
N ALA A 826 -21.65 1.33 30.13
CA ALA A 826 -22.16 2.11 29.00
C ALA A 826 -23.38 1.45 28.35
N ASP A 827 -23.20 0.22 27.85
CA ASP A 827 -24.30 -0.48 27.19
C ASP A 827 -24.02 -1.97 27.21
N ALA A 828 -25.07 -2.76 27.41
CA ALA A 828 -25.00 -4.21 27.30
C ALA A 828 -25.56 -4.74 25.99
N GLY A 829 -26.05 -3.87 25.11
CA GLY A 829 -26.59 -4.30 23.85
C GLY A 829 -27.86 -5.11 23.93
N PHE A 830 -28.51 -5.14 25.09
CA PHE A 830 -29.73 -5.93 25.27
C PHE A 830 -30.91 -5.06 24.84
N ILE A 831 -31.40 -5.32 23.64
CA ILE A 831 -32.49 -4.56 23.03
C ILE A 831 -32.20 -3.08 23.15
N LYS A 832 -31.09 -2.63 22.54
CA LYS A 832 -30.76 -1.21 22.58
C LYS A 832 -31.81 -0.37 21.87
N GLN A 833 -32.41 -0.91 20.82
CA GLN A 833 -33.57 -0.30 20.17
C GLN A 833 -33.33 1.14 19.72
N LEU A 846 -28.69 7.73 22.21
CA LEU A 846 -28.75 7.74 20.75
C LEU A 846 -27.49 7.11 20.16
N ILE A 847 -26.38 7.20 20.90
CA ILE A 847 -25.13 6.63 20.42
C ILE A 847 -25.21 5.11 20.39
N CYS A 848 -25.86 4.51 21.38
CA CYS A 848 -26.03 3.07 21.40
C CYS A 848 -26.88 2.61 20.22
N ALA A 849 -27.93 3.37 19.90
CA ALA A 849 -28.74 3.07 18.73
C ALA A 849 -28.00 3.37 17.44
N GLN A 850 -27.01 4.26 17.47
CA GLN A 850 -26.24 4.57 16.27
C GLN A 850 -25.45 3.35 15.78
N LYS A 851 -25.23 2.36 16.64
CA LYS A 851 -24.54 1.14 16.25
C LYS A 851 -25.43 0.18 15.47
N PHE A 852 -26.57 0.65 14.95
CA PHE A 852 -27.37 -0.13 14.01
C PHE A 852 -26.71 -0.13 12.63
N ASN A 853 -25.48 -0.61 12.61
CA ASN A 853 -24.70 -0.79 11.39
C ASN A 853 -23.96 -2.12 11.47
N GLY A 854 -24.66 -3.16 11.89
CA GLY A 854 -24.04 -4.46 12.05
C GLY A 854 -23.20 -4.61 13.29
N LEU A 855 -23.22 -3.62 14.18
CA LEU A 855 -22.44 -3.69 15.41
C LEU A 855 -23.31 -4.18 16.56
N THR A 856 -23.71 -5.45 16.45
CA THR A 856 -24.48 -6.08 17.51
C THR A 856 -23.56 -6.42 18.68
N VAL A 857 -24.15 -6.47 19.87
CA VAL A 857 -23.42 -6.79 21.10
C VAL A 857 -24.13 -7.97 21.76
N LEU A 858 -23.52 -9.14 21.69
CA LEU A 858 -24.14 -10.32 22.27
C LEU A 858 -24.13 -10.25 23.79
N PRO A 859 -25.05 -10.92 24.45
CA PRO A 859 -25.06 -10.96 25.91
C PRO A 859 -24.27 -12.16 26.42
N PRO A 860 -23.74 -12.10 27.64
CA PRO A 860 -22.98 -13.23 28.17
C PRO A 860 -23.86 -14.41 28.47
N LEU A 861 -23.24 -15.59 28.52
CA LEU A 861 -23.98 -16.80 28.85
C LEU A 861 -24.37 -16.84 30.32
N LEU A 862 -23.44 -16.50 31.20
CA LEU A 862 -23.71 -16.47 32.63
C LEU A 862 -24.19 -15.07 32.99
N THR A 863 -25.51 -14.92 33.14
CA THR A 863 -26.05 -13.62 33.53
C THR A 863 -25.59 -13.25 34.92
N ASP A 864 -25.50 -11.94 35.18
CA ASP A 864 -24.94 -11.49 36.44
C ASP A 864 -25.96 -11.60 37.56
N GLU A 865 -26.59 -12.75 37.66
CA GLU A 865 -27.40 -13.15 38.81
C GLU A 865 -27.00 -14.53 39.29
N MET A 866 -26.68 -15.45 38.38
CA MET A 866 -26.11 -16.73 38.78
C MET A 866 -24.63 -16.62 39.07
N ILE A 867 -23.97 -15.54 38.66
CA ILE A 867 -22.61 -15.29 39.08
C ILE A 867 -22.55 -15.09 40.58
N ALA A 868 -23.57 -14.43 41.14
CA ALA A 868 -23.60 -14.23 42.59
C ALA A 868 -23.67 -15.55 43.34
N GLN A 869 -24.43 -16.51 42.81
CA GLN A 869 -24.59 -17.78 43.52
C GLN A 869 -23.28 -18.53 43.66
N TYR A 870 -22.46 -18.56 42.60
CA TYR A 870 -21.09 -19.05 42.75
C TYR A 870 -20.34 -18.26 43.80
N THR A 871 -20.45 -16.93 43.78
CA THR A 871 -19.77 -16.12 44.78
C THR A 871 -20.27 -16.45 46.17
N SER A 872 -21.58 -16.70 46.31
CA SER A 872 -22.10 -17.15 47.60
C SER A 872 -21.56 -18.52 47.97
N ALA A 873 -21.55 -19.46 47.02
CA ALA A 873 -21.07 -20.81 47.30
C ALA A 873 -19.58 -20.80 47.60
N LEU A 874 -18.80 -20.09 46.80
CA LEU A 874 -17.36 -19.99 47.05
C LEU A 874 -17.05 -19.38 48.40
N LEU A 875 -18.00 -18.64 48.96
CA LEU A 875 -17.79 -17.96 50.23
C LEU A 875 -18.51 -18.61 51.39
N ALA A 876 -19.61 -19.31 51.13
CA ALA A 876 -20.30 -19.99 52.23
C ALA A 876 -19.58 -21.26 52.66
N GLY A 877 -18.79 -21.85 51.77
CA GLY A 877 -18.04 -23.03 52.14
C GLY A 877 -16.66 -22.76 52.69
N THR A 878 -16.17 -21.53 52.58
CA THR A 878 -14.87 -21.17 53.10
C THR A 878 -14.95 -20.52 54.47
N ILE A 879 -16.14 -20.42 55.05
CA ILE A 879 -16.28 -19.91 56.41
C ILE A 879 -16.82 -20.94 57.39
N THR A 880 -17.27 -22.10 56.91
CA THR A 880 -17.66 -23.19 57.79
C THR A 880 -16.97 -24.50 57.47
N SER A 881 -16.06 -24.53 56.52
CA SER A 881 -15.39 -25.76 56.15
C SER A 881 -13.91 -25.60 55.88
N GLY A 882 -13.35 -24.41 56.06
CA GLY A 882 -11.93 -24.22 55.80
C GLY A 882 -11.65 -24.28 54.31
N TRP A 883 -10.67 -25.11 53.94
CA TRP A 883 -10.24 -25.25 52.56
C TRP A 883 -10.50 -26.65 52.00
N THR A 884 -10.98 -27.57 52.83
CA THR A 884 -11.08 -28.97 52.42
C THR A 884 -12.02 -29.15 51.23
N PHE A 885 -12.91 -28.20 50.97
CA PHE A 885 -13.78 -28.36 49.82
C PHE A 885 -13.08 -28.06 48.51
N GLY A 886 -11.77 -27.83 48.55
CA GLY A 886 -10.98 -27.73 47.34
C GLY A 886 -10.26 -29.02 47.02
N ALA A 887 -10.31 -29.99 47.92
CA ALA A 887 -9.66 -31.27 47.75
C ALA A 887 -10.63 -32.42 47.63
N GLY A 888 -11.52 -32.60 48.60
CA GLY A 888 -12.49 -33.67 48.57
C GLY A 888 -13.86 -33.21 49.02
N PRO A 889 -14.60 -34.08 49.69
CA PRO A 889 -15.88 -33.67 50.26
C PRO A 889 -15.67 -32.59 51.31
N ALA A 890 -16.56 -31.60 51.32
CA ALA A 890 -16.47 -30.53 52.30
C ALA A 890 -16.67 -31.08 53.70
N LEU A 891 -15.83 -30.65 54.63
CA LEU A 891 -15.87 -31.14 56.00
C LEU A 891 -16.19 -29.98 56.94
N GLN A 892 -16.96 -30.29 57.98
CA GLN A 892 -17.40 -29.28 58.92
C GLN A 892 -16.31 -28.97 59.94
N ILE A 893 -16.20 -27.70 60.32
CA ILE A 893 -15.23 -27.25 61.31
C ILE A 893 -15.61 -25.85 61.77
N PRO A 894 -15.45 -25.50 63.04
CA PRO A 894 -15.83 -24.15 63.50
C PRO A 894 -14.92 -23.10 62.90
N PHE A 895 -15.22 -21.85 63.21
CA PHE A 895 -14.33 -20.77 62.76
C PHE A 895 -13.13 -20.56 63.68
N PRO A 896 -13.31 -20.43 65.01
CA PRO A 896 -12.13 -20.26 65.87
C PRO A 896 -11.21 -21.45 65.86
N MET A 897 -11.68 -22.62 65.44
CA MET A 897 -10.83 -23.78 65.24
C MET A 897 -10.22 -23.82 63.86
N GLN A 898 -10.61 -22.91 62.96
CA GLN A 898 -9.99 -22.80 61.65
C GLN A 898 -8.95 -21.69 61.59
N MET A 899 -9.27 -20.50 62.09
CA MET A 899 -8.31 -19.42 62.05
C MET A 899 -7.05 -19.76 62.84
N ALA A 900 -7.18 -20.62 63.85
CA ALA A 900 -6.01 -21.08 64.58
C ALA A 900 -5.08 -21.91 63.72
N TYR A 901 -5.58 -22.48 62.63
CA TYR A 901 -4.70 -23.18 61.70
C TYR A 901 -3.85 -22.21 60.90
N ARG A 902 -4.46 -21.15 60.38
CA ARG A 902 -3.71 -20.22 59.54
C ARG A 902 -2.67 -19.45 60.34
N PHE A 903 -2.90 -19.25 61.64
CA PHE A 903 -1.83 -18.77 62.50
C PHE A 903 -0.71 -19.79 62.57
N ASN A 904 -1.05 -21.08 62.70
CA ASN A 904 -0.04 -22.12 62.76
C ASN A 904 0.74 -22.24 61.47
N GLY A 905 0.24 -21.69 60.38
CA GLY A 905 0.93 -21.77 59.11
C GLY A 905 1.93 -20.67 58.82
N ILE A 906 2.13 -19.71 59.73
CA ILE A 906 3.07 -18.63 59.50
C ILE A 906 4.05 -18.51 60.65
N GLY A 907 4.32 -19.63 61.33
CA GLY A 907 5.29 -19.62 62.41
C GLY A 907 4.81 -18.98 63.69
N VAL A 908 3.50 -18.89 63.90
CA VAL A 908 2.92 -18.36 65.13
C VAL A 908 2.12 -19.48 65.77
N THR A 909 2.54 -19.93 66.94
CA THR A 909 1.89 -21.05 67.59
C THR A 909 0.45 -20.70 67.95
N GLN A 910 -0.41 -21.71 67.93
CA GLN A 910 -1.85 -21.51 68.11
C GLN A 910 -2.22 -21.08 69.50
N ASN A 911 -1.30 -20.79 70.40
CA ASN A 911 -1.69 -20.23 71.68
C ASN A 911 -2.04 -18.75 71.59
N VAL A 912 -1.65 -18.08 70.51
CA VAL A 912 -1.90 -16.65 70.39
C VAL A 912 -3.38 -16.37 70.18
N LEU A 913 -4.04 -17.13 69.30
CA LEU A 913 -5.39 -16.79 68.88
C LEU A 913 -6.37 -16.88 70.05
N TYR A 914 -6.40 -18.02 70.74
CA TYR A 914 -7.36 -18.22 71.81
C TYR A 914 -7.10 -17.27 72.97
N GLU A 915 -5.83 -17.03 73.29
CA GLU A 915 -5.50 -16.07 74.34
C GLU A 915 -5.83 -14.64 73.95
N ASN A 916 -6.13 -14.38 72.68
CA ASN A 916 -6.44 -13.03 72.22
C ASN A 916 -7.63 -13.05 71.27
N GLN A 917 -8.59 -13.93 71.54
CA GLN A 917 -9.70 -14.10 70.59
C GLN A 917 -10.55 -12.84 70.49
N LYS A 918 -10.94 -12.27 71.64
CA LYS A 918 -11.83 -11.12 71.62
C LYS A 918 -11.17 -9.91 70.98
N LEU A 919 -9.89 -9.68 71.27
CA LEU A 919 -9.20 -8.51 70.73
C LEU A 919 -9.09 -8.58 69.21
N ILE A 920 -8.76 -9.75 68.67
CA ILE A 920 -8.62 -9.89 67.22
C ILE A 920 -9.96 -9.66 66.54
N ALA A 921 -11.06 -10.08 67.17
CA ALA A 921 -12.37 -9.91 66.57
C ALA A 921 -12.66 -8.44 66.28
N ASN A 922 -12.36 -7.56 67.24
CA ASN A 922 -12.62 -6.14 67.03
C ASN A 922 -11.77 -5.56 65.91
N GLN A 923 -10.48 -5.93 65.86
CA GLN A 923 -9.63 -5.43 64.78
C GLN A 923 -10.15 -5.88 63.42
N PHE A 924 -10.56 -7.14 63.30
CA PHE A 924 -11.11 -7.59 62.03
C PHE A 924 -12.42 -6.91 61.72
N ASN A 925 -13.22 -6.57 62.74
CA ASN A 925 -14.48 -5.90 62.49
C ASN A 925 -14.27 -4.49 61.97
N SER A 926 -13.38 -3.72 62.61
CA SER A 926 -13.11 -2.37 62.15
C SER A 926 -12.46 -2.38 60.77
N ALA A 927 -11.57 -3.33 60.52
CA ALA A 927 -10.95 -3.44 59.21
C ALA A 927 -12.00 -3.72 58.13
N ILE A 928 -12.92 -4.65 58.40
CA ILE A 928 -14.01 -4.89 57.46
C ILE A 928 -14.89 -3.65 57.33
N GLY A 929 -15.22 -3.01 58.46
CA GLY A 929 -16.10 -1.87 58.42
C GLY A 929 -15.52 -0.69 57.66
N LYS A 930 -14.21 -0.50 57.77
CA LYS A 930 -13.58 0.69 57.19
C LYS A 930 -13.48 0.60 55.67
N ILE A 931 -13.36 -0.61 55.13
CA ILE A 931 -13.12 -0.75 53.69
C ILE A 931 -14.25 -0.20 52.85
N GLN A 932 -15.46 -0.15 53.39
CA GLN A 932 -16.60 0.32 52.61
C GLN A 932 -16.45 1.80 52.26
N ASP A 933 -16.10 2.62 53.26
CA ASP A 933 -16.01 4.05 53.03
C ASP A 933 -14.87 4.39 52.08
N SER A 934 -13.74 3.69 52.20
CA SER A 934 -12.57 4.01 51.39
C SER A 934 -12.87 3.82 49.91
N LEU A 935 -13.64 2.79 49.57
CA LEU A 935 -14.00 2.56 48.17
C LEU A 935 -14.82 3.72 47.63
N SER A 936 -15.79 4.20 48.42
CA SER A 936 -16.66 5.28 47.95
C SER A 936 -15.92 6.61 47.96
N SER A 937 -15.14 6.89 49.00
CA SER A 937 -14.51 8.19 49.14
C SER A 937 -13.41 8.40 48.09
N THR A 938 -12.68 7.35 47.75
CA THR A 938 -11.59 7.48 46.80
C THR A 938 -12.15 7.89 45.44
N PRO A 939 -11.55 8.88 44.76
CA PRO A 939 -12.07 9.31 43.46
C PRO A 939 -12.10 8.19 42.43
N SER A 940 -10.93 7.60 42.16
CA SER A 940 -10.79 6.54 41.17
C SER A 940 -10.16 5.33 41.87
N ALA A 941 -11.00 4.52 42.49
CA ALA A 941 -10.54 3.27 43.08
C ALA A 941 -10.68 2.11 42.11
N LEU A 942 -11.76 2.10 41.33
CA LEU A 942 -12.01 1.05 40.34
C LEU A 942 -11.49 1.46 38.97
N GLY A 943 -10.22 1.86 38.92
CA GLY A 943 -9.64 2.28 37.65
C GLY A 943 -9.51 1.14 36.66
N LYS A 944 -9.06 -0.02 37.14
CA LYS A 944 -8.72 -1.10 36.22
C LYS A 944 -9.95 -1.62 35.48
N LEU A 945 -11.07 -1.79 36.17
CA LEU A 945 -12.28 -2.22 35.47
C LEU A 945 -12.85 -1.11 34.60
N GLN A 946 -12.67 0.14 34.99
CA GLN A 946 -13.24 1.24 34.21
C GLN A 946 -12.58 1.34 32.84
N ASP A 947 -11.27 1.13 32.77
CA ASP A 947 -10.56 1.32 31.51
C ASP A 947 -10.96 0.29 30.47
N VAL A 948 -11.19 -0.95 30.88
CA VAL A 948 -11.54 -1.97 29.91
C VAL A 948 -12.91 -1.69 29.30
N VAL A 949 -13.79 -1.03 30.05
CA VAL A 949 -15.09 -0.66 29.50
C VAL A 949 -14.94 0.45 28.47
N ASN A 950 -14.07 1.43 28.75
CA ASN A 950 -13.97 2.58 27.86
C ASN A 950 -13.41 2.20 26.50
N HIS A 951 -12.28 1.49 26.48
CA HIS A 951 -11.64 1.17 25.20
C HIS A 951 -12.57 0.39 24.30
N ASN A 952 -13.26 -0.61 24.85
CA ASN A 952 -14.24 -1.36 24.07
C ASN A 952 -15.48 -0.55 23.76
N ALA A 953 -15.62 0.63 24.36
CA ALA A 953 -16.67 1.58 24.00
C ALA A 953 -16.12 2.83 23.34
N GLN A 954 -14.81 2.92 23.14
CA GLN A 954 -14.19 4.04 22.46
C GLN A 954 -13.83 3.72 21.03
N ALA A 955 -13.18 2.58 20.79
CA ALA A 955 -12.85 2.18 19.42
C ALA A 955 -14.11 1.96 18.59
N LEU A 956 -15.22 1.61 19.24
CA LEU A 956 -16.49 1.53 18.53
C LEU A 956 -16.88 2.87 17.93
N ASN A 957 -16.69 3.96 18.70
CA ASN A 957 -17.07 5.28 18.21
C ASN A 957 -16.26 5.68 16.99
N THR A 958 -14.94 5.46 17.03
CA THR A 958 -14.13 5.77 15.86
C THR A 958 -14.48 4.86 14.69
N LEU A 959 -14.89 3.63 14.98
CA LEU A 959 -15.32 2.74 13.90
C LEU A 959 -16.54 3.28 13.19
N VAL A 960 -17.50 3.82 13.94
CA VAL A 960 -18.71 4.37 13.32
C VAL A 960 -18.37 5.64 12.55
N LYS A 961 -17.60 6.53 13.16
CA LYS A 961 -17.26 7.79 12.50
C LYS A 961 -16.43 7.58 11.24
N GLN A 962 -15.74 6.44 11.12
CA GLN A 962 -14.92 6.20 9.95
C GLN A 962 -15.75 6.12 8.67
N LEU A 963 -17.05 5.95 8.79
CA LEU A 963 -17.89 5.84 7.60
C LEU A 963 -17.89 7.14 6.80
N SER A 964 -17.91 8.29 7.47
CA SER A 964 -18.03 9.58 6.78
C SER A 964 -16.65 10.13 6.40
N SER A 965 -15.91 9.34 5.63
CA SER A 965 -14.60 9.75 5.14
C SER A 965 -14.58 9.64 3.63
N LYS A 966 -14.11 10.70 2.97
CA LYS A 966 -14.12 10.73 1.51
C LYS A 966 -13.25 9.63 0.92
N PHE A 967 -12.09 9.37 1.51
CA PHE A 967 -11.14 8.39 1.03
C PHE A 967 -10.69 8.67 -0.40
N GLY A 968 -10.83 9.91 -0.85
CA GLY A 968 -10.54 10.25 -2.23
C GLY A 968 -11.67 10.03 -3.20
N ALA A 969 -12.86 9.70 -2.72
CA ALA A 969 -14.01 9.47 -3.60
C ALA A 969 -14.80 10.77 -3.76
N ILE A 970 -15.86 10.69 -4.57
CA ILE A 970 -16.69 11.86 -4.82
C ILE A 970 -17.41 12.29 -3.55
N SER A 971 -17.99 11.33 -2.84
CA SER A 971 -18.77 11.63 -1.64
C SER A 971 -18.46 10.57 -0.59
N SER A 972 -19.29 10.54 0.45
CA SER A 972 -19.14 9.58 1.53
C SER A 972 -20.34 8.67 1.71
N VAL A 973 -21.45 8.94 1.04
CA VAL A 973 -22.64 8.10 1.09
C VAL A 973 -22.83 7.48 -0.27
N LEU A 974 -22.88 6.14 -0.31
CA LEU A 974 -22.94 5.44 -1.60
C LEU A 974 -24.27 5.67 -2.29
N ASN A 975 -25.34 5.96 -1.55
CA ASN A 975 -26.61 6.26 -2.20
C ASN A 975 -26.49 7.49 -3.07
N ASP A 976 -25.82 8.53 -2.56
CA ASP A 976 -25.64 9.75 -3.36
C ASP A 976 -24.78 9.47 -4.59
N ILE A 977 -23.71 8.70 -4.43
CA ILE A 977 -22.76 8.51 -5.51
C ILE A 977 -23.33 7.70 -6.66
N LEU A 978 -24.35 6.87 -6.41
CA LEU A 978 -24.97 6.13 -7.50
C LEU A 978 -25.86 7.02 -8.36
N SER A 979 -26.65 7.89 -7.73
CA SER A 979 -27.59 8.72 -8.49
C SER A 979 -26.86 9.73 -9.36
N ARG A 980 -25.59 10.00 -9.10
CA ARG A 980 -24.82 10.95 -9.89
C ARG A 980 -23.85 10.27 -10.85
N LEU A 981 -23.89 8.95 -10.96
CA LEU A 981 -22.91 8.23 -11.77
C LEU A 981 -23.59 7.13 -12.55
N ASP A 982 -23.03 6.85 -13.73
CA ASP A 982 -23.39 5.74 -14.59
C ASP A 982 -22.60 4.49 -14.22
N PRO A 983 -23.02 3.32 -14.69
CA PRO A 983 -22.32 2.07 -14.33
C PRO A 983 -20.83 2.10 -14.66
N PRO A 984 -20.39 2.72 -15.80
CA PRO A 984 -18.96 2.69 -16.12
C PRO A 984 -18.00 3.02 -14.98
N GLU A 985 -18.06 4.23 -14.41
CA GLU A 985 -17.08 4.62 -13.41
C GLU A 985 -17.62 4.62 -11.98
N ALA A 986 -18.93 4.45 -11.80
CA ALA A 986 -19.43 4.23 -10.45
C ALA A 986 -18.81 2.98 -9.83
N GLU A 987 -18.50 1.99 -10.67
CA GLU A 987 -17.76 0.82 -10.19
C GLU A 987 -16.42 1.22 -9.59
N VAL A 988 -15.70 2.12 -10.25
CA VAL A 988 -14.40 2.53 -9.75
C VAL A 988 -14.56 3.38 -8.49
N GLN A 989 -15.50 4.32 -8.49
CA GLN A 989 -15.68 5.19 -7.34
C GLN A 989 -16.06 4.39 -6.10
N ILE A 990 -16.97 3.43 -6.25
CA ILE A 990 -17.25 2.51 -5.16
C ILE A 990 -16.01 1.74 -4.80
N ASP A 991 -15.26 1.27 -5.80
CA ASP A 991 -14.04 0.53 -5.53
C ASP A 991 -13.04 1.34 -4.73
N ARG A 992 -13.11 2.67 -4.81
CA ARG A 992 -12.27 3.50 -3.97
C ARG A 992 -12.76 3.49 -2.51
N LEU A 993 -14.07 3.43 -2.31
CA LEU A 993 -14.62 3.37 -0.97
C LEU A 993 -14.50 1.99 -0.34
N ILE A 994 -14.64 0.93 -1.14
CA ILE A 994 -14.64 -0.42 -0.57
C ILE A 994 -13.31 -0.72 0.10
N THR A 995 -12.21 -0.48 -0.61
CA THR A 995 -10.91 -0.69 -0.01
C THR A 995 -10.64 0.30 1.12
N GLY A 996 -11.38 1.41 1.16
CA GLY A 996 -11.23 2.34 2.26
C GLY A 996 -11.73 1.79 3.57
N ARG A 997 -12.88 1.09 3.54
CA ARG A 997 -13.46 0.56 4.76
C ARG A 997 -12.91 -0.82 5.12
N LEU A 998 -12.60 -1.64 4.12
CA LEU A 998 -12.00 -2.94 4.39
C LEU A 998 -10.71 -2.79 5.20
N GLN A 999 -9.81 -1.92 4.74
CA GLN A 999 -8.60 -1.65 5.49
C GLN A 999 -8.91 -1.03 6.84
N SER A 1000 -10.03 -0.31 6.95
CA SER A 1000 -10.40 0.29 8.22
C SER A 1000 -10.96 -0.76 9.17
N LEU A 1001 -11.68 -1.75 8.64
CA LEU A 1001 -12.26 -2.78 9.50
C LEU A 1001 -11.20 -3.75 9.99
N GLN A 1002 -10.23 -4.07 9.14
CA GLN A 1002 -9.18 -5.01 9.53
C GLN A 1002 -8.38 -4.50 10.71
N THR A 1003 -8.29 -3.18 10.87
CA THR A 1003 -7.58 -2.64 12.02
C THR A 1003 -8.33 -2.95 13.32
N TYR A 1004 -9.66 -3.00 13.28
CA TYR A 1004 -10.42 -3.24 14.50
C TYR A 1004 -10.12 -4.63 15.06
N VAL A 1005 -10.22 -5.68 14.23
CA VAL A 1005 -10.02 -7.03 14.74
C VAL A 1005 -8.57 -7.23 15.15
N THR A 1006 -7.63 -6.63 14.43
CA THR A 1006 -6.22 -6.81 14.77
C THR A 1006 -5.93 -6.26 16.16
N GLN A 1007 -6.56 -5.13 16.52
CA GLN A 1007 -6.38 -4.60 17.86
C GLN A 1007 -7.18 -5.37 18.89
N GLN A 1008 -8.33 -5.93 18.52
CA GLN A 1008 -9.11 -6.71 19.48
C GLN A 1008 -8.35 -7.95 19.93
N LEU A 1009 -7.69 -8.63 19.00
CA LEU A 1009 -6.99 -9.86 19.35
C LEU A 1009 -5.89 -9.58 20.37
N ILE A 1010 -5.17 -8.48 20.21
CA ILE A 1010 -4.11 -8.14 21.15
C ILE A 1010 -4.71 -7.74 22.50
N ARG A 1011 -5.80 -6.96 22.49
CA ARG A 1011 -6.47 -6.62 23.74
C ARG A 1011 -7.02 -7.87 24.41
N ALA A 1012 -7.63 -8.76 23.64
CA ALA A 1012 -8.15 -10.01 24.19
C ALA A 1012 -7.03 -10.98 24.56
N ALA A 1013 -5.79 -10.72 24.15
CA ALA A 1013 -4.70 -11.56 24.56
C ALA A 1013 -4.28 -11.28 26.00
N GLU A 1014 -4.25 -10.01 26.41
CA GLU A 1014 -3.81 -9.71 27.77
C GLU A 1014 -4.88 -10.07 28.79
N ILE A 1015 -6.16 -9.97 28.41
CA ILE A 1015 -7.23 -10.38 29.31
C ILE A 1015 -7.09 -11.86 29.66
N ARG A 1016 -6.84 -12.69 28.65
CA ARG A 1016 -6.56 -14.09 28.91
C ARG A 1016 -5.30 -14.25 29.76
N ALA A 1017 -4.35 -13.33 29.61
CA ALA A 1017 -3.21 -13.33 30.51
C ALA A 1017 -3.55 -12.75 31.87
N SER A 1018 -4.70 -12.10 32.00
CA SER A 1018 -5.16 -11.61 33.29
C SER A 1018 -6.21 -12.51 33.92
N ALA A 1019 -7.07 -13.14 33.12
CA ALA A 1019 -7.99 -14.13 33.67
C ALA A 1019 -7.25 -15.31 34.25
N ASN A 1020 -6.21 -15.78 33.54
CA ASN A 1020 -5.41 -16.88 34.05
C ASN A 1020 -4.68 -16.52 35.33
N LEU A 1021 -4.43 -15.23 35.57
CA LEU A 1021 -3.87 -14.82 36.85
C LEU A 1021 -4.93 -14.80 37.94
N ALA A 1022 -6.18 -14.47 37.60
CA ALA A 1022 -7.24 -14.53 38.60
C ALA A 1022 -7.51 -15.95 39.04
N ALA A 1023 -7.64 -16.88 38.08
CA ALA A 1023 -7.94 -18.25 38.43
C ALA A 1023 -6.85 -18.85 39.31
N THR A 1024 -5.59 -18.56 39.00
CA THR A 1024 -4.51 -19.04 39.86
C THR A 1024 -4.61 -18.43 41.24
N LYS A 1025 -4.89 -17.13 41.33
CA LYS A 1025 -5.02 -16.49 42.64
C LYS A 1025 -6.23 -16.99 43.39
N MET A 1026 -7.33 -17.24 42.68
CA MET A 1026 -8.52 -17.79 43.32
C MET A 1026 -8.29 -19.20 43.83
N SER A 1027 -7.59 -20.02 43.07
CA SER A 1027 -7.31 -21.38 43.51
C SER A 1027 -6.35 -21.39 44.69
N GLU A 1028 -5.32 -20.54 44.65
CA GLU A 1028 -4.28 -20.60 45.68
C GLU A 1028 -4.68 -19.82 46.93
N CYS A 1029 -4.98 -18.53 46.79
CA CYS A 1029 -5.21 -17.71 47.97
C CYS A 1029 -6.51 -18.07 48.67
N VAL A 1030 -7.57 -18.37 47.92
CA VAL A 1030 -8.86 -18.63 48.54
C VAL A 1030 -8.93 -20.04 49.11
N LEU A 1031 -8.78 -21.05 48.26
CA LEU A 1031 -8.88 -22.44 48.68
C LEU A 1031 -7.58 -22.94 49.31
N GLY A 1032 -7.11 -22.19 50.30
CA GLY A 1032 -5.89 -22.55 50.99
C GLY A 1032 -5.03 -21.36 51.31
N GLN A 1033 -4.06 -21.52 52.20
CA GLN A 1033 -3.15 -20.46 52.58
C GLN A 1033 -1.87 -20.60 51.79
N SER A 1034 -1.43 -19.51 51.16
CA SER A 1034 -0.32 -19.54 50.24
C SER A 1034 0.96 -19.06 50.92
N LYS A 1035 2.08 -19.70 50.56
CA LYS A 1035 3.38 -19.38 51.14
C LYS A 1035 4.28 -18.61 50.18
N ARG A 1036 3.69 -17.92 49.20
CA ARG A 1036 4.46 -17.08 48.29
C ARG A 1036 4.38 -15.64 48.77
N VAL A 1037 5.52 -14.99 48.86
CA VAL A 1037 5.59 -13.65 49.42
C VAL A 1037 5.06 -12.65 48.40
N ASP A 1038 4.25 -11.70 48.89
CA ASP A 1038 3.73 -10.61 48.07
C ASP A 1038 2.90 -11.14 46.89
N PHE A 1039 2.10 -12.17 47.15
CA PHE A 1039 1.14 -12.66 46.16
C PHE A 1039 -0.29 -12.49 46.65
N CYS A 1040 -0.64 -13.04 47.81
CA CYS A 1040 -1.95 -12.84 48.41
C CYS A 1040 -1.87 -11.72 49.46
N GLY A 1041 -1.66 -10.50 48.96
CA GLY A 1041 -1.54 -9.34 49.82
C GLY A 1041 -0.12 -9.15 50.33
N LYS A 1042 0.10 -7.98 50.94
CA LYS A 1042 1.41 -7.63 51.47
C LYS A 1042 1.56 -8.12 52.90
N GLY A 1043 2.57 -8.94 53.13
CA GLY A 1043 2.80 -9.54 54.43
C GLY A 1043 2.42 -11.01 54.44
N TYR A 1044 2.49 -11.59 55.63
CA TYR A 1044 2.04 -12.96 55.81
C TYR A 1044 0.54 -13.03 55.54
N HIS A 1045 0.10 -14.15 54.98
CA HIS A 1045 -1.25 -14.25 54.43
C HIS A 1045 -2.13 -15.16 55.28
N LEU A 1046 -3.40 -14.78 55.42
CA LEU A 1046 -4.37 -15.55 56.19
C LEU A 1046 -5.51 -16.10 55.35
N MET A 1047 -6.26 -15.26 54.65
CA MET A 1047 -7.49 -15.69 54.00
C MET A 1047 -7.63 -14.95 52.68
N SER A 1048 -8.83 -15.02 52.10
CA SER A 1048 -9.22 -14.20 50.97
C SER A 1048 -10.73 -14.37 50.77
N PHE A 1049 -11.35 -13.32 50.23
CA PHE A 1049 -12.77 -13.34 49.93
C PHE A 1049 -12.96 -12.73 48.56
N PRO A 1050 -13.67 -13.39 47.65
CA PRO A 1050 -13.96 -12.77 46.36
C PRO A 1050 -15.29 -12.04 46.37
N GLN A 1051 -15.42 -11.08 45.46
CA GLN A 1051 -16.66 -10.34 45.27
C GLN A 1051 -16.88 -10.09 43.79
N SER A 1052 -18.11 -10.26 43.34
CA SER A 1052 -18.44 -10.09 41.93
C SER A 1052 -18.43 -8.61 41.58
N ALA A 1053 -17.90 -8.30 40.40
CA ALA A 1053 -17.88 -6.95 39.88
C ALA A 1053 -18.10 -7.01 38.37
N PRO A 1054 -18.58 -5.93 37.77
CA PRO A 1054 -18.85 -5.97 36.32
C PRO A 1054 -17.57 -6.15 35.53
N HIS A 1055 -17.58 -7.15 34.64
CA HIS A 1055 -16.44 -7.43 33.76
C HIS A 1055 -15.15 -7.64 34.56
N GLY A 1056 -15.24 -8.34 35.68
CA GLY A 1056 -14.04 -8.59 36.47
C GLY A 1056 -14.39 -9.16 37.83
N VAL A 1057 -13.42 -9.06 38.74
CA VAL A 1057 -13.56 -9.61 40.08
C VAL A 1057 -12.70 -8.77 41.02
N VAL A 1058 -13.11 -8.71 42.29
CA VAL A 1058 -12.43 -7.92 43.30
C VAL A 1058 -12.21 -8.78 44.54
N PHE A 1059 -10.98 -8.82 45.03
CA PHE A 1059 -10.63 -9.64 46.18
C PHE A 1059 -10.55 -8.80 47.45
N LEU A 1060 -10.49 -9.49 48.58
CA LEU A 1060 -10.28 -8.88 49.90
C LEU A 1060 -9.24 -9.71 50.65
N HIS A 1061 -7.97 -9.41 50.45
CA HIS A 1061 -6.91 -10.14 51.12
C HIS A 1061 -6.83 -9.72 52.57
N VAL A 1062 -6.72 -10.69 53.48
CA VAL A 1062 -6.60 -10.43 54.91
C VAL A 1062 -5.23 -10.92 55.34
N THR A 1063 -4.34 -10.00 55.70
CA THR A 1063 -2.95 -10.32 55.96
C THR A 1063 -2.61 -10.06 57.43
N TYR A 1064 -1.36 -10.36 57.77
CA TYR A 1064 -0.84 -10.22 59.13
C TYR A 1064 0.42 -9.37 59.07
N VAL A 1065 0.46 -8.28 59.85
CA VAL A 1065 1.57 -7.35 59.79
C VAL A 1065 2.06 -7.03 61.20
N PRO A 1066 3.36 -7.20 61.49
CA PRO A 1066 3.87 -6.94 62.84
C PRO A 1066 3.87 -5.47 63.23
N ALA A 1067 4.26 -5.18 64.47
CA ALA A 1067 4.13 -3.85 65.04
C ALA A 1067 5.28 -3.62 66.01
N GLN A 1068 5.11 -2.67 66.92
CA GLN A 1068 6.16 -2.17 67.81
C GLN A 1068 7.07 -3.27 68.34
N GLU A 1069 8.36 -3.02 68.29
CA GLU A 1069 9.40 -4.00 68.59
C GLU A 1069 10.33 -3.49 69.68
N LYS A 1070 11.35 -4.28 69.99
CA LYS A 1070 12.33 -3.92 71.01
C LYS A 1070 13.65 -4.63 70.72
N ASN A 1071 14.75 -3.99 71.08
CA ASN A 1071 16.07 -4.59 70.90
C ASN A 1071 16.32 -5.68 71.92
N PHE A 1072 17.24 -6.57 71.58
CA PHE A 1072 17.70 -7.62 72.49
C PHE A 1072 19.11 -8.02 72.09
N THR A 1073 19.75 -8.80 72.96
CA THR A 1073 21.11 -9.29 72.73
C THR A 1073 21.09 -10.80 72.53
N THR A 1074 21.94 -11.29 71.65
CA THR A 1074 21.87 -12.65 71.15
C THR A 1074 23.23 -13.32 71.12
N ALA A 1075 23.20 -14.66 71.09
CA ALA A 1075 24.36 -15.51 70.94
C ALA A 1075 23.86 -16.78 70.24
N PRO A 1076 24.47 -17.17 69.12
CA PRO A 1076 23.87 -18.21 68.28
C PRO A 1076 24.02 -19.64 68.80
N ALA A 1077 24.41 -19.82 70.05
CA ALA A 1077 24.50 -21.15 70.63
C ALA A 1077 24.50 -21.02 72.14
N ILE A 1078 24.67 -22.15 72.83
CA ILE A 1078 24.77 -22.19 74.28
C ILE A 1078 25.68 -23.35 74.65
N CYS A 1079 26.58 -23.12 75.62
CA CYS A 1079 27.53 -24.13 76.07
C CYS A 1079 27.30 -24.40 77.55
N HIS A 1080 26.68 -25.54 77.87
CA HIS A 1080 26.39 -25.84 79.27
C HIS A 1080 27.49 -26.68 79.92
N ASP A 1081 27.72 -27.90 79.40
CA ASP A 1081 28.73 -28.80 79.94
C ASP A 1081 29.56 -29.33 78.78
N GLY A 1082 30.56 -28.53 78.37
CA GLY A 1082 31.47 -28.94 77.32
C GLY A 1082 30.84 -29.14 75.96
N LYS A 1083 29.51 -29.12 75.90
CA LYS A 1083 28.78 -29.41 74.68
C LYS A 1083 27.99 -28.17 74.26
N ALA A 1084 27.65 -28.13 72.99
CA ALA A 1084 26.88 -27.01 72.46
C ALA A 1084 25.39 -27.25 72.62
N HIS A 1085 24.63 -26.15 72.60
CA HIS A 1085 23.18 -26.20 72.62
C HIS A 1085 22.65 -25.33 71.49
N PHE A 1086 21.70 -25.88 70.73
CA PHE A 1086 21.08 -25.14 69.65
C PHE A 1086 19.57 -25.13 69.84
N PRO A 1087 18.91 -24.00 69.63
CA PRO A 1087 17.46 -23.96 69.83
C PRO A 1087 16.75 -24.84 68.83
N ARG A 1088 15.80 -25.65 69.32
CA ARG A 1088 15.02 -26.49 68.42
C ARG A 1088 14.20 -25.63 67.46
N GLU A 1089 13.66 -24.51 67.95
CA GLU A 1089 13.02 -23.51 67.13
C GLU A 1089 13.12 -22.19 67.87
N GLY A 1090 13.22 -21.10 67.13
CA GLY A 1090 13.38 -19.80 67.73
C GLY A 1090 14.84 -19.42 67.89
N VAL A 1091 15.07 -18.41 68.72
CA VAL A 1091 16.41 -17.89 68.94
C VAL A 1091 16.66 -17.74 70.44
N PHE A 1092 17.94 -17.66 70.79
CA PHE A 1092 18.35 -17.43 72.17
C PHE A 1092 18.48 -15.93 72.39
N VAL A 1093 17.59 -15.38 73.22
CA VAL A 1093 17.50 -13.94 73.43
C VAL A 1093 17.75 -13.64 74.90
N SER A 1094 18.60 -12.66 75.16
CA SER A 1094 18.81 -12.15 76.50
C SER A 1094 18.32 -10.71 76.57
N ASN A 1095 17.63 -10.36 77.65
CA ASN A 1095 17.19 -9.00 77.86
C ASN A 1095 18.19 -8.17 78.66
N GLY A 1096 19.35 -8.76 78.99
CA GLY A 1096 20.38 -8.07 79.73
C GLY A 1096 20.88 -8.81 80.96
N THR A 1097 20.06 -9.66 81.57
CA THR A 1097 20.49 -10.38 82.76
C THR A 1097 20.27 -11.88 82.61
N HIS A 1098 19.20 -12.28 81.94
CA HIS A 1098 18.87 -13.69 81.80
C HIS A 1098 18.66 -13.99 80.33
N TRP A 1099 18.86 -15.26 79.97
CA TRP A 1099 18.74 -15.70 78.59
C TRP A 1099 17.42 -16.42 78.38
N PHE A 1100 16.76 -16.12 77.26
CA PHE A 1100 15.43 -16.63 76.95
C PHE A 1100 15.43 -17.19 75.55
N VAL A 1101 14.68 -18.26 75.34
CA VAL A 1101 14.41 -18.75 73.99
C VAL A 1101 12.97 -18.40 73.61
N THR A 1102 12.81 -17.81 72.43
CA THR A 1102 11.50 -17.28 72.06
C THR A 1102 11.24 -17.55 70.58
N GLN A 1103 9.98 -17.40 70.20
CA GLN A 1103 9.59 -17.57 68.80
C GLN A 1103 10.16 -16.42 67.97
N ARG A 1104 9.90 -16.47 66.67
CA ARG A 1104 10.56 -15.57 65.73
C ARG A 1104 9.69 -14.41 65.27
N ASN A 1105 8.39 -14.39 65.61
CA ASN A 1105 7.53 -13.34 65.09
C ASN A 1105 6.54 -12.79 66.11
N PHE A 1106 6.62 -13.20 67.37
CA PHE A 1106 5.79 -12.63 68.42
C PHE A 1106 6.49 -12.88 69.74
N TYR A 1107 7.05 -11.82 70.34
CA TYR A 1107 7.85 -11.98 71.54
C TYR A 1107 7.10 -12.70 72.64
N GLU A 1108 7.58 -13.89 73.00
CA GLU A 1108 6.99 -14.67 74.09
C GLU A 1108 8.09 -15.53 74.70
N PRO A 1109 8.87 -14.97 75.61
CA PRO A 1109 10.04 -15.69 76.13
C PRO A 1109 9.63 -16.94 76.91
N GLN A 1110 10.51 -17.94 76.86
CA GLN A 1110 10.33 -19.17 77.60
C GLN A 1110 11.65 -19.53 78.25
N ILE A 1111 11.57 -20.28 79.35
CA ILE A 1111 12.78 -20.76 80.02
C ILE A 1111 13.42 -21.84 79.17
N ILE A 1112 14.72 -22.02 79.33
CA ILE A 1112 15.49 -22.94 78.50
C ILE A 1112 15.68 -24.25 79.26
N THR A 1113 15.15 -25.34 78.70
CA THR A 1113 15.30 -26.67 79.26
C THR A 1113 15.88 -27.59 78.19
N THR A 1114 16.26 -28.79 78.61
CA THR A 1114 16.87 -29.73 77.67
C THR A 1114 15.88 -30.16 76.58
N ASP A 1115 14.59 -30.22 76.91
CA ASP A 1115 13.58 -30.55 75.90
C ASP A 1115 13.50 -29.50 74.81
N ASN A 1116 13.89 -28.25 75.11
CA ASN A 1116 13.77 -27.15 74.17
C ASN A 1116 14.89 -27.11 73.15
N THR A 1117 15.90 -27.96 73.27
CA THR A 1117 17.09 -27.83 72.44
C THR A 1117 17.68 -29.21 72.17
N PHE A 1118 18.50 -29.28 71.11
CA PHE A 1118 19.27 -30.47 70.78
C PHE A 1118 20.75 -30.13 70.83
N VAL A 1119 21.57 -31.15 71.10
CA VAL A 1119 22.98 -30.96 71.42
C VAL A 1119 23.84 -31.60 70.33
N SER A 1120 24.81 -30.84 69.82
CA SER A 1120 25.74 -31.37 68.84
C SER A 1120 26.95 -30.45 68.77
N GLY A 1121 28.12 -30.95 69.11
CA GLY A 1121 29.35 -30.19 69.01
C GLY A 1121 30.25 -30.47 70.18
N ASN A 1122 31.30 -29.66 70.31
CA ASN A 1122 32.27 -29.83 71.38
C ASN A 1122 32.66 -28.52 72.06
N CYS A 1123 31.94 -27.43 71.79
CA CYS A 1123 32.16 -26.15 72.46
C CYS A 1123 33.60 -25.65 72.31
N ASP A 1124 34.17 -25.87 71.12
CA ASP A 1124 35.50 -25.36 70.83
C ASP A 1124 35.63 -24.78 69.43
N VAL A 1125 34.58 -24.83 68.62
CA VAL A 1125 34.64 -24.36 67.24
C VAL A 1125 33.49 -23.38 67.02
N VAL A 1126 32.55 -23.36 67.97
CA VAL A 1126 31.41 -22.46 67.85
C VAL A 1126 31.87 -21.03 68.08
N ILE A 1127 31.37 -20.10 67.27
CA ILE A 1127 31.75 -18.70 67.32
C ILE A 1127 30.61 -17.91 67.93
N GLY A 1128 30.92 -17.10 68.93
CA GLY A 1128 29.92 -16.27 69.58
C GLY A 1128 29.08 -16.97 70.62
N ILE A 1129 29.49 -18.16 71.05
CA ILE A 1129 28.72 -18.91 72.04
C ILE A 1129 28.98 -18.34 73.42
N VAL A 1130 28.02 -18.53 74.32
CA VAL A 1130 28.13 -18.06 75.70
C VAL A 1130 27.89 -19.22 76.64
N ASN A 1131 28.46 -19.14 77.84
CA ASN A 1131 28.38 -20.25 78.79
C ASN A 1131 26.96 -20.41 79.34
N ASN A 1132 26.48 -19.40 80.05
CA ASN A 1132 25.11 -19.38 80.57
C ASN A 1132 24.81 -20.64 81.38
N THR A 1133 23.60 -21.18 81.23
CA THR A 1133 23.19 -22.40 81.92
C THR A 1133 21.89 -22.88 81.29
N VAL A 1134 21.52 -24.12 81.60
CA VAL A 1134 20.25 -24.71 81.19
C VAL A 1134 19.59 -25.33 82.40
N TYR A 1135 18.43 -25.96 82.18
CA TYR A 1135 17.60 -26.50 83.24
C TYR A 1135 17.31 -27.96 82.96
N ASP A 1136 17.15 -28.74 84.04
CA ASP A 1136 16.83 -30.16 83.95
C ASP A 1136 15.44 -30.39 84.52
N PRO A 1137 14.47 -30.87 83.72
CA PRO A 1137 13.12 -31.08 84.23
C PRO A 1137 12.94 -32.38 84.99
N LEU A 1138 13.97 -33.21 85.10
CA LEU A 1138 13.85 -34.52 85.73
C LEU A 1138 14.56 -34.62 87.07
N GLN A 1139 15.73 -34.01 87.22
CA GLN A 1139 16.46 -34.09 88.48
C GLN A 1139 15.65 -33.59 89.69
N PRO A 1140 14.91 -32.48 89.62
CA PRO A 1140 14.06 -32.12 90.77
C PRO A 1140 13.07 -33.19 91.14
N GLU A 1141 12.56 -33.94 90.18
CA GLU A 1141 11.67 -35.06 90.48
C GLU A 1141 12.47 -36.30 90.87
N THR B 22 48.76 -12.62 -30.94
CA THR B 22 49.11 -13.67 -29.99
C THR B 22 47.95 -13.95 -29.03
N GLN B 23 46.96 -14.69 -29.53
CA GLN B 23 45.84 -15.10 -28.69
C GLN B 23 46.33 -15.88 -27.48
N SER B 24 45.84 -15.50 -26.31
CA SER B 24 46.13 -16.25 -25.09
C SER B 24 45.02 -16.02 -24.09
N TYR B 25 44.89 -16.94 -23.14
CA TYR B 25 43.86 -16.88 -22.11
C TYR B 25 44.52 -16.80 -20.74
N THR B 26 44.12 -15.81 -19.94
CA THR B 26 44.66 -15.68 -18.60
C THR B 26 43.52 -15.36 -17.63
N ASN B 27 43.86 -15.32 -16.34
CA ASN B 27 42.91 -15.05 -15.29
C ASN B 27 42.68 -13.56 -15.12
N SER B 28 41.44 -13.19 -14.76
CA SER B 28 41.07 -11.81 -14.54
C SER B 28 41.36 -11.32 -13.12
N PHE B 29 41.53 -12.24 -12.17
CA PHE B 29 41.82 -11.92 -10.76
C PHE B 29 40.70 -11.05 -10.22
N THR B 30 40.99 -9.93 -9.55
CA THR B 30 39.99 -9.14 -8.86
C THR B 30 40.09 -7.67 -9.28
N ARG B 31 40.19 -7.46 -10.59
CA ARG B 31 40.29 -6.13 -11.15
C ARG B 31 39.02 -5.77 -11.92
N GLY B 32 38.72 -4.48 -11.96
CA GLY B 32 37.55 -3.97 -12.66
C GLY B 32 36.64 -3.11 -11.81
N VAL B 33 37.00 -2.85 -10.55
CA VAL B 33 36.17 -2.01 -9.70
C VAL B 33 36.30 -0.56 -10.14
N TYR B 34 35.18 0.15 -10.21
CA TYR B 34 35.17 1.55 -10.57
C TYR B 34 33.97 2.23 -9.91
N TYR B 35 34.10 3.52 -9.69
CA TYR B 35 33.02 4.27 -9.06
C TYR B 35 31.81 4.32 -9.97
N PRO B 36 30.62 3.94 -9.48
CA PRO B 36 29.44 3.94 -10.35
C PRO B 36 28.83 5.32 -10.53
N ASP B 37 29.11 6.26 -9.65
CA ASP B 37 28.49 7.59 -9.70
C ASP B 37 29.31 8.56 -8.85
N LYS B 38 28.81 9.78 -8.76
CA LYS B 38 29.54 10.86 -8.11
C LYS B 38 29.24 10.98 -6.62
N VAL B 39 28.31 10.19 -6.09
CA VAL B 39 27.91 10.33 -4.70
C VAL B 39 29.10 10.02 -3.79
N PHE B 40 29.10 10.63 -2.60
CA PHE B 40 30.12 10.42 -1.61
C PHE B 40 29.53 9.73 -0.38
N ARG B 41 30.20 8.70 0.09
CA ARG B 41 29.78 7.96 1.28
C ARG B 41 30.98 7.78 2.19
N SER B 42 30.76 7.18 3.35
CA SER B 42 31.84 6.96 4.30
C SER B 42 31.51 5.75 5.17
N SER B 43 32.38 4.75 5.14
CA SER B 43 32.22 3.53 5.93
C SER B 43 30.90 2.82 5.64
N VAL B 44 30.36 3.01 4.46
CA VAL B 44 29.09 2.44 4.08
C VAL B 44 29.34 1.08 3.41
N LEU B 45 28.31 0.25 3.37
CA LEU B 45 28.40 -1.03 2.68
C LEU B 45 27.38 -1.10 1.54
N HIS B 46 27.35 -0.05 0.73
CA HIS B 46 26.39 0.04 -0.37
C HIS B 46 26.58 -1.10 -1.36
N SER B 47 25.47 -1.58 -1.91
CA SER B 47 25.46 -2.66 -2.89
C SER B 47 24.74 -2.19 -4.15
N THR B 48 25.13 -2.76 -5.29
CA THR B 48 24.77 -2.18 -6.58
C THR B 48 24.36 -3.28 -7.55
N GLN B 49 23.42 -2.94 -8.43
CA GLN B 49 22.95 -3.79 -9.52
C GLN B 49 23.36 -3.12 -10.83
N ASP B 50 24.54 -3.45 -11.34
CA ASP B 50 25.07 -2.73 -12.50
C ASP B 50 26.02 -3.61 -13.28
N LEU B 51 26.50 -3.09 -14.41
CA LEU B 51 27.42 -3.83 -15.25
C LEU B 51 28.81 -3.83 -14.64
N PHE B 52 29.46 -4.99 -14.65
CA PHE B 52 30.79 -5.13 -14.08
C PHE B 52 31.54 -6.22 -14.83
N LEU B 53 32.78 -6.44 -14.38
CA LEU B 53 33.65 -7.49 -14.91
C LEU B 53 33.72 -8.63 -13.90
N PRO B 54 33.21 -9.80 -14.23
CA PRO B 54 33.16 -10.89 -13.25
C PRO B 54 34.55 -11.26 -12.75
N PHE B 55 34.63 -11.60 -11.47
CA PHE B 55 35.89 -12.03 -10.88
C PHE B 55 36.29 -13.39 -11.44
N PHE B 56 37.60 -13.57 -11.62
CA PHE B 56 38.18 -14.85 -12.02
C PHE B 56 37.52 -15.36 -13.29
N SER B 57 37.69 -14.59 -14.36
CA SER B 57 37.17 -14.94 -15.68
C SER B 57 38.28 -14.89 -16.71
N ASN B 58 38.03 -15.51 -17.85
CA ASN B 58 38.99 -15.46 -18.95
C ASN B 58 39.19 -14.03 -19.42
N VAL B 59 40.45 -13.65 -19.58
CA VAL B 59 40.82 -12.42 -20.27
C VAL B 59 41.77 -12.79 -21.40
N THR B 60 41.49 -12.25 -22.59
CA THR B 60 42.15 -12.68 -23.82
C THR B 60 43.20 -11.67 -24.23
N TRP B 61 44.39 -12.18 -24.55
CA TRP B 61 45.48 -11.39 -25.10
C TRP B 61 45.48 -11.55 -26.62
N PHE B 62 45.44 -10.41 -27.33
CA PHE B 62 45.53 -10.37 -28.78
C PHE B 62 46.74 -9.53 -29.19
N HIS B 63 47.42 -9.95 -30.25
CA HIS B 63 48.54 -9.18 -30.78
C HIS B 63 48.59 -9.33 -32.28
N ALA B 64 49.08 -8.28 -32.94
CA ALA B 64 49.29 -8.27 -34.38
C ALA B 64 50.77 -8.36 -34.67
N ILE B 65 51.16 -9.31 -35.52
CA ILE B 65 52.57 -9.58 -35.76
C ILE B 65 52.96 -9.05 -37.12
N HIS B 66 53.47 -7.81 -37.18
CA HIS B 66 53.94 -7.23 -38.44
C HIS B 66 55.28 -6.55 -38.20
N VAL B 67 56.34 -7.36 -38.23
CA VAL B 67 57.72 -6.85 -38.35
C VAL B 67 58.61 -8.01 -38.76
N SER B 68 59.47 -7.79 -39.74
CA SER B 68 60.45 -8.80 -40.15
C SER B 68 61.54 -8.11 -40.95
N GLY B 69 62.76 -8.07 -40.41
CA GLY B 69 63.88 -7.42 -41.06
C GLY B 69 63.55 -6.03 -41.56
N THR B 70 63.60 -5.83 -42.88
CA THR B 70 63.20 -4.58 -43.49
C THR B 70 62.33 -4.78 -44.72
N ASN B 71 61.63 -5.91 -44.81
CA ASN B 71 60.79 -6.22 -45.95
C ASN B 71 59.34 -5.87 -45.68
N GLY B 72 58.45 -6.23 -46.60
CA GLY B 72 57.03 -5.97 -46.46
C GLY B 72 56.37 -6.83 -45.41
N THR B 73 56.50 -8.16 -45.56
CA THR B 73 55.99 -9.13 -44.60
C THR B 73 54.48 -8.96 -44.37
N LYS B 74 53.74 -9.28 -45.44
CA LYS B 74 52.28 -9.29 -45.38
C LYS B 74 51.81 -10.10 -44.17
N ARG B 75 50.98 -9.48 -43.34
CA ARG B 75 50.64 -10.03 -42.04
C ARG B 75 49.21 -10.55 -41.93
N PHE B 76 48.25 -9.90 -42.61
CA PHE B 76 46.84 -10.30 -42.54
C PHE B 76 46.35 -10.37 -41.09
N ASP B 77 46.86 -9.49 -40.24
CA ASP B 77 46.56 -9.50 -38.82
C ASP B 77 45.28 -8.73 -38.55
N ASN B 78 45.04 -8.44 -37.27
CA ASN B 78 43.90 -7.65 -36.79
C ASN B 78 42.58 -8.29 -37.20
N PRO B 79 42.22 -9.43 -36.62
CA PRO B 79 40.88 -9.96 -36.83
C PRO B 79 39.85 -9.09 -36.14
N VAL B 80 38.59 -9.23 -36.57
CA VAL B 80 37.50 -8.45 -35.99
C VAL B 80 37.20 -8.95 -34.59
N LEU B 81 36.81 -8.02 -33.71
CA LEU B 81 36.39 -8.35 -32.34
C LEU B 81 34.96 -7.88 -32.14
N PRO B 82 34.00 -8.80 -32.05
CA PRO B 82 32.61 -8.37 -31.85
C PRO B 82 32.45 -7.58 -30.57
N PHE B 83 31.58 -6.57 -30.62
CA PHE B 83 31.23 -5.76 -29.47
C PHE B 83 29.89 -6.22 -28.90
N ASN B 84 29.85 -6.41 -27.59
CA ASN B 84 28.63 -6.91 -26.95
C ASN B 84 28.54 -6.30 -25.55
N ASP B 85 27.81 -5.18 -25.45
CA ASP B 85 27.42 -4.60 -24.17
C ASP B 85 28.63 -4.29 -23.28
N GLY B 86 29.47 -3.39 -23.75
CA GLY B 86 30.55 -2.95 -22.90
C GLY B 86 31.88 -3.58 -23.26
N VAL B 87 32.95 -2.83 -23.04
CA VAL B 87 34.31 -3.29 -23.31
C VAL B 87 35.23 -2.83 -22.18
N TYR B 88 36.04 -3.76 -21.68
CA TYR B 88 37.12 -3.51 -20.73
C TYR B 88 38.44 -3.62 -21.47
N PHE B 89 39.12 -2.50 -21.66
CA PHE B 89 40.41 -2.47 -22.33
C PHE B 89 41.52 -2.20 -21.32
N ALA B 90 42.60 -2.96 -21.41
CA ALA B 90 43.79 -2.73 -20.60
C ALA B 90 45.01 -2.84 -21.49
N SER B 91 46.02 -2.02 -21.19
CA SER B 91 47.21 -2.06 -22.03
C SER B 91 48.43 -1.55 -21.27
N THR B 92 49.61 -1.91 -21.79
CA THR B 92 50.89 -1.35 -21.38
C THR B 92 51.67 -1.06 -22.67
N GLU B 93 51.45 0.13 -23.23
CA GLU B 93 52.09 0.51 -24.49
C GLU B 93 53.35 1.33 -24.23
N LYS B 94 54.09 1.60 -25.31
CA LYS B 94 55.22 2.52 -25.20
C LYS B 94 54.74 3.91 -24.82
N SER B 95 54.09 4.61 -25.75
CA SER B 95 53.37 5.83 -25.41
C SER B 95 51.91 5.82 -25.84
N ASN B 96 51.64 5.76 -27.14
CA ASN B 96 50.28 5.89 -27.66
C ASN B 96 50.10 4.99 -28.89
N ILE B 97 50.58 3.75 -28.80
CA ILE B 97 50.76 2.94 -30.00
C ILE B 97 49.45 2.70 -30.73
N ILE B 98 48.35 2.51 -30.01
CA ILE B 98 47.04 2.40 -30.66
C ILE B 98 46.56 3.78 -31.07
N ARG B 99 46.15 3.91 -32.33
CA ARG B 99 45.81 5.20 -32.91
C ARG B 99 44.32 5.36 -33.24
N GLY B 100 43.52 4.30 -33.14
CA GLY B 100 42.14 4.42 -33.58
C GLY B 100 41.22 3.48 -32.81
N TRP B 101 40.00 3.95 -32.61
CA TRP B 101 38.90 3.16 -32.08
C TRP B 101 37.72 3.30 -33.04
N ILE B 102 37.02 2.21 -33.30
CA ILE B 102 36.02 2.17 -34.36
C ILE B 102 34.77 1.45 -33.87
N PHE B 103 33.59 2.01 -34.17
CA PHE B 103 32.31 1.33 -34.04
C PHE B 103 31.77 1.19 -35.46
N GLY B 104 32.22 0.15 -36.18
CA GLY B 104 31.92 0.00 -37.58
C GLY B 104 30.91 -1.10 -37.84
N THR B 105 30.19 -0.95 -38.95
CA THR B 105 29.23 -1.94 -39.41
C THR B 105 29.68 -2.43 -40.78
N THR B 106 30.39 -3.57 -40.80
CA THR B 106 30.87 -4.25 -41.99
C THR B 106 31.99 -3.43 -42.65
N LEU B 107 32.23 -2.22 -42.14
CA LEU B 107 33.30 -1.34 -42.62
C LEU B 107 33.25 -1.18 -44.14
N ASP B 108 32.05 -0.90 -44.66
CA ASP B 108 31.85 -0.72 -46.08
C ASP B 108 30.98 0.51 -46.31
N SER B 109 30.87 0.90 -47.57
CA SER B 109 30.04 2.05 -47.96
C SER B 109 28.59 1.62 -48.23
N LYS B 110 28.00 0.90 -47.29
CA LYS B 110 26.62 0.45 -47.42
C LYS B 110 25.80 0.77 -46.18
N THR B 111 26.44 0.79 -45.02
CA THR B 111 25.75 0.96 -43.75
C THR B 111 26.54 1.94 -42.90
N GLN B 112 25.83 2.62 -41.99
CA GLN B 112 26.44 3.61 -41.11
C GLN B 112 27.57 3.00 -40.29
N SER B 113 28.62 3.78 -40.08
CA SER B 113 29.78 3.37 -39.30
C SER B 113 30.30 4.58 -38.53
N LEU B 114 31.08 4.29 -37.49
CA LEU B 114 31.65 5.32 -36.64
C LEU B 114 33.16 5.34 -36.77
N LEU B 115 33.78 6.34 -36.15
CA LEU B 115 35.22 6.45 -36.14
C LEU B 115 35.62 7.24 -34.90
N ILE B 116 36.14 6.55 -33.89
CA ILE B 116 36.55 7.17 -32.64
C ILE B 116 38.06 7.36 -32.67
N VAL B 117 38.52 8.49 -33.19
CA VAL B 117 39.95 8.74 -33.37
C VAL B 117 40.42 9.76 -32.34
N ASN B 118 41.63 9.56 -31.85
CA ASN B 118 42.25 10.44 -30.88
C ASN B 118 43.52 11.05 -31.47
N ASN B 119 44.21 11.85 -30.65
CA ASN B 119 45.43 12.54 -31.04
C ASN B 119 46.40 12.49 -29.86
N ALA B 120 47.45 13.30 -29.92
CA ALA B 120 48.23 13.56 -28.72
C ALA B 120 47.36 14.17 -27.64
N THR B 121 46.65 15.25 -27.98
CA THR B 121 45.57 15.79 -27.13
C THR B 121 44.42 16.24 -28.03
N ASN B 122 43.53 15.30 -28.38
CA ASN B 122 42.30 15.60 -29.12
C ASN B 122 41.54 14.31 -29.34
N VAL B 123 40.31 14.44 -29.84
CA VAL B 123 39.48 13.33 -30.30
C VAL B 123 38.85 13.71 -31.63
N VAL B 124 38.77 12.75 -32.55
CA VAL B 124 38.29 13.00 -33.91
C VAL B 124 37.08 12.11 -34.17
N ILE B 125 36.24 11.92 -33.15
CA ILE B 125 35.01 11.15 -33.32
C ILE B 125 34.20 11.68 -34.49
N LYS B 126 33.71 10.75 -35.31
CA LYS B 126 32.94 11.11 -36.50
C LYS B 126 32.07 9.94 -36.92
N VAL B 127 31.09 10.24 -37.77
CA VAL B 127 30.12 9.26 -38.26
C VAL B 127 30.13 9.32 -39.78
N CYS B 128 30.33 8.17 -40.43
CA CYS B 128 30.41 8.12 -41.88
C CYS B 128 30.33 6.66 -42.34
N GLU B 129 30.48 6.44 -43.63
CA GLU B 129 30.32 5.12 -44.26
C GLU B 129 31.57 4.74 -45.03
N PHE B 130 32.71 4.81 -44.34
CA PHE B 130 34.01 4.63 -44.98
C PHE B 130 34.08 3.28 -45.68
N GLN B 131 34.34 3.32 -47.00
CA GLN B 131 34.34 2.11 -47.79
C GLN B 131 35.44 1.14 -47.33
N PHE B 132 36.63 1.65 -47.05
CA PHE B 132 37.70 0.82 -46.51
C PHE B 132 38.72 1.74 -45.86
N CYS B 133 39.42 1.19 -44.85
CA CYS B 133 40.47 1.94 -44.18
C CYS B 133 41.69 1.06 -43.89
N ASN B 134 41.87 -0.04 -44.63
CA ASN B 134 42.96 -0.98 -44.39
C ASN B 134 44.04 -0.74 -45.44
N ASP B 135 44.90 0.24 -45.16
CA ASP B 135 46.09 0.54 -45.97
C ASP B 135 47.27 0.56 -45.02
N PRO B 136 47.89 -0.59 -44.76
CA PRO B 136 48.95 -0.67 -43.74
C PRO B 136 50.11 0.30 -43.98
N PHE B 137 50.77 0.17 -45.14
CA PHE B 137 51.93 1.00 -45.48
C PHE B 137 52.96 1.02 -44.36
N LEU B 138 53.30 -0.17 -43.88
CA LEU B 138 54.36 -0.27 -42.89
C LEU B 138 55.69 0.17 -43.49
N ASP B 139 56.44 0.95 -42.72
CA ASP B 139 57.67 1.55 -43.23
C ASP B 139 58.68 0.48 -43.62
N VAL B 140 59.40 0.73 -44.71
CA VAL B 140 60.46 -0.20 -45.13
C VAL B 140 61.51 -0.34 -44.05
N TYR B 141 61.72 0.73 -43.27
CA TYR B 141 62.62 0.72 -42.12
C TYR B 141 61.84 0.96 -40.84
N TYR B 142 60.68 0.31 -40.71
CA TYR B 142 59.81 0.49 -39.55
C TYR B 142 60.39 -0.11 -38.28
N HIS B 143 61.47 -0.88 -38.38
CA HIS B 143 62.09 -1.50 -37.21
C HIS B 143 62.49 -0.43 -36.19
N GLU B 144 61.93 -0.50 -34.99
CA GLU B 144 62.05 0.58 -34.02
C GLU B 144 63.35 0.55 -33.23
N ASN B 145 64.15 -0.52 -33.34
CA ASN B 145 65.44 -0.52 -32.66
C ASN B 145 66.43 0.45 -33.29
N ASN B 146 66.26 0.77 -34.57
CA ASN B 146 67.10 1.74 -35.25
C ASN B 146 66.48 3.13 -35.21
N LYS B 147 65.26 3.27 -35.72
CA LYS B 147 64.59 4.56 -35.79
C LYS B 147 63.09 4.36 -35.68
N SER B 148 62.38 5.44 -35.35
CA SER B 148 60.94 5.39 -35.13
C SER B 148 60.20 6.31 -36.09
N ARG B 149 60.53 6.24 -37.37
CA ARG B 149 59.93 7.12 -38.37
C ARG B 149 58.45 6.76 -38.53
N MET B 150 57.58 7.53 -37.89
CA MET B 150 56.14 7.35 -38.03
C MET B 150 55.51 8.70 -37.71
N GLU B 151 55.12 9.43 -38.75
CA GLU B 151 54.58 10.78 -38.60
C GLU B 151 53.34 10.92 -39.47
N SER B 152 52.18 11.03 -38.82
CA SER B 152 50.90 11.28 -39.49
C SER B 152 50.64 10.25 -40.59
N GLU B 153 50.92 8.98 -40.29
CA GLU B 153 50.69 7.88 -41.23
C GLU B 153 49.31 7.29 -40.95
N LEU B 154 48.28 8.00 -41.43
CA LEU B 154 46.91 7.64 -41.09
C LEU B 154 46.38 6.52 -41.99
N ARG B 155 46.29 6.79 -43.30
CA ARG B 155 45.75 5.83 -44.27
C ARG B 155 44.37 5.33 -43.84
N VAL B 156 43.53 6.25 -43.36
CA VAL B 156 42.24 5.90 -42.78
C VAL B 156 41.22 6.97 -43.15
N TYR B 157 39.94 6.59 -43.11
CA TYR B 157 38.80 7.45 -43.46
C TYR B 157 38.98 8.10 -44.84
N SER B 158 39.37 7.28 -45.81
CA SER B 158 39.68 7.80 -47.13
C SER B 158 38.44 8.35 -47.84
N SER B 159 37.34 7.61 -47.82
CA SER B 159 36.17 7.96 -48.62
C SER B 159 34.97 8.27 -47.72
N ALA B 160 34.02 9.02 -48.30
CA ALA B 160 32.83 9.45 -47.57
C ALA B 160 31.68 9.60 -48.55
N ASN B 161 30.74 8.65 -48.53
CA ASN B 161 29.61 8.68 -49.45
C ASN B 161 28.48 9.56 -48.94
N ASN B 162 27.87 9.18 -47.81
CA ASN B 162 26.80 9.96 -47.19
C ASN B 162 27.19 10.20 -45.74
N CYS B 163 28.03 11.22 -45.51
CA CYS B 163 28.61 11.43 -44.18
C CYS B 163 28.45 12.89 -43.78
N THR B 164 27.83 13.12 -42.63
CA THR B 164 27.57 14.47 -42.15
C THR B 164 27.91 14.67 -40.67
N PHE B 165 27.84 13.65 -39.83
CA PHE B 165 27.94 13.82 -38.39
C PHE B 165 29.39 13.72 -37.94
N GLU B 166 29.81 14.64 -37.07
CA GLU B 166 31.20 14.72 -36.65
C GLU B 166 31.26 15.50 -35.34
N TYR B 167 32.38 15.35 -34.63
CA TYR B 167 32.61 16.05 -33.37
C TYR B 167 34.09 16.06 -33.04
N VAL B 168 34.55 17.18 -32.46
CA VAL B 168 35.94 17.34 -32.04
C VAL B 168 35.93 17.92 -30.63
N SER B 169 36.74 17.34 -29.75
CA SER B 169 36.86 17.84 -28.37
C SER B 169 38.18 17.35 -27.79
N GLN B 170 38.31 17.43 -26.46
CA GLN B 170 39.53 17.07 -25.76
C GLN B 170 39.79 15.56 -25.86
N PRO B 171 41.05 15.14 -25.65
CA PRO B 171 41.36 13.71 -25.75
C PRO B 171 40.75 12.89 -24.63
N PHE B 172 40.75 11.58 -24.83
CA PHE B 172 40.26 10.66 -23.81
C PHE B 172 41.27 10.47 -22.69
N LEU B 173 42.55 10.43 -23.03
CA LEU B 173 43.59 9.98 -22.11
C LEU B 173 44.75 10.95 -22.13
N MET B 174 45.47 11.00 -21.00
CA MET B 174 46.68 11.81 -20.87
C MET B 174 47.77 10.85 -20.38
N ASP B 175 48.45 10.20 -21.32
CA ASP B 175 49.46 9.22 -20.97
C ASP B 175 50.67 9.90 -20.34
N LEU B 176 51.49 9.08 -19.67
CA LEU B 176 52.65 9.58 -18.95
C LEU B 176 53.63 8.42 -18.78
N GLU B 177 54.70 8.68 -18.03
CA GLU B 177 55.71 7.67 -17.74
C GLU B 177 56.20 7.86 -16.31
N GLY B 178 56.81 6.80 -15.78
CA GLY B 178 57.36 6.84 -14.44
C GLY B 178 58.82 7.23 -14.39
N LYS B 179 59.31 7.84 -15.48
CA LYS B 179 60.67 8.31 -15.67
C LYS B 179 61.69 7.19 -15.80
N GLN B 180 61.26 5.93 -15.75
CA GLN B 180 62.17 4.81 -16.00
C GLN B 180 61.35 3.63 -16.50
N GLY B 181 62.04 2.68 -17.12
CA GLY B 181 61.38 1.55 -17.77
C GLY B 181 60.80 0.53 -16.81
N ASN B 182 61.11 0.64 -15.52
CA ASN B 182 60.56 -0.30 -14.55
C ASN B 182 59.04 -0.20 -14.48
N PHE B 183 58.51 1.02 -14.50
CA PHE B 183 57.07 1.25 -14.38
C PHE B 183 56.40 0.90 -15.70
N LYS B 184 55.91 -0.33 -15.80
CA LYS B 184 55.14 -0.76 -16.96
C LYS B 184 53.74 -0.17 -16.82
N ASN B 185 53.58 1.07 -17.26
CA ASN B 185 52.32 1.78 -17.09
C ASN B 185 51.20 1.07 -17.83
N LEU B 186 50.08 0.89 -17.16
CA LEU B 186 48.91 0.22 -17.71
C LEU B 186 47.70 1.14 -17.64
N ARG B 187 46.93 1.17 -18.71
CA ARG B 187 45.73 2.01 -18.80
C ARG B 187 44.52 1.12 -18.99
N GLU B 188 43.41 1.55 -18.38
CA GLU B 188 42.13 0.84 -18.43
C GLU B 188 41.04 1.77 -18.93
N PHE B 189 40.32 1.33 -19.96
CA PHE B 189 39.15 2.01 -20.45
C PHE B 189 37.94 1.10 -20.29
N VAL B 190 36.78 1.71 -20.06
CA VAL B 190 35.51 0.99 -20.02
C VAL B 190 34.53 1.72 -20.94
N PHE B 191 33.86 0.95 -21.79
CA PHE B 191 33.02 1.52 -22.84
C PHE B 191 31.59 1.04 -22.65
N LYS B 192 30.82 1.79 -21.87
CA LYS B 192 29.41 1.46 -21.62
C LYS B 192 28.53 2.44 -22.37
N ASN B 193 27.65 1.92 -23.22
CA ASN B 193 26.78 2.73 -24.07
C ASN B 193 25.42 3.02 -23.44
N ILE B 194 25.27 2.78 -22.14
CA ILE B 194 23.96 2.95 -21.52
C ILE B 194 23.52 4.40 -21.60
N ASP B 195 22.20 4.59 -21.73
CA ASP B 195 21.57 5.90 -21.87
C ASP B 195 22.05 6.66 -23.10
N GLY B 196 22.50 5.94 -24.13
CA GLY B 196 22.98 6.58 -25.33
C GLY B 196 24.41 7.06 -25.21
N TYR B 197 24.70 7.82 -24.16
CA TYR B 197 26.05 8.31 -23.93
C TYR B 197 26.98 7.14 -23.64
N PHE B 198 28.29 7.40 -23.75
CA PHE B 198 29.31 6.44 -23.35
C PHE B 198 30.11 7.09 -22.23
N LYS B 199 30.09 6.47 -21.06
CA LYS B 199 30.90 6.94 -19.95
C LYS B 199 32.25 6.24 -19.99
N ILE B 200 33.32 7.04 -20.01
CA ILE B 200 34.68 6.52 -20.10
C ILE B 200 35.34 6.72 -18.75
N TYR B 201 35.28 5.68 -17.91
CA TYR B 201 36.01 5.68 -16.65
C TYR B 201 37.40 5.12 -16.90
N SER B 202 38.42 5.78 -16.31
CA SER B 202 39.78 5.35 -16.53
C SER B 202 40.61 5.70 -15.30
N LYS B 203 41.75 5.03 -15.16
CA LYS B 203 42.63 5.28 -14.04
C LYS B 203 44.07 4.97 -14.45
N HIS B 204 44.98 5.87 -14.08
CA HIS B 204 46.38 5.74 -14.43
C HIS B 204 47.07 4.93 -13.34
N THR B 205 47.63 3.78 -13.71
CA THR B 205 48.33 2.90 -12.79
C THR B 205 49.69 2.52 -13.38
N PRO B 206 50.65 3.44 -13.40
CA PRO B 206 52.01 3.08 -13.79
C PRO B 206 52.77 2.30 -12.72
N VAL B 207 52.10 1.95 -11.61
CA VAL B 207 52.77 1.26 -10.51
C VAL B 207 53.24 -0.13 -10.93
N ASN B 208 52.61 -0.70 -11.95
CA ASN B 208 52.98 -2.04 -12.40
C ASN B 208 54.42 -2.06 -12.90
N LEU B 209 55.14 -3.12 -12.52
CA LEU B 209 56.54 -3.29 -12.91
C LEU B 209 56.71 -4.05 -14.22
N GLY B 210 55.67 -4.73 -14.68
CA GLY B 210 55.77 -5.56 -15.86
C GLY B 210 55.04 -6.88 -15.69
N ARG B 211 54.49 -7.10 -14.50
CA ARG B 211 53.74 -8.30 -14.20
C ARG B 211 52.39 -8.27 -14.92
N ASP B 212 51.79 -9.44 -15.08
CA ASP B 212 50.50 -9.58 -15.76
C ASP B 212 49.39 -9.57 -14.71
N LEU B 213 48.68 -8.44 -14.62
CA LEU B 213 47.50 -8.27 -13.78
C LEU B 213 47.77 -8.66 -12.33
N PRO B 214 48.50 -7.86 -11.57
CA PRO B 214 48.79 -8.19 -10.18
C PRO B 214 47.58 -7.95 -9.29
N GLN B 215 47.66 -8.49 -8.08
CA GLN B 215 46.57 -8.35 -7.12
C GLN B 215 46.54 -6.95 -6.54
N GLY B 216 45.36 -6.35 -6.51
CA GLY B 216 45.23 -5.00 -5.99
C GLY B 216 43.82 -4.49 -6.13
N PHE B 217 43.66 -3.19 -5.94
CA PHE B 217 42.35 -2.56 -6.03
C PHE B 217 42.51 -1.11 -6.45
N SER B 218 41.47 -0.60 -7.12
CA SER B 218 41.41 0.79 -7.58
C SER B 218 39.99 1.06 -8.04
N ALA B 219 39.78 2.23 -8.62
CA ALA B 219 38.52 2.58 -9.27
C ALA B 219 38.85 3.43 -10.49
N LEU B 220 37.82 3.72 -11.29
CA LEU B 220 38.01 4.44 -12.55
C LEU B 220 37.01 5.59 -12.62
N GLU B 221 37.51 6.82 -12.77
CA GLU B 221 36.72 8.03 -12.68
C GLU B 221 36.16 8.41 -14.04
N PRO B 222 34.91 8.87 -14.12
CA PRO B 222 34.34 9.23 -15.42
C PRO B 222 34.95 10.52 -15.97
N LEU B 223 34.95 10.63 -17.30
CA LEU B 223 35.45 11.82 -17.97
C LEU B 223 34.38 12.54 -18.79
N VAL B 224 33.76 11.88 -19.76
CA VAL B 224 32.86 12.52 -20.72
C VAL B 224 31.73 11.57 -21.08
N ASP B 225 30.83 12.04 -21.93
CA ASP B 225 29.69 11.27 -22.42
C ASP B 225 29.06 11.98 -23.61
N LEU B 226 28.70 11.20 -24.64
CA LEU B 226 28.04 11.71 -25.84
C LEU B 226 27.41 10.58 -26.65
N PRO B 227 26.16 10.72 -27.08
CA PRO B 227 25.50 9.63 -27.80
C PRO B 227 25.62 9.76 -29.32
N ILE B 228 25.66 8.60 -29.98
CA ILE B 228 25.65 8.58 -31.44
C ILE B 228 24.49 7.73 -31.95
N GLY B 229 24.48 6.45 -31.60
CA GLY B 229 23.39 5.56 -31.99
C GLY B 229 23.66 4.74 -33.23
N ILE B 230 24.03 3.48 -33.05
CA ILE B 230 24.32 2.57 -34.16
C ILE B 230 24.34 1.16 -33.59
N ASN B 231 24.15 0.16 -34.46
CA ASN B 231 24.50 -1.20 -34.03
C ASN B 231 26.00 -1.35 -34.26
N ILE B 232 26.76 -1.17 -33.18
CA ILE B 232 28.21 -1.25 -33.27
C ILE B 232 28.63 -2.62 -33.81
N THR B 233 28.13 -3.68 -33.17
CA THR B 233 28.15 -5.04 -33.70
C THR B 233 29.56 -5.61 -33.76
N ARG B 234 30.57 -4.76 -33.58
CA ARG B 234 31.97 -5.17 -33.60
C ARG B 234 32.83 -3.98 -33.19
N PHE B 235 33.88 -4.27 -32.43
CA PHE B 235 34.82 -3.24 -31.99
C PHE B 235 36.23 -3.66 -32.33
N GLN B 236 37.03 -2.71 -32.80
CA GLN B 236 38.42 -2.99 -33.14
C GLN B 236 39.22 -1.71 -33.03
N THR B 237 40.54 -1.85 -33.16
CA THR B 237 41.44 -0.72 -33.06
C THR B 237 42.46 -0.79 -34.18
N LEU B 238 43.04 0.37 -34.50
CA LEU B 238 44.13 0.45 -35.47
C LEU B 238 45.41 0.87 -34.74
N LEU B 239 46.55 0.52 -35.33
CA LEU B 239 47.84 0.73 -34.70
C LEU B 239 48.69 1.62 -35.58
N ALA B 240 49.62 2.35 -34.95
CA ALA B 240 50.58 3.18 -35.67
C ALA B 240 51.61 2.27 -36.34
N LEU B 241 51.17 1.65 -37.44
CA LEU B 241 51.91 0.56 -38.06
C LEU B 241 53.16 1.04 -38.78
N HIS B 242 53.33 2.35 -39.00
CA HIS B 242 54.53 2.82 -39.68
C HIS B 242 55.78 2.65 -38.82
N ARG B 243 55.62 2.48 -37.50
CA ARG B 243 56.71 2.12 -36.61
C ARG B 243 56.27 0.89 -35.83
N SER B 244 56.76 -0.28 -36.24
CA SER B 244 56.30 -1.54 -35.68
C SER B 244 57.47 -2.30 -35.08
N TYR B 245 57.30 -2.76 -33.85
CA TYR B 245 58.29 -3.58 -33.17
C TYR B 245 57.61 -4.23 -31.96
N LEU B 246 58.29 -5.22 -31.38
CA LEU B 246 57.78 -5.98 -30.25
C LEU B 246 56.42 -6.59 -30.57
N THR B 247 56.41 -7.41 -31.63
CA THR B 247 55.24 -8.18 -32.04
C THR B 247 55.68 -9.64 -32.14
N PRO B 248 55.70 -10.35 -31.02
CA PRO B 248 56.16 -11.74 -31.04
C PRO B 248 55.10 -12.67 -31.61
N GLY B 249 55.51 -13.91 -31.83
CA GLY B 249 54.60 -14.93 -32.35
C GLY B 249 54.77 -16.27 -31.69
N ASP B 250 53.66 -16.93 -31.35
CA ASP B 250 53.72 -18.21 -30.66
C ASP B 250 52.43 -18.97 -30.93
N SER B 251 52.47 -20.28 -30.64
CA SER B 251 51.32 -21.15 -30.80
C SER B 251 50.61 -21.40 -29.47
N SER B 252 50.56 -20.41 -28.61
CA SER B 252 49.90 -20.56 -27.32
C SER B 252 48.39 -20.69 -27.50
N SER B 253 47.81 -21.71 -26.87
CA SER B 253 46.39 -21.98 -27.01
C SER B 253 45.92 -22.78 -25.80
N SER B 254 44.60 -22.85 -25.63
CA SER B 254 43.95 -23.63 -24.58
C SER B 254 44.43 -23.18 -23.19
N TRP B 255 44.10 -21.94 -22.85
CA TRP B 255 44.39 -21.34 -21.55
C TRP B 255 45.90 -21.29 -21.28
N THR B 256 46.59 -20.54 -22.15
CA THR B 256 48.01 -20.30 -21.99
C THR B 256 48.31 -18.80 -22.06
N ALA B 257 49.60 -18.44 -21.98
CA ALA B 257 50.00 -17.04 -21.96
C ALA B 257 50.94 -16.75 -23.14
N GLY B 258 50.70 -15.61 -23.80
CA GLY B 258 51.55 -15.17 -24.87
C GLY B 258 51.56 -13.65 -25.00
N ALA B 259 52.75 -13.06 -24.98
CA ALA B 259 52.89 -11.61 -24.83
C ALA B 259 52.14 -10.86 -25.92
N ALA B 260 51.18 -10.03 -25.50
CA ALA B 260 50.37 -9.23 -26.42
C ALA B 260 50.34 -7.75 -26.05
N ALA B 261 50.36 -7.42 -24.76
CA ALA B 261 50.24 -6.04 -24.29
C ALA B 261 48.96 -5.38 -24.81
N TYR B 262 47.90 -6.19 -24.89
CA TYR B 262 46.62 -5.71 -25.42
C TYR B 262 45.54 -6.65 -24.85
N TYR B 263 44.86 -6.22 -23.79
CA TYR B 263 43.92 -7.08 -23.08
C TYR B 263 42.51 -6.53 -23.26
N VAL B 264 41.56 -7.42 -23.56
CA VAL B 264 40.17 -7.05 -23.79
C VAL B 264 39.27 -8.01 -23.03
N GLY B 265 38.20 -7.47 -22.45
CA GLY B 265 37.20 -8.27 -21.77
C GLY B 265 35.84 -7.61 -21.90
N TYR B 266 34.83 -8.28 -21.36
CA TYR B 266 33.45 -7.83 -21.49
C TYR B 266 32.79 -7.69 -20.12
N LEU B 267 31.85 -6.77 -20.03
CA LEU B 267 31.13 -6.44 -18.80
C LEU B 267 29.66 -6.77 -18.97
N GLN B 268 29.03 -7.26 -17.91
CA GLN B 268 27.62 -7.60 -17.96
C GLN B 268 26.96 -7.21 -16.64
N PRO B 269 25.63 -7.06 -16.64
CA PRO B 269 24.94 -6.64 -15.40
C PRO B 269 24.92 -7.75 -14.36
N ARG B 270 25.41 -7.43 -13.17
CA ARG B 270 25.41 -8.34 -12.03
C ARG B 270 25.20 -7.53 -10.75
N THR B 271 25.02 -8.28 -9.66
CA THR B 271 24.99 -7.68 -8.32
C THR B 271 26.40 -7.65 -7.75
N PHE B 272 26.72 -6.59 -7.04
CA PHE B 272 28.11 -6.33 -6.68
C PHE B 272 28.13 -5.43 -5.45
N LEU B 273 28.86 -5.85 -4.43
CA LEU B 273 28.91 -5.12 -3.16
C LEU B 273 30.26 -4.44 -3.00
N LEU B 274 30.24 -3.21 -2.51
CA LEU B 274 31.45 -2.42 -2.31
C LEU B 274 31.62 -2.11 -0.83
N LYS B 275 32.84 -1.73 -0.46
CA LYS B 275 33.15 -1.37 0.93
C LYS B 275 33.91 -0.03 0.92
N TYR B 276 33.16 1.06 0.98
CA TYR B 276 33.77 2.38 0.97
C TYR B 276 34.65 2.58 2.20
N ASN B 277 35.77 3.26 2.00
CA ASN B 277 36.66 3.57 3.12
C ASN B 277 36.12 4.78 3.89
N GLU B 278 36.80 5.08 5.00
CA GLU B 278 36.40 6.23 5.81
C GLU B 278 36.46 7.52 5.01
N ASN B 279 37.55 7.74 4.29
CA ASN B 279 37.73 9.02 3.62
C ASN B 279 36.83 9.17 2.40
N GLY B 280 36.54 8.06 1.71
CA GLY B 280 35.64 8.12 0.58
C GLY B 280 36.01 7.27 -0.61
N THR B 281 37.13 6.56 -0.53
CA THR B 281 37.60 5.73 -1.63
C THR B 281 37.20 4.27 -1.43
N ILE B 282 36.95 3.58 -2.53
CA ILE B 282 36.62 2.16 -2.47
C ILE B 282 37.88 1.38 -2.12
N THR B 283 37.75 0.39 -1.24
CA THR B 283 38.85 -0.48 -0.87
C THR B 283 38.63 -1.92 -1.28
N ASP B 284 37.46 -2.49 -1.03
CA ASP B 284 37.22 -3.90 -1.27
C ASP B 284 35.86 -4.08 -1.93
N ALA B 285 35.70 -5.23 -2.60
CA ALA B 285 34.46 -5.52 -3.29
C ALA B 285 34.22 -7.02 -3.30
N VAL B 286 32.95 -7.38 -3.47
CA VAL B 286 32.50 -8.77 -3.49
C VAL B 286 31.48 -8.92 -4.60
N ASP B 287 31.47 -10.08 -5.26
CA ASP B 287 30.45 -10.39 -6.25
C ASP B 287 29.43 -11.33 -5.63
N CYS B 288 28.17 -11.16 -6.02
CA CYS B 288 27.06 -11.89 -5.42
C CYS B 288 26.62 -13.07 -6.25
N ALA B 289 27.47 -13.58 -7.15
CA ALA B 289 27.11 -14.73 -7.96
C ALA B 289 28.29 -15.69 -8.16
N LEU B 290 29.19 -15.78 -7.18
CA LEU B 290 30.41 -16.56 -7.35
C LEU B 290 30.46 -17.82 -6.50
N ASP B 291 30.25 -17.70 -5.20
CA ASP B 291 30.41 -18.81 -4.28
C ASP B 291 29.31 -18.78 -3.24
N PRO B 292 29.03 -19.90 -2.58
CA PRO B 292 28.09 -19.87 -1.45
C PRO B 292 28.51 -18.89 -0.38
N LEU B 293 29.81 -18.78 -0.12
CA LEU B 293 30.29 -17.79 0.84
C LEU B 293 29.96 -16.38 0.37
N SER B 294 30.07 -16.13 -0.94
CA SER B 294 29.69 -14.83 -1.48
C SER B 294 28.20 -14.58 -1.31
N GLU B 295 27.39 -15.63 -1.52
CA GLU B 295 25.94 -15.48 -1.31
C GLU B 295 25.63 -15.12 0.12
N THR B 296 26.28 -15.78 1.07
CA THR B 296 26.07 -15.46 2.48
C THR B 296 26.52 -14.04 2.79
N LYS B 297 27.66 -13.63 2.23
CA LYS B 297 28.14 -12.27 2.47
C LYS B 297 27.17 -11.24 1.93
N CYS B 298 26.58 -11.50 0.76
CA CYS B 298 25.65 -10.55 0.19
C CYS B 298 24.31 -10.53 0.92
N THR B 299 23.85 -11.70 1.40
CA THR B 299 22.52 -11.77 2.01
C THR B 299 22.44 -10.90 3.26
N LEU B 300 23.36 -11.09 4.19
CA LEU B 300 23.43 -10.26 5.39
C LEU B 300 24.55 -9.25 5.23
N LYS B 301 24.23 -7.97 5.42
CA LYS B 301 25.12 -6.90 5.02
C LYS B 301 26.30 -6.85 6.00
N SER B 302 27.23 -7.77 5.78
CA SER B 302 28.47 -7.80 6.53
C SER B 302 29.56 -8.37 5.64
N PHE B 303 30.79 -7.94 5.87
CA PHE B 303 31.90 -8.43 5.08
C PHE B 303 32.50 -9.69 5.69
N THR B 304 32.08 -10.06 6.89
CA THR B 304 32.45 -11.33 7.51
C THR B 304 31.22 -11.92 8.18
N VAL B 305 31.22 -13.25 8.32
CA VAL B 305 30.05 -13.98 8.80
C VAL B 305 30.42 -14.76 10.06
N GLU B 306 29.39 -15.33 10.68
CA GLU B 306 29.53 -16.09 11.92
C GLU B 306 29.12 -17.54 11.70
N LYS B 307 29.57 -18.40 12.61
CA LYS B 307 29.25 -19.81 12.52
C LYS B 307 27.76 -20.05 12.69
N GLY B 308 27.20 -20.92 11.86
CA GLY B 308 25.79 -21.24 11.93
C GLY B 308 25.30 -21.81 10.62
N ILE B 309 24.00 -21.67 10.38
CA ILE B 309 23.36 -22.09 9.15
C ILE B 309 22.44 -20.97 8.69
N TYR B 310 22.44 -20.68 7.40
CA TYR B 310 21.71 -19.54 6.86
C TYR B 310 20.85 -19.98 5.69
N GLN B 311 20.11 -19.03 5.13
CA GLN B 311 19.39 -19.19 3.88
C GLN B 311 19.85 -18.11 2.92
N THR B 312 20.04 -18.48 1.65
CA THR B 312 20.52 -17.54 0.64
C THR B 312 19.47 -17.25 -0.42
N SER B 313 18.98 -18.27 -1.10
CA SER B 313 18.06 -18.07 -2.21
C SER B 313 17.35 -19.40 -2.50
N ASN B 314 16.66 -19.46 -3.63
CA ASN B 314 15.98 -20.64 -4.09
C ASN B 314 16.52 -21.05 -5.46
N PHE B 315 16.42 -22.33 -5.76
CA PHE B 315 16.89 -22.87 -7.03
C PHE B 315 15.73 -23.49 -7.79
N ARG B 316 15.70 -23.27 -9.10
CA ARG B 316 14.63 -23.77 -9.95
C ARG B 316 15.22 -24.32 -11.24
N VAL B 317 14.79 -25.53 -11.61
CA VAL B 317 15.32 -26.15 -12.82
C VAL B 317 14.84 -25.37 -14.04
N GLN B 318 15.77 -25.05 -14.90
CA GLN B 318 15.43 -24.25 -16.06
C GLN B 318 14.85 -25.10 -17.18
N PRO B 319 14.01 -24.53 -18.04
CA PRO B 319 13.48 -25.27 -19.19
C PRO B 319 14.57 -25.50 -20.23
N THR B 320 14.26 -26.40 -21.17
CA THR B 320 15.21 -26.78 -22.20
C THR B 320 14.63 -26.81 -23.61
N GLU B 321 13.32 -26.74 -23.78
CA GLU B 321 12.71 -26.85 -25.10
C GLU B 321 11.50 -25.92 -25.18
N SER B 322 10.70 -26.09 -26.22
CA SER B 322 9.47 -25.34 -26.41
C SER B 322 8.60 -26.11 -27.39
N ILE B 323 7.37 -26.41 -27.00
CA ILE B 323 6.46 -27.20 -27.81
C ILE B 323 5.15 -26.45 -27.99
N VAL B 324 4.57 -26.57 -29.19
CA VAL B 324 3.29 -25.96 -29.53
C VAL B 324 2.41 -27.05 -30.14
N ARG B 325 1.16 -27.11 -29.73
CA ARG B 325 0.26 -28.20 -30.11
C ARG B 325 -1.09 -27.67 -30.54
N PHE B 326 -1.08 -26.70 -31.47
CA PHE B 326 -2.31 -26.25 -32.08
C PHE B 326 -2.96 -27.42 -32.83
N PRO B 327 -4.31 -27.41 -32.97
CA PRO B 327 -5.02 -28.51 -33.60
C PRO B 327 -5.08 -28.37 -35.12
N ASN B 328 -5.34 -29.45 -35.85
CA ASN B 328 -5.31 -29.37 -37.33
C ASN B 328 -6.47 -28.50 -37.81
N ILE B 329 -6.18 -27.31 -38.29
CA ILE B 329 -7.21 -26.56 -39.08
C ILE B 329 -6.56 -26.26 -40.43
N THR B 330 -7.30 -25.68 -41.37
CA THR B 330 -6.69 -25.51 -42.70
C THR B 330 -7.28 -24.32 -43.46
N ASN B 331 -8.60 -24.20 -43.50
CA ASN B 331 -9.24 -23.16 -44.27
C ASN B 331 -8.75 -21.80 -43.79
N LEU B 332 -9.18 -20.74 -44.49
CA LEU B 332 -8.79 -19.38 -44.16
C LEU B 332 -10.02 -18.57 -43.80
N CYS B 333 -9.93 -17.81 -42.71
CA CYS B 333 -11.07 -17.04 -42.25
C CYS B 333 -11.40 -15.92 -43.25
N PRO B 334 -12.67 -15.70 -43.55
CA PRO B 334 -13.07 -14.72 -44.57
C PRO B 334 -13.28 -13.31 -44.03
N PHE B 335 -12.27 -12.77 -43.36
CA PHE B 335 -12.40 -11.42 -42.85
C PHE B 335 -12.47 -10.38 -43.96
N HIS B 336 -11.82 -10.66 -45.10
CA HIS B 336 -11.90 -9.72 -46.22
C HIS B 336 -13.32 -9.63 -46.75
N GLU B 337 -14.04 -10.75 -46.77
CA GLU B 337 -15.45 -10.72 -47.19
C GLU B 337 -16.27 -9.79 -46.32
N VAL B 338 -15.94 -9.69 -45.04
CA VAL B 338 -16.66 -8.79 -44.15
C VAL B 338 -16.42 -7.33 -44.53
N PHE B 339 -15.17 -6.96 -44.73
CA PHE B 339 -14.85 -5.54 -44.94
C PHE B 339 -15.01 -5.13 -46.40
N ASN B 340 -14.56 -5.98 -47.32
CA ASN B 340 -14.68 -5.68 -48.74
C ASN B 340 -16.05 -6.06 -49.25
N ALA B 341 -17.09 -5.60 -48.56
CA ALA B 341 -18.48 -5.83 -48.91
C ALA B 341 -19.13 -4.51 -49.33
N THR B 342 -20.41 -4.58 -49.66
CA THR B 342 -21.08 -3.45 -50.31
C THR B 342 -22.35 -2.97 -49.60
N ARG B 343 -23.08 -3.84 -48.92
CA ARG B 343 -24.46 -3.56 -48.51
C ARG B 343 -24.63 -3.74 -47.01
N PHE B 344 -23.78 -3.07 -46.24
CA PHE B 344 -23.77 -3.19 -44.79
C PHE B 344 -25.14 -2.89 -44.17
N ALA B 345 -25.36 -3.35 -42.95
CA ALA B 345 -26.69 -3.35 -42.33
C ALA B 345 -27.03 -1.98 -41.74
N SER B 346 -28.22 -1.90 -41.17
CA SER B 346 -28.73 -0.70 -40.52
C SER B 346 -28.54 -0.79 -39.01
N VAL B 347 -28.60 0.37 -38.36
CA VAL B 347 -28.37 0.42 -36.92
C VAL B 347 -29.51 -0.23 -36.15
N TYR B 348 -30.76 0.00 -36.58
CA TYR B 348 -31.90 -0.54 -35.84
C TYR B 348 -32.00 -2.05 -35.99
N ALA B 349 -31.33 -2.63 -36.98
CA ALA B 349 -31.33 -4.08 -37.21
C ALA B 349 -29.94 -4.46 -37.70
N TRP B 350 -29.09 -4.90 -36.77
CA TRP B 350 -27.73 -5.28 -37.12
C TRP B 350 -27.72 -6.67 -37.77
N ASN B 351 -26.56 -7.09 -38.22
CA ASN B 351 -26.35 -8.41 -38.79
C ASN B 351 -25.25 -9.13 -38.01
N ARG B 352 -25.54 -10.36 -37.60
CA ARG B 352 -24.61 -11.15 -36.79
C ARG B 352 -24.06 -12.28 -37.63
N LYS B 353 -22.74 -12.28 -37.83
CA LYS B 353 -22.07 -13.27 -38.65
C LYS B 353 -21.18 -14.14 -37.76
N ARG B 354 -21.23 -15.44 -37.97
CA ARG B 354 -20.40 -16.37 -37.21
C ARG B 354 -19.28 -16.91 -38.09
N ILE B 355 -18.11 -17.10 -37.48
CA ILE B 355 -16.94 -17.64 -38.15
C ILE B 355 -16.59 -18.97 -37.48
N SER B 356 -16.56 -20.04 -38.27
CA SER B 356 -16.23 -21.36 -37.77
C SER B 356 -14.72 -21.59 -37.91
N ASN B 357 -14.29 -22.83 -37.76
CA ASN B 357 -12.87 -23.15 -37.77
C ASN B 357 -12.19 -22.68 -39.06
N CYS B 358 -11.05 -22.01 -38.90
CA CYS B 358 -10.27 -21.52 -40.02
C CYS B 358 -8.93 -21.03 -39.48
N VAL B 359 -8.12 -20.46 -40.37
CA VAL B 359 -6.82 -19.89 -40.01
C VAL B 359 -7.00 -18.39 -39.93
N ALA B 360 -6.73 -17.82 -38.75
CA ALA B 360 -6.98 -16.41 -38.47
C ALA B 360 -5.66 -15.65 -38.58
N ASP B 361 -5.56 -14.79 -39.59
CA ASP B 361 -4.40 -13.92 -39.78
C ASP B 361 -4.86 -12.47 -39.65
N TYR B 362 -4.14 -11.69 -38.84
CA TYR B 362 -4.54 -10.33 -38.51
C TYR B 362 -3.58 -9.28 -39.05
N SER B 363 -2.67 -9.67 -39.93
CA SER B 363 -1.68 -8.72 -40.43
C SER B 363 -2.33 -7.57 -41.19
N VAL B 364 -3.29 -7.89 -42.07
CA VAL B 364 -3.95 -6.86 -42.86
C VAL B 364 -4.93 -6.03 -42.04
N LEU B 365 -5.25 -6.48 -40.82
CA LEU B 365 -6.24 -5.77 -40.01
C LEU B 365 -5.72 -4.41 -39.56
N TYR B 366 -4.48 -4.36 -39.11
CA TYR B 366 -3.95 -3.13 -38.52
C TYR B 366 -2.65 -2.67 -39.15
N ASN B 367 -1.77 -3.61 -39.52
CA ASN B 367 -0.47 -3.23 -40.07
C ASN B 367 -0.59 -2.51 -41.40
N PHE B 368 -1.69 -2.69 -42.12
CA PHE B 368 -1.93 -2.02 -43.38
C PHE B 368 -3.36 -1.46 -43.38
N ALA B 369 -3.70 -0.77 -44.47
CA ALA B 369 -4.99 -0.10 -44.62
C ALA B 369 -5.24 0.85 -43.45
N PRO B 370 -4.47 1.95 -43.35
CA PRO B 370 -4.63 2.86 -42.20
C PRO B 370 -5.76 3.86 -42.38
N PHE B 371 -7.00 3.38 -42.21
CA PHE B 371 -8.16 4.26 -42.35
C PHE B 371 -8.35 5.11 -41.11
N PHE B 372 -8.66 4.46 -39.98
CA PHE B 372 -8.76 5.14 -38.68
C PHE B 372 -7.86 4.44 -37.67
N ALA B 373 -8.00 4.83 -36.40
CA ALA B 373 -7.24 4.20 -35.34
C ALA B 373 -7.74 2.78 -35.09
N PHE B 374 -6.85 1.97 -34.51
CA PHE B 374 -7.19 0.58 -34.22
C PHE B 374 -8.34 0.51 -33.22
N LYS B 375 -8.30 1.36 -32.18
CA LYS B 375 -9.43 1.57 -31.27
C LYS B 375 -9.87 0.29 -30.58
N CYS B 376 -8.91 -0.45 -30.05
CA CYS B 376 -9.20 -1.73 -29.41
C CYS B 376 -9.79 -1.51 -28.02
N TYR B 377 -10.30 -2.59 -27.43
CA TYR B 377 -10.77 -2.60 -26.05
C TYR B 377 -10.20 -3.83 -25.37
N GLY B 378 -9.09 -3.65 -24.65
CA GLY B 378 -8.48 -4.69 -23.83
C GLY B 378 -7.95 -5.85 -24.68
N VAL B 379 -7.38 -5.53 -25.84
CA VAL B 379 -6.70 -6.51 -26.67
C VAL B 379 -5.45 -5.87 -27.26
N SER B 380 -4.33 -6.59 -27.22
CA SER B 380 -3.10 -6.13 -27.83
C SER B 380 -3.01 -6.64 -29.26
N PRO B 381 -2.86 -5.78 -30.26
CA PRO B 381 -2.83 -6.26 -31.65
C PRO B 381 -1.66 -7.17 -31.94
N THR B 382 -0.45 -6.78 -31.55
CA THR B 382 0.71 -7.63 -31.80
C THR B 382 0.64 -8.92 -30.99
N LYS B 383 0.09 -8.85 -29.78
CA LYS B 383 -0.06 -10.01 -28.92
C LYS B 383 -1.39 -10.73 -29.12
N LEU B 384 -1.98 -10.62 -30.31
CA LEU B 384 -3.25 -11.27 -30.63
C LEU B 384 -3.09 -12.53 -31.45
N ASN B 385 -1.97 -12.69 -32.15
CA ASN B 385 -1.76 -13.83 -33.03
C ASN B 385 -1.34 -15.10 -32.29
N ASP B 386 -1.50 -15.15 -30.97
CA ASP B 386 -1.06 -16.29 -30.19
C ASP B 386 -2.12 -16.80 -29.23
N LEU B 387 -3.38 -16.48 -29.46
CA LEU B 387 -4.49 -17.02 -28.67
C LEU B 387 -5.51 -17.64 -29.59
N CYS B 388 -6.03 -18.81 -29.21
CA CYS B 388 -6.92 -19.58 -30.05
C CYS B 388 -8.33 -19.48 -29.50
N PHE B 389 -9.30 -19.23 -30.38
CA PHE B 389 -10.65 -18.85 -29.98
C PHE B 389 -11.66 -19.94 -30.33
N THR B 390 -12.86 -19.79 -29.77
CA THR B 390 -13.98 -20.69 -29.99
C THR B 390 -14.97 -20.13 -31.00
N ASN B 391 -15.46 -18.92 -30.77
CA ASN B 391 -16.39 -18.27 -31.69
C ASN B 391 -15.98 -16.83 -31.89
N VAL B 392 -16.13 -16.34 -33.13
CA VAL B 392 -15.83 -14.96 -33.47
C VAL B 392 -17.01 -14.39 -34.24
N TYR B 393 -17.47 -13.21 -33.83
CA TYR B 393 -18.63 -12.57 -34.42
C TYR B 393 -18.26 -11.19 -34.93
N ALA B 394 -18.83 -10.80 -36.07
CA ALA B 394 -18.57 -9.50 -36.68
C ALA B 394 -19.91 -8.87 -37.03
N ASP B 395 -20.30 -7.85 -36.28
CA ASP B 395 -21.47 -7.04 -36.59
C ASP B 395 -21.02 -5.81 -37.36
N SER B 396 -21.78 -5.48 -38.41
CA SER B 396 -21.36 -4.45 -39.35
C SER B 396 -22.55 -3.60 -39.74
N PHE B 397 -22.52 -2.31 -39.41
CA PHE B 397 -23.55 -1.39 -39.81
C PHE B 397 -22.98 0.02 -39.85
N VAL B 398 -23.69 0.90 -40.53
CA VAL B 398 -23.27 2.29 -40.74
C VAL B 398 -24.16 3.20 -39.91
N ILE B 399 -23.55 4.18 -39.25
CA ILE B 399 -24.25 5.06 -38.33
C ILE B 399 -23.70 6.48 -38.48
N ARG B 400 -24.24 7.39 -37.67
CA ARG B 400 -23.71 8.75 -37.58
C ARG B 400 -22.31 8.73 -36.97
N GLY B 401 -21.40 9.51 -37.58
CA GLY B 401 -20.05 9.60 -37.08
C GLY B 401 -19.90 10.42 -35.82
N ASN B 402 -20.92 11.19 -35.45
CA ASN B 402 -20.87 11.99 -34.23
C ASN B 402 -21.23 11.20 -32.98
N GLU B 403 -21.65 9.94 -33.13
CA GLU B 403 -21.96 9.09 -31.99
C GLU B 403 -20.91 8.01 -31.76
N VAL B 404 -19.65 8.32 -32.03
CA VAL B 404 -18.56 7.40 -31.72
C VAL B 404 -18.52 7.11 -30.23
N SER B 405 -18.75 8.15 -29.41
CA SER B 405 -18.76 7.97 -27.97
C SER B 405 -19.89 7.02 -27.54
N GLN B 406 -21.06 7.15 -28.17
CA GLN B 406 -22.16 6.25 -27.85
C GLN B 406 -21.88 4.81 -28.22
N ILE B 407 -20.86 4.55 -29.04
CA ILE B 407 -20.43 3.18 -29.34
C ILE B 407 -19.41 2.80 -28.28
N ALA B 408 -19.92 2.38 -27.12
CA ALA B 408 -19.12 2.02 -25.97
C ALA B 408 -19.98 1.29 -24.96
N PRO B 409 -19.46 0.27 -24.29
CA PRO B 409 -20.25 -0.43 -23.27
C PRO B 409 -20.64 0.54 -22.15
N GLY B 410 -21.88 0.39 -21.68
CA GLY B 410 -22.39 1.25 -20.63
C GLY B 410 -22.72 2.66 -21.05
N GLN B 411 -22.68 2.96 -22.34
CA GLN B 411 -22.95 4.30 -22.85
C GLN B 411 -24.33 4.33 -23.47
N THR B 412 -25.17 5.26 -23.01
CA THR B 412 -26.55 5.37 -23.47
C THR B 412 -26.70 6.58 -24.38
N GLY B 413 -27.70 6.51 -25.25
CA GLY B 413 -27.95 7.58 -26.20
C GLY B 413 -29.20 7.32 -27.00
N ASN B 414 -29.37 8.11 -28.06
CA ASN B 414 -30.55 7.97 -28.91
C ASN B 414 -30.61 6.59 -29.54
N ILE B 415 -29.46 6.08 -30.01
CA ILE B 415 -29.39 4.74 -30.58
C ILE B 415 -28.81 3.72 -29.60
N ALA B 416 -28.31 4.17 -28.46
CA ALA B 416 -27.67 3.28 -27.51
C ALA B 416 -28.61 2.79 -26.42
N ASP B 417 -29.89 3.17 -26.46
CA ASP B 417 -30.87 2.68 -25.49
C ASP B 417 -31.92 1.77 -26.10
N TYR B 418 -32.29 1.99 -27.35
CA TYR B 418 -33.31 1.19 -28.01
C TYR B 418 -32.82 0.50 -29.27
N ASN B 419 -31.89 1.09 -30.00
CA ASN B 419 -31.44 0.54 -31.28
C ASN B 419 -30.35 -0.52 -31.09
N TYR B 420 -29.23 -0.13 -30.49
CA TYR B 420 -28.08 -1.01 -30.31
C TYR B 420 -27.71 -1.02 -28.83
N LYS B 421 -27.54 -2.21 -28.27
CA LYS B 421 -27.17 -2.37 -26.87
C LYS B 421 -25.81 -3.04 -26.78
N LEU B 422 -24.88 -2.38 -26.11
CA LEU B 422 -23.52 -2.88 -25.95
C LEU B 422 -23.36 -3.47 -24.56
N PRO B 423 -23.15 -4.77 -24.41
CA PRO B 423 -22.87 -5.33 -23.08
C PRO B 423 -21.56 -4.78 -22.54
N ASP B 424 -21.47 -4.71 -21.21
CA ASP B 424 -20.30 -4.17 -20.55
C ASP B 424 -19.13 -5.14 -20.53
N ASP B 425 -19.34 -6.40 -20.89
CA ASP B 425 -18.28 -7.40 -20.91
C ASP B 425 -17.74 -7.65 -22.31
N PHE B 426 -17.87 -6.68 -23.21
CA PHE B 426 -17.36 -6.82 -24.57
C PHE B 426 -15.83 -6.72 -24.56
N THR B 427 -15.18 -7.79 -24.98
CA THR B 427 -13.75 -7.79 -25.24
C THR B 427 -13.54 -7.85 -26.75
N GLY B 428 -12.61 -7.03 -27.24
CA GLY B 428 -12.37 -6.98 -28.67
C GLY B 428 -12.08 -5.58 -29.16
N CYS B 429 -12.24 -5.36 -30.47
CA CYS B 429 -11.92 -4.08 -31.08
C CYS B 429 -12.98 -3.73 -32.10
N VAL B 430 -13.13 -2.43 -32.35
CA VAL B 430 -14.06 -1.90 -33.33
C VAL B 430 -13.28 -1.09 -34.35
N ILE B 431 -13.58 -1.29 -35.62
CA ILE B 431 -12.89 -0.61 -36.72
C ILE B 431 -13.92 0.19 -37.51
N ALA B 432 -13.62 1.46 -37.76
CA ALA B 432 -14.49 2.32 -38.53
C ALA B 432 -13.66 3.12 -39.52
N TRP B 433 -14.33 3.65 -40.54
CA TRP B 433 -13.67 4.46 -41.55
C TRP B 433 -14.69 5.33 -42.24
N ASN B 434 -14.22 6.41 -42.86
CA ASN B 434 -15.10 7.32 -43.56
C ASN B 434 -15.75 6.63 -44.75
N SER B 435 -17.01 6.96 -45.00
CA SER B 435 -17.82 6.30 -46.01
C SER B 435 -18.41 7.31 -46.99
N ASN B 436 -17.65 8.37 -47.29
CA ASN B 436 -18.14 9.37 -48.23
C ASN B 436 -18.30 8.79 -49.62
N LYS B 437 -17.33 7.99 -50.07
CA LYS B 437 -17.48 7.28 -51.34
C LYS B 437 -18.46 6.13 -51.24
N LEU B 438 -18.76 5.67 -50.02
CA LEU B 438 -19.64 4.52 -49.85
C LEU B 438 -21.11 4.94 -49.98
N ASP B 439 -21.52 5.95 -49.19
CA ASP B 439 -22.86 6.50 -49.27
C ASP B 439 -22.75 7.88 -49.90
N SER B 440 -23.05 7.96 -51.21
CA SER B 440 -22.88 9.19 -51.97
C SER B 440 -24.04 9.32 -52.96
N LYS B 441 -25.09 10.02 -52.54
CA LYS B 441 -26.17 10.42 -53.43
C LYS B 441 -26.38 11.91 -53.28
N VAL B 442 -26.30 12.64 -54.40
CA VAL B 442 -26.31 14.10 -54.37
C VAL B 442 -27.60 14.63 -53.77
N SER B 443 -28.69 13.86 -53.85
CA SER B 443 -29.94 14.22 -53.20
C SER B 443 -30.04 13.68 -51.79
N GLY B 444 -28.98 13.03 -51.29
CA GLY B 444 -29.00 12.40 -49.99
C GLY B 444 -29.38 10.92 -50.08
N ASN B 445 -29.04 10.19 -49.03
CA ASN B 445 -29.35 8.78 -48.93
C ASN B 445 -30.37 8.55 -47.83
N TYR B 446 -31.47 7.87 -48.16
CA TYR B 446 -32.56 7.65 -47.23
C TYR B 446 -32.87 6.18 -47.03
N ASN B 447 -31.98 5.28 -47.42
CA ASN B 447 -32.15 3.85 -47.21
C ASN B 447 -31.63 3.38 -45.87
N TYR B 448 -31.03 4.28 -45.07
CA TYR B 448 -30.41 3.93 -43.81
C TYR B 448 -31.22 4.59 -42.69
N LEU B 449 -31.84 3.76 -41.85
CA LEU B 449 -32.87 4.19 -40.94
C LEU B 449 -32.52 3.83 -39.49
N TYR B 450 -33.20 4.47 -38.56
CA TYR B 450 -33.01 4.18 -37.14
C TYR B 450 -34.33 4.35 -36.41
N ARG B 451 -34.59 3.47 -35.45
CA ARG B 451 -35.78 3.57 -34.61
C ARG B 451 -35.56 4.63 -33.54
N LEU B 452 -36.65 5.32 -33.16
CA LEU B 452 -36.57 6.48 -32.30
C LEU B 452 -37.15 6.23 -30.91
N PHE B 453 -38.42 5.80 -30.83
CA PHE B 453 -39.09 5.58 -29.55
C PHE B 453 -39.50 4.13 -29.41
N ARG B 454 -39.39 3.60 -28.20
CA ARG B 454 -39.80 2.25 -27.87
C ARG B 454 -40.35 2.24 -26.45
N LYS B 455 -40.86 1.08 -26.04
CA LYS B 455 -41.49 0.98 -24.72
C LYS B 455 -40.46 1.00 -23.60
N SER B 456 -39.37 0.25 -23.76
CA SER B 456 -38.36 0.14 -22.70
C SER B 456 -36.99 -0.06 -23.33
N LYS B 457 -35.96 -0.08 -22.49
CA LYS B 457 -34.59 -0.22 -22.94
C LYS B 457 -34.36 -1.58 -23.58
N LEU B 458 -33.40 -1.62 -24.50
CA LEU B 458 -33.08 -2.84 -25.22
C LEU B 458 -32.17 -3.74 -24.39
N LYS B 459 -32.48 -5.03 -24.40
CA LYS B 459 -31.60 -6.00 -23.76
C LYS B 459 -30.29 -6.11 -24.54
N PRO B 460 -29.20 -6.48 -23.87
CA PRO B 460 -27.90 -6.57 -24.57
C PRO B 460 -27.94 -7.57 -25.72
N PHE B 461 -27.66 -7.08 -26.92
CA PHE B 461 -27.57 -7.90 -28.12
C PHE B 461 -28.87 -8.67 -28.38
N GLU B 462 -29.94 -7.91 -28.64
CA GLU B 462 -31.23 -8.49 -28.96
C GLU B 462 -31.95 -7.55 -29.92
N ARG B 463 -32.20 -8.02 -31.15
CA ARG B 463 -32.88 -7.20 -32.13
C ARG B 463 -34.36 -7.06 -31.79
N ASP B 464 -34.91 -5.88 -32.05
CA ASP B 464 -36.31 -5.56 -31.75
C ASP B 464 -36.97 -4.89 -32.93
N ILE B 465 -36.81 -5.47 -34.12
CA ILE B 465 -37.45 -4.93 -35.30
C ILE B 465 -38.95 -5.20 -35.22
N SER B 466 -39.74 -4.15 -35.44
CA SER B 466 -41.20 -4.26 -35.37
C SER B 466 -41.82 -3.16 -36.22
N THR B 467 -43.00 -3.43 -36.77
CA THR B 467 -43.72 -2.50 -37.63
C THR B 467 -45.02 -2.11 -36.94
N GLU B 468 -45.01 -0.99 -36.23
CA GLU B 468 -46.19 -0.49 -35.55
C GLU B 468 -45.89 0.96 -35.14
N ILE B 469 -46.86 1.61 -34.49
CA ILE B 469 -46.75 3.01 -34.13
C ILE B 469 -46.46 3.11 -32.62
N TYR B 470 -45.90 4.24 -32.23
CA TYR B 470 -45.54 4.49 -30.83
C TYR B 470 -46.72 5.07 -30.07
N GLN B 471 -46.91 4.58 -28.84
CA GLN B 471 -47.96 5.07 -27.95
C GLN B 471 -47.39 6.21 -27.12
N ALA B 472 -47.68 7.44 -27.52
CA ALA B 472 -47.23 8.63 -26.82
C ALA B 472 -48.40 9.56 -26.54
N GLY B 473 -48.30 10.34 -25.48
CA GLY B 473 -49.35 11.25 -25.11
C GLY B 473 -50.55 10.54 -24.51
N ASN B 474 -51.72 10.71 -25.14
CA ASN B 474 -52.94 10.10 -24.63
C ASN B 474 -53.78 9.46 -25.73
N LYS B 475 -53.20 9.27 -26.92
CA LYS B 475 -53.93 8.69 -28.05
C LYS B 475 -53.22 7.44 -28.55
N PRO B 476 -53.65 6.26 -28.14
CA PRO B 476 -53.05 5.02 -28.67
C PRO B 476 -53.55 4.72 -30.07
N CYS B 477 -52.91 5.30 -31.07
CA CYS B 477 -53.37 5.17 -32.45
C CYS B 477 -53.34 3.70 -32.90
N ASN B 478 -54.25 3.38 -33.81
CA ASN B 478 -54.34 2.04 -34.40
C ASN B 478 -53.65 1.99 -35.77
N GLY B 479 -52.57 2.73 -35.94
CA GLY B 479 -51.92 2.89 -37.22
C GLY B 479 -52.24 4.20 -37.91
N VAL B 480 -53.06 5.06 -37.30
CA VAL B 480 -53.39 6.34 -37.91
C VAL B 480 -52.17 7.25 -37.96
N ALA B 481 -51.31 7.16 -36.94
CA ALA B 481 -50.10 7.98 -36.84
C ALA B 481 -50.42 9.47 -36.91
N GLY B 482 -51.48 9.86 -36.20
CA GLY B 482 -51.85 11.27 -36.13
C GLY B 482 -51.05 12.04 -35.10
N PHE B 483 -51.71 12.90 -34.33
CA PHE B 483 -51.03 13.63 -33.28
C PHE B 483 -50.64 12.68 -32.15
N ASN B 484 -49.48 12.95 -31.54
CA ASN B 484 -48.93 12.16 -30.44
C ASN B 484 -48.71 10.70 -30.84
N CYS B 485 -48.71 10.41 -32.14
CA CYS B 485 -48.51 9.05 -32.66
C CYS B 485 -47.37 9.15 -33.67
N TYR B 486 -46.14 9.04 -33.18
CA TYR B 486 -44.96 9.25 -33.99
C TYR B 486 -44.46 7.93 -34.56
N PHE B 487 -44.01 7.96 -35.80
CA PHE B 487 -43.44 6.77 -36.42
C PHE B 487 -42.13 6.43 -35.74
N PRO B 488 -41.96 5.21 -35.24
CA PRO B 488 -40.70 4.88 -34.55
C PRO B 488 -39.47 4.99 -35.42
N LEU B 489 -39.59 4.70 -36.72
CA LEU B 489 -38.44 4.59 -37.61
C LEU B 489 -38.28 5.91 -38.35
N GLN B 490 -37.23 6.65 -38.02
CA GLN B 490 -36.99 7.97 -38.58
C GLN B 490 -35.73 7.96 -39.44
N SER B 491 -35.76 8.75 -40.51
CA SER B 491 -34.63 8.78 -41.44
C SER B 491 -33.40 9.41 -40.78
N TYR B 492 -32.23 8.87 -41.13
CA TYR B 492 -30.97 9.48 -40.72
C TYR B 492 -30.80 10.85 -41.33
N GLY B 493 -31.13 11.00 -42.60
CA GLY B 493 -30.91 12.25 -43.31
C GLY B 493 -29.47 12.44 -43.75
N PHE B 494 -28.99 11.57 -44.63
CA PHE B 494 -27.61 11.61 -45.06
C PHE B 494 -27.33 12.86 -45.91
N ARG B 495 -26.29 13.58 -45.54
CA ARG B 495 -25.88 14.79 -46.25
C ARG B 495 -24.49 14.60 -46.83
N PRO B 496 -24.36 14.33 -48.14
CA PRO B 496 -23.04 14.04 -48.71
C PRO B 496 -22.16 15.27 -48.84
N THR B 497 -22.78 16.43 -49.06
CA THR B 497 -22.03 17.68 -49.22
C THR B 497 -21.72 18.36 -47.90
N TYR B 498 -22.34 17.93 -46.81
CA TYR B 498 -22.10 18.53 -45.51
C TYR B 498 -20.77 18.06 -44.95
N GLY B 499 -20.24 18.82 -43.98
CA GLY B 499 -18.97 18.51 -43.38
C GLY B 499 -18.92 17.17 -42.64
N VAL B 500 -17.77 16.88 -42.04
CA VAL B 500 -17.54 15.60 -41.37
C VAL B 500 -18.40 15.52 -40.12
N GLY B 501 -18.48 14.33 -39.53
CA GLY B 501 -19.35 14.08 -38.41
C GLY B 501 -20.68 13.51 -38.83
N HIS B 502 -21.47 14.29 -39.58
CA HIS B 502 -22.70 13.77 -40.16
C HIS B 502 -22.44 12.95 -41.42
N GLN B 503 -21.23 13.01 -41.96
CA GLN B 503 -20.87 12.23 -43.13
C GLN B 503 -20.92 10.74 -42.80
N PRO B 504 -21.06 9.88 -43.81
CA PRO B 504 -21.14 8.44 -43.56
C PRO B 504 -19.82 7.88 -43.04
N TYR B 505 -19.92 7.01 -42.04
CA TYR B 505 -18.78 6.24 -41.54
C TYR B 505 -19.25 4.81 -41.36
N ARG B 506 -18.47 3.86 -41.89
CA ARG B 506 -18.88 2.46 -41.82
C ARG B 506 -18.23 1.79 -40.62
N VAL B 507 -19.03 1.09 -39.83
CA VAL B 507 -18.62 0.59 -38.52
C VAL B 507 -18.70 -0.93 -38.51
N VAL B 508 -17.64 -1.57 -38.05
CA VAL B 508 -17.60 -3.02 -37.87
C VAL B 508 -17.01 -3.32 -36.50
N VAL B 509 -17.59 -4.29 -35.80
CA VAL B 509 -17.12 -4.69 -34.48
C VAL B 509 -16.67 -6.14 -34.54
N LEU B 510 -15.76 -6.50 -33.64
CA LEU B 510 -15.21 -7.85 -33.55
C LEU B 510 -15.36 -8.32 -32.11
N SER B 511 -16.42 -9.08 -31.84
CA SER B 511 -16.70 -9.58 -30.51
C SER B 511 -16.14 -10.99 -30.35
N PHE B 512 -15.24 -11.14 -29.39
CA PHE B 512 -14.66 -12.43 -29.05
C PHE B 512 -15.36 -13.00 -27.82
N GLU B 513 -15.08 -14.27 -27.55
CA GLU B 513 -15.50 -14.88 -26.30
C GLU B 513 -14.55 -16.02 -25.97
N LEU B 514 -13.95 -15.97 -24.80
CA LEU B 514 -12.94 -16.93 -24.37
C LEU B 514 -13.58 -17.86 -23.34
N LEU B 515 -14.11 -18.98 -23.81
CA LEU B 515 -14.75 -19.98 -22.97
C LEU B 515 -13.96 -21.27 -23.03
N HIS B 516 -13.97 -22.01 -21.93
CA HIS B 516 -13.24 -23.27 -21.87
C HIS B 516 -13.95 -24.33 -22.68
N ALA B 517 -13.83 -24.23 -24.01
CA ALA B 517 -14.42 -25.14 -24.97
C ALA B 517 -13.35 -25.52 -25.97
N PRO B 518 -13.53 -26.63 -26.69
CA PRO B 518 -12.56 -27.00 -27.73
C PRO B 518 -12.28 -25.84 -28.68
N ALA B 519 -11.02 -25.42 -28.76
CA ALA B 519 -10.67 -24.24 -29.53
C ALA B 519 -11.02 -24.45 -31.01
N THR B 520 -11.43 -23.37 -31.66
CA THR B 520 -11.95 -23.47 -33.02
C THR B 520 -11.22 -22.57 -34.02
N VAL B 521 -10.91 -21.33 -33.65
CA VAL B 521 -10.38 -20.35 -34.59
C VAL B 521 -9.05 -19.84 -34.08
N CYS B 522 -8.00 -20.01 -34.88
CA CYS B 522 -6.65 -19.50 -34.67
C CYS B 522 -5.75 -19.95 -35.81
N GLY B 523 -4.67 -19.20 -36.02
CA GLY B 523 -3.98 -19.20 -37.29
C GLY B 523 -2.56 -19.76 -37.32
N PRO B 524 -1.58 -18.86 -37.28
CA PRO B 524 -0.30 -19.14 -37.96
C PRO B 524 0.69 -20.00 -37.20
N LYS B 525 0.57 -20.15 -35.88
CA LYS B 525 1.62 -20.80 -35.11
C LYS B 525 1.82 -22.24 -35.57
N LYS B 526 3.08 -22.63 -35.75
CA LYS B 526 3.41 -23.96 -36.24
C LYS B 526 3.08 -25.02 -35.21
N SER B 527 2.64 -26.18 -35.69
CA SER B 527 2.33 -27.31 -34.83
C SER B 527 3.61 -28.11 -34.62
N THR B 528 4.24 -27.92 -33.46
CA THR B 528 5.49 -28.60 -33.16
C THR B 528 5.21 -29.98 -32.58
N ASN B 529 6.29 -30.69 -32.23
CA ASN B 529 6.19 -32.05 -31.76
C ASN B 529 6.00 -32.08 -30.23
N LEU B 530 5.91 -33.28 -29.68
CA LEU B 530 5.63 -33.49 -28.27
C LEU B 530 6.80 -34.19 -27.60
N VAL B 531 7.05 -33.84 -26.34
CA VAL B 531 8.12 -34.43 -25.54
C VAL B 531 7.49 -34.92 -24.24
N LYS B 532 8.29 -35.65 -23.46
CA LYS B 532 7.80 -36.25 -22.22
C LYS B 532 8.91 -36.29 -21.19
N ASN B 533 8.53 -36.17 -19.92
CA ASN B 533 9.44 -36.29 -18.78
C ASN B 533 10.62 -35.33 -18.91
N LYS B 534 10.33 -34.09 -19.31
CA LYS B 534 11.36 -33.08 -19.41
C LYS B 534 10.74 -31.70 -19.22
N CYS B 535 11.46 -30.82 -18.54
CA CYS B 535 10.97 -29.47 -18.25
C CYS B 535 10.95 -28.65 -19.54
N VAL B 536 9.74 -28.35 -20.03
CA VAL B 536 9.54 -27.65 -21.29
C VAL B 536 8.46 -26.58 -21.09
N ASN B 537 8.09 -25.92 -22.18
CA ASN B 537 7.08 -24.87 -22.16
C ASN B 537 5.81 -25.31 -22.90
N PHE B 538 4.69 -24.68 -22.56
CA PHE B 538 3.39 -25.09 -23.04
C PHE B 538 2.75 -24.01 -23.89
N ASN B 539 2.09 -24.43 -24.97
CA ASN B 539 1.18 -23.56 -25.69
C ASN B 539 -0.05 -24.32 -26.16
N PHE B 540 -0.65 -25.11 -25.27
CA PHE B 540 -1.79 -25.93 -25.66
C PHE B 540 -3.01 -25.06 -25.89
N ASN B 541 -3.13 -24.50 -27.10
CA ASN B 541 -4.19 -23.56 -27.42
C ASN B 541 -4.21 -22.40 -26.43
N GLY B 542 -3.02 -21.87 -26.13
CA GLY B 542 -2.87 -20.93 -25.06
C GLY B 542 -2.25 -21.60 -23.85
N LEU B 543 -2.59 -21.14 -22.65
CA LEU B 543 -2.15 -21.78 -21.40
C LEU B 543 -0.62 -21.82 -21.31
N THR B 544 0.00 -20.66 -21.44
CA THR B 544 1.45 -20.59 -21.34
C THR B 544 1.90 -21.01 -19.96
N GLY B 545 2.90 -21.89 -19.91
CA GLY B 545 3.40 -22.38 -18.64
C GLY B 545 4.64 -23.20 -18.85
N THR B 546 5.00 -23.95 -17.82
CA THR B 546 6.16 -24.83 -17.90
C THR B 546 6.02 -25.94 -16.86
N GLY B 547 6.67 -27.06 -17.14
CA GLY B 547 6.59 -28.19 -16.22
C GLY B 547 6.97 -29.49 -16.91
N VAL B 548 6.35 -30.57 -16.45
CA VAL B 548 6.60 -31.92 -16.94
C VAL B 548 5.29 -32.50 -17.45
N LEU B 549 5.37 -33.21 -18.57
CA LEU B 549 4.20 -33.81 -19.20
C LEU B 549 4.29 -35.33 -19.11
N THR B 550 3.19 -35.96 -18.70
CA THR B 550 3.17 -37.41 -18.52
C THR B 550 1.75 -37.91 -18.72
N GLU B 551 1.62 -39.23 -18.87
CA GLU B 551 0.32 -39.84 -19.11
C GLU B 551 -0.51 -39.87 -17.83
N SER B 552 -1.82 -39.90 -18.01
CA SER B 552 -2.77 -39.89 -16.91
C SER B 552 -3.80 -41.00 -17.12
N ASN B 553 -4.66 -41.17 -16.12
CA ASN B 553 -5.75 -42.14 -16.17
C ASN B 553 -7.07 -41.48 -15.86
N LYS B 554 -7.27 -40.26 -16.38
CA LYS B 554 -8.46 -39.50 -16.10
C LYS B 554 -9.64 -40.01 -16.92
N LYS B 555 -10.82 -39.50 -16.59
CA LYS B 555 -12.07 -39.94 -17.21
C LYS B 555 -12.72 -38.79 -17.96
N PHE B 556 -11.94 -38.07 -18.76
CA PHE B 556 -12.44 -36.91 -19.50
C PHE B 556 -13.62 -37.29 -20.39
N LEU B 557 -14.80 -36.79 -20.07
CA LEU B 557 -15.97 -37.04 -20.88
C LEU B 557 -15.86 -36.32 -22.21
N PRO B 558 -16.56 -36.80 -23.24
CA PRO B 558 -16.40 -36.21 -24.58
C PRO B 558 -16.52 -34.71 -24.63
N PHE B 559 -17.33 -34.11 -23.76
CA PHE B 559 -17.42 -32.66 -23.69
C PHE B 559 -16.39 -32.05 -22.74
N GLN B 560 -15.76 -32.85 -21.90
CA GLN B 560 -14.79 -32.34 -20.93
C GLN B 560 -13.46 -32.07 -21.63
N GLN B 561 -12.90 -30.90 -21.37
CA GLN B 561 -11.67 -30.48 -22.03
C GLN B 561 -10.51 -30.23 -21.08
N PHE B 562 -10.73 -29.51 -19.99
CA PHE B 562 -9.66 -29.05 -19.12
C PHE B 562 -9.85 -29.60 -17.71
N GLY B 563 -8.75 -29.98 -17.08
CA GLY B 563 -8.77 -30.43 -15.70
C GLY B 563 -8.23 -29.36 -14.77
N ARG B 564 -8.84 -29.24 -13.60
CA ARG B 564 -8.44 -28.23 -12.63
C ARG B 564 -8.34 -28.86 -11.25
N ASP B 565 -7.50 -28.26 -10.42
CA ASP B 565 -7.35 -28.56 -9.01
C ASP B 565 -7.91 -27.40 -8.20
N ILE B 566 -7.74 -27.44 -6.87
CA ILE B 566 -8.24 -26.32 -6.09
C ILE B 566 -7.15 -25.25 -5.98
N ALA B 567 -6.89 -24.60 -7.10
CA ALA B 567 -6.19 -23.32 -7.13
C ALA B 567 -6.65 -22.45 -8.29
N ASP B 568 -7.64 -22.90 -9.06
CA ASP B 568 -7.94 -22.34 -10.38
C ASP B 568 -6.69 -22.33 -11.26
N THR B 569 -5.91 -23.40 -11.18
CA THR B 569 -4.77 -23.60 -12.08
C THR B 569 -4.91 -24.96 -12.75
N THR B 570 -4.49 -25.02 -14.01
CA THR B 570 -4.69 -26.23 -14.80
C THR B 570 -3.85 -27.38 -14.27
N ASP B 571 -4.39 -28.58 -14.36
CA ASP B 571 -3.69 -29.78 -13.91
C ASP B 571 -3.63 -30.85 -14.98
N ALA B 572 -4.67 -31.00 -15.79
CA ALA B 572 -4.68 -31.95 -16.88
C ALA B 572 -5.26 -31.28 -18.12
N VAL B 573 -4.70 -31.62 -19.27
CA VAL B 573 -5.11 -31.01 -20.53
C VAL B 573 -5.10 -32.08 -21.62
N ARG B 574 -5.98 -31.91 -22.60
CA ARG B 574 -6.15 -32.85 -23.69
C ARG B 574 -5.48 -32.29 -24.94
N ASP B 575 -4.62 -33.09 -25.55
CA ASP B 575 -3.90 -32.65 -26.74
C ASP B 575 -4.87 -32.45 -27.89
N PRO B 576 -4.97 -31.26 -28.47
CA PRO B 576 -5.90 -31.06 -29.59
C PRO B 576 -5.61 -31.94 -30.79
N GLN B 577 -4.35 -32.23 -31.06
CA GLN B 577 -3.96 -32.91 -32.29
C GLN B 577 -3.95 -34.43 -32.16
N THR B 578 -4.14 -34.97 -30.95
CA THR B 578 -4.16 -36.42 -30.78
C THR B 578 -5.28 -36.91 -29.86
N LEU B 579 -5.94 -36.02 -29.11
CA LEU B 579 -7.00 -36.40 -28.18
C LEU B 579 -6.47 -37.37 -27.12
N GLU B 580 -5.48 -36.90 -26.36
CA GLU B 580 -4.83 -37.69 -25.33
C GLU B 580 -4.84 -36.93 -24.03
N ILE B 581 -4.95 -37.65 -22.92
CA ILE B 581 -5.01 -37.04 -21.59
C ILE B 581 -3.61 -36.94 -21.04
N LEU B 582 -3.05 -35.73 -21.05
CA LEU B 582 -1.72 -35.47 -20.55
C LEU B 582 -1.79 -35.13 -19.06
N ASP B 583 -0.68 -34.63 -18.52
CA ASP B 583 -0.64 -34.15 -17.15
C ASP B 583 0.46 -33.09 -17.05
N ILE B 584 0.31 -32.19 -16.08
CA ILE B 584 1.28 -31.13 -15.85
C ILE B 584 1.78 -31.23 -14.42
N THR B 585 3.09 -31.23 -14.26
CA THR B 585 3.73 -31.32 -12.96
C THR B 585 4.72 -30.18 -12.82
N PRO B 586 4.69 -29.44 -11.71
CA PRO B 586 5.58 -28.28 -11.57
C PRO B 586 7.05 -28.71 -11.53
N CYS B 587 7.91 -27.76 -11.89
CA CYS B 587 9.34 -27.99 -11.92
C CYS B 587 9.87 -28.29 -10.51
N SER B 588 10.96 -29.03 -10.44
CA SER B 588 11.60 -29.27 -9.16
C SER B 588 12.20 -27.98 -8.62
N PHE B 589 11.92 -27.69 -7.35
CA PHE B 589 12.45 -26.48 -6.72
C PHE B 589 12.50 -26.68 -5.22
N GLY B 590 13.23 -25.80 -4.55
CA GLY B 590 13.35 -25.87 -3.12
C GLY B 590 14.26 -24.78 -2.59
N GLY B 591 14.53 -24.83 -1.30
CA GLY B 591 15.36 -23.85 -0.65
C GLY B 591 16.81 -24.30 -0.51
N VAL B 592 17.70 -23.31 -0.39
CA VAL B 592 19.14 -23.55 -0.30
C VAL B 592 19.63 -22.98 1.03
N SER B 593 20.31 -23.82 1.80
CA SER B 593 20.89 -23.41 3.07
C SER B 593 22.40 -23.62 3.01
N VAL B 594 23.15 -22.61 3.42
CA VAL B 594 24.61 -22.64 3.39
C VAL B 594 25.10 -22.82 4.81
N ILE B 595 25.85 -23.89 5.04
CA ILE B 595 26.47 -24.17 6.34
C ILE B 595 27.91 -23.72 6.27
N THR B 596 28.36 -22.97 7.28
CA THR B 596 29.73 -22.50 7.34
C THR B 596 30.23 -22.54 8.77
N PRO B 597 31.52 -22.81 8.97
CA PRO B 597 32.15 -22.49 10.25
C PRO B 597 32.46 -21.00 10.30
N GLY B 598 33.05 -20.53 11.39
CA GLY B 598 33.40 -19.12 11.47
C GLY B 598 34.34 -18.73 10.33
N THR B 599 34.03 -17.60 9.69
CA THR B 599 34.78 -17.19 8.51
C THR B 599 36.25 -16.95 8.80
N ASN B 600 36.61 -16.66 10.04
CA ASN B 600 38.00 -16.57 10.43
C ASN B 600 38.64 -17.93 10.62
N THR B 601 37.87 -18.95 10.98
CA THR B 601 38.42 -20.28 11.17
C THR B 601 38.81 -20.94 9.86
N SER B 602 37.98 -20.83 8.83
CA SER B 602 38.25 -21.45 7.54
C SER B 602 37.35 -20.82 6.50
N ASN B 603 37.33 -21.41 5.30
CA ASN B 603 36.51 -20.91 4.21
C ASN B 603 35.64 -21.97 3.57
N GLN B 604 35.82 -23.24 3.91
CA GLN B 604 34.99 -24.28 3.33
C GLN B 604 33.54 -24.12 3.77
N VAL B 605 32.62 -24.57 2.93
CA VAL B 605 31.18 -24.53 3.21
C VAL B 605 30.55 -25.82 2.72
N ALA B 606 29.27 -25.97 3.00
CA ALA B 606 28.49 -27.09 2.51
C ALA B 606 27.04 -26.67 2.38
N VAL B 607 26.47 -26.87 1.22
CA VAL B 607 25.11 -26.39 0.94
C VAL B 607 24.11 -27.48 1.27
N LEU B 608 22.88 -27.06 1.52
CA LEU B 608 21.78 -27.97 1.84
C LEU B 608 20.64 -27.67 0.88
N TYR B 609 20.19 -28.69 0.17
CA TYR B 609 19.06 -28.55 -0.75
C TYR B 609 17.82 -29.12 -0.07
N GLN B 610 16.95 -28.24 0.42
CA GLN B 610 15.81 -28.70 1.20
C GLN B 610 14.74 -29.32 0.31
N GLY B 611 14.22 -30.45 0.77
CA GLY B 611 13.06 -31.06 0.13
C GLY B 611 13.31 -31.47 -1.31
N VAL B 612 14.52 -31.92 -1.62
CA VAL B 612 14.86 -32.41 -2.94
C VAL B 612 15.63 -33.71 -2.77
N ASN B 613 15.59 -34.55 -3.80
CA ASN B 613 16.28 -35.84 -3.79
C ASN B 613 17.48 -35.73 -4.72
N CYS B 614 18.64 -36.23 -4.26
CA CYS B 614 19.84 -36.17 -5.06
C CYS B 614 19.67 -36.86 -6.41
N THR B 615 18.92 -37.97 -6.45
CA THR B 615 18.68 -38.65 -7.72
C THR B 615 18.01 -37.72 -8.73
N GLU B 616 17.29 -36.72 -8.24
CA GLU B 616 16.65 -35.71 -9.07
C GLU B 616 17.70 -34.64 -9.42
N VAL B 617 17.30 -33.42 -9.81
CA VAL B 617 18.24 -32.50 -10.45
C VAL B 617 19.55 -32.26 -9.71
N PRO B 618 19.60 -32.07 -8.35
CA PRO B 618 20.80 -31.49 -7.75
C PRO B 618 22.10 -32.20 -8.10
N VAL B 619 22.08 -33.53 -8.20
CA VAL B 619 23.27 -34.24 -8.67
C VAL B 619 23.54 -33.93 -10.13
N ALA B 620 22.51 -33.91 -10.95
CA ALA B 620 22.68 -33.53 -12.35
C ALA B 620 23.16 -32.09 -12.45
N ILE B 621 24.42 -31.92 -12.84
CA ILE B 621 25.04 -30.61 -12.94
C ILE B 621 25.25 -30.32 -14.43
N HIS B 622 24.76 -29.17 -14.88
CA HIS B 622 24.80 -28.82 -16.29
C HIS B 622 24.80 -27.30 -16.43
N ALA B 623 24.79 -26.83 -17.67
CA ALA B 623 24.68 -25.42 -17.98
C ALA B 623 23.31 -25.13 -18.60
N ASP B 624 22.80 -23.93 -18.31
CA ASP B 624 21.44 -23.55 -18.71
C ASP B 624 20.41 -24.56 -18.20
N GLN B 625 20.62 -25.03 -16.98
CA GLN B 625 19.75 -26.02 -16.35
C GLN B 625 19.27 -25.57 -14.99
N LEU B 626 20.12 -24.90 -14.20
CA LEU B 626 19.79 -24.51 -12.85
C LEU B 626 19.98 -23.02 -12.66
N THR B 627 19.06 -22.40 -11.93
CA THR B 627 19.19 -20.98 -11.61
C THR B 627 20.41 -20.63 -10.77
N PRO B 628 20.82 -21.40 -9.75
CA PRO B 628 21.97 -20.96 -8.94
C PRO B 628 23.22 -20.79 -9.79
N THR B 629 23.92 -19.68 -9.54
CA THR B 629 25.01 -19.29 -10.43
C THR B 629 26.27 -20.13 -10.21
N TRP B 630 26.59 -20.46 -8.96
CA TRP B 630 27.85 -21.16 -8.69
C TRP B 630 27.70 -22.65 -8.96
N ARG B 631 27.24 -23.02 -10.15
CA ARG B 631 27.07 -24.43 -10.50
C ARG B 631 28.45 -25.03 -10.75
N VAL B 632 29.23 -25.09 -9.67
CA VAL B 632 30.61 -25.57 -9.72
C VAL B 632 30.77 -26.92 -9.05
N TYR B 633 29.76 -27.42 -8.36
CA TYR B 633 29.87 -28.69 -7.66
C TYR B 633 29.66 -29.84 -8.64
N SER B 634 30.64 -30.75 -8.69
CA SER B 634 30.49 -31.94 -9.51
C SER B 634 29.37 -32.84 -9.01
N THR B 635 28.95 -32.66 -7.75
CA THR B 635 27.87 -33.44 -7.15
C THR B 635 28.12 -34.93 -7.23
N GLY B 636 29.38 -35.33 -7.11
CA GLY B 636 29.75 -36.73 -7.04
C GLY B 636 30.73 -36.97 -5.90
N SER B 637 31.22 -35.88 -5.32
CA SER B 637 32.17 -35.94 -4.22
C SER B 637 31.43 -35.58 -2.93
N ASN B 638 31.44 -36.51 -1.97
CA ASN B 638 30.87 -36.30 -0.65
C ASN B 638 29.41 -35.86 -0.74
N VAL B 639 28.59 -36.76 -1.27
CA VAL B 639 27.16 -36.51 -1.46
C VAL B 639 26.40 -37.40 -0.49
N PHE B 640 25.56 -36.79 0.33
CA PHE B 640 24.85 -37.49 1.39
C PHE B 640 23.35 -37.23 1.25
N GLN B 641 22.56 -38.15 1.80
CA GLN B 641 21.11 -38.05 1.77
C GLN B 641 20.59 -37.85 3.19
N THR B 642 19.69 -36.88 3.36
CA THR B 642 19.14 -36.56 4.66
C THR B 642 17.65 -36.31 4.54
N ARG B 643 16.90 -36.69 5.57
CA ARG B 643 15.45 -36.60 5.54
C ARG B 643 14.95 -35.18 5.30
N ALA B 644 15.79 -34.17 5.58
CA ALA B 644 15.44 -32.78 5.33
C ALA B 644 16.07 -32.28 4.05
N GLY B 645 16.14 -33.13 3.02
CA GLY B 645 16.84 -32.83 1.80
C GLY B 645 18.26 -33.34 1.81
N CYS B 646 18.83 -33.48 0.63
CA CYS B 646 20.16 -34.07 0.48
C CYS B 646 21.19 -32.98 0.22
N LEU B 647 22.31 -33.07 0.94
CA LEU B 647 23.33 -32.04 0.95
C LEU B 647 24.61 -32.56 0.31
N ILE B 648 25.40 -31.65 -0.25
CA ILE B 648 26.65 -31.97 -0.92
C ILE B 648 27.76 -31.13 -0.32
N GLY B 649 28.87 -31.78 0.01
CA GLY B 649 30.02 -31.11 0.60
C GLY B 649 30.43 -31.60 1.97
N ALA B 650 29.73 -32.58 2.56
CA ALA B 650 30.09 -33.10 3.86
C ALA B 650 30.00 -34.61 3.85
N GLU B 651 30.76 -35.24 4.73
CA GLU B 651 30.85 -36.69 4.80
C GLU B 651 30.35 -37.20 6.14
N TYR B 652 29.53 -38.23 6.10
CA TYR B 652 28.90 -38.76 7.30
C TYR B 652 29.94 -39.44 8.20
N VAL B 653 29.70 -39.35 9.50
CA VAL B 653 30.51 -40.02 10.51
C VAL B 653 29.57 -40.70 11.48
N ASN B 654 29.78 -42.00 11.71
CA ASN B 654 28.85 -42.78 12.51
C ASN B 654 29.09 -42.65 14.02
N ASN B 655 29.87 -41.67 14.46
CA ASN B 655 30.10 -41.47 15.88
C ASN B 655 28.93 -40.69 16.48
N SER B 656 29.09 -40.22 17.71
CA SER B 656 28.03 -39.47 18.38
C SER B 656 28.66 -38.42 19.28
N TYR B 657 28.40 -37.14 18.97
CA TYR B 657 28.89 -36.01 19.73
C TYR B 657 27.73 -35.06 19.99
N GLU B 658 27.92 -34.16 20.95
CA GLU B 658 27.04 -33.01 21.06
C GLU B 658 27.20 -32.14 19.81
N CYS B 659 26.11 -31.53 19.38
CA CYS B 659 26.11 -30.83 18.10
C CYS B 659 25.78 -29.36 18.28
N ASP B 660 26.38 -28.54 17.42
CA ASP B 660 26.27 -27.09 17.50
C ASP B 660 25.60 -26.45 16.30
N ILE B 661 25.67 -27.07 15.13
CA ILE B 661 25.07 -26.49 13.93
C ILE B 661 23.91 -27.38 13.48
N PRO B 662 22.67 -27.04 13.83
CA PRO B 662 21.55 -27.91 13.49
C PRO B 662 21.31 -27.97 11.99
N ILE B 663 20.82 -29.12 11.54
CA ILE B 663 20.47 -29.34 10.14
C ILE B 663 19.01 -29.72 9.98
N GLY B 664 18.54 -30.69 10.74
CA GLY B 664 17.16 -31.13 10.69
C GLY B 664 17.10 -32.63 10.82
N ALA B 665 16.03 -33.11 11.43
CA ALA B 665 15.79 -34.55 11.60
C ALA B 665 16.94 -35.24 12.32
N GLY B 666 17.59 -34.53 13.24
CA GLY B 666 18.61 -35.10 14.08
C GLY B 666 20.03 -34.99 13.57
N ILE B 667 20.22 -34.65 12.30
CA ILE B 667 21.55 -34.54 11.73
C ILE B 667 22.17 -33.21 12.17
N CYS B 668 23.41 -33.26 12.64
CA CYS B 668 24.13 -32.08 13.09
C CYS B 668 25.54 -32.08 12.54
N ALA B 669 25.94 -30.95 11.97
CA ALA B 669 27.26 -30.80 11.36
C ALA B 669 28.13 -29.91 12.24
N SER B 670 29.44 -30.10 12.14
CA SER B 670 30.38 -29.32 12.93
C SER B 670 31.76 -29.41 12.31
N TYR B 671 32.64 -28.53 12.76
CA TYR B 671 34.04 -28.58 12.36
C TYR B 671 34.74 -29.74 13.06
N GLN B 672 35.81 -30.22 12.43
CA GLN B 672 36.56 -31.34 13.01
C GLN B 672 37.96 -31.34 12.41
N THR B 673 38.89 -31.90 13.15
CA THR B 673 40.30 -31.96 12.76
C THR B 673 40.69 -33.40 12.47
N GLN B 674 41.20 -33.65 11.27
CA GLN B 674 41.66 -34.97 10.89
C GLN B 674 43.01 -35.28 11.55
N SER B 686 43.37 -32.07 6.73
CA SER B 686 43.59 -32.03 8.17
C SER B 686 42.37 -31.49 8.89
N GLN B 687 41.69 -30.54 8.26
CA GLN B 687 40.47 -29.94 8.79
C GLN B 687 39.34 -30.12 7.79
N SER B 688 38.17 -30.49 8.30
CA SER B 688 37.00 -30.64 7.45
C SER B 688 35.76 -30.48 8.32
N ILE B 689 34.60 -30.68 7.71
CA ILE B 689 33.31 -30.59 8.39
C ILE B 689 32.60 -31.92 8.24
N ILE B 690 32.05 -32.43 9.34
CA ILE B 690 31.43 -33.75 9.38
C ILE B 690 30.00 -33.61 9.87
N ALA B 691 29.11 -34.41 9.29
CA ALA B 691 27.71 -34.44 9.68
C ALA B 691 27.41 -35.80 10.29
N TYR B 692 26.87 -35.80 11.50
CA TYR B 692 26.67 -37.03 12.25
C TYR B 692 25.28 -37.02 12.86
N THR B 693 25.02 -37.98 13.74
CA THR B 693 23.78 -38.04 14.50
C THR B 693 24.04 -37.52 15.90
N MET B 694 23.30 -36.50 16.30
CA MET B 694 23.53 -35.86 17.58
C MET B 694 23.20 -36.81 18.72
N SER B 695 23.90 -36.62 19.83
CA SER B 695 23.76 -37.48 21.00
C SER B 695 23.12 -36.71 22.14
N LEU B 696 22.31 -37.42 22.93
CA LEU B 696 21.55 -36.79 24.00
C LEU B 696 22.36 -36.62 25.28
N GLY B 697 23.59 -37.11 25.31
CA GLY B 697 24.43 -37.00 26.49
C GLY B 697 25.00 -38.35 26.90
N ALA B 698 25.90 -38.29 27.88
CA ALA B 698 26.57 -39.49 28.35
C ALA B 698 25.57 -40.40 29.05
N GLU B 699 25.50 -41.65 28.59
CA GLU B 699 24.61 -42.62 29.19
C GLU B 699 25.03 -42.91 30.63
N ASN B 700 24.04 -42.97 31.52
CA ASN B 700 24.29 -43.29 32.92
C ASN B 700 23.26 -44.30 33.38
N SER B 701 23.67 -45.17 34.31
CA SER B 701 22.81 -46.21 34.84
C SER B 701 22.82 -46.14 36.36
N VAL B 702 21.69 -46.51 36.95
CA VAL B 702 21.53 -46.56 38.40
C VAL B 702 21.22 -47.99 38.77
N ALA B 703 21.54 -48.36 40.01
CA ALA B 703 21.51 -49.76 40.43
C ALA B 703 20.42 -50.01 41.45
N TYR B 704 19.22 -49.49 41.18
CA TYR B 704 18.11 -49.60 42.12
C TYR B 704 17.95 -51.01 42.65
N SER B 705 17.99 -51.14 43.96
CA SER B 705 17.81 -52.43 44.61
C SER B 705 16.85 -52.24 45.78
N ASN B 706 16.45 -53.37 46.37
CA ASN B 706 15.40 -53.33 47.39
C ASN B 706 15.85 -52.61 48.65
N ASN B 707 17.11 -52.75 49.04
CA ASN B 707 17.56 -52.26 50.34
C ASN B 707 18.89 -51.54 50.24
N SER B 708 19.03 -50.63 49.29
CA SER B 708 20.23 -49.81 49.19
C SER B 708 19.84 -48.34 49.11
N ILE B 709 20.53 -47.50 49.88
CA ILE B 709 20.34 -46.06 49.84
C ILE B 709 21.70 -45.40 49.70
N ALA B 710 21.71 -44.19 49.14
CA ALA B 710 22.94 -43.43 48.92
C ALA B 710 22.75 -42.01 49.44
N ILE B 711 23.45 -41.67 50.51
CA ILE B 711 23.31 -40.37 51.18
C ILE B 711 24.59 -39.58 50.94
N PRO B 712 24.51 -38.37 50.39
CA PRO B 712 25.72 -37.57 50.21
C PRO B 712 26.33 -37.15 51.54
N THR B 713 27.65 -36.99 51.53
CA THR B 713 28.39 -36.62 52.73
C THR B 713 29.12 -35.29 52.60
N ASN B 714 28.89 -34.55 51.51
CA ASN B 714 29.53 -33.27 51.32
C ASN B 714 28.70 -32.46 50.34
N PHE B 715 28.94 -31.15 50.32
CA PHE B 715 28.11 -30.25 49.55
C PHE B 715 28.98 -29.24 48.82
N THR B 716 28.33 -28.28 48.16
CA THR B 716 29.04 -27.25 47.42
C THR B 716 28.10 -26.07 47.19
N ILE B 717 28.53 -24.88 47.59
CA ILE B 717 27.82 -23.65 47.26
C ILE B 717 28.22 -23.22 45.87
N SER B 718 27.27 -22.65 45.12
CA SER B 718 27.56 -22.15 43.78
C SER B 718 26.69 -20.93 43.52
N VAL B 719 27.10 -20.16 42.52
CA VAL B 719 26.36 -18.96 42.11
C VAL B 719 26.28 -18.95 40.59
N THR B 720 25.11 -18.64 40.06
CA THR B 720 24.88 -18.54 38.63
C THR B 720 24.37 -17.15 38.29
N THR B 721 24.00 -16.94 37.04
CA THR B 721 23.44 -15.68 36.60
C THR B 721 22.16 -15.94 35.82
N GLU B 722 21.30 -14.94 35.79
CA GLU B 722 20.04 -15.01 35.07
C GLU B 722 19.67 -13.61 34.63
N ILE B 723 19.37 -13.42 33.36
CA ILE B 723 19.23 -12.11 32.75
C ILE B 723 17.83 -11.98 32.16
N LEU B 724 17.15 -10.87 32.46
CA LEU B 724 15.78 -10.64 32.04
C LEU B 724 15.63 -9.22 31.49
N PRO B 725 15.09 -9.07 30.28
CA PRO B 725 14.72 -7.72 29.82
C PRO B 725 13.55 -7.19 30.64
N VAL B 726 13.52 -5.87 30.79
CA VAL B 726 12.45 -5.28 31.61
C VAL B 726 11.70 -4.20 30.84
N SER B 727 12.35 -3.54 29.90
CA SER B 727 11.69 -2.48 29.15
C SER B 727 12.45 -2.17 27.88
N MET B 728 11.73 -1.63 26.91
CA MET B 728 12.33 -1.18 25.66
C MET B 728 12.38 0.34 25.65
N THR B 729 12.91 0.89 24.56
CA THR B 729 13.11 2.33 24.47
C THR B 729 11.83 3.03 24.05
N LYS B 730 11.37 3.98 24.86
CA LYS B 730 10.17 4.74 24.52
C LYS B 730 10.38 5.46 23.19
N THR B 731 9.36 5.43 22.35
CA THR B 731 9.41 6.12 21.07
C THR B 731 8.05 6.72 20.76
N SER B 732 8.07 7.81 19.99
CA SER B 732 6.86 8.51 19.61
C SER B 732 7.09 9.20 18.28
N VAL B 733 6.11 9.11 17.38
CA VAL B 733 6.26 9.54 16.00
C VAL B 733 5.20 10.58 15.67
N ASP B 734 5.28 11.09 14.44
CA ASP B 734 4.36 12.08 13.92
C ASP B 734 3.97 11.69 12.50
N CYS B 735 2.74 12.00 12.12
CA CYS B 735 2.31 11.72 10.76
C CYS B 735 2.77 12.77 9.77
N THR B 736 2.32 14.02 9.96
CA THR B 736 2.37 14.99 8.88
C THR B 736 3.80 15.24 8.41
N MET B 737 4.74 15.35 9.34
CA MET B 737 6.13 15.49 8.94
C MET B 737 6.61 14.25 8.18
N TYR B 738 6.30 13.07 8.72
CA TYR B 738 6.81 11.85 8.12
C TYR B 738 6.21 11.59 6.74
N ILE B 739 4.91 11.82 6.59
CA ILE B 739 4.22 11.46 5.35
C ILE B 739 4.24 12.61 4.37
N CYS B 740 3.64 13.75 4.75
CA CYS B 740 3.60 14.92 3.88
C CYS B 740 4.64 15.95 4.34
N GLY B 741 5.91 15.62 4.09
CA GLY B 741 7.00 16.44 4.57
C GLY B 741 6.97 17.86 4.05
N ASP B 742 6.65 18.81 4.94
CA ASP B 742 6.61 20.23 4.62
C ASP B 742 5.83 20.50 3.33
N SER B 743 4.60 19.98 3.29
CA SER B 743 3.76 20.09 2.10
C SER B 743 2.31 20.31 2.56
N THR B 744 1.86 21.56 2.49
CA THR B 744 0.47 21.86 2.78
C THR B 744 -0.46 21.19 1.76
N GLU B 745 -0.05 21.18 0.49
CA GLU B 745 -0.86 20.55 -0.54
C GLU B 745 -1.01 19.06 -0.29
N CYS B 746 0.02 18.41 0.26
CA CYS B 746 -0.13 17.03 0.68
C CYS B 746 -0.95 16.93 1.95
N SER B 747 -0.85 17.93 2.83
CA SER B 747 -1.59 17.89 4.09
C SER B 747 -3.09 17.89 3.85
N ASN B 748 -3.56 18.67 2.87
CA ASN B 748 -4.98 18.68 2.54
C ASN B 748 -5.42 17.32 2.03
N LEU B 749 -4.60 16.68 1.21
CA LEU B 749 -4.96 15.37 0.67
C LEU B 749 -5.03 14.32 1.76
N LEU B 750 -4.08 14.35 2.71
CA LEU B 750 -4.08 13.38 3.79
C LEU B 750 -5.32 13.50 4.67
N LEU B 751 -5.86 14.72 4.79
CA LEU B 751 -7.01 14.93 5.67
C LEU B 751 -8.21 14.11 5.22
N GLN B 752 -8.31 13.82 3.91
CA GLN B 752 -9.43 13.03 3.42
C GLN B 752 -9.41 11.60 3.95
N TYR B 753 -8.27 11.11 4.42
CA TYR B 753 -8.19 9.74 4.91
C TYR B 753 -8.81 9.58 6.29
N GLY B 754 -9.22 10.67 6.94
CA GLY B 754 -9.85 10.55 8.23
C GLY B 754 -8.85 10.34 9.36
N SER B 755 -9.33 9.75 10.45
CA SER B 755 -8.53 9.61 11.67
C SER B 755 -7.65 8.37 11.61
N PHE B 756 -6.70 8.40 10.67
CA PHE B 756 -5.66 7.39 10.62
C PHE B 756 -4.40 7.81 11.35
N CYS B 757 -4.45 8.88 12.11
CA CYS B 757 -3.33 9.29 12.95
C CYS B 757 -3.71 9.43 14.41
N THR B 758 -4.90 9.93 14.71
CA THR B 758 -5.36 9.90 16.09
C THR B 758 -5.42 8.47 16.61
N GLN B 759 -5.56 7.50 15.72
CA GLN B 759 -5.44 6.11 16.12
C GLN B 759 -3.99 5.72 16.38
N LEU B 760 -3.07 6.20 15.54
CA LEU B 760 -1.66 5.86 15.71
C LEU B 760 -1.07 6.52 16.95
N LYS B 761 -1.29 7.82 17.11
CA LYS B 761 -0.69 8.54 18.23
C LYS B 761 -1.20 8.01 19.56
N ARG B 762 -2.48 7.66 19.63
CA ARG B 762 -3.01 7.07 20.84
C ARG B 762 -2.43 5.69 21.10
N ALA B 763 -2.03 4.98 20.05
CA ALA B 763 -1.49 3.63 20.23
C ALA B 763 -0.08 3.66 20.80
N LEU B 764 0.77 4.55 20.31
CA LEU B 764 2.13 4.63 20.81
C LEU B 764 2.22 5.27 22.18
N THR B 765 1.22 6.04 22.59
CA THR B 765 1.25 6.59 23.94
C THR B 765 1.01 5.49 24.97
N GLY B 766 0.14 4.54 24.66
CA GLY B 766 -0.08 3.43 25.58
C GLY B 766 1.18 2.63 25.83
N ILE B 767 2.00 2.46 24.81
CA ILE B 767 3.30 1.82 24.99
C ILE B 767 4.18 2.68 25.89
N ALA B 768 4.19 3.99 25.66
CA ALA B 768 5.10 4.87 26.39
C ALA B 768 4.78 4.90 27.88
N VAL B 769 3.49 4.91 28.24
CA VAL B 769 3.13 4.94 29.64
C VAL B 769 3.54 3.65 30.34
N GLU B 770 3.30 2.51 29.69
CA GLU B 770 3.61 1.23 30.32
C GLU B 770 5.10 1.08 30.60
N GLN B 771 5.96 1.67 29.77
CA GLN B 771 7.39 1.55 29.99
C GLN B 771 7.81 2.10 31.34
N ASP B 772 7.06 3.06 31.88
CA ASP B 772 7.34 3.56 33.21
C ASP B 772 6.56 2.84 34.29
N LYS B 773 5.69 1.90 33.92
CA LYS B 773 5.10 1.01 34.90
C LYS B 773 5.90 -0.28 35.03
N ASN B 774 6.59 -0.67 33.97
CA ASN B 774 7.43 -1.87 34.04
C ASN B 774 8.57 -1.69 35.02
N THR B 775 9.34 -0.61 34.87
CA THR B 775 10.47 -0.39 35.76
C THR B 775 10.05 0.17 37.10
N GLN B 776 8.77 0.50 37.29
CA GLN B 776 8.29 0.89 38.61
C GLN B 776 7.85 -0.32 39.41
N GLU B 777 7.33 -1.35 38.76
CA GLU B 777 6.90 -2.56 39.45
C GLU B 777 8.09 -3.40 39.88
N VAL B 778 9.14 -3.46 39.06
CA VAL B 778 10.24 -4.37 39.34
C VAL B 778 11.06 -3.87 40.53
N PHE B 779 11.38 -2.59 40.57
CA PHE B 779 12.34 -2.07 41.53
C PHE B 779 11.71 -1.44 42.76
N ALA B 780 10.54 -0.81 42.63
CA ALA B 780 9.95 -0.05 43.73
C ALA B 780 9.08 -0.95 44.62
N GLN B 781 9.71 -1.99 45.15
CA GLN B 781 9.03 -2.85 46.11
C GLN B 781 9.13 -2.30 47.53
N VAL B 782 10.30 -1.79 47.91
CA VAL B 782 10.49 -1.26 49.24
C VAL B 782 9.70 0.03 49.41
N LYS B 783 9.58 0.47 50.66
CA LYS B 783 8.93 1.74 50.98
C LYS B 783 9.91 2.83 51.34
N GLN B 784 11.00 2.50 52.03
CA GLN B 784 11.98 3.49 52.45
C GLN B 784 13.35 3.09 51.92
N ILE B 785 14.11 4.10 51.51
CA ILE B 785 15.48 3.87 51.04
C ILE B 785 16.36 3.56 52.24
N TYR B 786 17.02 2.41 52.21
CA TYR B 786 17.89 2.00 53.30
C TYR B 786 19.33 2.39 52.99
N LYS B 787 20.18 2.34 54.02
CA LYS B 787 21.57 2.70 53.91
C LYS B 787 22.46 1.54 54.29
N THR B 788 23.58 1.40 53.58
CA THR B 788 24.58 0.42 53.97
C THR B 788 25.21 0.83 55.30
N PRO B 789 25.56 -0.14 56.15
CA PRO B 789 26.24 0.21 57.40
C PRO B 789 27.64 0.73 57.11
N PRO B 790 28.18 1.59 57.98
CA PRO B 790 29.52 2.15 57.71
C PRO B 790 30.61 1.10 57.68
N ILE B 791 30.75 0.31 58.75
CA ILE B 791 31.73 -0.76 58.79
C ILE B 791 31.22 -1.93 57.97
N LYS B 792 32.12 -2.61 57.28
CA LYS B 792 31.77 -3.71 56.39
C LYS B 792 32.50 -4.97 56.84
N TYR B 793 31.86 -5.74 57.71
CA TYR B 793 32.36 -7.06 58.07
C TYR B 793 31.19 -7.95 58.43
N PHE B 794 31.00 -9.02 57.66
CA PHE B 794 29.85 -9.89 57.83
C PHE B 794 30.27 -11.32 58.15
N GLY B 795 31.21 -11.48 59.07
CA GLY B 795 31.65 -12.81 59.46
C GLY B 795 32.30 -13.59 58.34
N GLY B 796 33.23 -12.94 57.63
CA GLY B 796 33.98 -13.59 56.59
C GLY B 796 33.38 -13.49 55.21
N PHE B 797 32.09 -13.19 55.10
CA PHE B 797 31.48 -13.03 53.80
C PHE B 797 31.91 -11.70 53.19
N ASN B 798 32.43 -11.75 51.97
CA ASN B 798 33.02 -10.59 51.31
C ASN B 798 32.02 -10.05 50.31
N PHE B 799 31.50 -8.85 50.57
CA PHE B 799 30.47 -8.23 49.73
C PHE B 799 30.97 -6.98 49.03
N SER B 800 32.29 -6.76 49.01
CA SER B 800 32.82 -5.57 48.33
C SER B 800 32.50 -5.57 46.85
N GLN B 801 32.24 -6.75 46.27
CA GLN B 801 32.01 -6.84 44.83
C GLN B 801 30.64 -6.32 44.45
N ILE B 802 29.61 -6.57 45.26
CA ILE B 802 28.25 -6.29 44.85
C ILE B 802 27.77 -4.96 45.44
N LEU B 803 28.28 -4.60 46.61
CA LEU B 803 27.85 -3.36 47.24
C LEU B 803 28.32 -2.16 46.42
N PRO B 804 27.57 -1.06 46.44
CA PRO B 804 27.98 0.11 45.67
C PRO B 804 29.32 0.64 46.12
N ASP B 805 30.11 1.10 45.15
CA ASP B 805 31.46 1.58 45.41
C ASP B 805 31.44 3.11 45.45
N PRO B 806 31.70 3.75 46.59
CA PRO B 806 31.67 5.21 46.63
C PRO B 806 32.82 5.88 45.89
N SER B 807 33.91 5.17 45.62
CA SER B 807 35.05 5.78 44.96
C SER B 807 34.69 6.26 43.56
N LYS B 808 33.96 5.46 42.81
CA LYS B 808 33.53 5.88 41.48
C LYS B 808 32.53 7.03 41.61
N PRO B 809 32.55 7.98 40.67
CA PRO B 809 31.60 9.10 40.74
C PRO B 809 30.15 8.66 40.65
N SER B 810 29.86 7.59 39.91
CA SER B 810 28.49 7.14 39.73
C SER B 810 27.99 6.27 40.87
N LYS B 811 28.86 5.88 41.80
CA LYS B 811 28.48 5.06 42.96
C LYS B 811 27.79 3.77 42.53
N ARG B 812 28.33 3.12 41.51
CA ARG B 812 27.80 1.86 41.01
C ARG B 812 28.75 0.73 41.37
N SER B 813 28.20 -0.45 41.57
CA SER B 813 29.00 -1.58 42.00
C SER B 813 29.97 -2.00 40.89
N PRO B 814 31.10 -2.62 41.26
CA PRO B 814 32.05 -3.04 40.22
C PRO B 814 31.44 -3.97 39.19
N ILE B 815 30.55 -4.86 39.60
CA ILE B 815 29.88 -5.74 38.63
C ILE B 815 29.06 -4.91 37.67
N GLU B 816 28.30 -3.94 38.18
CA GLU B 816 27.49 -3.08 37.31
C GLU B 816 28.36 -2.37 36.28
N ASP B 817 29.58 -1.99 36.66
CA ASP B 817 30.48 -1.34 35.71
C ASP B 817 30.80 -2.27 34.55
N LEU B 818 31.03 -3.55 34.84
CA LEU B 818 31.27 -4.51 33.76
C LEU B 818 30.06 -4.63 32.85
N LEU B 819 28.86 -4.63 33.42
CA LEU B 819 27.65 -4.71 32.61
C LEU B 819 27.52 -3.51 31.68
N PHE B 820 27.82 -2.32 32.17
CA PHE B 820 27.64 -1.12 31.36
C PHE B 820 28.66 -1.04 30.22
N ASN B 821 29.78 -1.73 30.34
CA ASN B 821 30.75 -1.75 29.25
C ASN B 821 30.40 -2.78 28.18
N LYS B 822 29.98 -3.98 28.61
CA LYS B 822 29.66 -5.03 27.65
C LYS B 822 28.47 -4.63 26.76
N VAL B 823 27.47 -3.98 27.35
CA VAL B 823 26.29 -3.60 26.57
C VAL B 823 26.67 -2.52 25.56
N THR B 824 26.29 -2.74 24.31
CA THR B 824 26.59 -1.82 23.21
C THR B 824 25.28 -1.16 22.79
N LEU B 825 25.17 0.15 23.02
CA LEU B 825 23.96 0.90 22.76
C LEU B 825 24.16 1.71 21.48
N ALA B 826 23.50 1.29 20.40
CA ALA B 826 23.65 1.98 19.12
C ALA B 826 23.04 3.38 19.16
N ASP B 827 21.92 3.53 19.86
CA ASP B 827 21.25 4.82 19.95
C ASP B 827 20.57 4.95 21.31
N ALA B 828 20.89 6.02 22.03
CA ALA B 828 20.25 6.33 23.30
C ALA B 828 19.42 7.60 23.25
N GLY B 829 19.41 8.29 22.11
CA GLY B 829 18.59 9.46 21.93
C GLY B 829 19.24 10.79 22.31
N PHE B 830 20.58 10.87 22.26
CA PHE B 830 21.30 12.05 22.71
C PHE B 830 20.88 13.32 21.97
N ILE B 831 21.14 13.37 20.66
CA ILE B 831 20.83 14.53 19.84
C ILE B 831 20.39 14.05 18.47
N LYS B 832 19.13 14.34 18.11
CA LYS B 832 18.65 14.00 16.77
C LYS B 832 17.74 15.08 16.20
N GLN B 833 17.77 16.29 16.76
CA GLN B 833 16.92 17.42 16.36
C GLN B 833 15.50 16.99 15.96
N LEU B 846 26.26 9.52 14.14
CA LEU B 846 25.55 10.14 13.03
C LEU B 846 24.24 9.41 12.73
N ILE B 847 24.23 8.11 13.01
CA ILE B 847 23.01 7.33 12.82
C ILE B 847 21.94 7.79 13.81
N CYS B 848 22.34 8.14 15.03
CA CYS B 848 21.38 8.61 16.02
C CYS B 848 20.70 9.89 15.57
N ALA B 849 21.48 10.83 15.00
CA ALA B 849 20.92 12.13 14.64
C ALA B 849 20.05 12.06 13.39
N GLN B 850 20.31 11.11 12.50
CA GLN B 850 19.65 11.07 11.20
C GLN B 850 18.23 10.52 11.26
N LYS B 851 17.65 10.38 12.45
CA LYS B 851 16.26 9.96 12.62
C LYS B 851 15.35 11.15 12.88
N PHE B 852 15.64 12.28 12.23
CA PHE B 852 14.92 13.53 12.43
C PHE B 852 13.71 13.67 11.50
N ASN B 853 12.88 12.64 11.45
CA ASN B 853 11.64 12.67 10.68
C ASN B 853 10.45 12.41 11.59
N GLY B 854 10.44 13.05 12.76
CA GLY B 854 9.44 12.77 13.76
C GLY B 854 9.71 11.55 14.59
N LEU B 855 10.81 10.84 14.33
CA LEU B 855 11.14 9.62 15.06
C LEU B 855 11.89 9.97 16.35
N THR B 856 11.23 10.76 17.19
CA THR B 856 11.85 11.18 18.43
C THR B 856 11.95 10.02 19.41
N VAL B 857 12.85 10.14 20.36
CA VAL B 857 13.04 9.16 21.41
C VAL B 857 12.96 9.87 22.75
N LEU B 858 12.11 9.39 23.63
CA LEU B 858 11.90 10.08 24.89
C LEU B 858 12.61 9.35 26.03
N PRO B 859 13.17 10.08 26.98
CA PRO B 859 13.92 9.43 28.07
C PRO B 859 12.98 8.91 29.13
N PRO B 860 13.38 7.83 29.82
CA PRO B 860 12.52 7.26 30.86
C PRO B 860 12.47 8.15 32.09
N LEU B 861 11.44 7.94 32.90
CA LEU B 861 11.27 8.74 34.12
C LEU B 861 12.39 8.49 35.10
N LEU B 862 12.73 7.23 35.36
CA LEU B 862 13.76 6.88 36.32
C LEU B 862 15.12 6.95 35.63
N THR B 863 15.87 8.01 35.92
CA THR B 863 17.22 8.13 35.39
C THR B 863 18.10 7.01 35.95
N ASP B 864 19.08 6.59 35.15
CA ASP B 864 19.93 5.50 35.59
C ASP B 864 21.00 6.01 36.53
N GLU B 865 20.59 6.77 37.54
CA GLU B 865 21.41 7.05 38.71
C GLU B 865 20.61 7.01 39.99
N MET B 866 19.28 7.01 39.92
CA MET B 866 18.43 6.74 41.06
C MET B 866 17.95 5.30 41.10
N ILE B 867 17.90 4.63 39.94
CA ILE B 867 17.69 3.19 39.94
C ILE B 867 18.83 2.51 40.68
N ALA B 868 20.03 3.07 40.61
CA ALA B 868 21.15 2.54 41.36
C ALA B 868 20.96 2.68 42.86
N GLN B 869 20.00 3.47 43.32
CA GLN B 869 19.68 3.55 44.74
C GLN B 869 18.62 2.54 45.15
N TYR B 870 17.57 2.37 44.35
CA TYR B 870 16.61 1.29 44.58
C TYR B 870 17.33 -0.04 44.72
N THR B 871 18.23 -0.33 43.78
CA THR B 871 19.01 -1.57 43.89
C THR B 871 19.83 -1.59 45.16
N SER B 872 20.37 -0.44 45.57
CA SER B 872 21.15 -0.40 46.79
C SER B 872 20.29 -0.70 48.01
N ALA B 873 19.08 -0.12 48.07
CA ALA B 873 18.22 -0.39 49.21
C ALA B 873 17.76 -1.84 49.23
N LEU B 874 17.35 -2.39 48.08
CA LEU B 874 16.93 -3.78 48.02
C LEU B 874 18.05 -4.73 48.41
N LEU B 875 19.30 -4.27 48.36
CA LEU B 875 20.43 -5.15 48.62
C LEU B 875 21.11 -4.83 49.94
N ALA B 876 20.93 -3.63 50.48
CA ALA B 876 21.44 -3.28 51.79
C ALA B 876 20.40 -3.47 52.88
N GLY B 877 19.21 -3.94 52.55
CA GLY B 877 18.23 -4.28 53.54
C GLY B 877 18.03 -5.77 53.63
N THR B 878 18.48 -6.48 52.59
CA THR B 878 18.43 -7.93 52.57
C THR B 878 19.66 -8.58 53.17
N ILE B 879 20.66 -7.78 53.56
CA ILE B 879 21.86 -8.30 54.21
C ILE B 879 22.01 -7.76 55.62
N THR B 880 21.06 -6.96 56.09
CA THR B 880 21.05 -6.53 57.49
C THR B 880 19.69 -6.69 58.15
N SER B 881 18.69 -7.21 57.45
CA SER B 881 17.38 -7.39 58.05
C SER B 881 16.72 -8.70 57.66
N GLY B 882 17.45 -9.63 57.05
CA GLY B 882 16.83 -10.85 56.58
C GLY B 882 15.89 -10.55 55.44
N TRP B 883 14.64 -11.01 55.58
CA TRP B 883 13.62 -10.83 54.55
C TRP B 883 12.39 -10.12 55.07
N THR B 884 12.43 -9.62 56.30
CA THR B 884 11.23 -9.05 56.89
C THR B 884 10.86 -7.69 56.31
N PHE B 885 11.80 -6.99 55.68
CA PHE B 885 11.47 -5.66 55.20
C PHE B 885 10.51 -5.67 54.02
N GLY B 886 10.21 -6.83 53.45
CA GLY B 886 9.17 -6.90 52.44
C GLY B 886 7.77 -7.06 52.99
N ALA B 887 7.63 -7.26 54.31
CA ALA B 887 6.34 -7.43 54.95
C ALA B 887 5.98 -6.29 55.89
N GLY B 888 6.84 -5.98 56.85
CA GLY B 888 6.58 -4.91 57.77
C GLY B 888 7.78 -4.02 58.01
N PRO B 889 8.10 -3.76 59.27
CA PRO B 889 9.28 -2.95 59.59
C PRO B 889 10.54 -3.81 59.68
N ALA B 890 11.58 -3.33 59.01
CA ALA B 890 12.84 -4.07 58.98
C ALA B 890 13.43 -4.18 60.37
N LEU B 891 14.07 -5.31 60.65
CA LEU B 891 14.65 -5.60 61.94
C LEU B 891 16.17 -5.77 61.80
N GLN B 892 16.81 -6.12 62.92
CA GLN B 892 18.24 -6.36 62.95
C GLN B 892 18.50 -7.83 63.23
N ILE B 893 19.54 -8.38 62.60
CA ILE B 893 19.91 -9.77 62.80
C ILE B 893 21.30 -9.99 62.22
N PRO B 894 22.19 -10.69 62.93
CA PRO B 894 23.52 -10.94 62.38
C PRO B 894 23.47 -11.81 61.16
N PHE B 895 24.35 -11.53 60.21
CA PHE B 895 24.39 -12.31 58.98
C PHE B 895 24.67 -13.79 59.20
N PRO B 896 25.60 -14.21 60.06
CA PRO B 896 25.71 -15.64 60.36
C PRO B 896 24.45 -16.21 60.95
N MET B 897 23.65 -15.39 61.64
CA MET B 897 22.36 -15.86 62.14
C MET B 897 21.39 -16.09 60.99
N GLN B 898 21.43 -15.23 59.97
CA GLN B 898 20.49 -15.35 58.87
C GLN B 898 20.78 -16.58 58.04
N MET B 899 22.05 -16.86 57.74
CA MET B 899 22.38 -18.07 57.01
C MET B 899 21.86 -19.32 57.70
N ALA B 900 21.91 -19.33 59.04
CA ALA B 900 21.46 -20.51 59.77
C ALA B 900 19.99 -20.80 59.54
N TYR B 901 19.18 -19.77 59.28
CA TYR B 901 17.79 -20.00 58.94
C TYR B 901 17.67 -20.66 57.57
N ARG B 902 18.38 -20.15 56.58
CA ARG B 902 18.17 -20.61 55.21
C ARG B 902 18.66 -22.05 55.01
N PHE B 903 19.53 -22.56 55.89
CA PHE B 903 19.71 -24.01 55.96
C PHE B 903 18.50 -24.69 56.59
N ASN B 904 17.89 -24.06 57.58
CA ASN B 904 16.73 -24.67 58.22
C ASN B 904 15.54 -24.78 57.28
N GLY B 905 15.60 -24.11 56.13
CA GLY B 905 14.52 -24.13 55.17
C GLY B 905 14.65 -25.14 54.05
N ILE B 906 15.74 -25.90 54.00
CA ILE B 906 15.91 -26.93 52.98
C ILE B 906 16.22 -28.27 53.64
N GLY B 907 15.71 -28.46 54.86
CA GLY B 907 15.92 -29.71 55.56
C GLY B 907 17.36 -29.97 55.99
N VAL B 908 18.06 -28.95 56.47
CA VAL B 908 19.40 -29.08 57.01
C VAL B 908 19.44 -28.36 58.35
N THR B 909 19.76 -29.08 59.42
CA THR B 909 19.80 -28.46 60.74
C THR B 909 20.91 -27.41 60.81
N GLN B 910 20.71 -26.44 61.69
CA GLN B 910 21.62 -25.29 61.76
C GLN B 910 23.00 -25.66 62.28
N ASN B 911 23.19 -26.86 62.81
CA ASN B 911 24.51 -27.23 63.31
C ASN B 911 25.54 -27.34 62.19
N VAL B 912 25.09 -27.46 60.94
CA VAL B 912 26.03 -27.54 59.83
C VAL B 912 26.83 -26.26 59.71
N LEU B 913 26.16 -25.11 59.79
CA LEU B 913 26.83 -23.84 59.52
C LEU B 913 27.83 -23.49 60.60
N TYR B 914 27.37 -23.32 61.84
CA TYR B 914 28.23 -22.84 62.91
C TYR B 914 29.42 -23.77 63.15
N GLU B 915 29.33 -25.03 62.77
CA GLU B 915 30.47 -25.93 62.88
C GLU B 915 31.42 -25.79 61.70
N ASN B 916 31.00 -25.15 60.62
CA ASN B 916 31.84 -25.00 59.45
C ASN B 916 31.73 -23.59 58.88
N GLN B 917 31.74 -22.59 59.77
CA GLN B 917 31.56 -21.21 59.34
C GLN B 917 32.68 -20.77 58.40
N LYS B 918 33.93 -21.12 58.72
CA LYS B 918 35.06 -20.60 57.97
C LYS B 918 35.10 -21.16 56.55
N LEU B 919 34.90 -22.48 56.40
CA LEU B 919 35.00 -23.09 55.08
C LEU B 919 33.93 -22.56 54.13
N ILE B 920 32.69 -22.44 54.62
CA ILE B 920 31.61 -21.97 53.76
C ILE B 920 31.87 -20.56 53.29
N ALA B 921 32.51 -19.73 54.12
CA ALA B 921 32.82 -18.37 53.73
C ALA B 921 33.70 -18.33 52.49
N ASN B 922 34.73 -19.18 52.45
CA ASN B 922 35.66 -19.15 51.32
C ASN B 922 34.98 -19.56 50.03
N GLN B 923 34.12 -20.59 50.08
CA GLN B 923 33.45 -21.05 48.87
C GLN B 923 32.60 -19.93 48.27
N PHE B 924 31.81 -19.25 49.10
CA PHE B 924 31.06 -18.11 48.61
C PHE B 924 31.98 -17.00 48.14
N ASN B 925 33.05 -16.74 48.89
CA ASN B 925 33.97 -15.67 48.50
C ASN B 925 34.62 -15.97 47.15
N SER B 926 35.03 -17.22 46.93
CA SER B 926 35.65 -17.57 45.66
C SER B 926 34.63 -17.65 44.53
N ALA B 927 33.38 -18.02 44.85
CA ALA B 927 32.35 -18.11 43.83
C ALA B 927 32.10 -16.76 43.18
N ILE B 928 32.02 -15.71 43.99
CA ILE B 928 31.85 -14.36 43.44
C ILE B 928 33.03 -13.99 42.57
N GLY B 929 34.25 -14.30 43.04
CA GLY B 929 35.44 -13.87 42.33
C GLY B 929 35.59 -14.46 40.95
N LYS B 930 34.84 -15.51 40.63
CA LYS B 930 34.93 -16.13 39.31
C LYS B 930 33.92 -15.55 38.33
N ILE B 931 32.75 -15.15 38.80
CA ILE B 931 31.72 -14.65 37.88
C ILE B 931 32.15 -13.34 37.24
N GLN B 932 32.99 -12.57 37.92
CA GLN B 932 33.45 -11.31 37.34
C GLN B 932 34.25 -11.55 36.07
N ASP B 933 35.14 -12.55 36.10
CA ASP B 933 35.91 -12.87 34.90
C ASP B 933 35.03 -13.51 33.83
N SER B 934 34.18 -14.47 34.23
CA SER B 934 33.33 -15.14 33.26
C SER B 934 32.39 -14.17 32.57
N LEU B 935 31.90 -13.16 33.30
CA LEU B 935 31.05 -12.16 32.68
C LEU B 935 31.80 -11.38 31.61
N SER B 936 33.04 -11.00 31.89
CA SER B 936 33.80 -10.22 30.91
C SER B 936 34.28 -11.08 29.76
N SER B 937 34.76 -12.29 30.06
CA SER B 937 35.39 -13.13 29.05
C SER B 937 34.42 -14.09 28.36
N THR B 938 33.14 -13.99 28.65
CA THR B 938 32.17 -14.86 27.99
C THR B 938 32.15 -14.58 26.49
N PRO B 939 31.90 -15.60 25.67
CA PRO B 939 31.69 -15.34 24.24
C PRO B 939 30.49 -14.43 24.02
N SER B 940 29.32 -14.86 24.50
CA SER B 940 28.14 -13.99 24.51
C SER B 940 27.19 -14.52 25.58
N ALA B 941 27.19 -13.88 26.75
CA ALA B 941 26.25 -14.21 27.80
C ALA B 941 25.14 -13.18 27.96
N LEU B 942 25.38 -11.93 27.60
CA LEU B 942 24.35 -10.90 27.60
C LEU B 942 23.60 -10.88 26.28
N GLY B 943 23.14 -12.06 25.85
CA GLY B 943 22.40 -12.13 24.60
C GLY B 943 21.07 -11.43 24.67
N LYS B 944 20.34 -11.63 25.77
CA LYS B 944 18.94 -11.17 25.82
C LYS B 944 18.85 -9.65 25.78
N LEU B 945 19.63 -8.96 26.62
CA LEU B 945 19.57 -7.50 26.64
C LEU B 945 20.02 -6.91 25.32
N GLN B 946 21.07 -7.48 24.73
CA GLN B 946 21.57 -6.97 23.45
C GLN B 946 20.52 -7.07 22.37
N ASP B 947 19.80 -8.20 22.33
CA ASP B 947 18.79 -8.38 21.29
C ASP B 947 17.61 -7.43 21.45
N VAL B 948 17.40 -6.90 22.64
CA VAL B 948 16.35 -5.89 22.81
C VAL B 948 16.74 -4.59 22.12
N VAL B 949 17.98 -4.13 22.34
CA VAL B 949 18.42 -2.88 21.74
C VAL B 949 18.57 -3.02 20.23
N ASN B 950 19.23 -4.09 19.78
CA ASN B 950 19.54 -4.21 18.36
C ASN B 950 18.28 -4.34 17.53
N HIS B 951 17.27 -5.05 18.03
CA HIS B 951 16.03 -5.20 17.27
C HIS B 951 15.37 -3.85 17.05
N ASN B 952 15.28 -3.04 18.11
CA ASN B 952 14.59 -1.77 17.97
C ASN B 952 15.38 -0.80 17.10
N ALA B 953 16.69 -0.73 17.29
CA ALA B 953 17.50 0.16 16.48
C ALA B 953 17.45 -0.21 15.01
N GLN B 954 17.51 -1.50 14.71
CA GLN B 954 17.43 -1.94 13.32
C GLN B 954 16.03 -1.74 12.75
N ALA B 955 15.01 -1.80 13.59
CA ALA B 955 13.64 -1.63 13.11
C ALA B 955 13.42 -0.25 12.52
N LEU B 956 13.95 0.78 13.18
CA LEU B 956 13.77 2.14 12.68
C LEU B 956 14.46 2.34 11.33
N ASN B 957 15.66 1.78 11.17
CA ASN B 957 16.37 1.95 9.91
C ASN B 957 15.57 1.37 8.75
N THR B 958 14.92 0.23 8.96
CA THR B 958 14.01 -0.28 7.94
C THR B 958 12.87 0.68 7.69
N LEU B 959 12.46 1.43 8.70
CA LEU B 959 11.35 2.37 8.52
C LEU B 959 11.79 3.59 7.72
N VAL B 960 12.99 4.11 8.00
CA VAL B 960 13.45 5.29 7.29
C VAL B 960 13.68 4.98 5.82
N LYS B 961 14.25 3.82 5.51
CA LYS B 961 14.52 3.46 4.13
C LYS B 961 13.24 3.32 3.31
N GLN B 962 12.08 3.18 3.98
CA GLN B 962 10.83 3.12 3.25
C GLN B 962 10.56 4.40 2.47
N LEU B 963 11.18 5.51 2.87
CA LEU B 963 10.91 6.80 2.22
C LEU B 963 11.33 6.77 0.76
N SER B 964 12.48 6.18 0.46
CA SER B 964 13.02 6.18 -0.90
C SER B 964 12.50 5.01 -1.72
N SER B 965 11.18 4.86 -1.78
CA SER B 965 10.56 3.79 -2.54
C SER B 965 9.46 4.37 -3.42
N LYS B 966 9.47 3.99 -4.69
CA LYS B 966 8.54 4.60 -5.64
C LYS B 966 7.10 4.15 -5.39
N PHE B 967 6.90 2.93 -4.87
CA PHE B 967 5.57 2.39 -4.62
C PHE B 967 4.71 2.43 -5.88
N GLY B 968 5.34 2.17 -7.02
CA GLY B 968 4.63 2.25 -8.29
C GLY B 968 4.23 3.65 -8.70
N ALA B 969 5.09 4.64 -8.45
CA ALA B 969 4.85 6.02 -8.85
C ALA B 969 6.04 6.52 -9.63
N ILE B 970 5.98 7.78 -10.05
CA ILE B 970 7.04 8.35 -10.89
C ILE B 970 8.33 8.50 -10.10
N SER B 971 8.24 9.06 -8.90
CA SER B 971 9.44 9.38 -8.12
C SER B 971 9.13 9.21 -6.64
N SER B 972 10.12 9.50 -5.81
CA SER B 972 9.99 9.41 -4.36
C SER B 972 10.17 10.76 -3.67
N VAL B 973 10.14 11.86 -4.42
CA VAL B 973 10.23 13.20 -3.87
C VAL B 973 8.97 13.95 -4.25
N LEU B 974 8.22 14.40 -3.25
CA LEU B 974 6.97 15.10 -3.51
C LEU B 974 7.21 16.40 -4.27
N ASN B 975 8.24 17.14 -3.90
CA ASN B 975 8.54 18.39 -4.60
C ASN B 975 8.93 18.14 -6.05
N ASP B 976 9.73 17.09 -6.30
CA ASP B 976 10.20 16.82 -7.64
C ASP B 976 9.05 16.44 -8.56
N ILE B 977 8.20 15.51 -8.13
CA ILE B 977 7.08 15.09 -8.96
C ILE B 977 6.09 16.22 -9.17
N LEU B 978 5.92 17.08 -8.16
CA LEU B 978 5.00 18.21 -8.31
C LEU B 978 5.45 19.15 -9.42
N SER B 979 6.76 19.42 -9.49
CA SER B 979 7.27 20.36 -10.48
C SER B 979 7.07 19.85 -11.90
N ARG B 980 7.38 18.58 -12.15
CA ARG B 980 7.33 18.06 -13.51
C ARG B 980 5.93 17.68 -13.95
N LEU B 981 4.95 17.68 -13.06
CA LEU B 981 3.61 17.24 -13.41
C LEU B 981 2.62 18.39 -13.25
N ASP B 982 1.34 18.06 -13.39
CA ASP B 982 0.25 19.02 -13.36
C ASP B 982 -0.78 18.61 -12.31
N PRO B 983 -1.55 19.56 -11.79
CA PRO B 983 -2.51 19.27 -10.71
C PRO B 983 -3.49 18.17 -11.05
N PRO B 984 -4.00 18.06 -12.29
CA PRO B 984 -5.06 17.06 -12.54
C PRO B 984 -4.69 15.64 -12.16
N GLU B 985 -3.45 15.21 -12.40
CA GLU B 985 -3.09 13.82 -12.11
C GLU B 985 -1.87 13.71 -11.21
N ALA B 986 -1.40 14.83 -10.63
CA ALA B 986 -0.38 14.73 -9.60
C ALA B 986 -0.95 14.14 -8.32
N GLU B 987 -2.23 14.38 -8.03
CA GLU B 987 -2.84 13.87 -6.82
C GLU B 987 -2.84 12.35 -6.80
N VAL B 988 -3.18 11.72 -7.93
CA VAL B 988 -3.25 10.27 -7.97
C VAL B 988 -1.89 9.65 -7.68
N GLN B 989 -0.83 10.21 -8.27
CA GLN B 989 0.50 9.73 -7.97
C GLN B 989 0.83 9.90 -6.49
N ILE B 990 0.47 11.05 -5.91
CA ILE B 990 0.71 11.27 -4.50
C ILE B 990 -0.10 10.27 -3.67
N ASP B 991 -1.32 9.96 -4.12
CA ASP B 991 -2.13 8.97 -3.42
C ASP B 991 -1.39 7.65 -3.27
N ARG B 992 -0.65 7.26 -4.30
CA ARG B 992 0.13 6.02 -4.21
C ARG B 992 1.22 6.13 -3.16
N LEU B 993 1.90 7.28 -3.09
CA LEU B 993 2.90 7.47 -2.05
C LEU B 993 2.27 7.48 -0.66
N ILE B 994 1.14 8.14 -0.49
CA ILE B 994 0.52 8.22 0.83
C ILE B 994 0.05 6.84 1.28
N THR B 995 -0.67 6.13 0.40
CA THR B 995 -1.15 4.81 0.79
C THR B 995 0.00 3.86 1.05
N GLY B 996 1.13 4.05 0.36
CA GLY B 996 2.29 3.23 0.63
C GLY B 996 2.90 3.51 2.00
N ARG B 997 2.96 4.79 2.38
CA ARG B 997 3.65 5.14 3.62
C ARG B 997 2.81 4.82 4.85
N LEU B 998 1.48 4.93 4.76
CA LEU B 998 0.64 4.45 5.86
C LEU B 998 0.83 2.96 6.09
N GLN B 999 0.87 2.18 5.00
CA GLN B 999 1.10 0.74 5.14
C GLN B 999 2.44 0.45 5.79
N SER B 1000 3.41 1.34 5.61
CA SER B 1000 4.72 1.16 6.20
C SER B 1000 4.80 1.71 7.62
N LEU B 1001 3.76 2.37 8.10
CA LEU B 1001 3.75 2.90 9.46
C LEU B 1001 2.86 2.08 10.39
N GLN B 1002 1.73 1.56 9.89
CA GLN B 1002 0.94 0.64 10.69
C GLN B 1002 1.69 -0.65 10.96
N THR B 1003 2.46 -1.12 9.98
CA THR B 1003 3.27 -2.31 10.20
C THR B 1003 4.24 -2.12 11.35
N TYR B 1004 4.74 -0.89 11.52
CA TYR B 1004 5.71 -0.64 12.59
C TYR B 1004 5.04 -0.73 13.95
N VAL B 1005 3.91 -0.06 14.14
CA VAL B 1005 3.30 -0.02 15.47
C VAL B 1005 2.77 -1.39 15.86
N THR B 1006 2.22 -2.13 14.89
CA THR B 1006 1.70 -3.46 15.21
C THR B 1006 2.80 -4.38 15.70
N GLN B 1007 3.98 -4.28 15.09
CA GLN B 1007 5.12 -5.05 15.61
C GLN B 1007 5.49 -4.59 17.01
N GLN B 1008 5.45 -3.29 17.27
CA GLN B 1008 5.76 -2.80 18.60
C GLN B 1008 4.74 -3.29 19.63
N LEU B 1009 3.46 -3.30 19.25
CA LEU B 1009 2.43 -3.76 20.18
C LEU B 1009 2.68 -5.19 20.62
N ILE B 1010 3.05 -6.06 19.69
CA ILE B 1010 3.35 -7.45 20.04
C ILE B 1010 4.60 -7.52 20.90
N ARG B 1011 5.65 -6.76 20.54
CA ARG B 1011 6.90 -6.85 21.28
C ARG B 1011 6.73 -6.39 22.72
N ALA B 1012 5.96 -5.31 22.93
CA ALA B 1012 5.73 -4.85 24.29
C ALA B 1012 5.03 -5.92 25.12
N ALA B 1013 4.16 -6.71 24.49
CA ALA B 1013 3.53 -7.81 25.21
C ALA B 1013 4.56 -8.85 25.61
N GLU B 1014 5.54 -9.11 24.76
CA GLU B 1014 6.60 -10.04 25.12
C GLU B 1014 7.40 -9.53 26.30
N ILE B 1015 7.67 -8.22 26.34
CA ILE B 1015 8.38 -7.65 27.47
C ILE B 1015 7.52 -7.68 28.72
N ARG B 1016 6.24 -7.29 28.59
CA ARG B 1016 5.35 -7.30 29.75
C ARG B 1016 5.16 -8.71 30.30
N ALA B 1017 5.33 -9.73 29.47
CA ALA B 1017 5.34 -11.10 29.96
C ALA B 1017 6.64 -11.44 30.67
N SER B 1018 7.64 -10.56 30.61
CA SER B 1018 8.90 -10.76 31.31
C SER B 1018 9.09 -9.81 32.48
N ALA B 1019 8.48 -8.64 32.45
CA ALA B 1019 8.49 -7.79 33.64
C ALA B 1019 7.50 -8.28 34.68
N ASN B 1020 6.36 -8.84 34.25
CA ASN B 1020 5.45 -9.47 35.19
C ASN B 1020 6.01 -10.74 35.79
N LEU B 1021 7.10 -11.26 35.24
CA LEU B 1021 7.81 -12.40 35.83
C LEU B 1021 8.96 -11.95 36.71
N ALA B 1022 9.76 -10.98 36.25
CA ALA B 1022 10.84 -10.47 37.09
C ALA B 1022 10.32 -9.89 38.38
N ALA B 1023 9.11 -9.32 38.34
CA ALA B 1023 8.49 -8.86 39.58
C ALA B 1023 8.23 -10.03 40.52
N THR B 1024 7.75 -11.15 39.99
CA THR B 1024 7.52 -12.32 40.82
C THR B 1024 8.84 -12.95 41.26
N LYS B 1025 9.83 -12.95 40.39
CA LYS B 1025 11.12 -13.54 40.71
C LYS B 1025 11.89 -12.72 41.73
N MET B 1026 11.51 -11.46 41.93
CA MET B 1026 12.15 -10.61 42.93
C MET B 1026 11.36 -10.53 44.22
N SER B 1027 10.07 -10.80 44.19
CA SER B 1027 9.28 -10.86 45.40
C SER B 1027 9.35 -12.21 46.09
N GLU B 1028 10.00 -13.20 45.50
CA GLU B 1028 10.15 -14.51 46.11
C GLU B 1028 11.60 -14.89 46.33
N CYS B 1029 12.46 -14.79 45.31
CA CYS B 1029 13.84 -15.18 45.50
C CYS B 1029 14.60 -14.18 46.37
N VAL B 1030 14.12 -12.95 46.48
CA VAL B 1030 14.88 -11.93 47.20
C VAL B 1030 14.31 -11.70 48.60
N LEU B 1031 13.06 -11.25 48.67
CA LEU B 1031 12.43 -10.95 49.95
C LEU B 1031 11.87 -12.19 50.59
N GLY B 1032 12.69 -13.23 50.69
CA GLY B 1032 12.25 -14.50 51.23
C GLY B 1032 12.94 -15.66 50.53
N GLN B 1033 12.72 -16.86 51.01
CA GLN B 1033 13.25 -18.06 50.37
C GLN B 1033 12.12 -18.75 49.61
N SER B 1034 12.47 -19.40 48.51
CA SER B 1034 11.49 -20.02 47.63
C SER B 1034 11.67 -21.53 47.65
N LYS B 1035 10.55 -22.24 47.82
CA LYS B 1035 10.54 -23.70 47.77
C LYS B 1035 10.10 -24.24 46.42
N ARG B 1036 9.85 -23.38 45.43
CA ARG B 1036 9.49 -23.86 44.11
C ARG B 1036 10.72 -24.45 43.43
N VAL B 1037 10.63 -25.71 43.02
CA VAL B 1037 11.79 -26.42 42.54
C VAL B 1037 12.25 -25.85 41.22
N ASP B 1038 13.56 -25.60 41.11
CA ASP B 1038 14.18 -25.15 39.86
C ASP B 1038 13.63 -23.79 39.40
N PHE B 1039 13.14 -22.99 40.34
CA PHE B 1039 12.72 -21.62 40.05
C PHE B 1039 13.83 -20.61 40.34
N CYS B 1040 14.28 -20.55 41.59
CA CYS B 1040 15.26 -19.57 42.01
C CYS B 1040 16.61 -20.27 42.04
N GLY B 1041 17.20 -20.44 40.87
CA GLY B 1041 18.49 -21.09 40.76
C GLY B 1041 18.38 -22.60 40.82
N LYS B 1042 19.19 -23.30 40.02
CA LYS B 1042 19.16 -24.76 40.01
C LYS B 1042 19.68 -25.32 41.31
N GLY B 1043 18.95 -26.26 41.88
CA GLY B 1043 19.25 -26.81 43.19
C GLY B 1043 18.42 -26.16 44.28
N TYR B 1044 18.72 -26.53 45.51
CA TYR B 1044 18.10 -25.88 46.66
C TYR B 1044 18.56 -24.44 46.73
N HIS B 1045 17.64 -23.53 47.03
CA HIS B 1045 17.86 -22.11 46.90
C HIS B 1045 18.13 -21.47 48.24
N LEU B 1046 19.15 -20.61 48.30
CA LEU B 1046 19.52 -19.95 49.54
C LEU B 1046 19.10 -18.48 49.58
N MET B 1047 19.53 -17.69 48.61
CA MET B 1047 19.16 -16.28 48.54
C MET B 1047 19.33 -15.81 47.11
N SER B 1048 19.35 -14.49 46.91
CA SER B 1048 19.57 -13.91 45.60
C SER B 1048 20.07 -12.49 45.77
N PHE B 1049 20.58 -11.95 44.69
CA PHE B 1049 21.10 -10.58 44.69
C PHE B 1049 20.75 -9.93 43.37
N PRO B 1050 20.06 -8.80 43.38
CA PRO B 1050 19.75 -8.11 42.13
C PRO B 1050 20.80 -7.08 41.76
N GLN B 1051 21.12 -7.05 40.48
CA GLN B 1051 22.00 -6.05 39.90
C GLN B 1051 21.28 -5.41 38.72
N SER B 1052 21.52 -4.12 38.52
CA SER B 1052 20.82 -3.37 37.50
C SER B 1052 21.66 -3.30 36.23
N ALA B 1053 21.05 -3.62 35.10
CA ALA B 1053 21.70 -3.57 33.80
C ALA B 1053 20.86 -2.74 32.85
N PRO B 1054 21.45 -2.16 31.81
CA PRO B 1054 20.70 -1.26 30.93
C PRO B 1054 19.57 -1.99 30.23
N HIS B 1055 18.34 -1.53 30.46
CA HIS B 1055 17.13 -2.12 29.88
C HIS B 1055 16.96 -3.58 30.31
N GLY B 1056 17.15 -3.83 31.60
CA GLY B 1056 17.03 -5.18 32.10
C GLY B 1056 17.48 -5.27 33.53
N VAL B 1057 17.70 -6.51 33.97
CA VAL B 1057 18.14 -6.80 35.33
C VAL B 1057 18.93 -8.10 35.30
N VAL B 1058 19.89 -8.22 36.21
CA VAL B 1058 20.74 -9.39 36.32
C VAL B 1058 20.65 -9.92 37.73
N PHE B 1059 20.31 -11.20 37.86
CA PHE B 1059 20.17 -11.84 39.15
C PHE B 1059 21.39 -12.69 39.45
N LEU B 1060 21.65 -12.91 40.73
CA LEU B 1060 22.75 -13.75 41.20
C LEU B 1060 22.19 -14.76 42.19
N HIS B 1061 21.67 -15.87 41.68
CA HIS B 1061 21.14 -16.90 42.55
C HIS B 1061 22.29 -17.62 43.26
N VAL B 1062 22.10 -17.91 44.54
CA VAL B 1062 23.07 -18.66 45.34
C VAL B 1062 22.40 -19.94 45.81
N THR B 1063 22.91 -21.08 45.35
CA THR B 1063 22.23 -22.35 45.53
C THR B 1063 23.14 -23.38 46.19
N TYR B 1064 22.51 -24.41 46.74
CA TYR B 1064 23.18 -25.48 47.47
C TYR B 1064 23.14 -26.75 46.62
N VAL B 1065 24.28 -27.41 46.45
CA VAL B 1065 24.32 -28.63 45.64
C VAL B 1065 25.20 -29.67 46.32
N PRO B 1066 24.72 -30.92 46.45
CA PRO B 1066 25.49 -31.95 47.16
C PRO B 1066 26.75 -32.42 46.43
N ALA B 1067 27.44 -33.40 47.01
CA ALA B 1067 28.74 -33.85 46.54
C ALA B 1067 28.85 -35.34 46.83
N GLN B 1068 30.10 -35.84 46.88
CA GLN B 1068 30.40 -37.28 46.94
C GLN B 1068 29.44 -38.03 47.84
N GLU B 1069 29.00 -39.20 47.37
CA GLU B 1069 28.02 -40.02 48.05
C GLU B 1069 28.55 -41.45 48.19
N LYS B 1070 28.01 -42.17 49.17
CA LYS B 1070 28.42 -43.52 49.47
C LYS B 1070 27.20 -44.42 49.59
N ASN B 1071 27.34 -45.67 49.17
CA ASN B 1071 26.24 -46.63 49.28
C ASN B 1071 25.99 -46.98 50.74
N PHE B 1072 24.77 -47.42 51.02
CA PHE B 1072 24.40 -47.88 52.35
C PHE B 1072 23.25 -48.87 52.22
N THR B 1073 22.91 -49.48 53.35
CA THR B 1073 21.82 -50.45 53.42
C THR B 1073 20.71 -49.91 54.33
N THR B 1074 19.47 -49.98 53.84
CA THR B 1074 18.34 -49.33 54.47
C THR B 1074 17.23 -50.34 54.73
N ALA B 1075 16.44 -50.06 55.78
CA ALA B 1075 15.29 -50.88 56.13
C ALA B 1075 14.25 -49.96 56.76
N PRO B 1076 12.99 -50.03 56.32
CA PRO B 1076 12.02 -49.01 56.73
C PRO B 1076 11.73 -49.00 58.22
N ALA B 1077 11.32 -50.13 58.77
CA ALA B 1077 10.94 -50.21 60.17
C ALA B 1077 11.96 -51.02 60.93
N ILE B 1078 11.97 -50.86 62.25
CA ILE B 1078 12.87 -51.60 63.13
C ILE B 1078 12.03 -52.22 64.25
N CYS B 1079 12.10 -53.54 64.37
CA CYS B 1079 11.30 -54.28 65.35
C CYS B 1079 12.11 -54.40 66.63
N HIS B 1080 11.77 -53.59 67.63
CA HIS B 1080 12.52 -53.66 68.89
C HIS B 1080 12.09 -54.86 69.72
N ASP B 1081 10.82 -54.90 70.13
CA ASP B 1081 10.29 -56.06 70.83
C ASP B 1081 8.79 -56.13 70.51
N GLY B 1082 8.46 -56.88 69.46
CA GLY B 1082 7.08 -57.07 69.05
C GLY B 1082 6.39 -55.85 68.47
N LYS B 1083 6.95 -54.66 68.63
CA LYS B 1083 6.34 -53.43 68.16
C LYS B 1083 7.27 -52.73 67.18
N ALA B 1084 6.70 -52.20 66.12
CA ALA B 1084 7.51 -51.51 65.11
C ALA B 1084 8.05 -50.21 65.68
N HIS B 1085 8.98 -49.61 64.93
CA HIS B 1085 9.55 -48.32 65.30
C HIS B 1085 9.94 -47.59 64.03
N PHE B 1086 9.30 -46.46 63.78
CA PHE B 1086 9.57 -45.74 62.56
C PHE B 1086 10.38 -44.49 62.88
N PRO B 1087 11.18 -43.98 61.93
CA PRO B 1087 12.03 -42.83 62.24
C PRO B 1087 11.22 -41.59 62.51
N ARG B 1088 11.75 -40.72 63.37
CA ARG B 1088 11.13 -39.43 63.57
C ARG B 1088 11.26 -38.56 62.32
N GLU B 1089 12.51 -38.24 61.96
CA GLU B 1089 12.78 -37.49 60.73
C GLU B 1089 14.12 -37.96 60.18
N GLY B 1090 14.09 -38.89 59.23
CA GLY B 1090 15.27 -39.36 58.57
C GLY B 1090 15.12 -40.79 58.13
N VAL B 1091 16.16 -41.30 57.46
CA VAL B 1091 16.20 -42.67 57.00
C VAL B 1091 16.95 -43.51 58.02
N PHE B 1092 16.74 -44.82 57.98
CA PHE B 1092 17.50 -45.76 58.79
C PHE B 1092 18.61 -46.38 57.95
N VAL B 1093 19.84 -46.30 58.45
CA VAL B 1093 21.02 -46.72 57.69
C VAL B 1093 21.95 -47.51 58.61
N SER B 1094 22.52 -48.59 58.08
CA SER B 1094 23.57 -49.31 58.77
C SER B 1094 24.73 -49.54 57.82
N ASN B 1095 25.95 -49.56 58.37
CA ASN B 1095 27.14 -49.88 57.57
C ASN B 1095 27.50 -51.36 57.65
N GLY B 1096 26.53 -52.22 57.94
CA GLY B 1096 26.76 -53.65 58.03
C GLY B 1096 26.95 -54.18 59.43
N THR B 1097 27.24 -53.33 60.41
CA THR B 1097 27.46 -53.76 61.78
C THR B 1097 26.54 -53.08 62.77
N HIS B 1098 26.20 -51.81 62.57
CA HIS B 1098 25.37 -51.08 63.51
C HIS B 1098 24.42 -50.18 62.74
N TRP B 1099 23.16 -50.14 63.19
CA TRP B 1099 22.15 -49.34 62.52
C TRP B 1099 22.18 -47.90 63.03
N PHE B 1100 21.87 -46.96 62.14
CA PHE B 1100 21.92 -45.54 62.46
C PHE B 1100 20.83 -44.80 61.69
N VAL B 1101 20.40 -43.68 62.25
CA VAL B 1101 19.42 -42.79 61.63
C VAL B 1101 20.06 -41.43 61.44
N THR B 1102 19.93 -40.86 60.25
CA THR B 1102 20.57 -39.59 59.94
C THR B 1102 19.55 -38.70 59.25
N GLN B 1103 20.02 -37.56 58.74
CA GLN B 1103 19.19 -36.69 57.91
C GLN B 1103 19.20 -37.18 56.46
N ARG B 1104 18.38 -36.55 55.64
CA ARG B 1104 18.26 -37.01 54.26
C ARG B 1104 19.21 -36.32 53.30
N ASN B 1105 20.03 -35.36 53.75
CA ASN B 1105 20.88 -34.65 52.82
C ASN B 1105 22.28 -34.35 53.35
N PHE B 1106 22.67 -34.92 54.49
CA PHE B 1106 24.04 -34.74 54.99
C PHE B 1106 24.32 -35.87 55.96
N TYR B 1107 25.23 -36.77 55.58
CA TYR B 1107 25.47 -37.96 56.38
C TYR B 1107 25.94 -37.59 57.77
N GLU B 1108 25.11 -37.91 58.77
CA GLU B 1108 25.43 -37.63 60.17
C GLU B 1108 24.67 -38.58 61.08
N PRO B 1109 25.26 -39.72 61.42
CA PRO B 1109 24.52 -40.74 62.19
C PRO B 1109 24.42 -40.38 63.66
N GLN B 1110 23.41 -40.98 64.30
CA GLN B 1110 23.22 -40.90 65.74
C GLN B 1110 22.71 -42.22 66.27
N ILE B 1111 22.93 -42.44 67.56
CA ILE B 1111 22.43 -43.64 68.23
C ILE B 1111 20.91 -43.62 68.24
N ILE B 1112 20.30 -44.80 68.12
CA ILE B 1112 18.85 -44.89 68.01
C ILE B 1112 18.23 -44.94 69.40
N THR B 1113 18.01 -43.78 70.00
CA THR B 1113 17.37 -43.70 71.30
C THR B 1113 15.86 -43.70 71.14
N THR B 1114 15.15 -43.84 72.26
CA THR B 1114 13.69 -43.87 72.21
C THR B 1114 13.09 -42.52 71.85
N ASP B 1115 13.86 -41.44 71.96
CA ASP B 1115 13.36 -40.13 71.56
C ASP B 1115 13.45 -39.89 70.06
N ASN B 1116 14.12 -40.78 69.34
CA ASN B 1116 14.32 -40.61 67.91
C ASN B 1116 13.28 -41.35 67.07
N THR B 1117 12.32 -42.03 67.70
CA THR B 1117 11.35 -42.83 66.96
C THR B 1117 9.95 -42.61 67.52
N PHE B 1118 8.95 -42.83 66.68
CA PHE B 1118 7.56 -42.90 67.11
C PHE B 1118 6.97 -44.24 66.70
N VAL B 1119 6.26 -44.86 67.63
CA VAL B 1119 5.83 -46.25 67.50
C VAL B 1119 4.35 -46.31 67.13
N SER B 1120 4.04 -47.05 66.06
CA SER B 1120 2.65 -47.27 65.67
C SER B 1120 2.60 -48.55 64.83
N GLY B 1121 2.15 -49.63 65.43
CA GLY B 1121 2.00 -50.89 64.72
C GLY B 1121 2.23 -52.07 65.64
N ASN B 1122 2.37 -53.24 65.03
CA ASN B 1122 2.61 -54.47 65.79
C ASN B 1122 3.66 -55.38 65.14
N CYS B 1123 4.43 -54.89 64.19
CA CYS B 1123 5.54 -55.64 63.59
C CYS B 1123 5.04 -56.90 62.88
N ASP B 1124 3.95 -56.76 62.13
CA ASP B 1124 3.40 -57.88 61.36
C ASP B 1124 3.04 -57.55 59.92
N VAL B 1125 2.77 -56.28 59.59
CA VAL B 1125 2.34 -55.91 58.25
C VAL B 1125 3.44 -55.20 57.47
N VAL B 1126 4.36 -54.52 58.15
CA VAL B 1126 5.47 -53.87 57.46
C VAL B 1126 6.32 -54.94 56.77
N ILE B 1127 7.06 -54.50 55.76
CA ILE B 1127 7.91 -55.39 54.96
C ILE B 1127 9.33 -54.86 54.99
N GLY B 1128 10.29 -55.74 55.22
CA GLY B 1128 11.68 -55.35 55.31
C GLY B 1128 12.13 -54.93 56.69
N ILE B 1129 11.26 -55.05 57.70
CA ILE B 1129 11.64 -54.67 59.06
C ILE B 1129 12.76 -55.57 59.55
N VAL B 1130 13.70 -54.99 60.30
CA VAL B 1130 14.87 -55.69 60.79
C VAL B 1130 14.97 -55.50 62.30
N ASN B 1131 15.29 -56.59 63.01
CA ASN B 1131 15.43 -56.53 64.46
C ASN B 1131 16.62 -55.67 64.86
N ASN B 1132 16.50 -55.04 66.03
CA ASN B 1132 17.56 -54.25 66.63
C ASN B 1132 17.11 -53.86 68.02
N THR B 1133 17.97 -53.13 68.73
CA THR B 1133 17.66 -52.60 70.05
C THR B 1133 17.71 -51.09 70.01
N VAL B 1134 16.67 -50.45 70.56
CA VAL B 1134 16.65 -48.99 70.69
C VAL B 1134 17.07 -48.66 72.12
N TYR B 1135 18.11 -47.85 72.25
CA TYR B 1135 18.62 -47.48 73.56
C TYR B 1135 17.59 -46.66 74.32
N ASP B 1136 17.54 -46.84 75.63
CA ASP B 1136 16.65 -46.07 76.49
C ASP B 1136 17.47 -45.19 77.41
N PRO B 1137 17.32 -43.88 77.35
CA PRO B 1137 18.10 -42.98 78.21
C PRO B 1137 17.48 -42.67 79.57
N LEU B 1138 16.39 -43.34 79.93
CA LEU B 1138 15.68 -43.07 81.18
C LEU B 1138 15.90 -44.13 82.25
N GLN B 1139 16.06 -45.39 81.85
CA GLN B 1139 16.31 -46.47 82.80
C GLN B 1139 17.67 -46.42 83.48
N PRO B 1140 18.76 -45.92 82.85
CA PRO B 1140 20.04 -45.91 83.57
C PRO B 1140 20.02 -45.09 84.85
N GLU B 1141 19.21 -44.03 84.89
CA GLU B 1141 19.09 -43.23 86.10
C GLU B 1141 18.41 -44.03 87.20
N THR C 22 -55.73 -34.14 -18.48
CA THR C 22 -55.62 -34.66 -17.12
C THR C 22 -54.56 -33.90 -16.33
N GLN C 23 -54.76 -32.60 -16.20
CA GLN C 23 -53.84 -31.78 -15.41
C GLN C 23 -53.86 -32.25 -13.96
N SER C 24 -52.67 -32.48 -13.39
CA SER C 24 -52.58 -32.99 -12.04
C SER C 24 -51.29 -32.49 -11.40
N TYR C 25 -51.24 -32.51 -10.07
CA TYR C 25 -50.11 -31.97 -9.34
C TYR C 25 -49.46 -33.08 -8.52
N THR C 26 -48.15 -33.22 -8.66
CA THR C 26 -47.37 -34.16 -7.83
C THR C 26 -46.06 -33.48 -7.43
N ASN C 27 -45.19 -34.25 -6.80
CA ASN C 27 -43.93 -33.74 -6.26
C ASN C 27 -42.76 -34.09 -7.16
N SER C 28 -41.73 -33.23 -7.15
CA SER C 28 -40.58 -33.39 -8.02
C SER C 28 -39.40 -34.08 -7.37
N PHE C 29 -39.34 -34.13 -6.05
CA PHE C 29 -38.27 -34.78 -5.29
C PHE C 29 -36.95 -34.14 -5.71
N THR C 30 -35.89 -34.91 -5.97
CA THR C 30 -34.58 -34.37 -6.33
C THR C 30 -34.32 -34.74 -7.79
N ARG C 31 -34.31 -33.72 -8.65
CA ARG C 31 -34.11 -33.96 -10.07
C ARG C 31 -33.77 -32.63 -10.74
N GLY C 32 -32.95 -32.69 -11.77
CA GLY C 32 -32.58 -31.52 -12.53
C GLY C 32 -31.17 -31.01 -12.32
N VAL C 33 -30.30 -31.77 -11.68
CA VAL C 33 -28.90 -31.37 -11.55
C VAL C 33 -28.20 -31.55 -12.89
N TYR C 34 -27.53 -30.50 -13.35
CA TYR C 34 -26.85 -30.52 -14.63
C TYR C 34 -25.50 -29.82 -14.48
N TYR C 35 -24.53 -30.28 -15.25
CA TYR C 35 -23.18 -29.75 -15.14
C TYR C 35 -23.18 -28.27 -15.44
N PRO C 36 -22.72 -27.41 -14.51
CA PRO C 36 -22.71 -25.98 -14.77
C PRO C 36 -21.48 -25.48 -15.51
N ASP C 37 -20.51 -26.36 -15.75
CA ASP C 37 -19.24 -25.95 -16.35
C ASP C 37 -18.61 -27.16 -17.03
N LYS C 38 -17.68 -26.88 -17.93
CA LYS C 38 -17.04 -27.89 -18.76
C LYS C 38 -15.58 -28.11 -18.37
N VAL C 39 -15.29 -28.09 -17.08
CA VAL C 39 -13.93 -28.27 -16.58
C VAL C 39 -13.92 -29.44 -15.63
N PHE C 40 -12.93 -30.32 -15.79
CA PHE C 40 -12.86 -31.54 -15.00
C PHE C 40 -12.54 -31.23 -13.55
N ARG C 41 -13.24 -31.90 -12.64
CA ARG C 41 -12.95 -31.84 -11.22
C ARG C 41 -12.95 -33.25 -10.66
N SER C 42 -12.45 -33.39 -9.43
CA SER C 42 -12.44 -34.69 -8.78
C SER C 42 -12.31 -34.49 -7.28
N SER C 43 -13.26 -35.04 -6.52
CA SER C 43 -13.27 -34.93 -5.06
C SER C 43 -13.28 -33.47 -4.62
N VAL C 44 -14.21 -32.71 -5.18
CA VAL C 44 -14.32 -31.28 -4.92
C VAL C 44 -15.72 -31.00 -4.41
N LEU C 45 -15.85 -29.92 -3.63
CA LEU C 45 -17.12 -29.46 -3.10
C LEU C 45 -17.48 -28.08 -3.64
N HIS C 46 -17.30 -27.88 -4.94
CA HIS C 46 -17.58 -26.59 -5.54
C HIS C 46 -19.07 -26.27 -5.48
N SER C 47 -19.37 -24.98 -5.34
CA SER C 47 -20.74 -24.51 -5.22
C SER C 47 -20.97 -23.34 -6.17
N THR C 48 -22.12 -23.33 -6.85
CA THR C 48 -22.41 -22.36 -7.88
C THR C 48 -23.86 -21.88 -7.78
N GLN C 49 -24.12 -20.69 -8.30
CA GLN C 49 -25.43 -20.06 -8.19
C GLN C 49 -25.97 -19.78 -9.58
N ASP C 50 -26.98 -20.54 -10.01
CA ASP C 50 -27.54 -20.43 -11.36
C ASP C 50 -29.05 -20.69 -11.28
N LEU C 51 -29.67 -20.81 -12.44
CA LEU C 51 -31.08 -21.19 -12.51
C LEU C 51 -31.19 -22.70 -12.44
N PHE C 52 -31.97 -23.20 -11.49
CA PHE C 52 -32.06 -24.62 -11.19
C PHE C 52 -33.52 -25.03 -11.02
N LEU C 53 -33.73 -26.30 -10.74
CA LEU C 53 -35.06 -26.80 -10.43
C LEU C 53 -35.17 -27.00 -8.93
N PRO C 54 -35.88 -26.14 -8.21
CA PRO C 54 -35.88 -26.22 -6.75
C PRO C 54 -36.38 -27.57 -6.25
N PHE C 55 -35.77 -28.03 -5.16
CA PHE C 55 -36.14 -29.31 -4.58
C PHE C 55 -37.58 -29.28 -4.07
N PHE C 56 -38.30 -30.38 -4.29
CA PHE C 56 -39.65 -30.55 -3.77
C PHE C 56 -40.57 -29.40 -4.20
N SER C 57 -40.78 -29.31 -5.51
CA SER C 57 -41.67 -28.33 -6.10
C SER C 57 -42.75 -29.03 -6.90
N ASN C 58 -43.88 -28.35 -7.06
CA ASN C 58 -45.01 -28.91 -7.78
C ASN C 58 -44.64 -29.19 -9.22
N VAL C 59 -45.05 -30.36 -9.71
CA VAL C 59 -44.96 -30.70 -11.13
C VAL C 59 -46.36 -31.00 -11.62
N THR C 60 -46.72 -30.42 -12.76
CA THR C 60 -48.08 -30.43 -13.27
C THR C 60 -48.13 -31.30 -14.52
N TRP C 61 -48.79 -32.44 -14.41
CA TRP C 61 -49.12 -33.24 -15.59
C TRP C 61 -50.21 -32.50 -16.34
N PHE C 62 -49.81 -31.68 -17.29
CA PHE C 62 -50.73 -31.24 -18.32
C PHE C 62 -50.91 -32.40 -19.30
N HIS C 63 -52.02 -32.40 -20.02
CA HIS C 63 -52.32 -33.55 -20.85
C HIS C 63 -53.23 -33.12 -21.98
N ALA C 64 -52.65 -32.92 -23.17
CA ALA C 64 -53.44 -32.69 -24.36
C ALA C 64 -54.33 -33.90 -24.63
N ILE C 65 -55.56 -33.65 -25.08
CA ILE C 65 -56.58 -34.68 -25.22
C ILE C 65 -57.16 -34.56 -26.62
N HIS C 66 -56.62 -35.35 -27.57
CA HIS C 66 -57.28 -35.50 -28.88
C HIS C 66 -57.13 -36.96 -29.34
N VAL C 67 -58.04 -37.82 -28.88
CA VAL C 67 -58.35 -39.09 -29.54
C VAL C 67 -59.67 -39.58 -28.97
N SER C 68 -60.60 -39.95 -29.85
CA SER C 68 -61.88 -40.52 -29.42
C SER C 68 -62.66 -41.00 -30.63
N GLY C 69 -63.23 -42.19 -30.52
CA GLY C 69 -64.18 -42.67 -31.52
C GLY C 69 -63.61 -42.70 -32.91
N THR C 70 -64.40 -42.22 -33.87
CA THR C 70 -63.99 -42.14 -35.27
C THR C 70 -64.30 -40.80 -35.93
N ASN C 71 -65.03 -39.90 -35.26
CA ASN C 71 -65.39 -38.63 -35.84
C ASN C 71 -64.28 -37.61 -35.60
N GLY C 72 -64.58 -36.33 -35.85
CA GLY C 72 -63.55 -35.30 -35.77
C GLY C 72 -62.96 -35.16 -34.39
N THR C 73 -63.79 -35.24 -33.34
CA THR C 73 -63.36 -35.07 -31.95
C THR C 73 -62.68 -33.72 -31.76
N LYS C 74 -63.49 -32.68 -31.93
CA LYS C 74 -62.99 -31.31 -31.80
C LYS C 74 -62.34 -31.11 -30.43
N ARG C 75 -61.12 -30.59 -30.44
CA ARG C 75 -60.25 -30.58 -29.27
C ARG C 75 -60.23 -29.23 -28.53
N PHE C 76 -59.87 -28.14 -29.21
CA PHE C 76 -59.67 -26.84 -28.56
C PHE C 76 -58.75 -26.96 -27.32
N ASP C 77 -57.89 -27.97 -27.32
CA ASP C 77 -57.03 -28.29 -26.20
C ASP C 77 -55.68 -27.59 -26.38
N ASN C 78 -54.67 -28.03 -25.62
CA ASN C 78 -53.31 -27.49 -25.67
C ASN C 78 -53.28 -26.02 -25.26
N PRO C 79 -53.52 -25.72 -23.98
CA PRO C 79 -53.36 -24.34 -23.52
C PRO C 79 -51.90 -23.91 -23.65
N VAL C 80 -51.71 -22.61 -23.88
CA VAL C 80 -50.36 -22.08 -24.00
C VAL C 80 -49.69 -22.04 -22.63
N LEU C 81 -48.51 -22.65 -22.53
CA LEU C 81 -47.77 -22.70 -21.29
C LEU C 81 -46.69 -21.64 -21.30
N PRO C 82 -46.68 -20.69 -20.36
CA PRO C 82 -45.64 -19.67 -20.37
C PRO C 82 -44.25 -20.27 -20.18
N PHE C 83 -43.28 -19.71 -20.88
CA PHE C 83 -41.88 -20.11 -20.78
C PHE C 83 -41.15 -19.00 -20.03
N ASN C 84 -41.08 -19.15 -18.71
CA ASN C 84 -40.42 -18.16 -17.86
C ASN C 84 -39.28 -18.84 -17.11
N ASP C 85 -38.09 -18.26 -17.22
CA ASP C 85 -36.90 -18.73 -16.50
C ASP C 85 -36.55 -20.17 -16.83
N GLY C 86 -36.84 -20.60 -18.05
CA GLY C 86 -36.53 -21.95 -18.48
C GLY C 86 -37.57 -22.96 -18.00
N VAL C 87 -37.55 -24.13 -18.63
CA VAL C 87 -38.53 -25.18 -18.37
C VAL C 87 -37.83 -26.53 -18.34
N TYR C 88 -38.19 -27.34 -17.36
CA TYR C 88 -37.73 -28.72 -17.26
C TYR C 88 -38.84 -29.64 -17.76
N PHE C 89 -38.54 -30.42 -18.79
CA PHE C 89 -39.52 -31.26 -19.49
C PHE C 89 -39.12 -32.71 -19.34
N ALA C 90 -40.04 -33.53 -18.84
CA ALA C 90 -39.79 -34.96 -18.68
C ALA C 90 -40.90 -35.75 -19.35
N SER C 91 -40.52 -36.87 -19.95
CA SER C 91 -41.53 -37.69 -20.62
C SER C 91 -41.05 -39.13 -20.72
N THR C 92 -42.03 -40.02 -20.88
CA THR C 92 -41.79 -41.44 -21.17
C THR C 92 -42.81 -41.85 -22.23
N GLU C 93 -42.39 -41.79 -23.50
CA GLU C 93 -43.24 -42.08 -24.64
C GLU C 93 -42.77 -43.35 -25.34
N LYS C 94 -43.69 -44.02 -26.03
CA LYS C 94 -43.38 -45.29 -26.66
C LYS C 94 -42.32 -45.17 -27.76
N SER C 95 -42.60 -44.53 -28.89
CA SER C 95 -41.58 -44.36 -29.91
C SER C 95 -41.31 -42.90 -30.28
N ASN C 96 -42.29 -42.20 -30.88
CA ASN C 96 -41.98 -40.89 -31.45
C ASN C 96 -43.12 -39.86 -31.39
N ILE C 97 -44.16 -40.08 -30.59
CA ILE C 97 -45.37 -39.26 -30.72
C ILE C 97 -45.06 -37.79 -30.40
N ILE C 98 -44.20 -37.54 -29.42
CA ILE C 98 -43.67 -36.20 -29.23
C ILE C 98 -42.66 -35.90 -30.33
N ARG C 99 -42.82 -34.74 -30.98
CA ARG C 99 -42.05 -34.43 -32.16
C ARG C 99 -41.33 -33.08 -32.12
N GLY C 100 -41.62 -32.21 -31.16
CA GLY C 100 -40.92 -30.93 -31.13
C GLY C 100 -41.52 -29.97 -30.13
N TRP C 101 -41.04 -28.74 -30.21
CA TRP C 101 -41.42 -27.68 -29.28
C TRP C 101 -41.46 -26.35 -30.04
N ILE C 102 -42.26 -25.41 -29.53
CA ILE C 102 -42.37 -24.08 -30.11
C ILE C 102 -42.07 -23.05 -29.04
N PHE C 103 -41.23 -22.08 -29.38
CA PHE C 103 -40.88 -20.97 -28.50
C PHE C 103 -41.12 -19.66 -29.24
N GLY C 104 -41.65 -18.67 -28.53
CA GLY C 104 -41.90 -17.38 -29.14
C GLY C 104 -42.94 -16.61 -28.36
N THR C 105 -43.36 -15.49 -28.96
CA THR C 105 -44.38 -14.63 -28.37
C THR C 105 -45.43 -14.33 -29.43
N THR C 106 -46.68 -14.65 -29.12
CA THR C 106 -47.88 -14.28 -29.89
C THR C 106 -47.96 -15.10 -31.18
N LEU C 107 -46.88 -15.80 -31.52
CA LEU C 107 -46.83 -16.81 -32.58
C LEU C 107 -47.65 -16.41 -33.82
N ASP C 108 -47.29 -15.25 -34.39
CA ASP C 108 -47.96 -14.76 -35.58
C ASP C 108 -46.94 -14.14 -36.53
N SER C 109 -47.42 -13.58 -37.62
CA SER C 109 -46.56 -12.84 -38.55
C SER C 109 -46.50 -11.37 -38.17
N LYS C 110 -46.25 -11.12 -36.89
CA LYS C 110 -45.96 -9.79 -36.38
C LYS C 110 -44.85 -9.77 -35.35
N THR C 111 -44.49 -10.91 -34.78
CA THR C 111 -43.40 -11.04 -33.83
C THR C 111 -42.48 -12.16 -34.28
N GLN C 112 -41.18 -11.95 -34.13
CA GLN C 112 -40.22 -12.98 -34.52
C GLN C 112 -40.48 -14.25 -33.74
N SER C 113 -40.47 -15.37 -34.45
CA SER C 113 -40.90 -16.64 -33.88
C SER C 113 -39.90 -17.73 -34.20
N LEU C 114 -39.83 -18.71 -33.31
CA LEU C 114 -39.04 -19.91 -33.51
C LEU C 114 -39.88 -21.02 -34.12
N LEU C 115 -39.20 -22.07 -34.56
CA LEU C 115 -39.87 -23.25 -35.09
C LEU C 115 -38.90 -24.42 -34.93
N ILE C 116 -39.14 -25.24 -33.92
CA ILE C 116 -38.27 -26.35 -33.59
C ILE C 116 -39.04 -27.64 -33.72
N VAL C 117 -38.61 -28.51 -34.63
CA VAL C 117 -39.26 -29.79 -34.88
C VAL C 117 -38.19 -30.86 -34.94
N ASN C 118 -38.47 -32.01 -34.34
CA ASN C 118 -37.54 -33.13 -34.35
C ASN C 118 -38.00 -34.17 -35.36
N ASN C 119 -37.01 -34.73 -36.07
CA ASN C 119 -37.21 -35.65 -37.17
C ASN C 119 -36.94 -37.08 -36.69
N ALA C 120 -36.97 -38.03 -37.62
CA ALA C 120 -36.55 -39.40 -37.34
C ALA C 120 -35.13 -39.37 -36.82
N THR C 121 -34.17 -38.98 -37.68
CA THR C 121 -32.82 -38.62 -37.22
C THR C 121 -32.37 -37.35 -37.94
N ASN C 122 -32.83 -36.20 -37.44
CA ASN C 122 -32.48 -34.85 -37.92
C ASN C 122 -33.04 -33.84 -36.92
N VAL C 123 -32.90 -32.57 -37.28
CA VAL C 123 -33.55 -31.47 -36.56
C VAL C 123 -33.56 -30.25 -37.47
N VAL C 124 -34.68 -29.53 -37.46
CA VAL C 124 -34.93 -28.48 -38.45
C VAL C 124 -35.20 -27.13 -37.78
N ILE C 125 -34.52 -26.85 -36.67
CA ILE C 125 -34.71 -25.59 -35.96
C ILE C 125 -34.57 -24.41 -36.93
N LYS C 126 -35.50 -23.46 -36.82
CA LYS C 126 -35.47 -22.29 -37.69
C LYS C 126 -36.14 -21.11 -36.99
N VAL C 127 -35.92 -19.92 -37.54
CA VAL C 127 -36.53 -18.69 -37.06
C VAL C 127 -37.25 -18.04 -38.24
N CYS C 128 -38.50 -17.64 -38.03
CA CYS C 128 -39.30 -17.06 -39.09
C CYS C 128 -40.39 -16.20 -38.49
N GLU C 129 -41.18 -15.59 -39.37
CA GLU C 129 -42.35 -14.81 -39.01
C GLU C 129 -43.60 -15.40 -39.67
N PHE C 130 -43.70 -16.72 -39.65
CA PHE C 130 -44.85 -17.42 -40.21
C PHE C 130 -46.12 -17.02 -39.46
N GLN C 131 -47.21 -16.86 -40.21
CA GLN C 131 -48.45 -16.36 -39.61
C GLN C 131 -49.10 -17.43 -38.74
N PHE C 132 -49.12 -18.68 -39.21
CA PHE C 132 -49.18 -19.85 -38.33
C PHE C 132 -48.80 -21.08 -39.16
N CYS C 133 -48.70 -22.21 -38.47
CA CYS C 133 -48.53 -23.50 -39.14
C CYS C 133 -49.37 -24.60 -38.47
N ASN C 134 -50.38 -24.24 -37.70
CA ASN C 134 -51.16 -25.21 -36.92
C ASN C 134 -52.29 -25.79 -37.75
N ASP C 135 -51.91 -26.49 -38.82
CA ASP C 135 -52.86 -27.25 -39.64
C ASP C 135 -52.29 -28.63 -39.94
N PRO C 136 -52.22 -29.50 -38.93
CA PRO C 136 -51.67 -30.85 -39.16
C PRO C 136 -52.57 -31.73 -40.02
N PHE C 137 -53.84 -31.37 -40.22
CA PHE C 137 -54.80 -32.17 -40.98
C PHE C 137 -54.96 -33.56 -40.37
N LEU C 138 -55.52 -33.58 -39.16
CA LEU C 138 -55.76 -34.84 -38.45
C LEU C 138 -56.79 -35.66 -39.20
N ASP C 139 -56.44 -36.91 -39.53
CA ASP C 139 -57.32 -37.77 -40.30
C ASP C 139 -58.56 -38.14 -39.51
N VAL C 140 -59.67 -38.34 -40.23
CA VAL C 140 -60.87 -38.85 -39.60
C VAL C 140 -60.62 -40.22 -38.98
N TYR C 141 -59.69 -40.98 -39.54
CA TYR C 141 -59.28 -42.27 -39.00
C TYR C 141 -57.87 -42.19 -38.40
N TYR C 142 -57.57 -41.09 -37.71
CA TYR C 142 -56.23 -40.89 -37.15
C TYR C 142 -55.91 -41.82 -36.00
N HIS C 143 -56.90 -42.58 -35.50
CA HIS C 143 -56.66 -43.51 -34.41
C HIS C 143 -55.55 -44.48 -34.77
N GLU C 144 -54.63 -44.69 -33.83
CA GLU C 144 -53.52 -45.60 -34.05
C GLU C 144 -53.91 -47.06 -33.88
N ASN C 145 -55.08 -47.33 -33.28
CA ASN C 145 -55.50 -48.72 -33.07
C ASN C 145 -55.73 -49.42 -34.40
N ASN C 146 -56.34 -48.73 -35.37
CA ASN C 146 -56.53 -49.30 -36.70
C ASN C 146 -55.27 -49.14 -37.55
N LYS C 147 -54.86 -47.89 -37.78
CA LYS C 147 -53.67 -47.61 -38.57
C LYS C 147 -52.91 -46.45 -37.94
N SER C 148 -51.65 -46.68 -37.61
CA SER C 148 -50.77 -45.64 -37.06
C SER C 148 -50.05 -44.86 -38.14
N ARG C 149 -50.40 -45.08 -39.42
CA ARG C 149 -49.69 -44.48 -40.54
C ARG C 149 -49.85 -42.96 -40.50
N MET C 150 -48.78 -42.26 -40.15
CA MET C 150 -48.76 -40.81 -40.14
C MET C 150 -47.33 -40.38 -40.48
N GLU C 151 -47.08 -40.12 -41.76
CA GLU C 151 -45.74 -39.80 -42.26
C GLU C 151 -45.75 -38.43 -42.89
N SER C 152 -44.74 -37.62 -42.54
CA SER C 152 -44.58 -36.28 -43.09
C SER C 152 -45.82 -35.43 -42.86
N GLU C 153 -46.41 -35.55 -41.68
CA GLU C 153 -47.62 -34.81 -41.34
C GLU C 153 -47.29 -33.41 -40.84
N LEU C 154 -46.44 -32.69 -41.58
CA LEU C 154 -45.90 -31.42 -41.10
C LEU C 154 -46.84 -30.25 -41.42
N ARG C 155 -47.02 -29.96 -42.72
CA ARG C 155 -47.75 -28.78 -43.17
C ARG C 155 -47.31 -27.54 -42.38
N VAL C 156 -46.06 -27.14 -42.55
CA VAL C 156 -45.46 -26.12 -41.72
C VAL C 156 -44.88 -25.03 -42.62
N TYR C 157 -44.50 -23.91 -41.99
CA TYR C 157 -44.06 -22.67 -42.65
C TYR C 157 -44.93 -22.34 -43.86
N SER C 158 -46.21 -22.06 -43.56
CA SER C 158 -47.15 -21.71 -44.61
C SER C 158 -46.73 -20.42 -45.32
N SER C 159 -46.25 -19.44 -44.57
CA SER C 159 -45.80 -18.17 -45.14
C SER C 159 -44.50 -17.75 -44.47
N ALA C 160 -43.73 -16.92 -45.19
CA ALA C 160 -42.47 -16.40 -44.68
C ALA C 160 -42.22 -15.04 -45.34
N ASN C 161 -42.55 -13.97 -44.62
CA ASN C 161 -42.33 -12.63 -45.14
C ASN C 161 -40.86 -12.24 -45.08
N ASN C 162 -40.30 -12.21 -43.87
CA ASN C 162 -38.88 -11.94 -43.65
C ASN C 162 -38.35 -13.08 -42.79
N CYS C 163 -37.95 -14.17 -43.45
CA CYS C 163 -37.45 -15.36 -42.76
C CYS C 163 -36.27 -15.90 -43.55
N THR C 164 -35.06 -15.79 -42.99
CA THR C 164 -33.87 -16.24 -43.68
C THR C 164 -33.03 -17.15 -42.77
N PHE C 165 -33.10 -16.91 -41.47
CA PHE C 165 -32.24 -17.60 -40.52
C PHE C 165 -32.70 -19.04 -40.36
N GLU C 166 -31.84 -19.98 -40.76
CA GLU C 166 -32.16 -21.40 -40.78
C GLU C 166 -31.03 -22.16 -40.11
N TYR C 167 -31.33 -23.36 -39.63
CA TYR C 167 -30.33 -24.16 -38.94
C TYR C 167 -30.70 -25.64 -39.08
N VAL C 168 -29.70 -26.47 -39.25
CA VAL C 168 -29.87 -27.93 -39.30
C VAL C 168 -28.65 -28.58 -38.66
N SER C 169 -28.88 -29.70 -37.98
CA SER C 169 -27.79 -30.44 -37.35
C SER C 169 -28.25 -31.89 -37.15
N GLN C 170 -27.50 -32.63 -36.34
CA GLN C 170 -27.81 -34.02 -36.07
C GLN C 170 -28.99 -34.13 -35.10
N PRO C 171 -29.67 -35.28 -35.08
CA PRO C 171 -30.85 -35.43 -34.21
C PRO C 171 -30.48 -35.30 -32.74
N PHE C 172 -31.41 -34.76 -31.96
CA PHE C 172 -31.24 -34.58 -30.53
C PHE C 172 -31.76 -35.78 -29.74
N LEU C 173 -33.00 -36.19 -30.00
CA LEU C 173 -33.60 -37.30 -29.30
C LEU C 173 -33.16 -38.61 -29.94
N MET C 174 -32.66 -39.52 -29.13
CA MET C 174 -32.20 -40.83 -29.57
C MET C 174 -33.23 -41.85 -29.13
N ASP C 175 -34.21 -42.13 -29.99
CA ASP C 175 -35.23 -43.12 -29.68
C ASP C 175 -34.58 -44.48 -29.53
N LEU C 176 -34.50 -44.96 -28.29
CA LEU C 176 -33.86 -46.23 -27.98
C LEU C 176 -34.84 -47.08 -27.17
N GLU C 177 -34.68 -48.40 -27.29
CA GLU C 177 -35.57 -49.35 -26.65
C GLU C 177 -34.80 -50.23 -25.68
N GLY C 178 -35.37 -50.43 -24.49
CA GLY C 178 -34.78 -51.32 -23.50
C GLY C 178 -35.31 -52.72 -23.64
N LYS C 179 -35.86 -53.04 -24.82
CA LYS C 179 -36.48 -54.31 -25.17
C LYS C 179 -37.78 -54.55 -24.42
N GLN C 180 -38.29 -53.57 -23.70
CA GLN C 180 -39.58 -53.68 -23.04
C GLN C 180 -40.08 -52.28 -22.70
N GLY C 181 -41.39 -52.14 -22.57
CA GLY C 181 -42.00 -50.86 -22.27
C GLY C 181 -41.88 -50.44 -20.82
N ASN C 182 -41.55 -51.36 -19.92
CA ASN C 182 -41.41 -51.01 -18.50
C ASN C 182 -40.27 -50.02 -18.31
N PHE C 183 -39.14 -50.24 -18.97
CA PHE C 183 -38.00 -49.32 -18.91
C PHE C 183 -38.13 -48.25 -19.99
N LYS C 184 -39.21 -47.48 -19.88
CA LYS C 184 -39.43 -46.39 -20.82
C LYS C 184 -38.32 -45.36 -20.71
N ASN C 185 -37.94 -44.78 -21.83
CA ASN C 185 -36.85 -43.81 -21.86
C ASN C 185 -37.29 -42.53 -21.18
N LEU C 186 -36.87 -42.36 -19.92
CA LEU C 186 -37.24 -41.17 -19.15
C LEU C 186 -36.46 -40.00 -19.72
N ARG C 187 -36.96 -39.49 -20.86
CA ARG C 187 -36.34 -38.38 -21.53
C ARG C 187 -36.48 -37.12 -20.69
N GLU C 188 -35.35 -36.47 -20.41
CA GLU C 188 -35.31 -35.25 -19.61
C GLU C 188 -34.62 -34.15 -20.39
N PHE C 189 -35.23 -32.98 -20.42
CA PHE C 189 -34.67 -31.82 -21.10
C PHE C 189 -34.77 -30.62 -20.17
N VAL C 190 -33.80 -29.72 -20.26
CA VAL C 190 -33.81 -28.47 -19.50
C VAL C 190 -33.53 -27.33 -20.47
N PHE C 191 -34.41 -26.34 -20.49
CA PHE C 191 -34.33 -25.26 -21.46
C PHE C 191 -34.15 -23.93 -20.75
N LYS C 192 -33.06 -23.25 -21.04
CA LYS C 192 -32.88 -21.85 -20.68
C LYS C 192 -32.23 -21.13 -21.85
N ASN C 193 -32.49 -19.83 -21.93
CA ASN C 193 -32.16 -19.04 -23.12
C ASN C 193 -31.45 -17.74 -22.74
N ILE C 194 -30.43 -17.85 -21.89
CA ILE C 194 -29.62 -16.68 -21.57
C ILE C 194 -28.70 -16.36 -22.74
N ASP C 195 -28.63 -15.07 -23.08
CA ASP C 195 -27.82 -14.48 -24.15
C ASP C 195 -27.66 -15.43 -25.35
N GLY C 196 -28.81 -15.77 -25.94
CA GLY C 196 -28.80 -16.67 -27.10
C GLY C 196 -28.37 -18.05 -26.68
N TYR C 197 -27.73 -18.75 -27.61
CA TYR C 197 -27.11 -20.06 -27.35
C TYR C 197 -28.09 -20.97 -26.58
N PHE C 198 -29.18 -21.32 -27.26
CA PHE C 198 -30.24 -22.10 -26.64
C PHE C 198 -29.69 -23.36 -25.97
N LYS C 199 -29.83 -23.41 -24.65
CA LYS C 199 -29.32 -24.53 -23.87
C LYS C 199 -30.26 -25.73 -23.94
N ILE C 200 -29.69 -26.91 -24.19
CA ILE C 200 -30.50 -28.10 -24.41
C ILE C 200 -30.03 -29.28 -23.56
N TYR C 201 -29.48 -29.00 -22.38
CA TYR C 201 -29.02 -30.06 -21.47
C TYR C 201 -30.02 -31.21 -21.41
N SER C 202 -29.52 -32.43 -21.50
CA SER C 202 -30.39 -33.60 -21.58
C SER C 202 -29.61 -34.86 -21.25
N LYS C 203 -30.33 -35.97 -21.15
CA LYS C 203 -29.74 -37.27 -20.87
C LYS C 203 -30.78 -38.35 -21.11
N HIS C 204 -30.36 -39.45 -21.74
CA HIS C 204 -31.24 -40.58 -22.02
C HIS C 204 -31.10 -41.59 -20.88
N THR C 205 -32.11 -41.67 -20.03
CA THR C 205 -32.08 -42.53 -18.84
C THR C 205 -33.35 -43.38 -18.77
N PRO C 206 -33.36 -44.54 -19.41
CA PRO C 206 -34.56 -45.39 -19.37
C PRO C 206 -34.57 -46.33 -18.17
N VAL C 207 -33.74 -46.04 -17.16
CA VAL C 207 -33.54 -46.94 -16.04
C VAL C 207 -34.80 -47.11 -15.20
N ASN C 208 -35.77 -46.22 -15.33
CA ASN C 208 -36.98 -46.26 -14.52
C ASN C 208 -37.70 -47.60 -14.67
N LEU C 209 -38.18 -48.14 -13.55
CA LEU C 209 -38.85 -49.43 -13.52
C LEU C 209 -40.37 -49.32 -13.48
N GLY C 210 -40.92 -48.10 -13.54
CA GLY C 210 -42.36 -47.96 -13.58
C GLY C 210 -42.91 -46.79 -12.79
N ARG C 211 -42.12 -46.23 -11.88
CA ARG C 211 -42.59 -45.11 -11.07
C ARG C 211 -42.52 -43.81 -11.88
N ASP C 212 -43.39 -42.87 -11.51
CA ASP C 212 -43.44 -41.56 -12.14
C ASP C 212 -42.53 -40.61 -11.37
N LEU C 213 -41.44 -40.19 -12.00
CA LEU C 213 -40.41 -39.35 -11.38
C LEU C 213 -39.86 -40.02 -10.13
N PRO C 214 -39.10 -41.11 -10.29
CA PRO C 214 -38.62 -41.85 -9.12
C PRO C 214 -37.42 -41.16 -8.48
N GLN C 215 -37.07 -41.64 -7.29
CA GLN C 215 -35.94 -41.09 -6.55
C GLN C 215 -34.63 -41.56 -7.19
N GLY C 216 -33.60 -40.74 -6.99
CA GLY C 216 -32.29 -41.05 -7.51
C GLY C 216 -31.53 -39.78 -7.83
N PHE C 217 -30.31 -39.98 -8.34
CA PHE C 217 -29.45 -38.88 -8.75
C PHE C 217 -28.92 -39.16 -10.14
N SER C 218 -29.01 -38.16 -11.02
CA SER C 218 -28.49 -38.29 -12.39
C SER C 218 -28.26 -36.89 -12.93
N ALA C 219 -27.05 -36.64 -13.41
CA ALA C 219 -26.71 -35.34 -13.94
C ALA C 219 -27.24 -35.19 -15.36
N LEU C 220 -27.02 -34.01 -15.94
CA LEU C 220 -27.44 -33.73 -17.32
C LEU C 220 -26.33 -32.97 -18.03
N GLU C 221 -26.05 -33.38 -19.28
CA GLU C 221 -24.96 -32.85 -20.07
C GLU C 221 -25.49 -32.00 -21.22
N PRO C 222 -24.75 -30.97 -21.63
CA PRO C 222 -25.20 -30.13 -22.74
C PRO C 222 -24.98 -30.80 -24.08
N LEU C 223 -25.80 -30.42 -25.05
CA LEU C 223 -25.66 -30.94 -26.41
C LEU C 223 -25.31 -29.86 -27.42
N VAL C 224 -26.14 -28.82 -27.58
CA VAL C 224 -25.90 -27.76 -28.55
C VAL C 224 -26.34 -26.43 -27.95
N ASP C 225 -26.10 -25.36 -28.70
CA ASP C 225 -26.52 -24.02 -28.36
C ASP C 225 -26.30 -23.11 -29.58
N LEU C 226 -27.27 -22.24 -29.85
CA LEU C 226 -27.19 -21.36 -31.01
C LEU C 226 -27.81 -20.02 -30.69
N PRO C 227 -27.19 -18.92 -31.12
CA PRO C 227 -27.72 -17.59 -30.80
C PRO C 227 -28.69 -17.05 -31.84
N ILE C 228 -29.87 -16.61 -31.41
CA ILE C 228 -30.78 -15.90 -32.29
C ILE C 228 -31.19 -14.55 -31.68
N GLY C 229 -31.84 -14.58 -30.53
CA GLY C 229 -32.28 -13.38 -29.84
C GLY C 229 -33.75 -13.10 -30.07
N ILE C 230 -34.60 -13.51 -29.13
CA ILE C 230 -36.03 -13.26 -29.16
C ILE C 230 -36.52 -13.22 -27.72
N ASN C 231 -37.77 -12.82 -27.53
CA ASN C 231 -38.37 -12.82 -26.20
C ASN C 231 -39.20 -14.09 -26.06
N ILE C 232 -38.57 -15.17 -25.60
CA ILE C 232 -39.24 -16.45 -25.46
C ILE C 232 -40.21 -16.41 -24.29
N THR C 233 -41.50 -16.33 -24.59
CA THR C 233 -42.52 -16.25 -23.55
C THR C 233 -43.49 -17.42 -23.56
N ARG C 234 -43.76 -18.00 -24.73
CA ARG C 234 -44.74 -19.08 -24.84
C ARG C 234 -44.04 -20.40 -25.12
N PHE C 235 -44.64 -21.47 -24.59
CA PHE C 235 -44.05 -22.81 -24.62
C PHE C 235 -45.18 -23.82 -24.89
N GLN C 236 -45.20 -24.36 -26.11
CA GLN C 236 -46.13 -25.41 -26.48
C GLN C 236 -45.38 -26.57 -27.12
N THR C 237 -45.63 -27.78 -26.63
CA THR C 237 -44.97 -28.97 -27.15
C THR C 237 -45.70 -29.48 -28.38
N LEU C 238 -44.95 -30.21 -29.21
CA LEU C 238 -45.49 -30.80 -30.43
C LEU C 238 -45.75 -32.28 -30.23
N LEU C 239 -46.97 -32.70 -30.52
CA LEU C 239 -47.38 -34.08 -30.45
C LEU C 239 -47.73 -34.54 -31.86
N ALA C 240 -47.65 -35.85 -32.10
CA ALA C 240 -48.03 -36.39 -33.40
C ALA C 240 -49.55 -36.48 -33.47
N LEU C 241 -50.17 -35.42 -33.96
CA LEU C 241 -51.63 -35.35 -33.97
C LEU C 241 -52.24 -36.43 -34.85
N HIS C 242 -51.64 -36.66 -36.03
CA HIS C 242 -52.20 -37.65 -36.96
C HIS C 242 -52.12 -39.07 -36.43
N ARG C 243 -51.28 -39.32 -35.41
CA ARG C 243 -51.16 -40.65 -34.83
C ARG C 243 -50.82 -40.48 -33.35
N SER C 244 -51.86 -40.48 -32.51
CA SER C 244 -51.69 -40.27 -31.08
C SER C 244 -52.72 -41.12 -30.33
N TYR C 245 -52.42 -41.37 -29.06
CA TYR C 245 -53.28 -42.15 -28.19
C TYR C 245 -52.94 -41.81 -26.75
N LEU C 246 -53.65 -42.45 -25.81
CA LEU C 246 -53.45 -42.23 -24.38
C LEU C 246 -53.74 -40.77 -23.99
N THR C 247 -54.79 -40.20 -24.58
CA THR C 247 -55.21 -38.84 -24.26
C THR C 247 -56.71 -38.86 -23.95
N PRO C 248 -57.09 -39.26 -22.73
CA PRO C 248 -58.49 -39.18 -22.32
C PRO C 248 -58.81 -37.83 -21.69
N GLY C 249 -60.09 -37.47 -21.74
CA GLY C 249 -60.56 -36.15 -21.37
C GLY C 249 -61.25 -36.15 -20.01
N ASP C 250 -60.88 -35.16 -19.20
CA ASP C 250 -61.53 -34.92 -17.92
C ASP C 250 -61.25 -33.47 -17.52
N SER C 251 -61.52 -33.13 -16.26
CA SER C 251 -61.34 -31.78 -15.74
C SER C 251 -60.54 -31.81 -14.45
N SER C 252 -59.45 -32.58 -14.42
CA SER C 252 -58.62 -32.69 -13.23
C SER C 252 -57.75 -31.43 -13.07
N SER C 253 -57.59 -31.00 -11.83
CA SER C 253 -56.76 -29.85 -11.48
C SER C 253 -56.70 -29.74 -9.97
N SER C 254 -55.87 -28.81 -9.49
CA SER C 254 -55.78 -28.46 -8.07
C SER C 254 -55.40 -29.68 -7.23
N TRP C 255 -54.16 -30.14 -7.46
CA TRP C 255 -53.54 -31.21 -6.68
C TRP C 255 -54.30 -32.54 -6.83
N THR C 256 -54.31 -33.05 -8.06
CA THR C 256 -54.89 -34.33 -8.38
C THR C 256 -53.81 -35.26 -8.93
N ALA C 257 -54.23 -36.42 -9.44
CA ALA C 257 -53.34 -37.38 -10.09
C ALA C 257 -54.06 -37.94 -11.30
N GLY C 258 -53.49 -37.72 -12.49
CA GLY C 258 -54.09 -38.19 -13.72
C GLY C 258 -53.08 -38.48 -14.80
N ALA C 259 -53.15 -39.67 -15.40
CA ALA C 259 -52.13 -40.11 -16.34
C ALA C 259 -52.05 -39.18 -17.55
N ALA C 260 -50.82 -38.78 -17.89
CA ALA C 260 -50.57 -37.91 -19.02
C ALA C 260 -49.40 -38.33 -19.89
N ALA C 261 -48.45 -39.12 -19.38
CA ALA C 261 -47.17 -39.37 -20.05
C ALA C 261 -46.50 -38.05 -20.40
N TYR C 262 -46.31 -37.23 -19.36
CA TYR C 262 -46.01 -35.83 -19.56
C TYR C 262 -45.59 -35.22 -18.24
N TYR C 263 -44.60 -34.33 -18.27
CA TYR C 263 -44.21 -33.58 -17.08
C TYR C 263 -43.78 -32.20 -17.50
N VAL C 264 -43.78 -31.27 -16.54
CA VAL C 264 -43.28 -29.93 -16.77
C VAL C 264 -42.98 -29.28 -15.42
N GLY C 265 -41.93 -28.48 -15.38
CA GLY C 265 -41.60 -27.72 -14.19
C GLY C 265 -40.85 -26.46 -14.58
N TYR C 266 -40.82 -25.51 -13.64
CA TYR C 266 -40.20 -24.21 -13.88
C TYR C 266 -38.95 -24.06 -13.02
N LEU C 267 -37.96 -23.36 -13.56
CA LEU C 267 -36.70 -23.13 -12.87
C LEU C 267 -36.72 -21.79 -12.13
N GLN C 268 -35.87 -21.68 -11.13
CA GLN C 268 -35.74 -20.48 -10.31
C GLN C 268 -34.27 -20.23 -10.02
N PRO C 269 -33.89 -18.99 -9.73
CA PRO C 269 -32.49 -18.72 -9.38
C PRO C 269 -32.11 -19.18 -7.98
N ARG C 270 -31.27 -20.21 -7.90
CA ARG C 270 -30.87 -20.80 -6.64
C ARG C 270 -29.37 -21.04 -6.63
N THR C 271 -28.83 -21.22 -5.42
CA THR C 271 -27.43 -21.57 -5.22
C THR C 271 -27.34 -23.01 -4.73
N PHE C 272 -26.50 -23.81 -5.39
CA PHE C 272 -26.33 -25.21 -5.10
C PHE C 272 -24.92 -25.49 -4.64
N LEU C 273 -24.78 -26.49 -3.78
CA LEU C 273 -23.50 -27.04 -3.37
C LEU C 273 -23.43 -28.47 -3.88
N LEU C 274 -22.50 -28.72 -4.80
CA LEU C 274 -22.40 -30.00 -5.49
C LEU C 274 -21.10 -30.68 -5.10
N LYS C 275 -21.14 -32.00 -5.00
CA LYS C 275 -19.93 -32.78 -4.78
C LYS C 275 -19.59 -33.57 -6.03
N TYR C 276 -18.31 -33.87 -6.19
CA TYR C 276 -17.80 -34.60 -7.33
C TYR C 276 -17.14 -35.89 -6.84
N ASN C 277 -17.53 -37.01 -7.43
CA ASN C 277 -16.89 -38.27 -7.07
C ASN C 277 -15.48 -38.32 -7.67
N GLU C 278 -14.71 -39.30 -7.20
CA GLU C 278 -13.33 -39.43 -7.69
C GLU C 278 -13.30 -39.70 -9.19
N ASN C 279 -14.31 -40.38 -9.72
CA ASN C 279 -14.41 -40.57 -11.16
C ASN C 279 -14.69 -39.26 -11.90
N GLY C 280 -15.08 -38.22 -11.18
CA GLY C 280 -15.51 -36.99 -11.80
C GLY C 280 -17.00 -36.92 -12.08
N THR C 281 -17.80 -37.79 -11.46
CA THR C 281 -19.23 -37.85 -11.69
C THR C 281 -19.97 -37.24 -10.50
N ILE C 282 -20.91 -36.35 -10.77
CA ILE C 282 -21.70 -35.73 -9.71
C ILE C 282 -22.54 -36.80 -9.04
N THR C 283 -22.57 -36.78 -7.73
CA THR C 283 -23.33 -37.78 -7.00
C THR C 283 -24.31 -37.16 -6.00
N ASP C 284 -23.96 -36.03 -5.40
CA ASP C 284 -24.81 -35.40 -4.41
C ASP C 284 -24.78 -33.90 -4.57
N ALA C 285 -25.90 -33.27 -4.22
CA ALA C 285 -26.02 -31.81 -4.30
C ALA C 285 -27.11 -31.36 -3.35
N VAL C 286 -26.88 -30.23 -2.69
CA VAL C 286 -27.83 -29.66 -1.75
C VAL C 286 -28.03 -28.18 -2.07
N ASP C 287 -29.29 -27.75 -2.13
CA ASP C 287 -29.58 -26.35 -2.33
C ASP C 287 -29.68 -25.64 -1.00
N CYS C 288 -29.29 -24.36 -1.00
CA CYS C 288 -29.11 -23.62 0.23
C CYS C 288 -30.39 -22.92 0.70
N ALA C 289 -31.46 -22.95 -0.08
CA ALA C 289 -32.65 -22.17 0.24
C ALA C 289 -33.87 -23.05 0.42
N LEU C 290 -33.74 -24.15 1.14
CA LEU C 290 -34.86 -25.04 1.43
C LEU C 290 -35.21 -25.07 2.91
N ASP C 291 -34.25 -25.40 3.77
CA ASP C 291 -34.45 -25.48 5.20
C ASP C 291 -33.28 -24.82 5.90
N PRO C 292 -33.45 -24.42 7.16
CA PRO C 292 -32.29 -23.91 7.91
C PRO C 292 -31.13 -24.89 7.95
N LEU C 293 -31.42 -26.19 8.01
CA LEU C 293 -30.34 -27.17 7.94
C LEU C 293 -29.61 -27.07 6.61
N SER C 294 -30.34 -26.81 5.54
CA SER C 294 -29.67 -26.61 4.26
C SER C 294 -28.79 -25.37 4.29
N GLU C 295 -29.22 -24.32 4.99
CA GLU C 295 -28.38 -23.13 5.11
C GLU C 295 -27.10 -23.43 5.87
N THR C 296 -27.20 -24.20 6.96
CA THR C 296 -26.02 -24.58 7.71
C THR C 296 -25.08 -25.44 6.88
N LYS C 297 -25.65 -26.36 6.08
CA LYS C 297 -24.83 -27.15 5.18
C LYS C 297 -24.16 -26.29 4.12
N CYS C 298 -24.84 -25.24 3.67
CA CYS C 298 -24.31 -24.39 2.60
C CYS C 298 -23.18 -23.50 3.09
N THR C 299 -23.37 -22.88 4.26
CA THR C 299 -22.40 -21.89 4.73
C THR C 299 -21.02 -22.51 4.94
N LEU C 300 -20.96 -23.60 5.70
CA LEU C 300 -19.72 -24.34 5.90
C LEU C 300 -19.72 -25.54 4.97
N LYS C 301 -18.68 -25.64 4.14
CA LYS C 301 -18.69 -26.56 3.00
C LYS C 301 -18.50 -28.00 3.49
N SER C 302 -19.62 -28.62 3.88
CA SER C 302 -19.60 -30.03 4.22
C SER C 302 -21.03 -30.54 4.21
N PHE C 303 -21.18 -31.83 3.96
CA PHE C 303 -22.50 -32.45 3.96
C PHE C 303 -22.95 -32.90 5.35
N THR C 304 -22.06 -32.87 6.34
CA THR C 304 -22.41 -33.24 7.70
C THR C 304 -22.01 -32.09 8.62
N VAL C 305 -22.83 -31.86 9.64
CA VAL C 305 -22.60 -30.79 10.60
C VAL C 305 -22.64 -31.40 12.01
N GLU C 306 -22.03 -30.69 12.95
CA GLU C 306 -21.89 -31.17 14.30
C GLU C 306 -22.77 -30.38 15.26
N LYS C 307 -23.05 -31.01 16.40
CA LYS C 307 -23.94 -30.42 17.40
C LYS C 307 -23.39 -29.10 17.91
N GLY C 308 -24.25 -28.11 17.98
CA GLY C 308 -23.84 -26.78 18.42
C GLY C 308 -24.80 -25.73 17.90
N ILE C 309 -24.25 -24.54 17.67
CA ILE C 309 -25.00 -23.40 17.14
C ILE C 309 -24.13 -22.71 16.09
N TYR C 310 -24.74 -22.31 14.98
CA TYR C 310 -24.02 -21.68 13.89
C TYR C 310 -24.78 -20.47 13.38
N GLN C 311 -24.04 -19.45 12.95
CA GLN C 311 -24.64 -18.33 12.26
C GLN C 311 -24.82 -18.67 10.79
N THR C 312 -25.92 -18.19 10.21
CA THR C 312 -26.17 -18.38 8.78
C THR C 312 -26.21 -17.05 8.04
N SER C 313 -27.08 -16.14 8.45
CA SER C 313 -27.26 -14.87 7.74
C SER C 313 -28.06 -13.94 8.62
N ASN C 314 -28.51 -12.82 8.04
CA ASN C 314 -29.33 -11.84 8.71
C ASN C 314 -30.63 -11.68 7.93
N PHE C 315 -31.69 -11.30 8.65
CA PHE C 315 -32.97 -11.00 8.03
C PHE C 315 -33.23 -9.51 8.15
N ARG C 316 -33.76 -8.93 7.07
CA ARG C 316 -34.17 -7.54 7.05
C ARG C 316 -35.56 -7.47 6.43
N VAL C 317 -36.36 -6.53 6.93
CA VAL C 317 -37.71 -6.35 6.40
C VAL C 317 -37.62 -5.64 5.06
N GLN C 318 -38.23 -6.25 4.05
CA GLN C 318 -38.18 -5.68 2.71
C GLN C 318 -39.06 -4.44 2.61
N PRO C 319 -38.78 -3.55 1.66
CA PRO C 319 -39.64 -2.39 1.46
C PRO C 319 -40.97 -2.80 0.86
N THR C 320 -41.91 -1.85 0.86
CA THR C 320 -43.24 -2.07 0.31
C THR C 320 -43.52 -1.21 -0.91
N GLU C 321 -43.22 0.08 -0.84
CA GLU C 321 -43.46 0.99 -1.97
C GLU C 321 -42.48 2.14 -1.90
N SER C 322 -42.34 2.84 -3.03
CA SER C 322 -41.41 3.95 -3.17
C SER C 322 -42.16 5.20 -3.56
N ILE C 323 -41.77 6.34 -2.98
CA ILE C 323 -42.40 7.62 -3.25
C ILE C 323 -41.34 8.63 -3.66
N VAL C 324 -41.75 9.61 -4.45
CA VAL C 324 -40.90 10.67 -4.97
C VAL C 324 -41.59 12.01 -4.73
N ARG C 325 -40.87 12.97 -4.18
CA ARG C 325 -41.41 14.29 -3.88
C ARG C 325 -40.54 15.36 -4.53
N PHE C 326 -41.16 16.24 -5.30
CA PHE C 326 -40.51 17.31 -6.01
C PHE C 326 -41.23 18.62 -5.75
N PRO C 327 -40.53 19.74 -5.81
CA PRO C 327 -41.17 21.04 -5.61
C PRO C 327 -41.94 21.46 -6.86
N ASN C 328 -42.62 22.60 -6.75
CA ASN C 328 -43.48 23.12 -7.81
C ASN C 328 -42.63 23.91 -8.80
N ILE C 329 -42.41 23.34 -9.99
CA ILE C 329 -41.69 24.02 -11.06
C ILE C 329 -42.52 23.90 -12.34
N THR C 330 -42.81 25.01 -12.97
CA THR C 330 -43.61 25.03 -14.18
C THR C 330 -42.93 25.72 -15.36
N ASN C 331 -42.20 26.80 -15.12
CA ASN C 331 -41.61 27.56 -16.20
C ASN C 331 -40.47 26.80 -16.86
N LEU C 332 -40.11 27.24 -18.06
CA LEU C 332 -38.99 26.67 -18.80
C LEU C 332 -37.95 27.76 -19.02
N CYS C 333 -36.75 27.51 -18.52
CA CYS C 333 -35.62 28.43 -18.64
C CYS C 333 -35.05 28.41 -20.04
N PRO C 334 -34.80 29.59 -20.64
CA PRO C 334 -34.43 29.63 -22.06
C PRO C 334 -33.03 29.10 -22.34
N PHE C 335 -32.97 27.92 -22.96
CA PHE C 335 -31.71 27.33 -23.38
C PHE C 335 -31.35 27.66 -24.82
N HIS C 336 -32.34 27.86 -25.68
CA HIS C 336 -32.05 28.24 -27.06
C HIS C 336 -31.37 29.60 -27.12
N GLU C 337 -31.82 30.55 -26.29
CA GLU C 337 -31.16 31.85 -26.22
C GLU C 337 -29.76 31.75 -25.63
N VAL C 338 -29.48 30.68 -24.88
CA VAL C 338 -28.11 30.45 -24.43
C VAL C 338 -27.23 30.04 -25.58
N PHE C 339 -27.73 29.16 -26.46
CA PHE C 339 -26.92 28.63 -27.55
C PHE C 339 -27.03 29.44 -28.82
N ASN C 340 -28.27 29.72 -29.27
CA ASN C 340 -28.49 30.46 -30.51
C ASN C 340 -28.17 31.93 -30.27
N ALA C 341 -26.97 32.35 -30.65
CA ALA C 341 -26.55 33.73 -30.49
C ALA C 341 -25.61 34.10 -31.64
N THR C 342 -25.61 35.39 -31.98
CA THR C 342 -24.81 35.91 -33.08
C THR C 342 -23.69 36.82 -32.59
N ARG C 343 -23.71 37.23 -31.32
CA ARG C 343 -22.70 38.13 -30.79
C ARG C 343 -21.91 37.44 -29.68
N PHE C 344 -21.45 36.23 -29.96
CA PHE C 344 -20.56 35.51 -29.04
C PHE C 344 -19.32 36.34 -28.74
N ALA C 345 -19.17 36.78 -27.49
CA ALA C 345 -18.10 37.68 -27.12
C ALA C 345 -16.78 36.90 -26.95
N SER C 346 -15.75 37.62 -26.53
CA SER C 346 -14.41 37.06 -26.41
C SER C 346 -14.25 36.33 -25.08
N VAL C 347 -13.09 35.69 -24.91
CA VAL C 347 -12.85 34.91 -23.70
C VAL C 347 -12.66 35.82 -22.49
N TYR C 348 -11.95 36.94 -22.65
CA TYR C 348 -11.72 37.81 -21.51
C TYR C 348 -13.01 38.48 -21.06
N ALA C 349 -13.96 38.69 -21.97
CA ALA C 349 -15.27 39.23 -21.66
C ALA C 349 -16.29 38.15 -21.98
N TRP C 350 -16.52 37.27 -21.02
CA TRP C 350 -17.48 36.17 -21.17
C TRP C 350 -18.81 36.58 -20.56
N ASN C 351 -19.88 36.42 -21.33
CA ASN C 351 -21.22 36.80 -20.88
C ASN C 351 -21.79 35.70 -19.99
N ARG C 352 -21.62 35.87 -18.68
CA ARG C 352 -22.14 34.91 -17.72
C ARG C 352 -23.66 34.95 -17.68
N LYS C 353 -24.28 33.78 -17.56
CA LYS C 353 -25.73 33.66 -17.51
C LYS C 353 -26.15 32.78 -16.36
N ARG C 354 -27.27 33.11 -15.73
CA ARG C 354 -27.81 32.38 -14.60
C ARG C 354 -29.14 31.74 -15.00
N ILE C 355 -29.38 30.53 -14.48
CA ILE C 355 -30.61 29.80 -14.74
C ILE C 355 -31.42 29.73 -13.44
N SER C 356 -32.72 29.91 -13.55
CA SER C 356 -33.63 29.93 -12.41
C SER C 356 -34.59 28.74 -12.54
N ASN C 357 -35.63 28.75 -11.68
CA ASN C 357 -36.59 27.66 -11.61
C ASN C 357 -37.08 27.23 -12.98
N CYS C 358 -36.74 26.00 -13.38
CA CYS C 358 -37.11 25.50 -14.70
C CYS C 358 -36.96 23.99 -14.71
N VAL C 359 -37.53 23.37 -15.74
CA VAL C 359 -37.41 21.93 -15.96
C VAL C 359 -36.34 21.75 -17.02
N ALA C 360 -35.12 21.45 -16.59
CA ALA C 360 -34.00 21.28 -17.51
C ALA C 360 -33.97 19.83 -18.00
N ASP C 361 -34.08 19.66 -19.31
CA ASP C 361 -34.01 18.35 -19.95
C ASP C 361 -32.82 18.36 -20.89
N TYR C 362 -31.74 17.69 -20.50
CA TYR C 362 -30.51 17.66 -21.28
C TYR C 362 -30.55 16.59 -22.36
N SER C 363 -31.61 16.61 -23.17
CA SER C 363 -31.76 15.69 -24.28
C SER C 363 -32.19 16.35 -25.58
N VAL C 364 -32.80 17.54 -25.52
CA VAL C 364 -33.26 18.21 -26.73
C VAL C 364 -32.22 19.18 -27.29
N LEU C 365 -31.11 19.39 -26.60
CA LEU C 365 -30.08 20.32 -27.05
C LEU C 365 -29.10 19.70 -28.03
N TYR C 366 -29.25 18.41 -28.33
CA TYR C 366 -28.28 17.74 -29.21
C TYR C 366 -28.32 18.32 -30.63
N ASN C 367 -29.48 18.79 -31.07
CA ASN C 367 -29.56 19.47 -32.35
C ASN C 367 -29.20 20.96 -32.25
N PHE C 368 -29.20 21.52 -31.04
CA PHE C 368 -28.84 22.93 -30.87
C PHE C 368 -27.37 23.18 -31.13
N ALA C 369 -26.51 22.18 -30.93
CA ALA C 369 -25.09 22.32 -31.16
C ALA C 369 -24.56 21.05 -31.79
N PRO C 370 -23.51 21.13 -32.60
CA PRO C 370 -22.94 19.92 -33.21
C PRO C 370 -22.38 18.92 -32.19
N PHE C 371 -22.09 19.37 -30.97
CA PHE C 371 -21.50 18.52 -29.93
C PHE C 371 -20.18 17.91 -30.40
N PHE C 372 -19.37 18.74 -31.08
CA PHE C 372 -18.08 18.26 -31.58
C PHE C 372 -17.14 17.90 -30.43
N ALA C 373 -17.31 18.52 -29.27
CA ALA C 373 -16.53 18.19 -28.07
C ALA C 373 -17.46 18.29 -26.87
N PHE C 374 -17.88 17.15 -26.34
CA PHE C 374 -18.85 17.09 -25.24
C PHE C 374 -18.33 16.22 -24.10
N LYS C 375 -17.07 16.44 -23.73
CA LYS C 375 -16.52 15.77 -22.56
C LYS C 375 -17.06 16.42 -21.29
N CYS C 376 -17.44 15.59 -20.33
CA CYS C 376 -18.06 16.04 -19.09
C CYS C 376 -17.24 15.57 -17.90
N TYR C 377 -17.36 16.30 -16.80
CA TYR C 377 -16.57 16.06 -15.61
C TYR C 377 -17.31 15.05 -14.72
N GLY C 378 -16.88 14.93 -13.46
CA GLY C 378 -17.30 13.91 -12.54
C GLY C 378 -18.76 13.47 -12.58
N VAL C 379 -19.69 14.42 -12.69
CA VAL C 379 -21.10 14.05 -12.77
C VAL C 379 -21.37 13.35 -14.10
N SER C 380 -22.10 12.24 -14.04
CA SER C 380 -22.29 11.40 -15.21
C SER C 380 -23.11 12.15 -16.27
N PRO C 381 -22.68 12.11 -17.54
CA PRO C 381 -23.52 12.69 -18.60
C PRO C 381 -24.89 12.04 -18.69
N THR C 382 -24.97 10.73 -18.43
CA THR C 382 -26.27 10.07 -18.37
C THR C 382 -27.10 10.63 -17.22
N LYS C 383 -26.48 10.81 -16.05
CA LYS C 383 -27.15 11.34 -14.87
C LYS C 383 -27.07 12.86 -14.83
N LEU C 384 -27.47 13.51 -15.92
CA LEU C 384 -27.45 14.97 -15.99
C LEU C 384 -28.80 15.61 -15.70
N ASN C 385 -29.87 14.83 -15.64
CA ASN C 385 -31.21 15.35 -15.42
C ASN C 385 -31.97 14.53 -14.38
N ASP C 386 -31.27 14.03 -13.37
CA ASP C 386 -31.86 13.11 -12.40
C ASP C 386 -31.77 13.62 -10.96
N LEU C 387 -31.56 14.93 -10.78
CA LEU C 387 -31.39 15.49 -9.45
C LEU C 387 -31.99 16.89 -9.39
N CYS C 388 -32.24 17.35 -8.17
CA CYS C 388 -32.73 18.71 -7.95
C CYS C 388 -31.55 19.61 -7.60
N PHE C 389 -31.41 20.72 -8.32
CA PHE C 389 -30.25 21.60 -8.23
C PHE C 389 -30.59 22.86 -7.45
N THR C 390 -29.54 23.58 -7.06
CA THR C 390 -29.68 24.91 -6.46
C THR C 390 -29.75 25.98 -7.53
N ASN C 391 -28.75 26.03 -8.42
CA ASN C 391 -28.75 26.95 -9.55
C ASN C 391 -27.74 26.45 -10.56
N VAL C 392 -27.84 27.00 -11.77
CA VAL C 392 -26.96 26.62 -12.88
C VAL C 392 -26.43 27.90 -13.51
N TYR C 393 -25.17 27.86 -13.94
CA TYR C 393 -24.56 29.00 -14.60
C TYR C 393 -23.96 28.58 -15.94
N ALA C 394 -23.85 29.53 -16.85
CA ALA C 394 -23.36 29.26 -18.19
C ALA C 394 -22.41 30.35 -18.64
N ASP C 395 -21.40 29.96 -19.42
CA ASP C 395 -20.43 30.90 -19.99
C ASP C 395 -20.22 30.51 -21.45
N SER C 396 -20.58 31.40 -22.36
CA SER C 396 -20.53 31.12 -23.80
C SER C 396 -19.57 32.08 -24.48
N PHE C 397 -18.65 31.54 -25.27
CA PHE C 397 -17.60 32.34 -25.89
C PHE C 397 -16.91 31.48 -26.95
N VAL C 398 -15.81 31.98 -27.51
CA VAL C 398 -15.12 31.30 -28.60
C VAL C 398 -13.62 31.40 -28.38
N ILE C 399 -12.91 30.30 -28.65
CA ILE C 399 -11.46 30.22 -28.49
C ILE C 399 -10.85 29.72 -29.79
N ARG C 400 -9.54 29.54 -29.77
CA ARG C 400 -8.83 28.95 -30.89
C ARG C 400 -8.65 27.45 -30.66
N GLY C 401 -8.31 26.74 -31.73
CA GLY C 401 -8.17 25.29 -31.64
C GLY C 401 -7.08 24.86 -30.67
N ASN C 402 -5.94 25.57 -30.70
CA ASN C 402 -4.80 25.18 -29.88
C ASN C 402 -5.13 25.17 -28.39
N GLU C 403 -6.12 25.95 -27.97
CA GLU C 403 -6.49 26.05 -26.56
C GLU C 403 -7.69 25.19 -26.21
N VAL C 404 -8.18 24.37 -27.14
CA VAL C 404 -9.37 23.57 -26.89
C VAL C 404 -9.16 22.63 -25.70
N SER C 405 -8.01 21.95 -25.67
CA SER C 405 -7.71 21.05 -24.57
C SER C 405 -7.37 21.78 -23.28
N GLN C 406 -7.21 23.11 -23.32
CA GLN C 406 -6.75 23.82 -22.14
C GLN C 406 -7.85 24.12 -21.14
N ILE C 407 -9.09 23.70 -21.41
CA ILE C 407 -10.18 23.85 -20.43
C ILE C 407 -10.12 22.61 -19.55
N ALA C 408 -9.26 22.67 -18.55
CA ALA C 408 -9.01 21.56 -17.64
C ALA C 408 -8.29 22.09 -16.41
N PRO C 409 -8.32 21.35 -15.29
CA PRO C 409 -7.54 21.78 -14.12
C PRO C 409 -6.05 21.79 -14.43
N GLY C 410 -5.36 22.75 -13.81
CA GLY C 410 -3.91 22.82 -13.90
C GLY C 410 -3.36 23.37 -15.19
N GLN C 411 -4.20 23.91 -16.07
CA GLN C 411 -3.74 24.42 -17.37
C GLN C 411 -3.34 25.88 -17.24
N THR C 412 -2.27 26.24 -17.96
CA THR C 412 -1.77 27.61 -17.95
C THR C 412 -1.43 28.06 -19.37
N GLY C 413 -0.73 29.19 -19.49
CA GLY C 413 -0.37 29.71 -20.79
C GLY C 413 -0.73 31.17 -20.97
N ASN C 414 -1.63 31.45 -21.90
CA ASN C 414 -2.14 32.80 -22.12
C ASN C 414 -3.62 32.92 -21.78
N ILE C 415 -4.45 32.04 -22.34
CA ILE C 415 -5.88 32.08 -22.02
C ILE C 415 -6.12 31.63 -20.58
N ALA C 416 -5.35 30.65 -20.11
CA ALA C 416 -5.51 30.10 -18.77
C ALA C 416 -4.65 30.81 -17.73
N ASP C 417 -3.86 31.80 -18.14
CA ASP C 417 -3.08 32.62 -17.23
C ASP C 417 -3.39 34.09 -17.30
N TYR C 418 -3.92 34.58 -18.42
CA TYR C 418 -4.25 35.99 -18.58
C TYR C 418 -5.70 36.24 -18.97
N ASN C 419 -6.45 35.22 -19.38
CA ASN C 419 -7.82 35.42 -19.85
C ASN C 419 -8.85 34.74 -18.97
N TYR C 420 -8.76 33.42 -18.76
CA TYR C 420 -9.82 32.69 -18.08
C TYR C 420 -9.28 31.34 -17.63
N LYS C 421 -9.51 31.00 -16.36
CA LYS C 421 -9.10 29.71 -15.82
C LYS C 421 -10.27 29.04 -15.14
N LEU C 422 -10.08 27.76 -14.80
CA LEU C 422 -11.11 26.94 -14.18
C LEU C 422 -10.63 26.40 -12.84
N PRO C 423 -11.49 26.37 -11.82
CA PRO C 423 -11.09 25.78 -10.55
C PRO C 423 -10.84 24.28 -10.68
N ASP C 424 -9.93 23.78 -9.84
CA ASP C 424 -9.55 22.38 -9.91
C ASP C 424 -10.70 21.44 -9.58
N ASP C 425 -11.48 21.76 -8.56
CA ASP C 425 -12.57 20.92 -8.10
C ASP C 425 -13.87 21.16 -8.86
N PHE C 426 -13.80 21.72 -10.06
CA PHE C 426 -14.98 22.09 -10.81
C PHE C 426 -15.76 20.85 -11.23
N THR C 427 -17.09 20.99 -11.27
CA THR C 427 -17.96 19.99 -11.87
C THR C 427 -18.89 20.68 -12.86
N GLY C 428 -19.11 20.03 -14.00
CA GLY C 428 -19.93 20.62 -15.03
C GLY C 428 -19.67 19.96 -16.38
N CYS C 429 -20.01 20.68 -17.43
CA CYS C 429 -19.87 20.14 -18.78
C CYS C 429 -19.46 21.24 -19.74
N VAL C 430 -18.93 20.82 -20.89
CA VAL C 430 -18.49 21.73 -21.95
C VAL C 430 -19.11 21.27 -23.26
N ILE C 431 -19.36 22.23 -24.15
CA ILE C 431 -19.85 21.97 -25.50
C ILE C 431 -19.05 22.85 -26.44
N ALA C 432 -18.18 22.23 -27.25
CA ALA C 432 -17.34 22.95 -28.19
C ALA C 432 -17.59 22.42 -29.60
N TRP C 433 -17.69 23.34 -30.56
CA TRP C 433 -17.90 22.95 -31.94
C TRP C 433 -17.27 23.98 -32.86
N ASN C 434 -16.98 23.54 -34.09
CA ASN C 434 -16.34 24.42 -35.06
C ASN C 434 -17.23 25.63 -35.36
N SER C 435 -16.63 26.82 -35.30
CA SER C 435 -17.29 28.04 -35.73
C SER C 435 -16.51 28.71 -36.86
N ASN C 436 -15.63 27.96 -37.53
CA ASN C 436 -14.89 28.50 -38.66
C ASN C 436 -15.78 28.85 -39.84
N LYS C 437 -16.95 28.20 -39.95
CA LYS C 437 -17.87 28.53 -41.04
C LYS C 437 -18.39 29.96 -40.90
N LEU C 438 -18.70 30.39 -39.67
CA LEU C 438 -19.24 31.72 -39.44
C LEU C 438 -18.14 32.73 -39.13
N ASP C 439 -17.18 32.34 -38.29
CA ASP C 439 -16.16 33.27 -37.80
C ASP C 439 -14.90 33.14 -38.64
N SER C 440 -14.98 33.64 -39.88
CA SER C 440 -13.84 33.61 -40.78
C SER C 440 -14.03 34.66 -41.85
N LYS C 441 -13.03 35.52 -42.02
CA LYS C 441 -13.00 36.52 -43.07
C LYS C 441 -11.72 36.38 -43.88
N VAL C 442 -11.85 36.46 -45.20
CA VAL C 442 -10.68 36.30 -46.07
C VAL C 442 -9.69 37.45 -45.86
N SER C 443 -10.19 38.62 -45.48
CA SER C 443 -9.32 39.74 -45.13
C SER C 443 -8.94 39.70 -43.66
N GLY C 444 -9.94 39.73 -42.78
CA GLY C 444 -9.72 39.55 -41.36
C GLY C 444 -10.99 39.73 -40.55
N ASN C 445 -11.27 38.78 -39.66
CA ASN C 445 -12.48 38.84 -38.83
C ASN C 445 -12.08 39.37 -37.45
N TYR C 446 -11.84 40.68 -37.40
CA TYR C 446 -11.39 41.32 -36.17
C TYR C 446 -12.56 41.86 -35.35
N ASN C 447 -13.54 41.00 -35.11
CA ASN C 447 -14.62 41.29 -34.18
C ASN C 447 -14.36 40.74 -32.79
N TYR C 448 -13.26 40.02 -32.61
CA TYR C 448 -12.93 39.38 -31.35
C TYR C 448 -11.51 39.74 -30.95
N LEU C 449 -11.24 39.66 -29.64
CA LEU C 449 -9.95 40.00 -29.10
C LEU C 449 -9.58 39.02 -28.00
N TYR C 450 -8.30 39.01 -27.63
CA TYR C 450 -7.83 38.20 -26.52
C TYR C 450 -6.66 38.91 -25.87
N ARG C 451 -6.63 38.89 -24.54
CA ARG C 451 -5.56 39.56 -23.81
C ARG C 451 -4.26 38.77 -23.93
N LEU C 452 -3.15 39.49 -24.04
CA LEU C 452 -1.83 38.87 -24.12
C LEU C 452 -0.93 39.19 -22.95
N PHE C 453 -1.22 40.24 -22.18
CA PHE C 453 -0.34 40.66 -21.10
C PHE C 453 -1.15 41.02 -19.87
N ARG C 454 -0.66 40.61 -18.70
CA ARG C 454 -1.23 40.99 -17.42
C ARG C 454 -0.17 40.80 -16.34
N LYS C 455 -0.29 41.58 -15.28
CA LYS C 455 0.75 41.57 -14.25
C LYS C 455 0.69 40.30 -13.40
N SER C 456 -0.51 39.88 -12.99
CA SER C 456 -0.67 38.79 -12.04
C SER C 456 -1.42 37.63 -12.69
N LYS C 457 -1.65 36.59 -11.90
CA LYS C 457 -2.38 35.41 -12.35
C LYS C 457 -3.89 35.67 -12.29
N LEU C 458 -4.68 34.61 -12.43
CA LEU C 458 -6.13 34.70 -12.52
C LEU C 458 -6.80 34.04 -11.34
N LYS C 459 -7.90 34.64 -10.88
CA LYS C 459 -8.78 34.04 -9.90
C LYS C 459 -9.94 33.36 -10.60
N PRO C 460 -10.71 32.54 -9.89
CA PRO C 460 -11.86 31.87 -10.53
C PRO C 460 -13.02 32.83 -10.76
N PHE C 461 -13.54 32.83 -11.99
CA PHE C 461 -14.82 33.46 -12.35
C PHE C 461 -14.79 34.98 -12.06
N GLU C 462 -13.95 35.67 -12.81
CA GLU C 462 -13.99 37.13 -12.84
C GLU C 462 -13.59 37.62 -14.23
N ARG C 463 -13.93 38.88 -14.50
CA ARG C 463 -13.73 39.49 -15.80
C ARG C 463 -12.77 40.67 -15.68
N ASP C 464 -11.85 40.79 -16.63
CA ASP C 464 -10.81 41.80 -16.55
C ASP C 464 -10.76 42.67 -17.80
N ILE C 465 -11.91 43.17 -18.25
CA ILE C 465 -11.94 44.06 -19.40
C ILE C 465 -11.25 45.38 -19.01
N SER C 466 -10.17 45.71 -19.70
CA SER C 466 -9.40 46.91 -19.39
C SER C 466 -8.43 47.20 -20.52
N THR C 467 -8.42 48.45 -20.99
CA THR C 467 -7.41 48.93 -21.93
C THR C 467 -6.35 49.64 -21.13
N GLU C 468 -5.24 48.95 -20.87
CA GLU C 468 -4.18 49.43 -19.99
C GLU C 468 -2.90 49.58 -20.82
N ILE C 469 -1.82 50.00 -20.16
CA ILE C 469 -0.52 50.16 -20.80
C ILE C 469 0.43 49.14 -20.17
N TYR C 470 0.79 48.12 -20.95
CA TYR C 470 1.78 47.16 -20.50
C TYR C 470 3.14 47.81 -20.56
N GLN C 471 3.70 48.14 -19.40
CA GLN C 471 5.01 48.79 -19.32
C GLN C 471 6.08 47.72 -19.44
N ALA C 472 6.46 47.42 -20.68
CA ALA C 472 7.46 46.39 -20.97
C ALA C 472 8.84 47.01 -20.80
N GLY C 473 9.30 47.04 -19.54
CA GLY C 473 10.59 47.63 -19.23
C GLY C 473 10.57 48.47 -17.97
N ASN C 474 11.05 49.71 -18.07
CA ASN C 474 11.09 50.60 -16.93
C ASN C 474 10.71 52.04 -17.25
N LYS C 475 10.31 52.35 -18.48
CA LYS C 475 9.96 53.71 -18.85
C LYS C 475 8.54 54.02 -18.40
N PRO C 476 8.33 55.04 -17.55
CA PRO C 476 6.98 55.32 -17.01
C PRO C 476 6.08 56.09 -17.98
N CYS C 477 5.47 55.35 -18.90
CA CYS C 477 4.54 55.95 -19.86
C CYS C 477 3.24 56.37 -19.18
N ASN C 478 2.68 57.48 -19.65
CA ASN C 478 1.40 57.99 -19.19
C ASN C 478 0.41 58.07 -20.34
N GLY C 479 0.34 57.01 -21.14
CA GLY C 479 -0.49 56.98 -22.33
C GLY C 479 0.26 57.00 -23.63
N VAL C 480 1.58 56.85 -23.62
CA VAL C 480 2.37 56.90 -24.85
C VAL C 480 1.96 55.76 -25.79
N ALA C 481 1.84 54.55 -25.24
CA ALA C 481 1.53 53.36 -26.04
C ALA C 481 2.54 53.16 -27.17
N GLY C 482 3.80 53.47 -26.88
CA GLY C 482 4.85 53.36 -27.87
C GLY C 482 5.96 52.40 -27.48
N PHE C 483 7.18 52.92 -27.37
CA PHE C 483 8.32 52.08 -27.05
C PHE C 483 8.29 51.66 -25.59
N ASN C 484 8.53 50.37 -25.35
CA ASN C 484 8.52 49.76 -24.03
C ASN C 484 7.17 49.88 -23.32
N CYS C 485 6.13 50.29 -24.04
CA CYS C 485 4.79 50.45 -23.48
C CYS C 485 3.80 50.03 -24.56
N TYR C 486 3.26 48.82 -24.40
CA TYR C 486 2.43 48.19 -25.43
C TYR C 486 1.01 47.98 -24.91
N PHE C 487 0.20 47.30 -25.71
CA PHE C 487 -1.20 47.02 -25.44
C PHE C 487 -1.38 45.63 -24.83
N PRO C 488 -2.29 45.47 -23.88
CA PRO C 488 -2.50 44.14 -23.30
C PRO C 488 -3.23 43.18 -24.22
N LEU C 489 -4.27 43.64 -24.90
CA LEU C 489 -4.97 42.80 -25.86
C LEU C 489 -4.19 42.70 -27.16
N GLN C 490 -4.51 41.68 -27.95
CA GLN C 490 -3.86 41.47 -29.23
C GLN C 490 -4.91 41.12 -30.28
N SER C 491 -4.55 41.36 -31.54
CA SER C 491 -5.46 41.07 -32.64
C SER C 491 -5.82 39.60 -32.66
N TYR C 492 -7.12 39.33 -32.84
CA TYR C 492 -7.64 37.97 -32.74
C TYR C 492 -8.57 37.69 -33.91
N GLY C 493 -8.13 38.02 -35.12
CA GLY C 493 -8.90 37.72 -36.31
C GLY C 493 -8.77 36.28 -36.74
N PHE C 494 -9.75 35.83 -37.53
CA PHE C 494 -9.77 34.48 -38.07
C PHE C 494 -10.07 34.53 -39.56
N ARG C 495 -9.52 33.56 -40.28
CA ARG C 495 -9.66 33.46 -41.73
C ARG C 495 -10.09 32.06 -42.11
N PRO C 496 -10.84 31.92 -43.21
CA PRO C 496 -11.21 30.57 -43.67
C PRO C 496 -10.01 29.75 -44.12
N THR C 497 -8.90 30.39 -44.45
CA THR C 497 -7.70 29.66 -44.88
C THR C 497 -7.04 28.91 -43.73
N TYR C 498 -7.27 29.33 -42.49
CA TYR C 498 -6.60 28.73 -41.35
C TYR C 498 -6.91 27.25 -41.25
N GLY C 499 -5.88 26.46 -40.97
CA GLY C 499 -6.00 25.02 -40.92
C GLY C 499 -6.49 24.53 -39.57
N VAL C 500 -6.35 23.22 -39.38
CA VAL C 500 -6.78 22.58 -38.14
C VAL C 500 -5.91 23.06 -36.99
N GLY C 501 -6.55 23.41 -35.87
CA GLY C 501 -5.87 23.97 -34.73
C GLY C 501 -5.87 25.48 -34.68
N HIS C 502 -6.13 26.14 -35.81
CA HIS C 502 -6.21 27.59 -35.87
C HIS C 502 -7.63 28.10 -36.05
N GLN C 503 -8.54 27.27 -36.55
CA GLN C 503 -9.90 27.71 -36.80
C GLN C 503 -10.63 27.99 -35.47
N PRO C 504 -11.53 28.97 -35.46
CA PRO C 504 -12.26 29.26 -34.23
C PRO C 504 -13.12 28.10 -33.78
N TYR C 505 -13.23 27.94 -32.46
CA TYR C 505 -14.05 26.91 -31.85
C TYR C 505 -14.95 27.57 -30.82
N ARG C 506 -16.26 27.50 -31.05
CA ARG C 506 -17.24 28.10 -30.16
C ARG C 506 -17.54 27.12 -29.05
N VAL C 507 -17.35 27.56 -27.80
CA VAL C 507 -17.51 26.72 -26.63
C VAL C 507 -18.44 27.40 -25.64
N VAL C 508 -19.38 26.62 -25.10
CA VAL C 508 -20.23 27.04 -24.00
C VAL C 508 -20.06 26.04 -22.87
N VAL C 509 -19.84 26.54 -21.66
CA VAL C 509 -19.53 25.72 -20.50
C VAL C 509 -20.63 25.93 -19.46
N LEU C 510 -21.13 24.82 -18.91
CA LEU C 510 -22.22 24.84 -17.95
C LEU C 510 -21.71 24.33 -16.60
N SER C 511 -22.05 25.06 -15.55
CA SER C 511 -21.59 24.79 -14.19
C SER C 511 -22.78 24.62 -13.26
N PHE C 512 -22.67 23.65 -12.36
CA PHE C 512 -23.68 23.34 -11.36
C PHE C 512 -23.13 23.58 -9.97
N GLU C 513 -24.04 23.69 -9.00
CA GLU C 513 -23.70 23.97 -7.60
C GLU C 513 -24.47 23.03 -6.68
N LEU C 514 -24.41 21.74 -6.97
CA LEU C 514 -25.08 20.72 -6.17
C LEU C 514 -24.60 20.80 -4.73
N LEU C 515 -25.49 21.15 -3.82
CA LEU C 515 -25.17 21.23 -2.40
C LEU C 515 -26.48 21.20 -1.61
N HIS C 516 -26.34 20.94 -0.30
CA HIS C 516 -27.50 20.74 0.58
C HIS C 516 -28.13 22.09 0.90
N ALA C 517 -29.03 22.50 0.01
CA ALA C 517 -29.83 23.70 0.15
C ALA C 517 -31.23 23.39 -0.36
N PRO C 518 -32.21 24.24 -0.03
CA PRO C 518 -33.54 24.05 -0.63
C PRO C 518 -33.46 24.04 -2.15
N ALA C 519 -34.16 23.10 -2.76
CA ALA C 519 -34.07 22.90 -4.20
C ALA C 519 -34.74 24.06 -4.95
N THR C 520 -34.14 24.43 -6.06
CA THR C 520 -34.68 25.46 -6.94
C THR C 520 -34.92 24.97 -8.36
N VAL C 521 -33.98 24.21 -8.91
CA VAL C 521 -34.08 23.69 -10.27
C VAL C 521 -34.13 22.17 -10.19
N CYS C 522 -35.13 21.58 -10.86
CA CYS C 522 -35.34 20.14 -10.81
C CYS C 522 -35.61 19.62 -12.21
N GLY C 523 -35.34 18.32 -12.39
CA GLY C 523 -35.47 17.69 -13.69
C GLY C 523 -36.91 17.33 -14.01
N PRO C 524 -37.09 16.68 -15.16
CA PRO C 524 -38.43 16.32 -15.65
C PRO C 524 -39.01 15.06 -15.01
N LYS C 525 -39.46 15.22 -13.75
CA LYS C 525 -40.11 14.14 -13.03
C LYS C 525 -41.33 14.69 -12.31
N LYS C 526 -42.25 13.79 -11.99
CA LYS C 526 -43.51 14.13 -11.34
C LYS C 526 -43.54 13.59 -9.92
N SER C 527 -44.12 14.37 -9.01
CA SER C 527 -44.12 14.04 -7.61
C SER C 527 -45.13 12.93 -7.32
N THR C 528 -45.03 12.35 -6.12
CA THR C 528 -45.94 11.28 -5.73
C THR C 528 -46.61 11.60 -4.40
N ASN C 529 -47.35 10.63 -3.86
CA ASN C 529 -48.10 10.84 -2.63
C ASN C 529 -47.18 10.65 -1.42
N LEU C 530 -47.73 10.89 -0.23
CA LEU C 530 -46.99 10.81 1.02
C LEU C 530 -47.54 9.65 1.85
N VAL C 531 -46.66 8.75 2.27
CA VAL C 531 -47.04 7.57 3.03
C VAL C 531 -46.30 7.59 4.36
N LYS C 532 -46.95 7.04 5.39
CA LYS C 532 -46.44 7.12 6.75
C LYS C 532 -46.45 5.74 7.40
N ASN C 533 -45.51 5.56 8.34
CA ASN C 533 -45.49 4.39 9.23
C ASN C 533 -45.43 3.07 8.48
N LYS C 534 -44.53 3.00 7.49
CA LYS C 534 -44.28 1.76 6.77
C LYS C 534 -42.85 1.73 6.29
N CYS C 535 -42.31 0.52 6.14
CA CYS C 535 -40.96 0.34 5.61
C CYS C 535 -40.99 0.65 4.12
N VAL C 536 -40.65 1.89 3.76
CA VAL C 536 -40.83 2.37 2.40
C VAL C 536 -39.56 3.04 1.90
N ASN C 537 -39.49 3.20 0.59
CA ASN C 537 -38.43 3.93 -0.10
C ASN C 537 -38.91 5.35 -0.41
N PHE C 538 -38.00 6.32 -0.26
CA PHE C 538 -38.33 7.70 -0.56
C PHE C 538 -37.18 8.33 -1.36
N ASN C 539 -37.54 9.29 -2.19
CA ASN C 539 -36.62 10.00 -3.08
C ASN C 539 -36.73 11.50 -2.86
N PHE C 540 -36.61 11.92 -1.61
CA PHE C 540 -36.88 13.30 -1.22
C PHE C 540 -35.84 14.23 -1.83
N ASN C 541 -36.22 14.91 -2.91
CA ASN C 541 -35.36 15.90 -3.57
C ASN C 541 -33.99 15.31 -3.94
N GLY C 542 -34.00 14.06 -4.38
CA GLY C 542 -32.78 13.37 -4.73
C GLY C 542 -32.14 12.57 -3.62
N LEU C 543 -32.49 12.84 -2.37
CA LEU C 543 -32.05 12.02 -1.24
C LEU C 543 -32.82 10.71 -1.28
N THR C 544 -32.14 9.64 -1.68
CA THR C 544 -32.75 8.32 -1.79
C THR C 544 -32.49 7.53 -0.51
N GLY C 545 -33.56 7.10 0.13
CA GLY C 545 -33.43 6.37 1.38
C GLY C 545 -34.56 5.38 1.55
N THR C 546 -34.44 4.57 2.60
CA THR C 546 -35.44 3.58 2.94
C THR C 546 -35.58 3.50 4.45
N GLY C 547 -36.81 3.46 4.93
CA GLY C 547 -37.03 3.37 6.36
C GLY C 547 -38.48 3.60 6.72
N VAL C 548 -38.71 3.97 7.98
CA VAL C 548 -40.03 4.25 8.50
C VAL C 548 -40.15 5.76 8.71
N LEU C 549 -41.03 6.39 7.93
CA LEU C 549 -41.24 7.83 8.02
C LEU C 549 -42.36 8.11 9.03
N THR C 550 -42.02 8.78 10.12
CA THR C 550 -42.97 9.10 11.17
C THR C 550 -42.92 10.60 11.45
N GLU C 551 -43.76 11.04 12.39
CA GLU C 551 -43.78 12.44 12.78
C GLU C 551 -42.45 12.82 13.43
N SER C 552 -42.23 14.13 13.57
CA SER C 552 -40.98 14.66 14.10
C SER C 552 -41.26 15.64 15.22
N ASN C 553 -40.26 15.80 16.10
CA ASN C 553 -40.33 16.74 17.20
C ASN C 553 -39.24 17.81 17.11
N LYS C 554 -38.59 17.94 15.95
CA LYS C 554 -37.49 18.87 15.81
C LYS C 554 -38.01 20.29 15.60
N LYS C 555 -37.08 21.23 15.45
CA LYS C 555 -37.38 22.66 15.37
C LYS C 555 -36.72 23.29 14.17
N PHE C 556 -36.91 22.67 13.01
CA PHE C 556 -36.36 23.19 11.76
C PHE C 556 -36.79 24.63 11.53
N LEU C 557 -35.82 25.53 11.53
CA LEU C 557 -36.10 26.94 11.30
C LEU C 557 -36.49 27.16 9.83
N PRO C 558 -37.14 28.28 9.52
CA PRO C 558 -37.55 28.54 8.13
C PRO C 558 -36.47 28.31 7.09
N PHE C 559 -35.20 28.46 7.45
CA PHE C 559 -34.09 28.20 6.52
C PHE C 559 -33.32 26.94 6.90
N GLN C 560 -33.99 26.00 7.55
CA GLN C 560 -33.40 24.72 7.92
C GLN C 560 -33.78 23.66 6.90
N GLN C 561 -32.84 22.79 6.56
CA GLN C 561 -33.04 21.80 5.51
C GLN C 561 -33.07 20.38 6.03
N PHE C 562 -32.02 19.93 6.71
CA PHE C 562 -31.88 18.53 7.09
C PHE C 562 -31.48 18.40 8.55
N GLY C 563 -31.91 17.30 9.16
CA GLY C 563 -31.41 16.90 10.45
C GLY C 563 -30.22 15.97 10.31
N ARG C 564 -29.60 15.64 11.45
CA ARG C 564 -28.40 14.83 11.40
C ARG C 564 -28.08 14.31 12.80
N ASP C 565 -27.80 13.01 12.90
CA ASP C 565 -27.21 12.41 14.07
C ASP C 565 -25.71 12.27 13.81
N ILE C 566 -24.98 11.63 14.73
CA ILE C 566 -23.55 11.50 14.49
C ILE C 566 -23.28 10.23 13.69
N ALA C 567 -23.63 10.27 12.41
CA ALA C 567 -23.17 9.27 11.46
C ALA C 567 -23.00 9.83 10.05
N ASP C 568 -23.19 11.14 9.85
CA ASP C 568 -23.42 11.71 8.52
C ASP C 568 -24.62 11.06 7.84
N THR C 569 -25.66 10.79 8.62
CA THR C 569 -26.88 10.17 8.13
C THR C 569 -28.07 11.07 8.43
N THR C 570 -28.98 11.18 7.47
CA THR C 570 -30.14 12.03 7.63
C THR C 570 -31.10 11.43 8.66
N ASP C 571 -31.58 12.27 9.57
CA ASP C 571 -32.55 11.86 10.58
C ASP C 571 -33.92 12.47 10.38
N ALA C 572 -34.00 13.67 9.82
CA ALA C 572 -35.27 14.31 9.53
C ALA C 572 -35.23 14.89 8.11
N VAL C 573 -36.39 14.91 7.46
CA VAL C 573 -36.49 15.32 6.07
C VAL C 573 -37.61 16.34 5.93
N ARG C 574 -37.49 17.16 4.88
CA ARG C 574 -38.44 18.22 4.57
C ARG C 574 -39.10 17.94 3.23
N ASP C 575 -40.43 18.06 3.18
CA ASP C 575 -41.11 17.83 1.92
C ASP C 575 -41.03 19.06 1.03
N PRO C 576 -40.71 18.90 -0.26
CA PRO C 576 -40.59 20.08 -1.14
C PRO C 576 -41.86 20.90 -1.27
N GLN C 577 -43.04 20.26 -1.26
CA GLN C 577 -44.29 20.96 -1.48
C GLN C 577 -45.28 20.75 -0.35
N THR C 578 -44.80 20.38 0.84
CA THR C 578 -45.66 20.29 2.02
C THR C 578 -45.07 21.00 3.23
N LEU C 579 -43.74 21.14 3.31
CA LEU C 579 -43.07 21.86 4.39
C LEU C 579 -43.36 21.21 5.74
N GLU C 580 -43.01 19.92 5.83
CA GLU C 580 -43.17 19.15 7.04
C GLU C 580 -41.88 18.43 7.35
N ILE C 581 -41.61 18.26 8.65
CA ILE C 581 -40.41 17.60 9.13
C ILE C 581 -40.78 16.16 9.49
N LEU C 582 -40.11 15.20 8.86
CA LEU C 582 -40.40 13.79 9.04
C LEU C 582 -39.19 13.11 9.66
N ASP C 583 -39.43 12.36 10.74
CA ASP C 583 -38.39 11.55 11.36
C ASP C 583 -38.26 10.22 10.64
N ILE C 584 -37.03 9.71 10.60
CA ILE C 584 -36.73 8.46 9.91
C ILE C 584 -36.28 7.44 10.94
N THR C 585 -36.90 6.26 10.91
CA THR C 585 -36.55 5.16 11.79
C THR C 585 -35.97 4.02 10.97
N PRO C 586 -34.84 3.44 11.35
CA PRO C 586 -34.29 2.32 10.60
C PRO C 586 -35.21 1.10 10.64
N CYS C 587 -35.14 0.31 9.57
CA CYS C 587 -35.95 -0.88 9.46
C CYS C 587 -35.52 -1.94 10.48
N SER C 588 -36.47 -2.76 10.90
CA SER C 588 -36.16 -3.85 11.81
C SER C 588 -35.34 -4.91 11.10
N PHE C 589 -34.31 -5.41 11.76
CA PHE C 589 -33.47 -6.46 11.19
C PHE C 589 -32.73 -7.16 12.32
N GLY C 590 -32.12 -8.29 11.97
CA GLY C 590 -31.36 -9.02 12.97
C GLY C 590 -30.63 -10.19 12.35
N GLY C 591 -30.01 -10.98 13.21
CA GLY C 591 -29.30 -12.17 12.77
C GLY C 591 -30.11 -13.42 13.02
N VAL C 592 -29.74 -14.50 12.32
CA VAL C 592 -30.40 -15.79 12.44
C VAL C 592 -29.35 -16.83 12.79
N SER C 593 -29.66 -17.68 13.77
CA SER C 593 -28.75 -18.74 14.16
C SER C 593 -29.51 -20.06 14.24
N VAL C 594 -28.82 -21.15 13.91
CA VAL C 594 -29.44 -22.47 13.79
C VAL C 594 -28.88 -23.36 14.87
N ILE C 595 -29.76 -23.95 15.68
CA ILE C 595 -29.40 -24.90 16.72
C ILE C 595 -29.77 -26.28 16.24
N THR C 596 -28.78 -27.17 16.14
CA THR C 596 -29.03 -28.52 15.66
C THR C 596 -28.17 -29.51 16.42
N PRO C 597 -28.65 -30.72 16.62
CA PRO C 597 -27.76 -31.79 17.10
C PRO C 597 -27.00 -32.40 15.94
N GLY C 598 -26.20 -33.42 16.20
CA GLY C 598 -25.42 -34.05 15.14
C GLY C 598 -26.28 -34.55 14.00
N THR C 599 -25.95 -34.15 12.77
CA THR C 599 -26.79 -34.49 11.63
C THR C 599 -26.87 -35.99 11.39
N ASN C 600 -25.93 -36.76 11.92
CA ASN C 600 -26.01 -38.21 11.83
C ASN C 600 -26.90 -38.82 12.91
N THR C 601 -27.40 -38.00 13.84
CA THR C 601 -28.33 -38.46 14.87
C THR C 601 -29.78 -38.13 14.54
N SER C 602 -30.04 -36.89 14.12
CA SER C 602 -31.39 -36.46 13.82
C SER C 602 -31.33 -35.30 12.84
N ASN C 603 -32.49 -34.94 12.30
CA ASN C 603 -32.59 -33.84 11.36
C ASN C 603 -33.51 -32.73 11.85
N GLN C 604 -33.83 -32.70 13.14
CA GLN C 604 -34.64 -31.63 13.70
C GLN C 604 -33.75 -30.45 14.07
N VAL C 605 -34.28 -29.24 13.90
CA VAL C 605 -33.53 -28.02 14.12
C VAL C 605 -34.39 -27.02 14.89
N ALA C 606 -33.74 -25.99 15.42
CA ALA C 606 -34.41 -24.87 16.03
C ALA C 606 -33.73 -23.59 15.54
N VAL C 607 -34.47 -22.49 15.55
CA VAL C 607 -33.99 -21.23 14.99
C VAL C 607 -34.07 -20.16 16.05
N LEU C 608 -32.99 -19.41 16.21
CA LEU C 608 -32.93 -18.27 17.12
C LEU C 608 -32.78 -16.99 16.32
N TYR C 609 -33.69 -16.04 16.54
CA TYR C 609 -33.61 -14.73 15.94
C TYR C 609 -32.99 -13.78 16.95
N GLN C 610 -31.92 -13.10 16.55
CA GLN C 610 -31.05 -12.41 17.51
C GLN C 610 -31.68 -11.09 17.93
N GLY C 611 -31.98 -10.98 19.22
CA GLY C 611 -32.31 -9.71 19.82
C GLY C 611 -33.60 -9.06 19.37
N VAL C 612 -34.44 -9.77 18.63
CA VAL C 612 -35.71 -9.21 18.17
C VAL C 612 -36.86 -9.81 18.96
N ASN C 613 -38.04 -9.24 18.79
CA ASN C 613 -39.24 -9.63 19.51
C ASN C 613 -40.15 -10.39 18.55
N CYS C 614 -40.73 -11.49 19.01
CA CYS C 614 -41.66 -12.22 18.14
C CYS C 614 -42.95 -11.45 17.91
N THR C 615 -43.17 -10.34 18.61
CA THR C 615 -44.33 -9.50 18.33
C THR C 615 -44.29 -8.96 16.90
N GLU C 616 -43.14 -8.51 16.45
CA GLU C 616 -42.97 -7.93 15.12
C GLU C 616 -42.58 -9.06 14.15
N VAL C 617 -41.97 -8.78 13.00
CA VAL C 617 -41.96 -9.58 11.78
C VAL C 617 -41.67 -11.08 11.94
N PRO C 618 -40.91 -11.57 12.92
CA PRO C 618 -40.85 -13.04 13.07
C PRO C 618 -42.19 -13.67 13.39
N VAL C 619 -43.22 -12.86 13.67
CA VAL C 619 -44.56 -13.37 13.96
C VAL C 619 -45.15 -14.04 12.72
N ALA C 620 -44.84 -13.51 11.53
CA ALA C 620 -45.39 -14.05 10.30
C ALA C 620 -44.44 -13.70 9.16
N ILE C 621 -44.46 -14.53 8.11
CA ILE C 621 -43.60 -14.35 6.95
C ILE C 621 -44.42 -14.42 5.67
N HIS C 622 -44.19 -13.46 4.77
CA HIS C 622 -44.83 -13.42 3.47
C HIS C 622 -43.78 -13.41 2.38
N ALA C 623 -44.24 -13.71 1.16
CA ALA C 623 -43.33 -13.74 0.02
C ALA C 623 -42.76 -12.35 -0.24
N ASP C 624 -41.46 -12.29 -0.52
CA ASP C 624 -40.73 -11.05 -0.79
C ASP C 624 -40.81 -10.08 0.38
N GLN C 625 -41.07 -10.57 1.59
CA GLN C 625 -41.10 -9.74 2.79
C GLN C 625 -39.91 -9.97 3.70
N LEU C 626 -39.38 -11.19 3.75
CA LEU C 626 -38.20 -11.52 4.54
C LEU C 626 -37.14 -12.09 3.61
N THR C 627 -35.88 -11.67 3.83
CA THR C 627 -34.80 -12.23 3.03
C THR C 627 -34.69 -13.75 3.11
N PRO C 628 -34.88 -14.42 4.28
CA PRO C 628 -35.00 -15.88 4.23
C PRO C 628 -36.31 -16.28 3.57
N THR C 629 -36.23 -16.74 2.32
CA THR C 629 -37.43 -16.88 1.50
C THR C 629 -38.35 -17.97 2.02
N TRP C 630 -37.79 -19.05 2.57
CA TRP C 630 -38.60 -20.18 3.02
C TRP C 630 -39.58 -19.72 4.09
N ARG C 631 -40.86 -19.94 3.85
CA ARG C 631 -41.91 -19.62 4.81
C ARG C 631 -42.50 -20.91 5.37
N VAL C 632 -41.66 -21.93 5.50
CA VAL C 632 -42.10 -23.24 5.95
C VAL C 632 -42.56 -23.21 7.40
N TYR C 633 -41.85 -22.48 8.26
CA TYR C 633 -42.25 -22.40 9.66
C TYR C 633 -43.53 -21.59 9.79
N SER C 634 -44.46 -22.11 10.59
CA SER C 634 -45.74 -21.43 10.80
C SER C 634 -45.55 -20.10 11.53
N THR C 635 -44.40 -19.89 12.16
CA THR C 635 -44.08 -18.70 12.93
C THR C 635 -45.07 -18.47 14.08
N GLY C 636 -45.80 -19.51 14.47
CA GLY C 636 -46.75 -19.41 15.56
C GLY C 636 -46.78 -20.66 16.42
N SER C 637 -45.92 -21.62 16.12
CA SER C 637 -45.90 -22.90 16.81
C SER C 637 -44.74 -22.93 17.79
N ASN C 638 -45.05 -23.01 19.08
CA ASN C 638 -44.07 -23.08 20.16
C ASN C 638 -43.08 -21.91 20.07
N VAL C 639 -43.63 -20.71 20.24
CA VAL C 639 -42.85 -19.48 20.25
C VAL C 639 -42.54 -19.13 21.70
N PHE C 640 -41.26 -18.95 22.00
CA PHE C 640 -40.78 -18.70 23.34
C PHE C 640 -39.89 -17.46 23.33
N GLN C 641 -40.00 -16.64 24.37
CA GLN C 641 -39.28 -15.38 24.44
C GLN C 641 -38.05 -15.52 25.32
N THR C 642 -36.93 -14.98 24.85
CA THR C 642 -35.65 -15.09 25.52
C THR C 642 -35.00 -13.70 25.54
N ARG C 643 -34.16 -13.47 26.56
CA ARG C 643 -33.50 -12.18 26.69
C ARG C 643 -32.60 -11.87 25.50
N ALA C 644 -32.16 -12.88 24.76
CA ALA C 644 -31.28 -12.68 23.61
C ALA C 644 -32.02 -12.68 22.28
N GLY C 645 -33.36 -12.74 22.31
CA GLY C 645 -34.14 -12.84 21.09
C GLY C 645 -35.07 -14.04 21.14
N CYS C 646 -36.29 -13.86 20.66
CA CYS C 646 -37.29 -14.92 20.79
C CYS C 646 -36.93 -16.11 19.91
N LEU C 647 -37.23 -17.31 20.41
CA LEU C 647 -36.78 -18.56 19.83
C LEU C 647 -37.96 -19.35 19.29
N ILE C 648 -37.78 -19.93 18.11
CA ILE C 648 -38.84 -20.64 17.41
C ILE C 648 -38.40 -22.08 17.15
N GLY C 649 -39.25 -23.03 17.51
CA GLY C 649 -38.99 -24.42 17.24
C GLY C 649 -38.60 -25.28 18.43
N ALA C 650 -38.74 -24.76 19.65
CA ALA C 650 -38.42 -25.54 20.84
C ALA C 650 -39.26 -25.06 22.00
N GLU C 651 -39.76 -25.99 22.80
CA GLU C 651 -40.65 -25.66 23.90
C GLU C 651 -39.90 -25.60 25.22
N TYR C 652 -40.39 -24.73 26.10
CA TYR C 652 -39.75 -24.52 27.38
C TYR C 652 -39.99 -25.70 28.32
N VAL C 653 -38.98 -26.02 29.12
CA VAL C 653 -39.09 -27.00 30.18
C VAL C 653 -38.54 -26.37 31.46
N ASN C 654 -39.19 -26.66 32.58
CA ASN C 654 -38.83 -26.03 33.85
C ASN C 654 -37.90 -26.89 34.70
N ASN C 655 -37.23 -27.87 34.10
CA ASN C 655 -36.31 -28.74 34.82
C ASN C 655 -34.97 -28.02 34.99
N SER C 656 -33.95 -28.75 35.41
CA SER C 656 -32.62 -28.17 35.62
C SER C 656 -31.58 -29.23 35.26
N TYR C 657 -31.04 -29.14 34.05
CA TYR C 657 -29.99 -30.04 33.59
C TYR C 657 -28.74 -29.24 33.25
N GLU C 658 -27.58 -29.88 33.39
CA GLU C 658 -26.37 -29.31 32.81
C GLU C 658 -26.53 -29.26 31.30
N CYS C 659 -26.22 -28.10 30.71
CA CYS C 659 -26.68 -27.82 29.37
C CYS C 659 -25.60 -28.08 28.33
N ASP C 660 -26.05 -28.44 27.13
CA ASP C 660 -25.19 -28.91 26.05
C ASP C 660 -24.89 -27.81 25.03
N ILE C 661 -25.92 -27.23 24.43
CA ILE C 661 -25.76 -26.16 23.45
C ILE C 661 -26.18 -24.86 24.11
N PRO C 662 -25.25 -23.97 24.47
CA PRO C 662 -25.62 -22.73 25.16
C PRO C 662 -26.23 -21.73 24.19
N ILE C 663 -27.43 -21.26 24.51
CA ILE C 663 -28.10 -20.24 23.71
C ILE C 663 -27.69 -18.87 24.21
N GLY C 664 -27.96 -18.58 25.47
CA GLY C 664 -27.54 -17.33 26.04
C GLY C 664 -28.47 -16.88 27.14
N ALA C 665 -28.00 -15.92 27.92
CA ALA C 665 -28.74 -15.37 29.05
C ALA C 665 -29.21 -16.47 29.98
N GLY C 666 -28.36 -17.46 30.20
CA GLY C 666 -28.67 -18.57 31.09
C GLY C 666 -29.58 -19.63 30.51
N ILE C 667 -29.95 -19.52 29.24
CA ILE C 667 -30.85 -20.47 28.59
C ILE C 667 -30.04 -21.37 27.67
N CYS C 668 -30.23 -22.68 27.82
CA CYS C 668 -29.47 -23.68 27.08
C CYS C 668 -30.42 -24.69 26.46
N ALA C 669 -30.04 -25.22 25.30
CA ALA C 669 -30.87 -26.16 24.57
C ALA C 669 -30.21 -27.52 24.48
N SER C 670 -31.03 -28.57 24.37
CA SER C 670 -30.52 -29.92 24.19
C SER C 670 -31.62 -30.82 23.63
N TYR C 671 -31.19 -31.94 23.08
CA TYR C 671 -32.10 -32.94 22.52
C TYR C 671 -32.80 -33.70 23.64
N GLN C 672 -34.01 -34.18 23.38
CA GLN C 672 -34.73 -34.89 24.41
C GLN C 672 -35.81 -35.77 23.80
N THR C 673 -36.23 -36.78 24.57
CA THR C 673 -37.22 -37.76 24.17
C THR C 673 -38.53 -37.46 24.88
N GLN C 674 -39.62 -37.36 24.12
CA GLN C 674 -40.94 -37.19 24.72
C GLN C 674 -41.39 -38.50 25.36
N SER C 686 -41.19 -38.90 18.74
CA SER C 686 -40.97 -39.10 20.16
C SER C 686 -39.72 -38.35 20.62
N GLN C 687 -39.08 -37.66 19.68
CA GLN C 687 -37.88 -36.89 19.95
C GLN C 687 -38.09 -35.45 19.51
N SER C 688 -37.46 -34.52 20.23
CA SER C 688 -37.52 -33.12 19.88
C SER C 688 -36.35 -32.40 20.55
N ILE C 689 -36.37 -31.07 20.49
CA ILE C 689 -35.33 -30.23 21.06
C ILE C 689 -35.97 -29.29 22.05
N ILE C 690 -35.37 -29.16 23.23
CA ILE C 690 -35.93 -28.35 24.30
C ILE C 690 -34.92 -27.28 24.67
N ALA C 691 -35.42 -26.20 25.24
CA ALA C 691 -34.60 -25.14 25.81
C ALA C 691 -35.06 -24.89 27.24
N TYR C 692 -34.10 -24.73 28.14
CA TYR C 692 -34.41 -24.64 29.56
C TYR C 692 -33.37 -23.79 30.26
N THR C 693 -33.50 -23.72 31.59
CA THR C 693 -32.63 -22.91 32.44
C THR C 693 -31.46 -23.74 32.96
N MET C 694 -30.27 -23.16 32.88
CA MET C 694 -29.07 -23.89 33.27
C MET C 694 -29.14 -24.28 34.74
N SER C 695 -28.51 -25.40 35.07
CA SER C 695 -28.40 -25.87 36.45
C SER C 695 -26.99 -25.60 36.92
N LEU C 696 -26.85 -24.80 37.98
CA LEU C 696 -25.54 -24.46 38.50
C LEU C 696 -24.89 -25.61 39.23
N GLY C 697 -25.61 -26.68 39.50
CA GLY C 697 -25.06 -27.83 40.19
C GLY C 697 -26.10 -28.41 41.13
N ALA C 698 -25.62 -29.28 42.02
CA ALA C 698 -26.47 -29.95 42.98
C ALA C 698 -26.47 -29.18 44.29
N GLU C 699 -27.65 -28.78 44.75
CA GLU C 699 -27.79 -28.08 46.02
C GLU C 699 -27.22 -28.91 47.15
N ASN C 700 -26.47 -28.26 48.04
CA ASN C 700 -25.96 -28.92 49.23
C ASN C 700 -25.87 -27.90 50.36
N SER C 701 -25.93 -28.38 51.58
CA SER C 701 -25.82 -27.54 52.76
C SER C 701 -24.91 -28.23 53.78
N VAL C 702 -24.30 -27.43 54.63
CA VAL C 702 -23.35 -27.93 55.63
C VAL C 702 -23.95 -27.71 57.01
N ALA C 703 -23.46 -28.48 57.98
CA ALA C 703 -24.04 -28.56 59.31
C ALA C 703 -23.27 -27.74 60.33
N TYR C 704 -22.77 -26.56 59.95
CA TYR C 704 -21.90 -25.79 60.83
C TYR C 704 -22.53 -25.56 62.18
N SER C 705 -21.74 -25.82 63.23
CA SER C 705 -22.20 -25.60 64.60
C SER C 705 -20.97 -25.32 65.45
N ASN C 706 -21.22 -25.07 66.74
CA ASN C 706 -20.17 -24.59 67.63
C ASN C 706 -19.04 -25.60 67.75
N ASN C 707 -19.36 -26.87 67.97
CA ASN C 707 -18.36 -27.83 68.40
C ASN C 707 -18.52 -29.17 67.69
N SER C 708 -18.73 -29.15 66.38
CA SER C 708 -18.80 -30.38 65.59
C SER C 708 -17.75 -30.33 64.49
N ILE C 709 -16.98 -31.41 64.35
CA ILE C 709 -15.97 -31.50 63.31
C ILE C 709 -16.05 -32.88 62.67
N ALA C 710 -15.90 -32.92 61.35
CA ALA C 710 -16.02 -34.17 60.59
C ALA C 710 -14.65 -34.57 60.07
N ILE C 711 -14.21 -35.78 60.42
CA ILE C 711 -12.88 -36.27 60.08
C ILE C 711 -13.04 -37.51 59.21
N PRO C 712 -12.29 -37.64 58.12
CA PRO C 712 -12.41 -38.83 57.27
C PRO C 712 -11.70 -40.03 57.85
N THR C 713 -12.18 -41.22 57.48
CA THR C 713 -11.61 -42.48 57.92
C THR C 713 -11.00 -43.31 56.81
N ASN C 714 -11.22 -42.93 55.55
CA ASN C 714 -10.71 -43.68 54.42
C ASN C 714 -10.35 -42.69 53.31
N PHE C 715 -9.62 -43.17 52.32
CA PHE C 715 -9.09 -42.29 51.28
C PHE C 715 -9.09 -43.03 49.96
N THR C 716 -8.47 -42.41 48.96
CA THR C 716 -8.41 -42.99 47.62
C THR C 716 -7.26 -42.38 46.86
N ILE C 717 -6.41 -43.23 46.29
CA ILE C 717 -5.41 -42.78 45.32
C ILE C 717 -6.09 -42.71 43.97
N SER C 718 -6.02 -41.55 43.32
CA SER C 718 -6.64 -41.36 42.03
C SER C 718 -5.61 -40.90 41.03
N VAL C 719 -5.96 -41.00 39.75
CA VAL C 719 -5.10 -40.58 38.64
C VAL C 719 -5.93 -39.77 37.68
N THR C 720 -5.46 -38.56 37.37
CA THR C 720 -6.10 -37.71 36.39
C THR C 720 -5.12 -37.38 35.27
N THR C 721 -5.62 -36.80 34.20
CA THR C 721 -4.78 -36.47 33.06
C THR C 721 -4.82 -34.97 32.78
N GLU C 722 -3.80 -34.52 32.06
CA GLU C 722 -3.69 -33.13 31.64
C GLU C 722 -3.04 -33.10 30.26
N ILE C 723 -3.48 -32.19 29.40
CA ILE C 723 -3.00 -32.15 28.02
C ILE C 723 -2.55 -30.73 27.71
N LEU C 724 -1.37 -30.60 27.10
CA LEU C 724 -0.85 -29.27 26.79
C LEU C 724 -0.16 -29.23 25.44
N PRO C 725 -0.40 -28.19 24.64
CA PRO C 725 0.39 -27.97 23.44
C PRO C 725 1.77 -27.44 23.81
N VAL C 726 2.75 -27.78 22.98
CA VAL C 726 4.12 -27.35 23.24
C VAL C 726 4.72 -26.66 22.03
N SER C 727 4.22 -26.96 20.84
CA SER C 727 4.77 -26.38 19.62
C SER C 727 3.79 -26.57 18.48
N MET C 728 4.05 -25.87 17.40
CA MET C 728 3.24 -25.96 16.19
C MET C 728 4.13 -26.37 15.01
N THR C 729 3.56 -26.35 13.82
CA THR C 729 4.27 -26.76 12.61
C THR C 729 5.01 -25.57 12.01
N LYS C 730 6.29 -25.75 11.77
CA LYS C 730 7.09 -24.70 11.16
C LYS C 730 6.60 -24.43 9.74
N THR C 731 7.01 -23.29 9.20
CA THR C 731 6.63 -22.91 7.84
C THR C 731 7.60 -21.86 7.34
N SER C 732 7.94 -21.94 6.05
CA SER C 732 8.72 -20.91 5.39
C SER C 732 8.17 -20.75 3.98
N VAL C 733 7.99 -19.50 3.55
CA VAL C 733 7.36 -19.21 2.28
C VAL C 733 8.25 -18.28 1.47
N ASP C 734 7.94 -18.18 0.17
CA ASP C 734 8.67 -17.33 -0.76
C ASP C 734 7.75 -16.24 -1.27
N CYS C 735 8.25 -14.99 -1.27
CA CYS C 735 7.55 -13.94 -2.00
C CYS C 735 7.56 -14.19 -3.50
N THR C 736 8.73 -14.55 -4.04
CA THR C 736 8.92 -14.51 -5.48
C THR C 736 7.94 -15.42 -6.19
N MET C 737 7.68 -16.60 -5.63
CA MET C 737 6.83 -17.56 -6.33
C MET C 737 5.38 -17.50 -5.90
N TYR C 738 5.10 -17.06 -4.67
CA TYR C 738 3.70 -16.89 -4.28
C TYR C 738 3.04 -15.78 -5.06
N ILE C 739 3.72 -14.65 -5.20
CA ILE C 739 3.10 -13.44 -5.75
C ILE C 739 3.32 -13.34 -7.25
N CYS C 740 4.57 -13.49 -7.67
CA CYS C 740 4.97 -13.32 -9.06
C CYS C 740 5.60 -14.59 -9.62
N GLY C 741 4.94 -15.73 -9.38
CA GLY C 741 5.50 -17.02 -9.75
C GLY C 741 5.94 -17.15 -11.19
N ASP C 742 7.25 -17.26 -11.39
CA ASP C 742 7.84 -17.53 -12.70
C ASP C 742 7.51 -16.42 -13.70
N SER C 743 7.95 -15.20 -13.39
CA SER C 743 7.75 -14.05 -14.29
C SER C 743 8.77 -12.99 -13.91
N THR C 744 9.64 -12.63 -14.86
CA THR C 744 10.68 -11.66 -14.62
C THR C 744 10.12 -10.26 -14.38
N GLU C 745 9.21 -9.82 -15.26
CA GLU C 745 8.69 -8.46 -15.17
C GLU C 745 7.88 -8.28 -13.89
N CYS C 746 7.19 -9.33 -13.44
CA CYS C 746 6.49 -9.24 -12.17
C CYS C 746 7.48 -9.04 -11.03
N SER C 747 8.62 -9.72 -11.09
CA SER C 747 9.65 -9.50 -10.08
C SER C 747 10.19 -8.08 -10.13
N ASN C 748 10.40 -7.56 -11.34
CA ASN C 748 10.92 -6.19 -11.46
C ASN C 748 9.92 -5.17 -10.95
N LEU C 749 8.62 -5.47 -11.06
CA LEU C 749 7.63 -4.60 -10.43
C LEU C 749 7.58 -4.80 -8.92
N LEU C 750 7.84 -6.02 -8.45
CA LEU C 750 7.78 -6.29 -7.01
C LEU C 750 8.90 -5.60 -6.25
N LEU C 751 10.11 -5.59 -6.82
CA LEU C 751 11.20 -4.88 -6.16
C LEU C 751 10.93 -3.39 -5.98
N GLN C 752 10.00 -2.83 -6.74
CA GLN C 752 9.72 -1.40 -6.62
C GLN C 752 9.02 -1.03 -5.32
N TYR C 753 8.49 -2.00 -4.58
CA TYR C 753 7.78 -1.69 -3.35
C TYR C 753 8.68 -1.68 -2.12
N GLY C 754 9.98 -1.70 -2.30
CA GLY C 754 10.86 -1.67 -1.15
C GLY C 754 10.88 -2.98 -0.40
N SER C 755 11.40 -2.92 0.82
CA SER C 755 11.54 -4.11 1.66
C SER C 755 10.20 -4.42 2.34
N PHE C 756 9.32 -5.07 1.59
CA PHE C 756 8.16 -5.75 2.13
C PHE C 756 8.30 -7.26 2.13
N CYS C 757 9.49 -7.79 1.90
CA CYS C 757 9.64 -9.24 1.83
C CYS C 757 10.74 -9.78 2.76
N THR C 758 11.78 -8.98 2.97
CA THR C 758 12.81 -9.40 3.93
C THR C 758 12.22 -9.57 5.31
N GLN C 759 11.30 -8.68 5.70
CA GLN C 759 10.69 -8.76 7.02
C GLN C 759 9.90 -10.05 7.18
N LEU C 760 9.16 -10.44 6.14
CA LEU C 760 8.34 -11.64 6.23
C LEU C 760 9.20 -12.89 6.42
N LYS C 761 10.26 -13.02 5.63
CA LYS C 761 11.15 -14.17 5.79
C LYS C 761 11.82 -14.15 7.15
N ARG C 762 12.26 -12.97 7.61
CA ARG C 762 12.90 -12.90 8.91
C ARG C 762 11.94 -13.30 10.02
N ALA C 763 10.71 -12.81 9.97
CA ALA C 763 9.73 -13.13 11.00
C ALA C 763 9.42 -14.62 11.02
N LEU C 764 9.25 -15.21 9.85
CA LEU C 764 8.95 -16.64 9.80
C LEU C 764 10.12 -17.47 10.32
N THR C 765 11.35 -17.08 9.98
CA THR C 765 12.50 -17.81 10.50
C THR C 765 12.59 -17.68 12.02
N GLY C 766 12.32 -16.49 12.55
CA GLY C 766 12.32 -16.33 13.99
C GLY C 766 11.29 -17.21 14.67
N ILE C 767 10.09 -17.28 14.10
CA ILE C 767 9.05 -18.15 14.65
C ILE C 767 9.51 -19.60 14.64
N ALA C 768 10.10 -20.04 13.52
CA ALA C 768 10.56 -21.42 13.43
C ALA C 768 11.63 -21.73 14.47
N VAL C 769 12.57 -20.81 14.65
CA VAL C 769 13.64 -21.04 15.62
C VAL C 769 13.07 -21.12 17.04
N GLU C 770 12.13 -20.23 17.38
CA GLU C 770 11.53 -20.30 18.70
C GLU C 770 10.78 -21.61 18.89
N GLN C 771 10.10 -22.09 17.85
CA GLN C 771 9.41 -23.36 17.93
C GLN C 771 10.40 -24.49 18.21
N ASP C 772 11.55 -24.46 17.55
CA ASP C 772 12.55 -25.49 17.81
C ASP C 772 13.12 -25.36 19.22
N LYS C 773 13.14 -24.15 19.78
CA LYS C 773 13.65 -23.97 21.14
C LYS C 773 12.66 -24.43 22.20
N ASN C 774 11.37 -24.40 21.88
CA ASN C 774 10.34 -24.75 22.87
C ASN C 774 10.51 -26.18 23.37
N THR C 775 10.60 -27.15 22.47
CA THR C 775 10.75 -28.52 22.90
C THR C 775 12.06 -28.73 23.64
N GLN C 776 13.11 -28.02 23.24
CA GLN C 776 14.39 -28.13 23.93
C GLN C 776 14.28 -27.67 25.38
N GLU C 777 13.61 -26.55 25.61
CA GLU C 777 13.49 -26.07 26.99
C GLU C 777 12.48 -26.86 27.80
N VAL C 778 11.49 -27.48 27.16
CA VAL C 778 10.52 -28.26 27.91
C VAL C 778 11.12 -29.60 28.33
N PHE C 779 11.81 -30.28 27.41
CA PHE C 779 12.21 -31.66 27.64
C PHE C 779 13.62 -31.81 28.21
N ALA C 780 14.59 -31.01 27.74
CA ALA C 780 15.96 -31.20 28.16
C ALA C 780 16.20 -30.73 29.59
N GLN C 781 15.60 -31.42 30.56
CA GLN C 781 15.79 -31.11 31.97
C GLN C 781 16.85 -31.98 32.63
N VAL C 782 17.43 -32.94 31.91
CA VAL C 782 18.37 -33.89 32.46
C VAL C 782 19.66 -33.84 31.67
N LYS C 783 20.78 -33.77 32.39
CA LYS C 783 22.08 -33.73 31.73
C LYS C 783 22.42 -35.07 31.09
N GLN C 784 22.24 -36.16 31.83
CA GLN C 784 22.64 -37.49 31.39
C GLN C 784 21.43 -38.37 31.18
N ILE C 785 21.41 -39.07 30.06
CA ILE C 785 20.31 -40.00 29.74
C ILE C 785 20.44 -41.21 30.66
N TYR C 786 19.39 -41.47 31.43
CA TYR C 786 19.37 -42.66 32.27
C TYR C 786 18.82 -43.84 31.49
N LYS C 787 18.86 -45.01 32.13
CA LYS C 787 18.33 -46.22 31.55
C LYS C 787 17.44 -46.92 32.56
N THR C 788 16.42 -47.60 32.06
CA THR C 788 15.49 -48.30 32.93
C THR C 788 16.22 -49.40 33.68
N PRO C 789 15.76 -49.75 34.88
CA PRO C 789 16.38 -50.84 35.61
C PRO C 789 16.27 -52.14 34.84
N PRO C 790 17.24 -53.05 35.00
CA PRO C 790 17.20 -54.29 34.20
C PRO C 790 15.97 -55.14 34.48
N ILE C 791 15.73 -55.49 35.73
CA ILE C 791 14.53 -56.23 36.12
C ILE C 791 13.54 -55.24 36.71
N LYS C 792 12.28 -55.35 36.28
CA LYS C 792 11.25 -54.36 36.63
C LYS C 792 10.34 -54.94 37.71
N TYR C 793 10.73 -54.74 38.96
CA TYR C 793 9.84 -54.99 40.10
C TYR C 793 9.88 -53.78 41.02
N PHE C 794 8.71 -53.30 41.43
CA PHE C 794 8.60 -52.07 42.19
C PHE C 794 7.63 -52.25 43.37
N GLY C 795 7.80 -53.33 44.11
CA GLY C 795 7.04 -53.52 45.34
C GLY C 795 5.55 -53.60 45.15
N GLY C 796 5.10 -54.27 44.09
CA GLY C 796 3.69 -54.40 43.80
C GLY C 796 3.16 -53.37 42.83
N PHE C 797 3.86 -52.25 42.67
CA PHE C 797 3.42 -51.22 41.74
C PHE C 797 3.74 -51.67 40.32
N ASN C 798 2.76 -51.59 39.44
CA ASN C 798 2.86 -52.14 38.08
C ASN C 798 3.05 -50.99 37.10
N PHE C 799 4.27 -50.83 36.61
CA PHE C 799 4.62 -49.71 35.75
C PHE C 799 4.72 -50.10 34.28
N SER C 800 4.33 -51.32 33.92
CA SER C 800 4.52 -51.79 32.56
C SER C 800 3.69 -51.04 31.54
N GLN C 801 2.70 -50.26 31.98
CA GLN C 801 1.86 -49.53 31.04
C GLN C 801 2.45 -48.21 30.60
N ILE C 802 3.52 -47.74 31.24
CA ILE C 802 4.08 -46.44 30.91
C ILE C 802 5.54 -46.50 30.50
N LEU C 803 6.28 -47.55 30.86
CA LEU C 803 7.65 -47.69 30.39
C LEU C 803 7.67 -48.08 28.91
N PRO C 804 8.77 -47.80 28.21
CA PRO C 804 8.87 -48.23 26.80
C PRO C 804 8.81 -49.75 26.70
N ASP C 805 8.26 -50.22 25.58
CA ASP C 805 8.15 -51.65 25.32
C ASP C 805 9.17 -52.04 24.26
N PRO C 806 10.24 -52.74 24.63
CA PRO C 806 11.25 -53.11 23.61
C PRO C 806 10.75 -54.11 22.59
N SER C 807 9.64 -54.79 22.83
CA SER C 807 9.13 -55.75 21.86
C SER C 807 8.77 -55.08 20.54
N LYS C 808 8.12 -53.94 20.61
CA LYS C 808 7.81 -53.19 19.39
C LYS C 808 9.05 -52.47 18.87
N PRO C 809 9.17 -52.33 17.54
CA PRO C 809 10.35 -51.65 16.99
C PRO C 809 10.45 -50.19 17.41
N SER C 810 9.33 -49.50 17.57
CA SER C 810 9.38 -48.06 17.85
C SER C 810 9.78 -47.76 19.28
N LYS C 811 9.66 -48.71 20.20
CA LYS C 811 10.03 -48.55 21.60
C LYS C 811 9.26 -47.40 22.24
N ARG C 812 7.94 -47.57 22.27
CA ARG C 812 7.04 -46.60 22.88
C ARG C 812 6.06 -47.33 23.79
N SER C 813 5.65 -46.66 24.86
CA SER C 813 4.74 -47.25 25.81
C SER C 813 3.35 -47.40 25.20
N PRO C 814 2.54 -48.33 25.72
CA PRO C 814 1.20 -48.51 25.15
C PRO C 814 0.34 -47.26 25.19
N ILE C 815 0.42 -46.47 26.26
CA ILE C 815 -0.32 -45.21 26.29
C ILE C 815 0.17 -44.29 25.20
N GLU C 816 1.48 -44.24 24.99
CA GLU C 816 2.03 -43.47 23.88
C GLU C 816 1.48 -43.98 22.55
N ASP C 817 1.34 -45.29 22.41
CA ASP C 817 0.81 -45.84 21.16
C ASP C 817 -0.62 -45.41 20.94
N LEU C 818 -1.46 -45.48 21.97
CA LEU C 818 -2.84 -45.01 21.84
C LEU C 818 -2.87 -43.53 21.47
N LEU C 819 -2.06 -42.72 22.14
CA LEU C 819 -2.05 -41.29 21.87
C LEU C 819 -1.60 -40.99 20.44
N PHE C 820 -0.60 -41.72 19.96
CA PHE C 820 -0.11 -41.47 18.61
C PHE C 820 -1.12 -41.90 17.56
N ASN C 821 -1.77 -43.05 17.75
CA ASN C 821 -2.74 -43.51 16.77
C ASN C 821 -3.98 -42.63 16.75
N LYS C 822 -4.46 -42.21 17.93
CA LYS C 822 -5.67 -41.40 17.98
C LYS C 822 -5.48 -40.06 17.28
N VAL C 823 -4.33 -39.41 17.50
CA VAL C 823 -4.06 -38.12 16.88
C VAL C 823 -3.62 -38.36 15.45
N THR C 824 -4.27 -37.68 14.51
CA THR C 824 -4.00 -37.83 13.09
C THR C 824 -3.38 -36.54 12.56
N LEU C 825 -2.35 -36.67 11.73
CA LEU C 825 -1.60 -35.54 11.23
C LEU C 825 -1.70 -35.49 9.70
N ALA C 826 -1.72 -34.27 9.16
CA ALA C 826 -1.98 -34.07 7.74
C ALA C 826 -0.70 -34.08 6.91
N ASP C 827 0.23 -33.17 7.21
CA ASP C 827 1.48 -33.05 6.47
C ASP C 827 2.64 -33.03 7.45
N ALA C 828 3.56 -33.97 7.31
CA ALA C 828 4.77 -34.03 8.13
C ALA C 828 6.00 -33.54 7.39
N GLY C 829 5.85 -33.10 6.15
CA GLY C 829 6.96 -32.57 5.37
C GLY C 829 8.08 -33.55 5.13
N PHE C 830 7.73 -34.78 4.76
CA PHE C 830 8.71 -35.82 4.45
C PHE C 830 8.58 -36.20 2.99
N ILE C 831 9.70 -36.15 2.26
CA ILE C 831 9.82 -36.44 0.83
C ILE C 831 8.53 -36.08 0.08
N LYS C 832 8.08 -34.83 0.24
CA LYS C 832 6.86 -34.40 -0.42
C LYS C 832 6.95 -34.59 -1.94
N GLN C 833 8.15 -34.46 -2.50
CA GLN C 833 8.41 -34.75 -3.90
C GLN C 833 7.57 -33.89 -4.84
N LEU C 846 -3.85 -35.41 -1.12
CA LEU C 846 -3.63 -34.65 -2.35
C LEU C 846 -3.28 -33.20 -2.04
N ILE C 847 -4.02 -32.59 -1.10
CA ILE C 847 -3.83 -31.18 -0.78
C ILE C 847 -2.43 -30.91 -0.25
N CYS C 848 -1.78 -31.91 0.34
CA CYS C 848 -0.42 -31.71 0.83
C CYS C 848 0.54 -31.39 -0.31
N ALA C 849 0.38 -32.06 -1.45
CA ALA C 849 1.22 -31.80 -2.61
C ALA C 849 0.77 -30.60 -3.43
N GLN C 850 -0.42 -30.07 -3.17
CA GLN C 850 -0.90 -28.88 -3.86
C GLN C 850 -0.27 -27.61 -3.34
N LYS C 851 0.62 -27.71 -2.35
CA LYS C 851 1.31 -26.56 -1.79
C LYS C 851 2.60 -26.23 -2.55
N PHE C 852 2.68 -26.59 -3.83
CA PHE C 852 3.79 -26.22 -4.69
C PHE C 852 3.55 -24.86 -5.35
N ASN C 853 3.20 -23.88 -4.53
CA ASN C 853 3.14 -22.49 -4.96
C ASN C 853 4.14 -21.63 -4.21
N GLY C 854 4.92 -22.23 -3.31
CA GLY C 854 5.92 -21.52 -2.55
C GLY C 854 5.91 -21.87 -1.08
N LEU C 855 4.87 -22.58 -0.65
CA LEU C 855 4.68 -22.89 0.76
C LEU C 855 5.36 -24.22 1.08
N THR C 856 6.35 -24.19 1.95
CA THR C 856 7.06 -25.38 2.39
C THR C 856 6.68 -25.72 3.82
N VAL C 857 7.23 -26.83 4.30
CA VAL C 857 7.09 -27.23 5.70
C VAL C 857 8.42 -27.84 6.13
N LEU C 858 9.03 -27.26 7.13
CA LEU C 858 10.32 -27.81 7.56
C LEU C 858 10.10 -28.87 8.64
N PRO C 859 11.01 -29.83 8.75
CA PRO C 859 10.83 -30.88 9.74
C PRO C 859 11.40 -30.46 11.08
N PRO C 860 10.82 -30.92 12.19
CA PRO C 860 11.34 -30.55 13.50
C PRO C 860 12.72 -31.13 13.73
N LEU C 861 13.50 -30.45 14.57
CA LEU C 861 14.87 -30.86 14.80
C LEU C 861 14.93 -32.21 15.51
N LEU C 862 14.17 -32.35 16.60
CA LEU C 862 14.18 -33.56 17.41
C LEU C 862 13.12 -34.53 16.88
N THR C 863 13.56 -35.59 16.21
CA THR C 863 12.61 -36.58 15.73
C THR C 863 12.07 -37.38 16.90
N ASP C 864 10.99 -38.13 16.62
CA ASP C 864 10.29 -38.84 17.68
C ASP C 864 11.01 -40.13 18.03
N GLU C 865 12.29 -40.06 18.26
CA GLU C 865 13.04 -41.15 18.84
C GLU C 865 13.90 -40.72 20.01
N MET C 866 14.50 -39.53 19.94
CA MET C 866 15.14 -38.98 21.13
C MET C 866 14.12 -38.44 22.12
N ILE C 867 13.00 -37.92 21.63
CA ILE C 867 11.94 -37.48 22.52
C ILE C 867 11.46 -38.66 23.37
N ALA C 868 11.34 -39.84 22.75
CA ALA C 868 11.03 -41.03 23.52
C ALA C 868 12.15 -41.33 24.52
N GLN C 869 13.40 -41.15 24.12
CA GLN C 869 14.50 -41.39 25.05
C GLN C 869 14.50 -40.39 26.20
N TYR C 870 14.23 -39.12 25.91
CA TYR C 870 14.09 -38.14 26.98
C TYR C 870 13.00 -38.53 27.95
N THR C 871 11.83 -38.92 27.42
CA THR C 871 10.73 -39.30 28.30
C THR C 871 11.09 -40.51 29.14
N SER C 872 11.76 -41.50 28.53
CA SER C 872 12.18 -42.67 29.29
C SER C 872 13.18 -42.31 30.37
N ALA C 873 14.10 -41.39 30.07
CA ALA C 873 15.07 -40.98 31.07
C ALA C 873 14.40 -40.29 32.24
N LEU C 874 13.46 -39.38 31.96
CA LEU C 874 12.74 -38.73 33.05
C LEU C 874 11.97 -39.76 33.88
N LEU C 875 11.32 -40.72 33.22
CA LEU C 875 10.58 -41.74 33.96
C LEU C 875 11.51 -42.54 34.86
N ALA C 876 12.63 -43.00 34.33
CA ALA C 876 13.54 -43.83 35.12
C ALA C 876 14.12 -43.04 36.29
N GLY C 877 14.51 -41.78 36.04
CA GLY C 877 15.03 -40.96 37.11
C GLY C 877 13.99 -40.72 38.19
N THR C 878 12.72 -40.59 37.82
CA THR C 878 11.69 -40.33 38.81
C THR C 878 11.16 -41.60 39.48
N ILE C 879 11.53 -42.79 39.00
CA ILE C 879 11.12 -44.00 39.71
C ILE C 879 12.29 -44.72 40.36
N THR C 880 13.51 -44.20 40.22
CA THR C 880 14.64 -44.79 40.94
C THR C 880 15.40 -43.81 41.81
N SER C 881 15.11 -42.52 41.75
CA SER C 881 15.87 -41.53 42.52
C SER C 881 15.00 -40.47 43.17
N GLY C 882 13.70 -40.47 42.95
CA GLY C 882 12.84 -39.47 43.56
C GLY C 882 12.98 -38.09 42.93
N TRP C 883 13.34 -37.11 43.76
CA TRP C 883 13.54 -35.74 43.31
C TRP C 883 14.98 -35.28 43.46
N THR C 884 15.90 -36.20 43.80
CA THR C 884 17.29 -35.79 43.97
C THR C 884 17.92 -35.42 42.64
N PHE C 885 17.57 -36.13 41.57
CA PHE C 885 18.23 -35.90 40.29
C PHE C 885 17.81 -34.58 39.65
N GLY C 886 16.83 -33.88 40.21
CA GLY C 886 16.57 -32.52 39.82
C GLY C 886 17.40 -31.48 40.53
N ALA C 887 18.18 -31.89 41.52
CA ALA C 887 19.02 -30.99 42.30
C ALA C 887 20.50 -31.28 42.16
N GLY C 888 20.92 -32.52 42.38
CA GLY C 888 22.31 -32.88 42.27
C GLY C 888 22.50 -34.23 41.60
N PRO C 889 23.54 -34.96 42.00
CA PRO C 889 23.70 -36.32 41.48
C PRO C 889 22.57 -37.22 41.92
N ALA C 890 22.13 -38.08 41.01
CA ALA C 890 21.02 -38.97 41.31
C ALA C 890 21.41 -39.98 42.38
N LEU C 891 20.48 -40.28 43.28
CA LEU C 891 20.73 -41.18 44.39
C LEU C 891 19.75 -42.34 44.33
N GLN C 892 20.21 -43.52 44.73
CA GLN C 892 19.35 -44.68 44.80
C GLN C 892 18.50 -44.63 46.04
N ILE C 893 17.22 -44.97 45.90
CA ILE C 893 16.32 -45.11 47.03
C ILE C 893 15.15 -46.02 46.61
N PRO C 894 14.80 -47.00 47.43
CA PRO C 894 13.72 -47.92 47.05
C PRO C 894 12.38 -47.20 47.01
N PHE C 895 11.50 -47.70 46.14
CA PHE C 895 10.25 -47.00 45.85
C PHE C 895 9.33 -46.81 47.06
N PRO C 896 9.06 -47.84 47.88
CA PRO C 896 8.13 -47.61 49.00
C PRO C 896 8.59 -46.50 49.92
N MET C 897 9.90 -46.36 50.15
CA MET C 897 10.36 -45.24 50.96
C MET C 897 10.05 -43.91 50.29
N GLN C 898 10.20 -43.83 48.98
CA GLN C 898 9.86 -42.60 48.27
C GLN C 898 8.39 -42.26 48.45
N MET C 899 7.52 -43.26 48.32
CA MET C 899 6.10 -42.99 48.49
C MET C 899 5.78 -42.59 49.93
N ALA C 900 6.50 -43.18 50.88
CA ALA C 900 6.31 -42.79 52.28
C ALA C 900 6.67 -41.33 52.49
N TYR C 901 7.77 -40.87 51.88
CA TYR C 901 8.13 -39.46 52.02
C TYR C 901 7.13 -38.56 51.30
N ARG C 902 6.57 -39.02 50.19
CA ARG C 902 5.58 -38.17 49.51
C ARG C 902 4.29 -38.06 50.31
N PHE C 903 3.88 -39.12 51.01
CA PHE C 903 2.82 -38.94 52.01
C PHE C 903 3.26 -37.98 53.10
N ASN C 904 4.49 -38.14 53.59
CA ASN C 904 4.98 -37.27 54.65
C ASN C 904 4.91 -35.81 54.25
N GLY C 905 4.92 -35.56 52.95
CA GLY C 905 4.81 -34.21 52.43
C GLY C 905 3.42 -33.61 52.44
N ILE C 906 2.39 -34.32 52.89
CA ILE C 906 1.05 -33.76 52.99
C ILE C 906 0.46 -33.94 54.39
N GLY C 907 1.31 -34.10 55.39
CA GLY C 907 0.84 -34.19 56.76
C GLY C 907 0.19 -35.51 57.14
N VAL C 908 0.57 -36.60 56.49
CA VAL C 908 0.09 -37.94 56.82
C VAL C 908 1.30 -38.79 57.19
N THR C 909 1.27 -39.36 58.38
CA THR C 909 2.38 -40.16 58.85
C THR C 909 2.56 -41.41 57.99
N GLN C 910 3.82 -41.76 57.73
CA GLN C 910 4.18 -42.84 56.83
C GLN C 910 3.65 -44.21 57.28
N ASN C 911 3.25 -44.33 58.55
CA ASN C 911 2.77 -45.61 59.04
C ASN C 911 1.59 -46.11 58.23
N VAL C 912 0.76 -45.22 57.70
CA VAL C 912 -0.39 -45.67 56.93
C VAL C 912 0.07 -46.37 55.66
N LEU C 913 1.08 -45.82 54.98
CA LEU C 913 1.62 -46.51 53.81
C LEU C 913 2.23 -47.85 54.20
N TYR C 914 3.08 -47.86 55.23
CA TYR C 914 3.74 -49.12 55.57
C TYR C 914 2.76 -50.17 56.06
N GLU C 915 1.59 -49.77 56.53
CA GLU C 915 0.58 -50.72 56.99
C GLU C 915 -0.44 -51.07 55.91
N ASN C 916 -0.51 -50.32 54.82
CA ASN C 916 -1.50 -50.61 53.79
C ASN C 916 -0.91 -50.68 52.38
N GLN C 917 0.40 -50.94 52.27
CA GLN C 917 1.08 -50.95 50.97
C GLN C 917 0.36 -51.81 49.95
N LYS C 918 -0.10 -52.99 50.34
CA LYS C 918 -0.78 -53.87 49.39
C LYS C 918 -2.00 -53.20 48.79
N LEU C 919 -2.85 -52.63 49.64
CA LEU C 919 -4.05 -51.96 49.16
C LEU C 919 -3.71 -50.72 48.33
N ILE C 920 -2.71 -49.95 48.74
CA ILE C 920 -2.33 -48.77 47.98
C ILE C 920 -1.88 -49.16 46.59
N ALA C 921 -1.05 -50.20 46.49
CA ALA C 921 -0.59 -50.67 45.20
C ALA C 921 -1.74 -51.17 44.36
N ASN C 922 -2.68 -51.88 44.97
CA ASN C 922 -3.82 -52.38 44.20
C ASN C 922 -4.66 -51.24 43.66
N GLN C 923 -4.88 -50.20 44.47
CA GLN C 923 -5.63 -49.04 44.01
C GLN C 923 -4.92 -48.35 42.86
N PHE C 924 -3.60 -48.18 42.98
CA PHE C 924 -2.85 -47.55 41.90
C PHE C 924 -2.93 -48.39 40.63
N ASN C 925 -2.83 -49.71 40.75
CA ASN C 925 -2.92 -50.57 39.58
C ASN C 925 -4.29 -50.46 38.92
N SER C 926 -5.36 -50.43 39.73
CA SER C 926 -6.70 -50.29 39.17
C SER C 926 -6.85 -48.96 38.44
N ALA C 927 -6.35 -47.87 39.03
CA ALA C 927 -6.43 -46.57 38.38
C ALA C 927 -5.65 -46.55 37.07
N ILE C 928 -4.46 -47.15 37.07
CA ILE C 928 -3.66 -47.23 35.85
C ILE C 928 -4.42 -47.98 34.78
N GLY C 929 -5.04 -49.11 35.15
CA GLY C 929 -5.80 -49.86 34.17
C GLY C 929 -6.98 -49.08 33.63
N LYS C 930 -7.68 -48.35 34.50
CA LYS C 930 -8.88 -47.63 34.09
C LYS C 930 -8.55 -46.43 33.21
N ILE C 931 -7.39 -45.80 33.42
CA ILE C 931 -7.09 -44.60 32.65
C ILE C 931 -6.95 -44.92 31.17
N GLN C 932 -6.38 -46.07 30.84
CA GLN C 932 -6.25 -46.42 29.44
C GLN C 932 -7.61 -46.61 28.79
N ASP C 933 -8.53 -47.30 29.47
CA ASP C 933 -9.85 -47.51 28.92
C ASP C 933 -10.61 -46.19 28.77
N SER C 934 -10.48 -45.31 29.77
CA SER C 934 -11.16 -44.02 29.70
C SER C 934 -10.63 -43.17 28.55
N LEU C 935 -9.32 -43.17 28.35
CA LEU C 935 -8.75 -42.44 27.23
C LEU C 935 -9.12 -43.06 25.90
N SER C 936 -9.25 -44.40 25.86
CA SER C 936 -9.56 -45.08 24.61
C SER C 936 -11.01 -44.84 24.20
N SER C 937 -11.95 -44.98 25.13
CA SER C 937 -13.37 -44.96 24.81
C SER C 937 -13.95 -43.55 24.73
N THR C 938 -13.23 -42.53 25.15
CA THR C 938 -13.78 -41.19 25.12
C THR C 938 -13.97 -40.73 23.67
N PRO C 939 -15.03 -39.97 23.38
CA PRO C 939 -15.24 -39.50 22.00
C PRO C 939 -14.16 -38.54 21.55
N SER C 940 -13.87 -37.52 22.37
CA SER C 940 -12.85 -36.54 22.03
C SER C 940 -12.32 -35.94 23.34
N ALA C 941 -11.15 -36.40 23.77
CA ALA C 941 -10.44 -35.79 24.88
C ALA C 941 -9.20 -35.04 24.46
N LEU C 942 -8.63 -35.36 23.31
CA LEU C 942 -7.48 -34.64 22.76
C LEU C 942 -7.92 -33.49 21.86
N GLY C 943 -8.80 -32.64 22.37
CA GLY C 943 -9.31 -31.55 21.58
C GLY C 943 -8.26 -30.50 21.26
N LYS C 944 -7.41 -30.19 22.25
CA LYS C 944 -6.48 -29.07 22.09
C LYS C 944 -5.48 -29.33 20.97
N LEU C 945 -4.83 -30.50 20.97
CA LEU C 945 -3.86 -30.82 19.93
C LEU C 945 -4.51 -30.87 18.56
N GLN C 946 -5.70 -31.48 18.49
CA GLN C 946 -6.40 -31.57 17.22
C GLN C 946 -6.73 -30.19 16.67
N ASP C 947 -7.19 -29.28 17.53
CA ASP C 947 -7.49 -27.94 17.08
C ASP C 947 -6.22 -27.18 16.71
N VAL C 948 -5.11 -27.44 17.39
CA VAL C 948 -3.84 -26.83 17.03
C VAL C 948 -3.47 -27.21 15.60
N VAL C 949 -3.64 -28.49 15.25
CA VAL C 949 -3.37 -28.91 13.88
C VAL C 949 -4.36 -28.29 12.91
N ASN C 950 -5.65 -28.31 13.27
CA ASN C 950 -6.71 -27.89 12.37
C ASN C 950 -6.59 -26.41 12.02
N HIS C 951 -6.24 -25.57 12.99
CA HIS C 951 -6.13 -24.14 12.73
C HIS C 951 -5.08 -23.87 11.67
N ASN C 952 -3.92 -24.49 11.80
CA ASN C 952 -2.86 -24.29 10.82
C ASN C 952 -3.26 -24.83 9.45
N ALA C 953 -3.88 -26.01 9.41
CA ALA C 953 -4.30 -26.56 8.13
C ALA C 953 -5.30 -25.64 7.44
N GLN C 954 -6.27 -25.13 8.20
CA GLN C 954 -7.27 -24.23 7.63
C GLN C 954 -6.63 -22.93 7.15
N ALA C 955 -5.69 -22.39 7.92
CA ALA C 955 -5.02 -21.16 7.51
C ALA C 955 -4.29 -21.36 6.19
N LEU C 956 -3.54 -22.47 6.06
CA LEU C 956 -2.84 -22.72 4.81
C LEU C 956 -3.81 -22.93 3.66
N ASN C 957 -4.92 -23.62 3.91
CA ASN C 957 -5.90 -23.83 2.86
C ASN C 957 -6.48 -22.49 2.38
N THR C 958 -6.81 -21.60 3.31
CA THR C 958 -7.31 -20.29 2.92
C THR C 958 -6.27 -19.50 2.15
N LEU C 959 -5.02 -19.58 2.59
CA LEU C 959 -3.95 -18.86 1.91
C LEU C 959 -3.81 -19.34 0.46
N VAL C 960 -3.88 -20.65 0.25
CA VAL C 960 -3.80 -21.18 -1.10
C VAL C 960 -5.01 -20.76 -1.92
N LYS C 961 -6.21 -20.90 -1.36
CA LYS C 961 -7.43 -20.58 -2.10
C LYS C 961 -7.53 -19.10 -2.45
N GLN C 962 -6.83 -18.24 -1.70
CA GLN C 962 -6.88 -16.81 -2.00
C GLN C 962 -6.34 -16.48 -3.38
N LEU C 963 -5.59 -17.40 -4.00
CA LEU C 963 -4.97 -17.09 -5.28
C LEU C 963 -6.00 -16.93 -6.39
N SER C 964 -7.14 -17.61 -6.30
CA SER C 964 -8.14 -17.58 -7.36
C SER C 964 -9.15 -16.47 -7.13
N SER C 965 -8.63 -15.25 -6.96
CA SER C 965 -9.45 -14.08 -6.72
C SER C 965 -9.06 -12.99 -7.71
N LYS C 966 -10.06 -12.39 -8.34
CA LYS C 966 -9.79 -11.36 -9.35
C LYS C 966 -9.23 -10.09 -8.71
N PHE C 967 -9.60 -9.81 -7.45
CA PHE C 967 -9.11 -8.64 -6.73
C PHE C 967 -9.37 -7.35 -7.50
N GLY C 968 -10.36 -7.37 -8.40
CA GLY C 968 -10.60 -6.25 -9.27
C GLY C 968 -9.88 -6.32 -10.60
N ALA C 969 -8.98 -7.28 -10.79
CA ALA C 969 -8.32 -7.43 -12.07
C ALA C 969 -9.22 -8.18 -13.05
N ILE C 970 -8.79 -8.22 -14.31
CA ILE C 970 -9.60 -8.88 -15.33
C ILE C 970 -9.64 -10.39 -15.10
N SER C 971 -8.53 -10.97 -14.63
CA SER C 971 -8.45 -12.41 -14.43
C SER C 971 -7.42 -12.70 -13.35
N SER C 972 -7.36 -13.98 -12.95
CA SER C 972 -6.49 -14.42 -11.88
C SER C 972 -5.35 -15.29 -12.37
N VAL C 973 -5.03 -15.21 -13.65
CA VAL C 973 -3.94 -15.99 -14.24
C VAL C 973 -2.90 -15.01 -14.76
N LEU C 974 -1.71 -15.03 -14.15
CA LEU C 974 -0.68 -14.06 -14.52
C LEU C 974 -0.20 -14.28 -15.95
N ASN C 975 -0.02 -15.53 -16.36
CA ASN C 975 0.51 -15.78 -17.69
C ASN C 975 -0.43 -15.24 -18.77
N ASP C 976 -1.72 -15.49 -18.63
CA ASP C 976 -2.68 -15.03 -19.64
C ASP C 976 -2.73 -13.50 -19.69
N ILE C 977 -2.76 -12.85 -18.51
CA ILE C 977 -2.88 -11.39 -18.52
C ILE C 977 -1.62 -10.75 -19.07
N LEU C 978 -0.44 -11.33 -18.78
CA LEU C 978 0.78 -10.74 -19.31
C LEU C 978 1.03 -11.12 -20.75
N SER C 979 0.36 -12.15 -21.27
CA SER C 979 0.53 -12.54 -22.66
C SER C 979 -0.48 -11.90 -23.59
N ARG C 980 -1.67 -11.56 -23.08
CA ARG C 980 -2.76 -11.09 -23.94
C ARG C 980 -2.76 -9.58 -24.15
N LEU C 981 -2.07 -8.82 -23.31
CA LEU C 981 -2.15 -7.37 -23.38
C LEU C 981 -0.81 -6.70 -23.53
N ASP C 982 -0.84 -5.53 -24.18
CA ASP C 982 0.34 -4.72 -24.42
C ASP C 982 0.75 -4.09 -23.09
N PRO C 983 2.03 -4.08 -22.74
CA PRO C 983 2.45 -3.90 -21.33
C PRO C 983 1.79 -2.74 -20.61
N PRO C 984 1.74 -1.49 -21.19
CA PRO C 984 1.20 -0.34 -20.44
C PRO C 984 -0.01 -0.61 -19.56
N GLU C 985 -0.93 -1.47 -20.00
CA GLU C 985 -2.01 -1.91 -19.13
C GLU C 985 -1.64 -3.12 -18.31
N ALA C 986 -0.65 -3.89 -18.77
CA ALA C 986 -0.22 -5.07 -18.02
C ALA C 986 0.35 -4.67 -16.67
N GLU C 987 1.15 -3.60 -16.61
CA GLU C 987 1.68 -3.24 -15.29
C GLU C 987 0.56 -2.74 -14.37
N VAL C 988 -0.46 -2.10 -14.91
CA VAL C 988 -1.58 -1.67 -14.06
C VAL C 988 -2.28 -2.88 -13.46
N GLN C 989 -2.66 -3.84 -14.31
CA GLN C 989 -3.37 -5.01 -13.82
C GLN C 989 -2.50 -5.80 -12.84
N ILE C 990 -1.22 -5.99 -13.20
CA ILE C 990 -0.31 -6.74 -12.34
C ILE C 990 -0.10 -5.99 -11.03
N ASP C 991 -0.11 -4.66 -11.06
CA ASP C 991 0.01 -3.89 -9.84
C ASP C 991 -1.17 -4.14 -8.91
N ARG C 992 -2.38 -4.14 -9.47
CA ARG C 992 -3.56 -4.44 -8.65
C ARG C 992 -3.47 -5.84 -8.06
N LEU C 993 -3.09 -6.82 -8.88
CA LEU C 993 -2.98 -8.18 -8.40
C LEU C 993 -1.91 -8.30 -7.32
N ILE C 994 -0.78 -7.63 -7.50
CA ILE C 994 0.32 -7.72 -6.55
C ILE C 994 -0.08 -7.13 -5.22
N THR C 995 -0.70 -5.95 -5.22
CA THR C 995 -1.08 -5.35 -3.95
C THR C 995 -2.13 -6.19 -3.25
N GLY C 996 -3.08 -6.77 -4.00
CA GLY C 996 -4.06 -7.63 -3.37
C GLY C 996 -3.42 -8.86 -2.74
N ARG C 997 -2.53 -9.52 -3.47
CA ARG C 997 -1.89 -10.71 -2.93
C ARG C 997 -0.99 -10.39 -1.75
N LEU C 998 -0.28 -9.25 -1.80
CA LEU C 998 0.57 -8.86 -0.69
C LEU C 998 -0.27 -8.57 0.55
N GLN C 999 -1.42 -7.92 0.38
CA GLN C 999 -2.32 -7.71 1.50
C GLN C 999 -2.79 -9.04 2.07
N SER C 1000 -3.12 -10.00 1.20
CA SER C 1000 -3.55 -11.31 1.69
C SER C 1000 -2.43 -12.00 2.44
N LEU C 1001 -1.18 -11.77 2.02
CA LEU C 1001 -0.05 -12.45 2.65
C LEU C 1001 0.28 -11.86 4.01
N GLN C 1002 0.16 -10.53 4.14
CA GLN C 1002 0.55 -9.89 5.39
C GLN C 1002 -0.31 -10.37 6.56
N THR C 1003 -1.60 -10.57 6.33
CA THR C 1003 -2.48 -11.04 7.39
C THR C 1003 -2.04 -12.39 7.92
N TYR C 1004 -1.48 -13.24 7.06
CA TYR C 1004 -1.03 -14.55 7.50
C TYR C 1004 0.04 -14.44 8.57
N VAL C 1005 1.10 -13.68 8.31
CA VAL C 1005 2.15 -13.56 9.31
C VAL C 1005 1.64 -12.79 10.53
N THR C 1006 0.74 -11.83 10.32
CA THR C 1006 0.20 -11.09 11.46
C THR C 1006 -0.49 -12.03 12.43
N GLN C 1007 -1.29 -12.97 11.93
CA GLN C 1007 -1.93 -13.92 12.83
C GLN C 1007 -0.97 -14.99 13.31
N GLN C 1008 0.04 -15.33 12.52
CA GLN C 1008 1.01 -16.33 12.94
C GLN C 1008 1.78 -15.85 14.17
N LEU C 1009 2.13 -14.57 14.22
CA LEU C 1009 2.86 -14.06 15.37
C LEU C 1009 2.04 -14.20 16.65
N ILE C 1010 0.74 -13.87 16.59
CA ILE C 1010 -0.11 -13.97 17.77
C ILE C 1010 -0.25 -15.42 18.20
N ARG C 1011 -0.48 -16.33 17.24
CA ARG C 1011 -0.61 -17.73 17.61
C ARG C 1011 0.67 -18.26 18.22
N ALA C 1012 1.82 -17.83 17.69
CA ALA C 1012 3.10 -18.25 18.25
C ALA C 1012 3.26 -17.73 19.67
N ALA C 1013 2.82 -16.50 19.94
CA ALA C 1013 2.90 -15.98 21.30
C ALA C 1013 2.05 -16.80 22.26
N GLU C 1014 0.83 -17.15 21.85
CA GLU C 1014 -0.02 -17.96 22.73
C GLU C 1014 0.61 -19.33 22.97
N ILE C 1015 1.15 -19.95 21.94
CA ILE C 1015 1.80 -21.25 22.10
C ILE C 1015 3.01 -21.13 23.01
N ARG C 1016 3.73 -20.00 22.94
CA ARG C 1016 4.86 -19.78 23.83
C ARG C 1016 4.40 -19.70 25.28
N ALA C 1017 3.28 -19.02 25.53
CA ALA C 1017 2.77 -18.97 26.89
C ALA C 1017 2.41 -20.36 27.39
N SER C 1018 1.76 -21.16 26.54
CA SER C 1018 1.41 -22.53 26.94
C SER C 1018 2.66 -23.38 27.20
N ALA C 1019 3.68 -23.22 26.36
CA ALA C 1019 4.92 -23.97 26.55
C ALA C 1019 5.61 -23.57 27.84
N ASN C 1020 5.60 -22.29 28.18
CA ASN C 1020 6.16 -21.87 29.46
C ASN C 1020 5.39 -22.47 30.62
N LEU C 1021 4.07 -22.52 30.53
CA LEU C 1021 3.29 -23.15 31.58
C LEU C 1021 3.64 -24.63 31.71
N ALA C 1022 3.80 -25.33 30.59
CA ALA C 1022 4.16 -26.74 30.64
C ALA C 1022 5.54 -26.94 31.25
N ALA C 1023 6.48 -26.06 30.89
CA ALA C 1023 7.83 -26.17 31.45
C ALA C 1023 7.79 -25.98 32.97
N THR C 1024 7.02 -25.00 33.44
CA THR C 1024 6.90 -24.80 34.88
C THR C 1024 6.26 -26.01 35.55
N LYS C 1025 5.22 -26.57 34.94
CA LYS C 1025 4.55 -27.72 35.53
C LYS C 1025 5.48 -28.92 35.62
N MET C 1026 6.30 -29.14 34.59
CA MET C 1026 7.23 -30.26 34.63
C MET C 1026 8.37 -30.00 35.60
N SER C 1027 8.83 -28.76 35.72
CA SER C 1027 9.90 -28.48 36.67
C SER C 1027 9.44 -28.60 38.10
N GLU C 1028 8.15 -28.31 38.37
CA GLU C 1028 7.66 -28.33 39.74
C GLU C 1028 7.03 -29.66 40.12
N CYS C 1029 5.99 -30.10 39.42
CA CYS C 1029 5.26 -31.28 39.84
C CYS C 1029 6.10 -32.54 39.68
N VAL C 1030 6.75 -32.71 38.54
CA VAL C 1030 7.49 -33.95 38.27
C VAL C 1030 8.70 -34.06 39.19
N LEU C 1031 9.54 -33.03 39.20
CA LEU C 1031 10.81 -33.09 39.90
C LEU C 1031 10.65 -32.66 41.35
N GLY C 1032 9.69 -33.26 42.06
CA GLY C 1032 9.45 -32.89 43.44
C GLY C 1032 7.98 -32.66 43.72
N GLN C 1033 7.57 -32.91 44.96
CA GLN C 1033 6.18 -32.69 45.34
C GLN C 1033 5.89 -31.20 45.39
N SER C 1034 4.69 -30.82 44.96
CA SER C 1034 4.31 -29.41 44.84
C SER C 1034 3.17 -29.07 45.79
N LYS C 1035 3.29 -27.94 46.46
CA LYS C 1035 2.31 -27.48 47.44
C LYS C 1035 1.28 -26.52 46.85
N ARG C 1036 1.41 -26.13 45.60
CA ARG C 1036 0.45 -25.21 44.99
C ARG C 1036 -0.87 -25.92 44.79
N VAL C 1037 -1.89 -25.53 45.56
CA VAL C 1037 -3.18 -26.20 45.47
C VAL C 1037 -3.77 -26.01 44.08
N ASP C 1038 -4.41 -27.06 43.56
CA ASP C 1038 -5.12 -27.05 42.29
C ASP C 1038 -4.18 -26.70 41.13
N PHE C 1039 -2.89 -26.95 41.29
CA PHE C 1039 -1.93 -26.83 40.20
C PHE C 1039 -1.55 -28.19 39.63
N CYS C 1040 -0.99 -29.06 40.46
CA CYS C 1040 -0.56 -30.39 40.03
C CYS C 1040 -1.64 -31.43 40.36
N GLY C 1041 -2.82 -31.23 39.79
CA GLY C 1041 -3.90 -32.18 39.97
C GLY C 1041 -4.84 -31.81 41.10
N LYS C 1042 -6.10 -32.15 40.93
CA LYS C 1042 -7.10 -31.89 41.96
C LYS C 1042 -6.83 -32.75 43.19
N GLY C 1043 -7.02 -32.17 44.36
CA GLY C 1043 -6.68 -32.83 45.59
C GLY C 1043 -5.21 -32.67 45.92
N TYR C 1044 -4.82 -33.27 47.04
CA TYR C 1044 -3.41 -33.22 47.43
C TYR C 1044 -2.58 -34.04 46.46
N HIS C 1045 -1.44 -33.50 46.07
CA HIS C 1045 -0.65 -34.06 44.98
C HIS C 1045 0.36 -35.07 45.51
N LEU C 1046 0.57 -36.13 44.74
CA LEU C 1046 1.57 -37.14 45.05
C LEU C 1046 2.68 -37.19 44.01
N MET C 1047 2.35 -37.44 42.74
CA MET C 1047 3.39 -37.61 41.72
C MET C 1047 2.87 -37.20 40.36
N SER C 1048 3.76 -37.19 39.39
CA SER C 1048 3.38 -36.94 38.01
C SER C 1048 4.23 -37.80 37.08
N PHE C 1049 3.67 -38.11 35.91
CA PHE C 1049 4.39 -38.85 34.88
C PHE C 1049 4.17 -38.15 33.54
N PRO C 1050 5.23 -37.91 32.78
CA PRO C 1050 5.07 -37.29 31.47
C PRO C 1050 4.95 -38.31 30.36
N GLN C 1051 4.25 -37.91 29.29
CA GLN C 1051 4.15 -38.70 28.08
C GLN C 1051 4.12 -37.75 26.90
N SER C 1052 4.64 -38.19 25.77
CA SER C 1052 4.68 -37.37 24.58
C SER C 1052 3.39 -37.51 23.78
N ALA C 1053 3.18 -36.56 22.86
CA ALA C 1053 2.09 -36.63 21.91
C ALA C 1053 2.43 -35.71 20.76
N PRO C 1054 1.94 -35.96 19.56
CA PRO C 1054 2.29 -35.11 18.42
C PRO C 1054 2.02 -33.64 18.70
N HIS C 1055 3.10 -32.87 18.81
CA HIS C 1055 3.03 -31.46 19.19
C HIS C 1055 2.32 -31.27 20.52
N GLY C 1056 2.85 -31.88 21.56
CA GLY C 1056 2.33 -31.63 22.89
C GLY C 1056 2.73 -32.71 23.88
N VAL C 1057 2.32 -32.49 25.12
CA VAL C 1057 2.61 -33.41 26.20
C VAL C 1057 1.34 -33.75 26.95
N VAL C 1058 1.38 -34.90 27.63
CA VAL C 1058 0.28 -35.38 28.45
C VAL C 1058 0.84 -35.74 29.83
N PHE C 1059 0.20 -35.26 30.87
CA PHE C 1059 0.64 -35.50 32.24
C PHE C 1059 -0.35 -36.45 32.90
N LEU C 1060 0.17 -37.48 33.55
CA LEU C 1060 -0.61 -38.35 34.43
C LEU C 1060 -0.31 -37.91 35.86
N HIS C 1061 -1.28 -37.25 36.49
CA HIS C 1061 -1.12 -36.77 37.86
C HIS C 1061 -1.69 -37.80 38.81
N VAL C 1062 -0.90 -38.24 39.78
CA VAL C 1062 -1.34 -39.18 40.81
C VAL C 1062 -1.58 -38.37 42.08
N THR C 1063 -2.82 -38.37 42.56
CA THR C 1063 -3.27 -37.53 43.65
C THR C 1063 -3.95 -38.38 44.71
N TYR C 1064 -4.21 -37.76 45.87
CA TYR C 1064 -4.74 -38.43 47.05
C TYR C 1064 -5.96 -37.68 47.54
N VAL C 1065 -7.12 -38.33 47.55
CA VAL C 1065 -8.39 -37.68 47.81
C VAL C 1065 -9.06 -38.38 48.99
N PRO C 1066 -9.55 -37.65 50.00
CA PRO C 1066 -10.21 -38.30 51.14
C PRO C 1066 -11.51 -38.98 50.77
N ALA C 1067 -12.12 -39.66 51.73
CA ALA C 1067 -13.29 -40.50 51.47
C ALA C 1067 -14.19 -40.45 52.70
N GLN C 1068 -15.08 -41.43 52.82
CA GLN C 1068 -16.13 -41.47 53.83
C GLN C 1068 -15.65 -40.99 55.19
N GLU C 1069 -16.43 -40.11 55.81
CA GLU C 1069 -16.05 -39.38 57.00
C GLU C 1069 -17.04 -39.65 58.13
N LYS C 1070 -16.68 -39.21 59.34
CA LYS C 1070 -17.53 -39.35 60.50
C LYS C 1070 -17.42 -38.11 61.37
N ASN C 1071 -18.53 -37.77 62.04
CA ASN C 1071 -18.60 -36.60 62.90
C ASN C 1071 -17.93 -36.88 64.23
N PHE C 1072 -17.60 -35.81 64.95
CA PHE C 1072 -17.09 -35.87 66.31
C PHE C 1072 -17.35 -34.53 66.98
N THR C 1073 -17.28 -34.52 68.30
CA THR C 1073 -17.45 -33.30 69.06
C THR C 1073 -16.08 -32.81 69.51
N THR C 1074 -15.80 -31.53 69.30
CA THR C 1074 -14.46 -30.98 69.44
C THR C 1074 -14.45 -29.81 70.41
N ALA C 1075 -13.27 -29.60 71.03
CA ALA C 1075 -13.03 -28.53 71.98
C ALA C 1075 -11.61 -28.06 71.79
N PRO C 1076 -11.39 -26.75 71.62
CA PRO C 1076 -10.07 -26.26 71.19
C PRO C 1076 -9.01 -26.22 72.29
N ALA C 1077 -9.23 -26.81 73.45
CA ALA C 1077 -8.24 -26.79 74.51
C ALA C 1077 -8.57 -27.89 75.51
N ILE C 1078 -7.74 -27.99 76.55
CA ILE C 1078 -7.95 -28.96 77.62
C ILE C 1078 -7.37 -28.36 78.90
N CYS C 1079 -8.14 -28.43 79.99
CA CYS C 1079 -7.67 -27.97 81.30
C CYS C 1079 -7.49 -29.17 82.20
N HIS C 1080 -6.24 -29.52 82.49
CA HIS C 1080 -5.97 -30.62 83.42
C HIS C 1080 -6.06 -30.14 84.85
N ASP C 1081 -5.23 -29.16 85.22
CA ASP C 1081 -5.31 -28.54 86.54
C ASP C 1081 -4.90 -27.08 86.39
N GLY C 1082 -5.90 -26.22 86.17
CA GLY C 1082 -5.66 -24.80 86.10
C GLY C 1082 -4.70 -24.36 85.02
N LYS C 1083 -4.48 -25.19 84.00
CA LYS C 1083 -3.54 -24.86 82.94
C LYS C 1083 -4.11 -25.33 81.60
N ALA C 1084 -3.98 -24.48 80.59
CA ALA C 1084 -4.44 -24.85 79.27
C ALA C 1084 -3.55 -25.95 78.69
N HIS C 1085 -4.08 -26.64 77.69
CA HIS C 1085 -3.34 -27.69 77.00
C HIS C 1085 -3.67 -27.61 75.52
N PHE C 1086 -2.63 -27.61 74.68
CA PHE C 1086 -2.82 -27.49 73.25
C PHE C 1086 -2.10 -28.65 72.57
N PRO C 1087 -2.67 -29.20 71.50
CA PRO C 1087 -2.04 -30.34 70.82
C PRO C 1087 -0.94 -29.88 69.91
N ARG C 1088 0.21 -30.55 69.98
CA ARG C 1088 1.32 -30.20 69.11
C ARG C 1088 0.96 -30.44 67.64
N GLU C 1089 0.33 -31.57 67.34
CA GLU C 1089 -0.10 -31.89 65.98
C GLU C 1089 -1.37 -32.73 66.08
N GLY C 1090 -2.51 -32.10 65.81
CA GLY C 1090 -3.78 -32.79 65.84
C GLY C 1090 -4.88 -32.00 66.53
N VAL C 1091 -6.12 -32.47 66.44
CA VAL C 1091 -7.24 -31.84 67.12
C VAL C 1091 -7.75 -32.78 68.19
N PHE C 1092 -8.47 -32.21 69.14
CA PHE C 1092 -9.10 -32.97 70.22
C PHE C 1092 -10.52 -33.31 69.79
N VAL C 1093 -10.79 -34.58 69.57
CA VAL C 1093 -12.11 -35.05 69.16
C VAL C 1093 -12.62 -36.05 70.19
N SER C 1094 -13.93 -36.12 70.31
CA SER C 1094 -14.55 -37.09 71.19
C SER C 1094 -15.79 -37.67 70.53
N ASN C 1095 -16.05 -38.94 70.81
CA ASN C 1095 -17.26 -39.61 70.39
C ASN C 1095 -18.34 -39.59 71.47
N GLY C 1096 -18.03 -39.02 72.64
CA GLY C 1096 -19.00 -38.90 73.70
C GLY C 1096 -18.56 -39.41 75.06
N THR C 1097 -17.46 -40.15 75.15
CA THR C 1097 -17.01 -40.66 76.44
C THR C 1097 -15.56 -40.31 76.71
N HIS C 1098 -14.71 -40.34 75.67
CA HIS C 1098 -13.29 -40.10 75.83
C HIS C 1098 -12.80 -39.14 74.76
N TRP C 1099 -11.77 -38.38 75.12
CA TRP C 1099 -11.17 -37.41 74.21
C TRP C 1099 -9.86 -37.97 73.66
N PHE C 1100 -9.60 -37.70 72.39
CA PHE C 1100 -8.42 -38.19 71.71
C PHE C 1100 -7.89 -37.12 70.76
N VAL C 1101 -6.57 -36.97 70.73
CA VAL C 1101 -5.91 -36.10 69.76
C VAL C 1101 -5.61 -36.91 68.51
N THR C 1102 -5.96 -36.36 67.36
CA THR C 1102 -5.82 -37.10 66.11
C THR C 1102 -5.28 -36.18 65.02
N GLN C 1103 -4.81 -36.81 63.95
CA GLN C 1103 -4.40 -36.09 62.75
C GLN C 1103 -5.62 -35.49 62.06
N ARG C 1104 -5.37 -34.75 60.98
CA ARG C 1104 -6.42 -34.00 60.32
C ARG C 1104 -6.77 -34.54 58.94
N ASN C 1105 -6.26 -35.72 58.56
CA ASN C 1105 -6.62 -36.29 57.29
C ASN C 1105 -6.85 -37.80 57.37
N PHE C 1106 -6.88 -38.38 58.57
CA PHE C 1106 -7.11 -39.80 58.74
C PHE C 1106 -7.43 -40.04 60.20
N TYR C 1107 -8.55 -40.69 60.47
CA TYR C 1107 -8.93 -40.95 61.84
C TYR C 1107 -7.93 -41.91 62.47
N GLU C 1108 -7.24 -41.44 63.50
CA GLU C 1108 -6.28 -42.25 64.23
C GLU C 1108 -6.15 -41.68 65.63
N PRO C 1109 -6.92 -42.17 66.59
CA PRO C 1109 -6.92 -41.60 67.94
C PRO C 1109 -5.81 -42.16 68.82
N GLN C 1110 -5.34 -41.30 69.72
CA GLN C 1110 -4.37 -41.70 70.72
C GLN C 1110 -4.75 -41.07 72.06
N ILE C 1111 -4.20 -41.64 73.12
CA ILE C 1111 -4.45 -41.14 74.47
C ILE C 1111 -3.74 -39.80 74.62
N ILE C 1112 -4.07 -39.06 75.68
CA ILE C 1112 -3.54 -37.73 75.90
C ILE C 1112 -2.46 -37.82 76.96
N THR C 1113 -1.21 -37.56 76.56
CA THR C 1113 -0.08 -37.49 77.46
C THR C 1113 0.68 -36.20 77.18
N THR C 1114 1.69 -35.93 78.01
CA THR C 1114 2.48 -34.72 77.82
C THR C 1114 3.33 -34.76 76.57
N ASP C 1115 3.48 -35.93 75.94
CA ASP C 1115 4.35 -36.05 74.77
C ASP C 1115 3.79 -35.28 73.58
N ASN C 1116 2.48 -35.37 73.34
CA ASN C 1116 1.85 -34.72 72.21
C ASN C 1116 1.09 -33.47 72.60
N THR C 1117 1.27 -32.98 73.82
CA THR C 1117 0.56 -31.81 74.31
C THR C 1117 1.54 -30.84 74.94
N PHE C 1118 1.26 -29.55 74.80
CA PHE C 1118 2.08 -28.51 75.41
C PHE C 1118 1.19 -27.50 76.12
N VAL C 1119 1.73 -26.89 77.18
CA VAL C 1119 0.97 -26.04 78.08
C VAL C 1119 1.33 -24.58 77.84
N SER C 1120 0.30 -23.76 77.60
CA SER C 1120 0.50 -22.33 77.43
C SER C 1120 -0.82 -21.63 77.75
N GLY C 1121 -0.94 -21.07 78.94
CA GLY C 1121 -2.13 -20.35 79.32
C GLY C 1121 -2.32 -20.36 80.82
N ASN C 1122 -3.57 -20.09 81.23
CA ASN C 1122 -3.92 -20.03 82.64
C ASN C 1122 -5.28 -20.66 82.93
N CYS C 1123 -5.95 -21.24 81.93
CA CYS C 1123 -7.26 -21.87 82.11
C CYS C 1123 -8.28 -20.89 82.66
N ASP C 1124 -8.21 -19.63 82.23
CA ASP C 1124 -9.16 -18.62 82.67
C ASP C 1124 -9.66 -17.70 81.57
N VAL C 1125 -9.17 -17.84 80.34
CA VAL C 1125 -9.63 -16.99 79.24
C VAL C 1125 -9.99 -17.79 77.99
N VAL C 1126 -9.60 -19.05 77.87
CA VAL C 1126 -9.96 -19.85 76.72
C VAL C 1126 -11.46 -20.02 76.67
N ILE C 1127 -12.04 -19.92 75.47
CA ILE C 1127 -13.45 -20.15 75.25
C ILE C 1127 -13.64 -21.60 74.82
N GLY C 1128 -14.56 -22.30 75.47
CA GLY C 1128 -14.85 -23.67 75.11
C GLY C 1128 -13.88 -24.69 75.65
N ILE C 1129 -12.99 -24.30 76.57
CA ILE C 1129 -12.09 -25.28 77.17
C ILE C 1129 -12.91 -26.32 77.94
N VAL C 1130 -12.43 -27.56 77.91
CA VAL C 1130 -13.17 -28.69 78.49
C VAL C 1130 -12.23 -29.44 79.43
N ASN C 1131 -12.73 -29.75 80.62
CA ASN C 1131 -11.93 -30.46 81.61
C ASN C 1131 -11.65 -31.89 81.16
N ASN C 1132 -10.47 -32.39 81.51
CA ASN C 1132 -10.09 -33.76 81.22
C ASN C 1132 -8.85 -34.09 82.04
N THR C 1133 -8.29 -35.27 81.79
CA THR C 1133 -7.15 -35.78 82.55
C THR C 1133 -6.05 -36.20 81.58
N VAL C 1134 -4.91 -35.51 81.62
CA VAL C 1134 -3.74 -35.88 80.84
C VAL C 1134 -2.83 -36.70 81.75
N TYR C 1135 -2.04 -37.60 81.17
CA TYR C 1135 -1.28 -38.57 81.94
C TYR C 1135 0.21 -38.41 81.70
N ASP C 1136 1.00 -38.59 82.76
CA ASP C 1136 2.45 -38.55 82.66
C ASP C 1136 2.95 -39.94 82.28
N PRO C 1137 3.74 -40.08 81.22
CA PRO C 1137 4.26 -41.40 80.85
C PRO C 1137 5.42 -41.86 81.73
N LEU C 1138 5.66 -41.16 82.84
CA LEU C 1138 6.71 -41.55 83.78
C LEU C 1138 6.23 -41.76 85.21
N GLN C 1139 5.20 -41.04 85.66
CA GLN C 1139 4.73 -41.18 87.03
C GLN C 1139 4.37 -42.61 87.43
N PRO C 1140 3.70 -43.43 86.60
CA PRO C 1140 3.32 -44.78 87.07
C PRO C 1140 4.49 -45.62 87.53
N GLU C 1141 5.69 -45.41 86.99
CA GLU C 1141 6.85 -46.15 87.45
C GLU C 1141 7.96 -45.19 87.87
N GLN D 1 2.61 -14.11 -59.70
CA GLN D 1 3.15 -15.33 -59.13
C GLN D 1 2.09 -16.42 -59.07
N VAL D 2 0.83 -16.03 -59.36
CA VAL D 2 -0.25 -17.00 -59.37
C VAL D 2 -0.03 -18.01 -60.48
N GLN D 3 -0.25 -19.28 -60.16
CA GLN D 3 -0.06 -20.39 -61.11
C GLN D 3 -1.43 -20.87 -61.56
N LEU D 4 -1.93 -20.29 -62.63
CA LEU D 4 -3.17 -20.73 -63.27
C LEU D 4 -2.83 -21.35 -64.60
N VAL D 5 -3.19 -22.62 -64.78
CA VAL D 5 -2.93 -23.32 -66.03
C VAL D 5 -4.20 -24.07 -66.43
N GLN D 6 -4.31 -24.33 -67.73
CA GLN D 6 -5.40 -25.10 -68.30
C GLN D 6 -4.82 -26.17 -69.21
N SER D 7 -5.70 -27.02 -69.72
CA SER D 7 -5.28 -28.06 -70.65
C SER D 7 -5.00 -27.43 -72.02
N GLY D 8 -4.73 -28.29 -73.00
CA GLY D 8 -4.51 -27.85 -74.35
C GLY D 8 -5.82 -27.53 -75.06
N ALA D 9 -5.71 -27.37 -76.37
CA ALA D 9 -6.90 -27.18 -77.20
C ALA D 9 -7.42 -28.53 -77.69
N GLU D 10 -8.73 -28.72 -77.56
CA GLU D 10 -9.38 -29.95 -78.00
C GLU D 10 -10.20 -29.69 -79.25
N VAL D 11 -10.13 -30.62 -80.20
CA VAL D 11 -10.91 -30.56 -81.44
C VAL D 11 -11.81 -31.78 -81.46
N LYS D 12 -13.12 -31.53 -81.44
CA LYS D 12 -14.11 -32.60 -81.46
C LYS D 12 -15.28 -32.20 -82.34
N LYS D 13 -15.99 -33.20 -82.86
CA LYS D 13 -17.14 -32.96 -83.70
C LYS D 13 -18.30 -32.41 -82.85
N PRO D 14 -19.15 -31.57 -83.44
CA PRO D 14 -20.27 -31.01 -82.68
C PRO D 14 -21.23 -32.09 -82.21
N GLY D 15 -21.89 -31.81 -81.09
CA GLY D 15 -22.80 -32.74 -80.46
C GLY D 15 -22.18 -33.61 -79.39
N ALA D 16 -20.86 -33.56 -79.22
CA ALA D 16 -20.18 -34.34 -78.21
C ALA D 16 -20.17 -33.56 -76.89
N SER D 17 -19.36 -34.02 -75.93
CA SER D 17 -19.21 -33.35 -74.65
C SER D 17 -17.75 -32.96 -74.45
N VAL D 18 -17.52 -31.70 -74.06
CA VAL D 18 -16.18 -31.17 -73.87
C VAL D 18 -15.83 -31.21 -72.39
N LYS D 19 -14.67 -31.77 -72.08
CA LYS D 19 -14.15 -31.84 -70.73
C LYS D 19 -12.92 -30.95 -70.62
N VAL D 20 -12.92 -30.05 -69.65
CA VAL D 20 -11.87 -29.05 -69.49
C VAL D 20 -11.38 -29.07 -68.04
N SER D 21 -10.05 -29.01 -67.88
CA SER D 21 -9.43 -29.02 -66.56
C SER D 21 -8.59 -27.75 -66.39
N CYS D 22 -8.74 -27.12 -65.22
CA CYS D 22 -7.99 -25.91 -64.89
C CYS D 22 -7.35 -26.08 -63.51
N LYS D 23 -6.02 -26.02 -63.47
CA LYS D 23 -5.27 -26.16 -62.23
C LYS D 23 -4.90 -24.78 -61.70
N ALA D 24 -5.15 -24.59 -60.40
CA ALA D 24 -4.86 -23.34 -59.72
C ALA D 24 -3.92 -23.61 -58.54
N SER D 25 -2.94 -22.74 -58.38
CA SER D 25 -1.96 -22.87 -57.31
C SER D 25 -1.33 -21.51 -57.03
N GLY D 26 -0.67 -21.41 -55.89
CA GLY D 26 -0.05 -20.18 -55.45
C GLY D 26 -0.82 -19.47 -54.36
N TYR D 27 -2.09 -19.80 -54.16
CA TYR D 27 -2.92 -19.23 -53.12
C TYR D 27 -3.80 -20.32 -52.55
N PRO D 28 -4.25 -20.18 -51.30
CA PRO D 28 -5.12 -21.21 -50.71
C PRO D 28 -6.41 -21.37 -51.49
N PHE D 29 -6.61 -22.56 -52.05
CA PHE D 29 -7.78 -22.87 -52.86
C PHE D 29 -8.96 -23.23 -51.94
N THR D 30 -9.29 -22.32 -51.05
CA THR D 30 -10.48 -22.55 -50.25
C THR D 30 -11.41 -21.34 -50.21
N SER D 31 -10.88 -20.13 -50.13
CA SER D 31 -11.69 -18.94 -49.87
C SER D 31 -12.07 -18.20 -51.13
N TYR D 32 -11.67 -18.67 -52.30
CA TYR D 32 -11.81 -17.92 -53.54
C TYR D 32 -12.60 -18.73 -54.54
N GLY D 33 -13.70 -18.16 -55.03
CA GLY D 33 -14.51 -18.84 -56.01
C GLY D 33 -13.84 -18.90 -57.37
N ILE D 34 -14.35 -19.78 -58.22
CA ILE D 34 -13.79 -20.02 -59.54
C ILE D 34 -14.85 -19.72 -60.58
N SER D 35 -14.49 -18.93 -61.59
CA SER D 35 -15.41 -18.55 -62.65
C SER D 35 -14.93 -19.16 -63.97
N TRP D 36 -15.90 -19.62 -64.76
CA TRP D 36 -15.64 -20.15 -66.09
C TRP D 36 -16.36 -19.29 -67.11
N VAL D 37 -15.61 -18.79 -68.08
CA VAL D 37 -16.10 -17.87 -69.09
C VAL D 37 -15.58 -18.28 -70.46
N ARG D 38 -16.20 -17.74 -71.50
CA ARG D 38 -15.83 -18.06 -72.88
C ARG D 38 -15.60 -16.78 -73.68
N GLN D 39 -14.54 -16.77 -74.46
CA GLN D 39 -14.25 -15.69 -75.40
C GLN D 39 -14.32 -16.24 -76.82
N ALA D 40 -15.11 -15.58 -77.66
CA ALA D 40 -15.23 -15.81 -79.08
C ALA D 40 -14.57 -14.68 -79.86
N PRO D 41 -14.06 -14.93 -81.05
CA PRO D 41 -13.35 -13.87 -81.79
C PRO D 41 -14.23 -12.67 -82.05
N GLY D 42 -13.64 -11.48 -81.91
CA GLY D 42 -14.27 -10.25 -82.31
C GLY D 42 -15.28 -9.67 -81.35
N GLN D 43 -15.54 -10.31 -80.22
CA GLN D 43 -16.56 -9.86 -79.28
C GLN D 43 -15.94 -9.71 -77.90
N GLY D 44 -16.79 -9.41 -76.92
CA GLY D 44 -16.33 -9.22 -75.56
C GLY D 44 -16.12 -10.53 -74.84
N LEU D 45 -16.65 -10.63 -73.62
CA LEU D 45 -16.59 -11.88 -72.88
C LEU D 45 -17.88 -12.00 -72.07
N GLU D 46 -18.10 -13.17 -71.46
CA GLU D 46 -19.34 -13.41 -70.71
C GLU D 46 -19.01 -13.95 -69.33
N TRP D 47 -20.07 -14.30 -68.58
CA TRP D 47 -19.97 -14.74 -67.19
C TRP D 47 -20.86 -15.96 -66.96
N MET D 48 -20.73 -16.98 -67.82
CA MET D 48 -21.64 -18.11 -67.74
C MET D 48 -21.53 -18.86 -66.42
N GLY D 49 -20.32 -19.05 -65.90
CA GLY D 49 -20.20 -19.89 -64.73
C GLY D 49 -19.47 -19.31 -63.53
N TRP D 50 -20.05 -19.47 -62.33
CA TRP D 50 -19.37 -19.22 -61.07
C TRP D 50 -19.63 -20.38 -60.13
N ILE D 51 -18.61 -20.76 -59.37
CA ILE D 51 -18.71 -21.86 -58.42
C ILE D 51 -17.93 -21.51 -57.16
N SER D 52 -18.48 -21.91 -56.01
CA SER D 52 -17.83 -21.73 -54.73
C SER D 52 -16.71 -22.77 -54.54
N THR D 53 -16.01 -22.67 -53.42
CA THR D 53 -14.93 -23.60 -53.13
C THR D 53 -15.10 -24.20 -51.74
N TYR D 54 -15.73 -23.46 -50.84
CA TYR D 54 -15.97 -23.97 -49.50
C TYR D 54 -16.86 -25.19 -49.52
N ASN D 55 -17.93 -25.15 -50.31
CA ASN D 55 -18.84 -26.27 -50.48
C ASN D 55 -19.67 -26.02 -51.73
N GLY D 56 -20.70 -26.85 -51.93
CA GLY D 56 -21.45 -26.83 -53.17
C GLY D 56 -22.44 -25.70 -53.31
N ASN D 57 -21.94 -24.48 -53.53
CA ASN D 57 -22.77 -23.33 -53.83
C ASN D 57 -22.60 -22.97 -55.30
N THR D 58 -23.64 -23.23 -56.09
CA THR D 58 -23.60 -23.03 -57.53
C THR D 58 -24.44 -21.82 -57.91
N ASN D 59 -23.89 -20.96 -58.76
CA ASN D 59 -24.55 -19.76 -59.23
C ASN D 59 -24.42 -19.64 -60.75
N TYR D 60 -24.72 -20.74 -61.45
CA TYR D 60 -24.62 -20.75 -62.90
C TYR D 60 -25.58 -19.72 -63.51
N ALA D 61 -25.14 -19.13 -64.62
CA ALA D 61 -25.97 -18.15 -65.30
C ALA D 61 -27.24 -18.81 -65.85
N GLN D 62 -28.34 -18.05 -65.83
CA GLN D 62 -29.63 -18.59 -66.25
C GLN D 62 -29.64 -18.99 -67.71
N LYS D 63 -28.99 -18.20 -68.58
CA LYS D 63 -29.07 -18.40 -70.01
C LYS D 63 -28.37 -19.69 -70.46
N PHE D 64 -27.49 -20.25 -69.62
CA PHE D 64 -26.88 -21.56 -69.87
C PHE D 64 -27.29 -22.60 -68.85
N GLN D 65 -28.38 -22.38 -68.14
CA GLN D 65 -28.89 -23.41 -67.23
C GLN D 65 -29.35 -24.63 -68.02
N GLY D 66 -29.17 -25.80 -67.41
CA GLY D 66 -29.54 -27.05 -68.04
C GLY D 66 -28.48 -27.65 -68.93
N ARG D 67 -27.36 -26.96 -69.14
CA ARG D 67 -26.28 -27.48 -69.98
C ARG D 67 -24.95 -27.40 -69.27
N VAL D 68 -24.79 -26.41 -68.40
CA VAL D 68 -23.52 -26.17 -67.72
C VAL D 68 -23.43 -27.07 -66.49
N THR D 69 -22.33 -27.82 -66.41
CA THR D 69 -22.06 -28.70 -65.29
C THR D 69 -20.56 -28.67 -65.02
N MET D 70 -20.16 -28.16 -63.85
CA MET D 70 -18.75 -28.12 -63.49
C MET D 70 -18.60 -28.41 -62.00
N THR D 71 -17.43 -28.94 -61.66
CA THR D 71 -17.09 -29.30 -60.29
C THR D 71 -15.70 -28.81 -59.96
N THR D 72 -15.36 -28.83 -58.67
CA THR D 72 -14.03 -28.49 -58.21
C THR D 72 -13.54 -29.55 -57.24
N ASP D 73 -12.23 -29.74 -57.20
CA ASP D 73 -11.59 -30.70 -56.29
C ASP D 73 -10.54 -29.98 -55.47
N THR D 74 -10.62 -30.15 -54.15
CA THR D 74 -9.67 -29.56 -53.23
C THR D 74 -8.40 -30.38 -53.07
N SER D 75 -8.46 -31.69 -53.29
CA SER D 75 -7.25 -32.51 -53.21
C SER D 75 -6.26 -32.09 -54.29
N THR D 76 -6.76 -31.81 -55.49
CA THR D 76 -5.92 -31.31 -56.58
C THR D 76 -6.11 -29.83 -56.86
N THR D 77 -7.07 -29.18 -56.19
CA THR D 77 -7.37 -27.77 -56.40
C THR D 77 -7.62 -27.48 -57.89
N THR D 78 -8.43 -28.33 -58.50
CA THR D 78 -8.62 -28.30 -59.94
C THR D 78 -10.11 -28.20 -60.27
N GLY D 79 -10.43 -27.38 -61.27
CA GLY D 79 -11.79 -27.19 -61.73
C GLY D 79 -12.03 -27.94 -63.03
N TYR D 80 -13.15 -28.65 -63.08
CA TYR D 80 -13.50 -29.50 -64.21
C TYR D 80 -14.83 -29.05 -64.81
N MET D 81 -14.86 -28.90 -66.13
CA MET D 81 -16.08 -28.70 -66.89
C MET D 81 -16.38 -29.96 -67.67
N GLU D 82 -17.62 -30.44 -67.57
CA GLU D 82 -18.06 -31.62 -68.29
C GLU D 82 -19.21 -31.25 -69.22
N LEU D 83 -19.02 -30.18 -69.98
CA LEU D 83 -20.12 -29.59 -70.74
C LEU D 83 -20.62 -30.54 -71.82
N ARG D 84 -21.93 -30.55 -72.00
CA ARG D 84 -22.60 -31.38 -72.98
C ARG D 84 -23.36 -30.51 -73.97
N ARG D 85 -24.09 -31.17 -74.88
CA ARG D 85 -24.91 -30.48 -75.87
C ARG D 85 -24.10 -29.47 -76.67
N LEU D 86 -22.92 -29.91 -77.11
CA LEU D 86 -22.05 -29.04 -77.89
C LEU D 86 -22.70 -28.68 -79.23
N ARG D 87 -22.62 -27.41 -79.58
CA ARG D 87 -23.14 -26.92 -80.85
C ARG D 87 -22.00 -26.60 -81.80
N SER D 88 -22.31 -26.65 -83.10
CA SER D 88 -21.28 -26.45 -84.11
C SER D 88 -20.67 -25.07 -84.03
N ASP D 89 -21.49 -24.05 -83.80
CA ASP D 89 -21.03 -22.67 -83.75
C ASP D 89 -20.53 -22.27 -82.36
N ASP D 90 -20.16 -23.25 -81.53
CA ASP D 90 -19.66 -22.98 -80.19
C ASP D 90 -18.15 -23.13 -80.08
N THR D 91 -17.43 -23.04 -81.20
CA THR D 91 -15.98 -23.16 -81.20
C THR D 91 -15.38 -21.82 -80.73
N ALA D 92 -15.03 -21.75 -79.45
CA ALA D 92 -14.44 -20.54 -78.89
C ALA D 92 -13.60 -20.92 -77.69
N VAL D 93 -12.71 -20.02 -77.29
CA VAL D 93 -11.75 -20.31 -76.24
C VAL D 93 -12.41 -20.13 -74.89
N TYR D 94 -11.91 -20.85 -73.88
CA TYR D 94 -12.42 -20.78 -72.52
C TYR D 94 -11.41 -20.13 -71.60
N TYR D 95 -11.87 -19.76 -70.41
CA TYR D 95 -11.02 -19.12 -69.41
C TYR D 95 -11.53 -19.44 -68.01
N CYS D 96 -10.64 -19.90 -67.16
CA CYS D 96 -10.91 -20.07 -65.73
C CYS D 96 -10.25 -18.93 -64.96
N ALA D 97 -11.00 -18.35 -64.03
CA ALA D 97 -10.55 -17.15 -63.33
C ALA D 97 -10.83 -17.26 -61.85
N ARG D 98 -10.01 -16.58 -61.06
CA ARG D 98 -10.18 -16.49 -59.62
C ARG D 98 -11.06 -15.28 -59.30
N ASP D 99 -12.14 -15.49 -58.56
CA ASP D 99 -13.13 -14.46 -58.30
C ASP D 99 -12.89 -13.80 -56.94
N TYR D 100 -13.28 -12.54 -56.86
CA TYR D 100 -13.25 -11.76 -55.63
C TYR D 100 -14.51 -10.90 -55.54
N THR D 101 -15.60 -11.38 -56.11
CA THR D 101 -16.83 -10.60 -56.15
C THR D 101 -17.99 -11.31 -55.44
N ARG D 102 -18.19 -12.59 -55.76
CA ARG D 102 -19.36 -13.30 -55.25
C ARG D 102 -19.21 -13.67 -53.78
N GLY D 103 -18.00 -14.03 -53.37
CA GLY D 103 -17.78 -14.47 -52.00
C GLY D 103 -17.98 -15.95 -51.84
N ALA D 104 -16.96 -16.65 -51.35
CA ALA D 104 -17.02 -18.10 -51.23
C ALA D 104 -17.63 -18.53 -49.90
N TRP D 105 -17.09 -18.01 -48.80
CA TRP D 105 -17.64 -18.35 -47.48
C TRP D 105 -19.08 -17.88 -47.34
N PHE D 106 -19.36 -16.66 -47.79
CA PHE D 106 -20.67 -16.05 -47.61
C PHE D 106 -21.15 -15.49 -48.93
N GLY D 107 -22.42 -15.06 -48.95
CA GLY D 107 -23.07 -14.65 -50.17
C GLY D 107 -23.16 -13.17 -50.46
N GLU D 108 -22.44 -12.32 -49.73
CA GLU D 108 -22.49 -10.88 -50.02
C GLU D 108 -21.74 -10.56 -51.30
N SER D 109 -22.09 -9.42 -51.90
CA SER D 109 -21.43 -8.95 -53.11
C SER D 109 -20.19 -8.17 -52.71
N LEU D 110 -19.04 -8.56 -53.28
CA LEU D 110 -17.77 -7.95 -52.93
C LEU D 110 -17.40 -6.87 -53.93
N ILE D 111 -16.19 -6.35 -53.80
CA ILE D 111 -15.63 -5.36 -54.70
C ILE D 111 -14.34 -5.93 -55.27
N GLY D 112 -14.24 -5.96 -56.58
CA GLY D 112 -13.08 -6.53 -57.24
C GLY D 112 -13.51 -7.19 -58.54
N GLY D 113 -12.72 -8.19 -58.95
CA GLY D 113 -13.02 -8.89 -60.18
C GLY D 113 -12.27 -10.20 -60.34
N PHE D 114 -11.95 -10.54 -61.59
CA PHE D 114 -11.29 -11.79 -61.91
C PHE D 114 -9.79 -11.52 -62.01
N ASP D 115 -9.19 -11.27 -60.84
CA ASP D 115 -7.82 -10.77 -60.79
C ASP D 115 -6.79 -11.78 -61.31
N ASN D 116 -7.13 -13.06 -61.35
CA ASN D 116 -6.20 -14.08 -61.85
C ASN D 116 -6.87 -14.88 -62.95
N TRP D 117 -6.11 -15.12 -64.01
CA TRP D 117 -6.59 -15.66 -65.28
C TRP D 117 -5.81 -16.90 -65.68
N GLY D 118 -6.46 -17.77 -66.43
CA GLY D 118 -5.79 -18.85 -67.14
C GLY D 118 -5.28 -18.38 -68.48
N GLN D 119 -4.77 -19.33 -69.26
CA GLN D 119 -4.29 -19.01 -70.60
C GLN D 119 -5.31 -19.29 -71.69
N GLY D 120 -6.24 -20.22 -71.46
CA GLY D 120 -7.27 -20.49 -72.45
C GLY D 120 -7.28 -21.90 -72.98
N THR D 121 -8.47 -22.38 -73.37
CA THR D 121 -8.64 -23.67 -74.01
C THR D 121 -9.59 -23.49 -75.19
N LEU D 122 -9.11 -23.81 -76.40
CA LEU D 122 -9.87 -23.59 -77.62
C LEU D 122 -10.51 -24.89 -78.08
N VAL D 123 -11.80 -24.82 -78.41
CA VAL D 123 -12.53 -25.99 -78.86
C VAL D 123 -12.82 -25.92 -80.36
N GLU E 1 -32.20 -7.52 -66.44
CA GLU E 1 -30.79 -7.30 -66.71
C GLU E 1 -30.52 -5.84 -67.07
N ILE E 2 -29.28 -5.41 -66.85
CA ILE E 2 -28.84 -4.06 -67.18
C ILE E 2 -27.63 -4.16 -68.10
N VAL E 3 -27.70 -3.47 -69.23
CA VAL E 3 -26.64 -3.54 -70.24
C VAL E 3 -25.82 -2.26 -70.20
N LEU E 4 -24.63 -2.34 -70.79
CA LEU E 4 -23.72 -1.21 -70.85
C LEU E 4 -23.92 -0.47 -72.17
N THR E 5 -24.22 0.83 -72.08
CA THR E 5 -24.35 1.67 -73.26
C THR E 5 -22.97 2.23 -73.59
N GLN E 6 -22.34 1.68 -74.62
CA GLN E 6 -20.97 2.01 -74.99
C GLN E 6 -20.97 2.67 -76.37
N SER E 7 -20.23 3.76 -76.50
CA SER E 7 -20.02 4.39 -77.82
C SER E 7 -18.54 4.72 -78.07
N PRO E 8 -17.61 3.78 -77.81
CA PRO E 8 -16.23 4.02 -78.28
C PRO E 8 -15.99 3.39 -79.64
N GLY E 9 -16.58 3.99 -80.68
CA GLY E 9 -16.54 3.38 -82.00
C GLY E 9 -15.14 3.26 -82.55
N THR E 10 -14.37 4.34 -82.47
CA THR E 10 -12.97 4.32 -82.91
C THR E 10 -12.27 5.50 -82.27
N LEU E 11 -11.29 5.24 -81.43
CA LEU E 11 -10.51 6.30 -80.77
C LEU E 11 -9.37 6.68 -81.71
N SER E 12 -9.57 7.74 -82.49
CA SER E 12 -8.58 8.21 -83.45
C SER E 12 -7.64 9.18 -82.76
N LEU E 13 -6.68 8.62 -82.01
CA LEU E 13 -5.70 9.41 -81.30
C LEU E 13 -4.29 8.96 -81.67
N SER E 14 -3.39 9.91 -81.83
CA SER E 14 -1.99 9.60 -81.97
C SER E 14 -1.43 9.17 -80.61
N PRO E 15 -0.32 8.42 -80.60
CA PRO E 15 0.30 8.08 -79.32
C PRO E 15 0.72 9.31 -78.55
N GLY E 16 0.48 9.30 -77.24
CA GLY E 16 0.89 10.36 -76.36
C GLY E 16 -0.20 11.32 -75.93
N GLU E 17 -1.38 11.27 -76.55
CA GLU E 17 -2.45 12.18 -76.20
C GLU E 17 -3.58 11.43 -75.50
N ARG E 18 -4.55 12.19 -75.01
CA ARG E 18 -5.59 11.65 -74.13
C ARG E 18 -6.53 10.72 -74.90
N ALA E 19 -7.10 9.76 -74.18
CA ALA E 19 -8.09 8.84 -74.73
C ALA E 19 -9.29 8.79 -73.80
N THR E 20 -10.48 8.69 -74.39
CA THR E 20 -11.72 8.61 -73.63
C THR E 20 -12.51 7.38 -74.05
N LEU E 21 -12.91 6.59 -73.06
CA LEU E 21 -13.74 5.41 -73.27
C LEU E 21 -15.07 5.62 -72.56
N SER E 22 -16.17 5.46 -73.30
CA SER E 22 -17.51 5.70 -72.77
C SER E 22 -18.07 4.41 -72.19
N CYS E 23 -18.55 4.49 -70.95
CA CYS E 23 -19.13 3.34 -70.26
C CYS E 23 -20.41 3.76 -69.55
N ARG E 24 -21.29 4.46 -70.26
CA ARG E 24 -22.57 4.86 -69.69
C ARG E 24 -23.40 3.63 -69.32
N ALA E 25 -24.00 3.68 -68.13
CA ALA E 25 -24.88 2.60 -67.69
C ALA E 25 -26.25 2.74 -68.34
N SER E 26 -27.12 1.76 -68.10
CA SER E 26 -28.46 1.80 -68.68
C SER E 26 -29.39 2.69 -67.85
N GLN E 27 -29.67 2.28 -66.61
CA GLN E 27 -30.54 3.07 -65.75
C GLN E 27 -29.87 3.52 -64.46
N THR E 28 -29.30 2.61 -63.67
CA THR E 28 -28.55 2.99 -62.47
C THR E 28 -27.47 1.94 -62.21
N VAL E 29 -26.36 2.40 -61.62
CA VAL E 29 -25.33 1.53 -61.08
C VAL E 29 -24.87 2.10 -59.75
N SER E 30 -24.59 1.23 -58.79
CA SER E 30 -24.24 1.67 -57.44
C SER E 30 -22.81 2.21 -57.41
N SER E 31 -22.53 3.00 -56.38
CA SER E 31 -21.20 3.59 -56.22
C SER E 31 -20.14 2.51 -56.01
N THR E 32 -20.48 1.46 -55.27
CA THR E 32 -19.54 0.38 -55.01
C THR E 32 -19.71 -0.81 -55.96
N SER E 33 -19.75 -0.56 -57.26
CA SER E 33 -19.74 -1.65 -58.24
C SER E 33 -19.05 -1.13 -59.50
N LEU E 34 -17.72 -1.30 -59.55
CA LEU E 34 -16.92 -0.73 -60.63
C LEU E 34 -15.68 -1.58 -60.82
N ALA E 35 -15.40 -1.95 -62.06
CA ALA E 35 -14.18 -2.69 -62.37
C ALA E 35 -13.72 -2.36 -63.78
N TRP E 36 -12.42 -2.54 -64.03
CA TRP E 36 -11.83 -2.26 -65.34
C TRP E 36 -10.87 -3.36 -65.72
N TYR E 37 -10.85 -3.68 -67.02
CA TYR E 37 -10.05 -4.75 -67.58
C TYR E 37 -9.37 -4.28 -68.86
N GLN E 38 -8.16 -4.78 -69.09
CA GLN E 38 -7.41 -4.54 -70.31
C GLN E 38 -7.17 -5.87 -71.02
N GLN E 39 -7.48 -5.92 -72.31
CA GLN E 39 -7.26 -7.08 -73.16
C GLN E 39 -6.12 -6.73 -74.12
N LYS E 40 -4.91 -7.13 -73.74
CA LYS E 40 -3.76 -6.94 -74.62
C LYS E 40 -3.91 -7.80 -75.87
N PRO E 41 -3.41 -7.32 -77.02
CA PRO E 41 -3.60 -8.06 -78.27
C PRO E 41 -2.93 -9.42 -78.22
N GLY E 42 -3.72 -10.46 -78.52
CA GLY E 42 -3.19 -11.80 -78.65
C GLY E 42 -2.97 -12.56 -77.36
N GLN E 43 -3.25 -11.96 -76.21
CA GLN E 43 -3.00 -12.60 -74.93
C GLN E 43 -4.17 -12.38 -73.98
N ALA E 44 -4.09 -13.02 -72.83
CA ALA E 44 -5.20 -13.03 -71.88
C ALA E 44 -5.44 -11.63 -71.32
N PRO E 45 -6.67 -11.33 -70.90
CA PRO E 45 -6.96 -10.02 -70.33
C PRO E 45 -6.26 -9.82 -69.00
N ARG E 46 -6.13 -8.54 -68.63
CA ARG E 46 -5.54 -8.17 -67.36
C ARG E 46 -6.43 -7.15 -66.65
N LEU E 47 -6.54 -7.30 -65.33
CA LEU E 47 -7.33 -6.38 -64.53
C LEU E 47 -6.66 -5.01 -64.46
N LEU E 48 -7.47 -3.95 -64.46
CA LEU E 48 -6.94 -2.60 -64.40
C LEU E 48 -7.25 -1.89 -63.08
N ILE E 49 -8.52 -1.74 -62.73
CA ILE E 49 -8.94 -0.98 -61.56
C ILE E 49 -10.16 -1.65 -60.96
N TYR E 50 -10.23 -1.67 -59.63
CA TYR E 50 -11.37 -2.24 -58.93
C TYR E 50 -12.17 -1.22 -58.15
N GLY E 51 -11.69 0.02 -58.02
CA GLY E 51 -12.42 1.04 -57.29
C GLY E 51 -12.67 2.28 -58.11
N ALA E 52 -13.29 3.30 -57.51
CA ALA E 52 -13.55 4.53 -58.24
C ALA E 52 -12.25 5.18 -58.70
N SER E 53 -11.26 5.24 -57.81
CA SER E 53 -9.94 5.75 -58.16
C SER E 53 -8.81 4.96 -57.52
N SER E 54 -9.05 3.70 -57.18
CA SER E 54 -8.07 2.88 -56.48
C SER E 54 -7.24 2.08 -57.48
N ARG E 55 -5.93 2.32 -57.48
CA ARG E 55 -5.04 1.57 -58.35
C ARG E 55 -5.03 0.10 -57.94
N ALA E 56 -5.01 -0.79 -58.94
CA ALA E 56 -5.04 -2.22 -58.71
C ALA E 56 -3.76 -2.93 -59.14
N THR E 57 -3.36 -2.76 -60.39
CA THR E 57 -2.15 -3.41 -60.94
C THR E 57 -1.25 -2.32 -61.53
N GLY E 58 -0.45 -1.72 -60.68
CA GLY E 58 0.53 -0.72 -61.08
C GLY E 58 -0.03 0.68 -61.25
N ILE E 59 -0.64 0.95 -62.40
CA ILE E 59 -1.20 2.25 -62.76
C ILE E 59 -0.27 3.36 -62.29
N PRO E 60 0.90 3.53 -62.89
CA PRO E 60 1.81 4.58 -62.42
C PRO E 60 1.20 5.97 -62.52
N ASP E 61 0.89 6.40 -63.74
CA ASP E 61 0.18 7.66 -63.94
C ASP E 61 -0.77 7.67 -65.12
N ARG E 62 -0.95 6.55 -65.82
CA ARG E 62 -1.64 6.53 -67.11
C ARG E 62 -3.09 6.11 -67.03
N PHE E 63 -3.41 5.06 -66.29
CA PHE E 63 -4.77 4.51 -66.27
C PHE E 63 -5.63 5.37 -65.36
N SER E 64 -6.65 6.01 -65.94
CA SER E 64 -7.58 6.84 -65.18
C SER E 64 -8.99 6.31 -65.36
N GLY E 65 -9.69 6.14 -64.25
CA GLY E 65 -11.11 5.80 -64.29
C GLY E 65 -11.90 6.79 -63.46
N SER E 66 -12.89 7.45 -64.06
CA SER E 66 -13.61 8.51 -63.37
C SER E 66 -15.11 8.31 -63.55
N GLY E 67 -15.87 9.08 -62.78
CA GLY E 67 -17.31 9.07 -62.92
C GLY E 67 -18.06 9.06 -61.60
N SER E 68 -19.39 9.18 -61.70
CA SER E 68 -20.27 9.15 -60.55
C SER E 68 -21.66 8.71 -61.01
N GLY E 69 -22.44 8.24 -60.05
CA GLY E 69 -23.80 7.80 -60.33
C GLY E 69 -23.87 6.71 -61.36
N THR E 70 -24.36 7.03 -62.56
CA THR E 70 -24.39 6.11 -63.68
C THR E 70 -23.38 6.45 -64.76
N ASP E 71 -22.81 7.65 -64.73
CA ASP E 71 -21.85 8.10 -65.74
C ASP E 71 -20.46 7.72 -65.30
N PHE E 72 -19.88 6.69 -65.91
CA PHE E 72 -18.53 6.24 -65.61
C PHE E 72 -17.76 6.12 -66.90
N THR E 73 -16.54 6.66 -66.93
CA THR E 73 -15.74 6.72 -68.14
C THR E 73 -14.28 6.42 -67.82
N LEU E 74 -13.54 6.12 -68.88
CA LEU E 74 -12.11 5.83 -68.79
C LEU E 74 -11.34 6.97 -69.43
N THR E 75 -10.46 7.60 -68.66
CA THR E 75 -9.59 8.67 -69.16
C THR E 75 -8.16 8.13 -69.16
N ILE E 76 -7.51 8.20 -70.32
CA ILE E 76 -6.15 7.71 -70.51
C ILE E 76 -5.26 8.92 -70.76
N SER E 77 -4.30 9.15 -69.87
CA SER E 77 -3.33 10.22 -69.98
C SER E 77 -1.94 9.63 -70.12
N ARG E 78 -1.10 10.29 -70.92
CA ARG E 78 0.26 9.81 -71.21
C ARG E 78 0.20 8.40 -71.80
N LEU E 79 -0.39 8.31 -72.98
CA LEU E 79 -0.55 7.05 -73.69
C LEU E 79 0.72 6.73 -74.46
N GLU E 80 0.95 5.42 -74.64
CA GLU E 80 2.15 4.91 -75.29
C GLU E 80 1.76 3.96 -76.41
N PRO E 81 2.64 3.80 -77.42
CA PRO E 81 2.30 2.91 -78.55
C PRO E 81 1.94 1.48 -78.16
N GLU E 82 2.59 0.90 -77.15
CA GLU E 82 2.27 -0.47 -76.79
C GLU E 82 1.00 -0.56 -75.94
N ASP E 83 0.44 0.60 -75.56
CA ASP E 83 -0.75 0.60 -74.71
C ASP E 83 -1.99 0.11 -75.44
N PHE E 84 -2.01 0.11 -76.77
CA PHE E 84 -3.22 -0.24 -77.52
C PHE E 84 -3.72 -1.62 -77.15
N ALA E 85 -4.93 -1.66 -76.58
CA ALA E 85 -5.55 -2.90 -76.13
C ALA E 85 -7.03 -2.64 -75.91
N VAL E 86 -7.82 -3.71 -75.91
CA VAL E 86 -9.26 -3.58 -75.72
C VAL E 86 -9.55 -3.18 -74.29
N TYR E 87 -10.49 -2.24 -74.13
CA TYR E 87 -10.84 -1.71 -72.82
C TYR E 87 -12.22 -2.23 -72.40
N TYR E 88 -12.31 -2.76 -71.18
CA TYR E 88 -13.56 -3.32 -70.67
C TYR E 88 -13.89 -2.69 -69.33
N CYS E 89 -15.18 -2.39 -69.13
CA CYS E 89 -15.69 -1.90 -67.86
C CYS E 89 -16.74 -2.88 -67.34
N GLN E 90 -16.69 -3.16 -66.05
CA GLN E 90 -17.49 -4.22 -65.43
C GLN E 90 -18.32 -3.65 -64.28
N GLN E 91 -19.60 -4.02 -64.27
CA GLN E 91 -20.52 -3.69 -63.18
C GLN E 91 -20.69 -4.89 -62.26
N HIS E 92 -21.40 -4.65 -61.15
CA HIS E 92 -21.69 -5.71 -60.19
C HIS E 92 -23.15 -5.75 -59.75
N ASP E 93 -23.91 -4.68 -59.94
CA ASP E 93 -25.26 -4.60 -59.37
C ASP E 93 -26.19 -5.62 -60.01
N THR E 94 -26.23 -5.64 -61.34
CA THR E 94 -27.17 -6.48 -62.08
C THR E 94 -26.36 -7.54 -62.82
N SER E 95 -26.21 -8.70 -62.21
CA SER E 95 -25.38 -9.78 -62.72
C SER E 95 -23.98 -9.26 -63.00
N LEU E 96 -23.33 -9.78 -64.04
CA LEU E 96 -22.03 -9.27 -64.46
C LEU E 96 -22.10 -8.93 -65.94
N THR E 97 -21.63 -7.75 -66.29
CA THR E 97 -21.67 -7.28 -67.67
C THR E 97 -20.26 -6.90 -68.13
N PHE E 98 -19.95 -7.23 -69.38
CA PHE E 98 -18.68 -6.92 -69.99
C PHE E 98 -18.82 -5.76 -70.96
N GLY E 99 -17.74 -5.03 -71.15
CA GLY E 99 -17.75 -3.90 -72.07
C GLY E 99 -17.85 -4.38 -73.51
N GLY E 100 -18.37 -3.49 -74.36
CA GLY E 100 -18.53 -3.83 -75.76
C GLY E 100 -17.21 -4.01 -76.49
N GLY E 101 -16.15 -3.43 -75.97
CA GLY E 101 -14.84 -3.51 -76.58
C GLY E 101 -14.48 -2.25 -77.34
N THR E 102 -13.19 -2.10 -77.63
CA THR E 102 -12.68 -0.95 -78.35
C THR E 102 -11.37 -1.32 -79.02
N LYS E 103 -11.19 -0.88 -80.25
CA LYS E 103 -9.96 -1.10 -81.00
C LYS E 103 -9.26 0.23 -81.23
N VAL E 104 -7.99 0.31 -80.85
CA VAL E 104 -7.14 1.46 -81.12
C VAL E 104 -5.93 0.96 -81.89
N GLU E 105 -5.73 1.47 -83.10
CA GLU E 105 -4.67 1.04 -83.98
C GLU E 105 -3.57 2.10 -84.06
N ILE E 106 -2.60 1.88 -84.95
CA ILE E 106 -1.38 2.68 -84.97
C ILE E 106 -1.68 4.14 -85.26
N LYS E 107 -2.69 4.40 -86.10
CA LYS E 107 -3.01 5.73 -86.60
C LYS E 107 -1.82 6.34 -87.34
N ARG E 108 -1.46 5.68 -88.44
CA ARG E 108 -0.34 6.10 -89.27
C ARG E 108 -0.67 7.38 -90.02
N GLN F 1 35.03 48.39 -13.08
CA GLN F 1 35.05 46.99 -12.68
C GLN F 1 36.16 46.23 -13.40
N VAL F 2 36.41 46.60 -14.66
CA VAL F 2 37.47 45.96 -15.43
C VAL F 2 38.82 46.28 -14.79
N GLN F 3 39.63 45.24 -14.61
CA GLN F 3 40.94 45.36 -13.97
C GLN F 3 41.98 44.72 -14.89
N LEU F 4 42.70 45.55 -15.65
CA LEU F 4 43.78 45.10 -16.50
C LEU F 4 45.10 45.61 -15.91
N VAL F 5 46.01 44.68 -15.63
CA VAL F 5 47.27 45.01 -14.99
C VAL F 5 48.40 44.42 -15.81
N GLN F 6 49.60 44.99 -15.67
CA GLN F 6 50.76 44.56 -16.40
C GLN F 6 51.98 44.62 -15.50
N SER F 7 53.10 44.11 -16.01
CA SER F 7 54.36 44.11 -15.29
C SER F 7 55.04 45.48 -15.38
N GLY F 8 56.16 45.63 -14.69
CA GLY F 8 56.86 46.89 -14.61
C GLY F 8 57.87 47.07 -15.72
N ALA F 9 58.67 48.13 -15.59
CA ALA F 9 59.69 48.44 -16.58
C ALA F 9 60.82 47.42 -16.53
N GLU F 10 61.40 47.15 -17.69
CA GLU F 10 62.47 46.17 -17.83
C GLU F 10 63.58 46.75 -18.71
N VAL F 11 64.78 46.21 -18.54
CA VAL F 11 65.93 46.55 -19.37
C VAL F 11 66.49 45.25 -19.94
N LYS F 12 66.58 45.18 -21.27
CA LYS F 12 67.05 43.99 -21.95
C LYS F 12 68.04 44.39 -23.04
N LYS F 13 68.94 43.45 -23.36
CA LYS F 13 70.00 43.65 -24.34
C LYS F 13 69.71 42.87 -25.62
N PRO F 14 70.26 43.30 -26.75
CA PRO F 14 70.03 42.58 -28.01
C PRO F 14 70.57 41.15 -27.95
N GLY F 15 69.87 40.26 -28.65
CA GLY F 15 70.22 38.85 -28.69
C GLY F 15 69.42 37.98 -27.74
N ALA F 16 68.82 38.58 -26.72
CA ALA F 16 68.00 37.86 -25.75
C ALA F 16 66.52 37.99 -26.12
N SER F 17 65.65 37.55 -25.23
CA SER F 17 64.21 37.64 -25.41
C SER F 17 63.60 38.40 -24.23
N VAL F 18 62.59 39.21 -24.53
CA VAL F 18 61.92 40.04 -23.52
C VAL F 18 60.53 39.46 -23.27
N LYS F 19 60.19 39.29 -21.99
CA LYS F 19 58.92 38.71 -21.58
C LYS F 19 58.02 39.81 -21.04
N VAL F 20 56.78 39.86 -21.56
CA VAL F 20 55.80 40.87 -21.19
C VAL F 20 54.53 40.16 -20.73
N SER F 21 53.98 40.61 -19.60
CA SER F 21 52.81 39.98 -19.01
C SER F 21 51.66 40.98 -18.94
N CYS F 22 50.45 40.50 -19.24
CA CYS F 22 49.24 41.30 -19.08
C CYS F 22 48.15 40.42 -18.47
N LYS F 23 47.76 40.72 -17.24
CA LYS F 23 46.70 40.00 -16.55
C LYS F 23 45.40 40.77 -16.64
N ALA F 24 44.29 40.03 -16.77
CA ALA F 24 42.97 40.62 -16.96
C ALA F 24 42.00 40.01 -15.95
N SER F 25 41.10 40.84 -15.42
CA SER F 25 40.06 40.35 -14.52
C SER F 25 38.86 41.28 -14.60
N GLY F 26 37.70 40.75 -14.19
CA GLY F 26 36.47 41.49 -14.17
C GLY F 26 35.54 41.23 -15.33
N TYR F 27 36.04 40.68 -16.43
CA TYR F 27 35.22 40.39 -17.60
C TYR F 27 35.47 38.97 -18.08
N PRO F 28 34.46 38.34 -18.70
CA PRO F 28 34.64 36.96 -19.16
C PRO F 28 35.76 36.84 -20.17
N PHE F 29 36.70 35.94 -19.89
CA PHE F 29 37.86 35.72 -20.76
C PHE F 29 37.59 34.61 -21.77
N THR F 30 36.47 34.70 -22.47
CA THR F 30 36.11 33.68 -23.44
C THR F 30 35.61 34.28 -24.75
N SER F 31 35.06 35.49 -24.68
CA SER F 31 34.35 36.08 -25.82
C SER F 31 35.00 37.35 -26.34
N TYR F 32 36.12 37.79 -25.76
CA TYR F 32 36.77 39.02 -26.18
C TYR F 32 38.22 38.72 -26.54
N GLY F 33 38.63 39.14 -27.74
CA GLY F 33 39.99 38.91 -28.17
C GLY F 33 40.98 39.83 -27.49
N ILE F 34 42.24 39.41 -27.51
CA ILE F 34 43.32 40.15 -26.86
C ILE F 34 44.16 40.80 -27.95
N SER F 35 44.35 42.11 -27.85
CA SER F 35 45.13 42.88 -28.80
C SER F 35 46.34 43.48 -28.10
N TRP F 36 47.42 43.66 -28.87
CA TRP F 36 48.68 44.16 -28.33
C TRP F 36 49.24 45.19 -29.30
N VAL F 37 49.52 46.39 -28.80
CA VAL F 37 50.01 47.49 -29.61
C VAL F 37 51.29 48.02 -29.01
N ARG F 38 52.08 48.69 -29.85
CA ARG F 38 53.35 49.29 -29.45
C ARG F 38 53.28 50.80 -29.68
N GLN F 39 53.61 51.57 -28.65
CA GLN F 39 53.61 53.02 -28.71
C GLN F 39 54.99 53.54 -28.31
N ALA F 40 55.46 54.54 -29.04
CA ALA F 40 56.75 55.16 -28.79
C ALA F 40 56.66 56.64 -29.09
N PRO F 41 57.53 57.45 -28.47
CA PRO F 41 57.53 58.89 -28.77
C PRO F 41 57.85 59.15 -30.24
N GLY F 42 57.19 60.15 -30.81
CA GLY F 42 57.42 60.54 -32.18
C GLY F 42 56.53 59.85 -33.20
N GLN F 43 55.76 58.85 -32.80
CA GLN F 43 54.87 58.15 -33.72
C GLN F 43 53.66 57.64 -32.95
N GLY F 44 52.72 57.07 -33.69
CA GLY F 44 51.49 56.55 -33.12
C GLY F 44 51.62 55.11 -32.68
N LEU F 45 50.49 54.41 -32.67
CA LEU F 45 50.42 53.03 -32.21
C LEU F 45 50.45 52.07 -33.40
N GLU F 46 50.55 50.78 -33.08
CA GLU F 46 50.69 49.75 -34.11
C GLU F 46 49.67 48.63 -33.92
N TRP F 47 49.84 47.54 -34.66
CA TRP F 47 49.00 46.35 -34.60
C TRP F 47 49.88 45.11 -34.45
N MET F 48 50.80 45.15 -33.49
CA MET F 48 51.82 44.12 -33.38
C MET F 48 51.21 42.75 -33.12
N GLY F 49 50.21 42.66 -32.25
CA GLY F 49 49.66 41.36 -31.92
C GLY F 49 48.16 41.27 -31.80
N TRP F 50 47.59 40.13 -32.20
CA TRP F 50 46.16 39.88 -32.04
C TRP F 50 45.95 38.39 -31.86
N ILE F 51 45.32 38.00 -30.76
CA ILE F 51 45.01 36.60 -30.49
C ILE F 51 43.56 36.50 -30.04
N SER F 52 42.95 35.34 -30.28
CA SER F 52 41.62 35.04 -29.79
C SER F 52 41.72 34.35 -28.43
N THR F 53 40.61 33.83 -27.93
CA THR F 53 40.60 33.09 -26.68
C THR F 53 40.10 31.65 -26.83
N TYR F 54 39.08 31.43 -27.66
CA TYR F 54 38.57 30.07 -27.85
C TYR F 54 39.61 29.18 -28.52
N ASN F 55 40.34 29.71 -29.51
CA ASN F 55 41.29 28.94 -30.28
C ASN F 55 42.64 29.66 -30.30
N GLY F 56 43.63 28.96 -30.85
CA GLY F 56 44.98 29.50 -30.94
C GLY F 56 45.25 30.19 -32.27
N ASN F 57 44.18 30.55 -32.99
CA ASN F 57 44.35 31.25 -34.26
C ASN F 57 44.94 32.63 -34.04
N THR F 58 45.85 33.02 -34.92
CA THR F 58 46.59 34.26 -34.79
C THR F 58 46.25 35.20 -35.93
N ASN F 59 46.42 36.50 -35.68
CA ASN F 59 46.24 37.55 -36.69
C ASN F 59 47.39 38.54 -36.63
N TYR F 60 48.61 38.01 -36.60
CA TYR F 60 49.79 38.86 -36.54
C TYR F 60 49.91 39.70 -37.81
N ALA F 61 50.44 40.91 -37.64
CA ALA F 61 50.55 41.85 -38.75
C ALA F 61 51.61 41.41 -39.74
N GLN F 62 51.47 41.89 -40.98
CA GLN F 62 52.43 41.56 -42.04
C GLN F 62 53.79 42.20 -41.81
N LYS F 63 53.84 43.32 -41.08
CA LYS F 63 55.13 43.96 -40.81
C LYS F 63 56.04 43.06 -39.98
N PHE F 64 55.47 42.42 -38.95
CA PHE F 64 56.22 41.56 -38.05
C PHE F 64 55.71 40.12 -38.14
N GLN F 65 55.42 39.67 -39.35
CA GLN F 65 54.92 38.33 -39.56
C GLN F 65 55.98 37.29 -39.26
N GLY F 66 55.62 36.27 -38.48
CA GLY F 66 56.53 35.19 -38.15
C GLY F 66 57.59 35.52 -37.13
N ARG F 67 57.50 36.68 -36.47
CA ARG F 67 58.50 37.07 -35.48
C ARG F 67 57.92 37.41 -34.13
N VAL F 68 56.60 37.28 -33.94
CA VAL F 68 55.95 37.54 -32.67
C VAL F 68 55.17 36.30 -32.24
N THR F 69 55.35 35.90 -30.99
CA THR F 69 54.65 34.75 -30.43
C THR F 69 54.22 35.09 -29.00
N MET F 70 52.95 34.87 -28.69
CA MET F 70 52.43 35.13 -27.36
C MET F 70 51.49 34.01 -26.95
N THR F 71 51.61 33.58 -25.70
CA THR F 71 50.74 32.56 -25.13
C THR F 71 49.59 33.21 -24.35
N THR F 72 48.50 32.47 -24.23
CA THR F 72 47.30 32.93 -23.54
C THR F 72 46.91 31.91 -22.49
N ASP F 73 46.71 32.37 -21.25
CA ASP F 73 46.32 31.52 -20.13
C ASP F 73 44.90 31.88 -19.70
N THR F 74 43.98 30.94 -19.87
CA THR F 74 42.58 31.18 -19.52
C THR F 74 42.35 31.13 -18.02
N SER F 75 43.14 30.36 -17.27
CA SER F 75 42.94 30.27 -15.83
C SER F 75 43.24 31.60 -15.15
N THR F 76 44.40 32.16 -15.43
CA THR F 76 44.78 33.47 -14.90
C THR F 76 44.42 34.60 -15.86
N THR F 77 43.95 34.25 -17.07
CA THR F 77 43.57 35.23 -18.10
C THR F 77 44.73 36.18 -18.39
N THR F 78 45.88 35.60 -18.72
CA THR F 78 47.12 36.34 -18.88
C THR F 78 47.67 36.17 -20.30
N GLY F 79 48.05 37.28 -20.91
CA GLY F 79 48.78 37.26 -22.16
C GLY F 79 50.27 37.40 -21.89
N TYR F 80 51.04 36.44 -22.40
CA TYR F 80 52.48 36.35 -22.16
C TYR F 80 53.21 36.45 -23.49
N MET F 81 53.82 37.60 -23.75
CA MET F 81 54.69 37.75 -24.90
C MET F 81 56.10 37.32 -24.54
N GLU F 82 56.71 36.52 -25.41
CA GLU F 82 58.08 36.03 -25.21
C GLU F 82 58.95 36.52 -26.36
N LEU F 83 58.85 37.83 -26.63
CA LEU F 83 59.38 38.39 -27.87
C LEU F 83 60.87 38.10 -28.02
N ARG F 84 61.26 37.69 -29.21
CA ARG F 84 62.63 37.33 -29.55
C ARG F 84 63.16 38.29 -30.61
N ARG F 85 64.37 37.99 -31.10
CA ARG F 85 65.04 38.82 -32.11
C ARG F 85 65.17 40.26 -31.63
N LEU F 86 65.66 40.42 -30.41
CA LEU F 86 65.75 41.75 -29.80
C LEU F 86 66.72 42.63 -30.58
N ARG F 87 66.40 43.92 -30.63
CA ARG F 87 67.18 44.89 -31.37
C ARG F 87 67.53 46.05 -30.44
N SER F 88 68.56 46.80 -30.82
CA SER F 88 69.23 47.71 -29.88
C SER F 88 68.27 48.76 -29.32
N ASP F 89 67.45 49.37 -30.18
CA ASP F 89 66.59 50.47 -29.74
C ASP F 89 65.12 50.11 -29.90
N ASP F 90 64.74 48.92 -29.43
CA ASP F 90 63.33 48.51 -29.36
C ASP F 90 62.66 49.01 -28.09
N THR F 91 63.17 50.09 -27.51
CA THR F 91 62.64 50.63 -26.25
C THR F 91 61.37 51.40 -26.54
N ALA F 92 60.22 50.81 -26.21
CA ALA F 92 58.93 51.46 -26.39
C ALA F 92 57.93 50.80 -25.47
N VAL F 93 56.83 51.49 -25.23
CA VAL F 93 55.80 50.97 -24.34
C VAL F 93 54.89 50.03 -25.11
N TYR F 94 54.39 49.01 -24.43
CA TYR F 94 53.50 48.02 -25.02
C TYR F 94 52.19 48.01 -24.24
N TYR F 95 51.08 47.98 -24.96
CA TYR F 95 49.76 48.08 -24.36
C TYR F 95 48.89 46.90 -24.78
N CYS F 96 48.27 46.26 -23.80
CA CYS F 96 47.33 45.18 -24.03
C CYS F 96 45.91 45.72 -23.90
N ALA F 97 45.03 45.27 -24.80
CA ALA F 97 43.66 45.78 -24.85
C ALA F 97 42.69 44.65 -25.11
N ARG F 98 41.45 44.87 -24.68
CA ARG F 98 40.34 43.97 -24.96
C ARG F 98 39.69 44.43 -26.27
N ASP F 99 39.94 43.68 -27.34
CA ASP F 99 39.50 44.10 -28.66
C ASP F 99 37.98 44.00 -28.79
N TYR F 100 37.42 44.90 -29.59
CA TYR F 100 36.02 44.85 -30.01
C TYR F 100 35.90 45.08 -31.51
N THR F 101 36.90 44.59 -32.26
CA THR F 101 36.86 44.63 -33.71
C THR F 101 36.72 43.26 -34.34
N ARG F 102 37.34 42.23 -33.76
CA ARG F 102 37.17 40.86 -34.20
C ARG F 102 36.90 39.98 -33.00
N GLY F 103 35.91 39.09 -33.14
CA GLY F 103 35.51 38.25 -32.03
C GLY F 103 36.49 37.15 -31.71
N ALA F 104 36.32 36.56 -30.53
CA ALA F 104 37.16 35.46 -30.08
C ALA F 104 36.58 34.09 -30.42
N TRP F 105 35.40 34.03 -31.01
CA TRP F 105 34.76 32.78 -31.41
C TRP F 105 34.68 32.61 -32.91
N PHE F 106 34.14 33.62 -33.62
CA PHE F 106 34.06 33.61 -35.08
C PHE F 106 35.08 34.53 -35.72
N GLY F 107 35.13 35.79 -35.31
CA GLY F 107 36.17 36.69 -35.75
C GLY F 107 35.83 37.64 -36.88
N GLU F 108 34.55 37.85 -37.18
CA GLU F 108 34.20 38.81 -38.21
C GLU F 108 34.54 40.23 -37.75
N SER F 109 34.33 41.19 -38.65
CA SER F 109 34.58 42.59 -38.33
C SER F 109 33.46 43.11 -37.44
N LEU F 110 33.80 43.47 -36.21
CA LEU F 110 32.85 44.03 -35.26
C LEU F 110 32.72 45.53 -35.49
N ILE F 111 31.82 46.16 -34.73
CA ILE F 111 31.66 47.61 -34.74
C ILE F 111 32.18 48.12 -33.41
N GLY F 112 33.41 48.62 -33.41
CA GLY F 112 34.03 49.10 -32.19
C GLY F 112 35.54 49.17 -32.34
N GLY F 113 36.20 49.26 -31.20
CA GLY F 113 37.65 49.33 -31.16
C GLY F 113 38.17 48.84 -29.82
N PHE F 114 39.30 49.41 -29.40
CA PHE F 114 39.92 49.06 -28.12
C PHE F 114 39.28 49.92 -27.04
N ASP F 115 38.15 49.45 -26.51
CA ASP F 115 37.47 50.19 -25.46
C ASP F 115 38.22 50.11 -24.13
N ASN F 116 38.75 48.94 -23.80
CA ASN F 116 39.45 48.72 -22.53
C ASN F 116 40.91 48.41 -22.80
N TRP F 117 41.80 49.08 -22.06
CA TRP F 117 43.24 48.93 -22.21
C TRP F 117 43.85 48.54 -20.87
N GLY F 118 45.12 48.13 -20.92
CA GLY F 118 45.87 47.79 -19.74
C GLY F 118 46.57 48.99 -19.14
N GLN F 119 47.63 48.70 -18.38
CA GLN F 119 48.41 49.76 -17.74
C GLN F 119 49.76 50.01 -18.41
N GLY F 120 50.22 49.11 -19.25
CA GLY F 120 51.42 49.33 -20.03
C GLY F 120 52.66 48.68 -19.43
N THR F 121 53.62 48.37 -20.30
CA THR F 121 54.91 47.83 -19.91
C THR F 121 56.01 48.54 -20.68
N LEU F 122 57.15 48.74 -20.03
CA LEU F 122 58.31 49.37 -20.65
C LEU F 122 59.45 48.36 -20.75
N VAL F 123 60.06 48.28 -21.92
CA VAL F 123 61.18 47.38 -22.14
C VAL F 123 62.45 48.15 -22.48
N GLU G 1 49.03 48.10 -47.72
CA GLU G 1 48.32 48.66 -46.58
C GLU G 1 47.77 50.05 -46.92
N ILE G 2 46.67 50.42 -46.27
CA ILE G 2 46.02 51.71 -46.49
C ILE G 2 46.14 52.51 -45.20
N VAL G 3 46.68 53.71 -45.30
CA VAL G 3 46.85 54.60 -44.15
C VAL G 3 45.94 55.81 -44.35
N LEU G 4 45.69 56.50 -43.24
CA LEU G 4 44.79 57.65 -43.22
C LEU G 4 45.59 58.94 -43.21
N THR G 5 45.23 59.86 -44.10
CA THR G 5 45.92 61.15 -44.21
C THR G 5 45.28 62.16 -43.26
N GLN G 6 46.06 62.64 -42.30
CA GLN G 6 45.59 63.58 -41.29
C GLN G 6 46.43 64.84 -41.36
N SER G 7 45.77 66.00 -41.43
CA SER G 7 46.53 67.25 -41.39
C SER G 7 46.04 68.23 -40.32
N PRO G 8 45.78 67.80 -39.07
CA PRO G 8 45.65 68.80 -37.99
C PRO G 8 46.99 69.02 -37.30
N GLY G 9 47.89 69.73 -37.98
CA GLY G 9 49.25 69.86 -37.49
C GLY G 9 49.33 70.43 -36.08
N THR G 10 48.59 71.51 -35.83
CA THR G 10 48.52 72.09 -34.49
C THR G 10 47.28 72.97 -34.42
N LEU G 11 46.41 72.70 -33.45
CA LEU G 11 45.22 73.50 -33.23
C LEU G 11 45.57 74.59 -32.21
N SER G 12 46.24 75.63 -32.70
CA SER G 12 46.70 76.73 -31.84
C SER G 12 45.55 77.72 -31.64
N LEU G 13 44.56 77.26 -30.88
CA LEU G 13 43.39 78.07 -30.55
C LEU G 13 43.04 77.87 -29.09
N SER G 14 42.48 78.92 -28.49
CA SER G 14 42.14 78.87 -27.07
C SER G 14 41.00 77.90 -26.83
N PRO G 15 40.94 77.30 -25.63
CA PRO G 15 39.80 76.44 -25.30
C PRO G 15 38.49 77.23 -25.34
N GLY G 16 37.43 76.55 -25.79
CA GLY G 16 36.13 77.17 -25.93
C GLY G 16 35.75 77.56 -27.34
N GLU G 17 36.58 77.24 -28.33
CA GLU G 17 36.31 77.55 -29.72
C GLU G 17 36.09 76.25 -30.50
N ARG G 18 35.46 76.39 -31.67
CA ARG G 18 35.18 75.23 -32.50
C ARG G 18 36.47 74.66 -33.07
N ALA G 19 36.62 73.34 -32.99
CA ALA G 19 37.83 72.66 -33.45
C ALA G 19 37.46 71.56 -34.43
N THR G 20 38.31 71.38 -35.44
CA THR G 20 38.07 70.41 -36.51
C THR G 20 39.21 69.39 -36.55
N LEU G 21 38.86 68.11 -36.60
CA LEU G 21 39.80 67.02 -36.76
C LEU G 21 39.53 66.34 -38.09
N SER G 22 40.58 66.13 -38.88
CA SER G 22 40.46 65.58 -40.22
C SER G 22 40.89 64.12 -40.23
N CYS G 23 40.05 63.27 -40.81
CA CYS G 23 40.35 61.86 -41.03
C CYS G 23 39.97 61.46 -42.45
N ARG G 24 40.42 62.27 -43.42
CA ARG G 24 40.11 62.00 -44.82
C ARG G 24 40.64 60.64 -45.25
N ALA G 25 39.78 59.86 -45.89
CA ALA G 25 40.15 58.51 -46.30
C ALA G 25 41.12 58.54 -47.47
N SER G 26 41.89 57.47 -47.61
CA SER G 26 42.85 57.37 -48.71
C SER G 26 42.15 57.07 -50.02
N GLN G 27 41.48 55.92 -50.11
CA GLN G 27 40.72 55.57 -51.31
C GLN G 27 39.26 55.30 -51.01
N THR G 28 38.95 54.50 -49.99
CA THR G 28 37.56 54.16 -49.66
C THR G 28 37.48 53.53 -48.27
N VAL G 29 36.58 54.04 -47.44
CA VAL G 29 36.29 53.46 -46.13
C VAL G 29 34.78 53.28 -46.01
N SER G 30 34.37 52.18 -45.38
CA SER G 30 32.95 51.91 -45.20
C SER G 30 32.33 52.92 -44.24
N SER G 31 31.01 53.09 -44.36
CA SER G 31 30.30 53.99 -43.46
C SER G 31 30.39 53.50 -42.02
N THR G 32 30.17 52.21 -41.81
CA THR G 32 30.23 51.61 -40.48
C THR G 32 31.61 51.01 -40.17
N SER G 33 32.66 51.82 -40.34
CA SER G 33 34.01 51.39 -39.93
C SER G 33 34.78 52.65 -39.54
N LEU G 34 34.77 52.96 -38.25
CA LEU G 34 35.46 54.12 -37.72
C LEU G 34 35.68 53.93 -36.22
N ALA G 35 36.84 54.35 -35.75
CA ALA G 35 37.14 54.34 -34.33
C ALA G 35 37.94 55.59 -33.97
N TRP G 36 37.68 56.13 -32.80
CA TRP G 36 38.38 57.32 -32.31
C TRP G 36 39.08 56.98 -31.01
N TYR G 37 40.37 57.30 -30.93
CA TYR G 37 41.20 56.97 -29.78
C TYR G 37 41.68 58.25 -29.12
N GLN G 38 41.55 58.30 -27.79
CA GLN G 38 42.03 59.41 -26.98
C GLN G 38 43.33 59.03 -26.31
N GLN G 39 44.25 59.99 -26.20
CA GLN G 39 45.53 59.76 -25.54
C GLN G 39 45.94 61.06 -24.86
N LYS G 40 45.63 61.16 -23.57
CA LYS G 40 46.13 62.27 -22.77
C LYS G 40 47.61 62.07 -22.46
N PRO G 41 48.36 63.14 -22.20
CA PRO G 41 49.79 63.00 -21.93
C PRO G 41 50.05 62.08 -20.74
N GLY G 42 50.83 61.03 -20.98
CA GLY G 42 51.17 60.10 -19.92
C GLY G 42 49.98 59.31 -19.38
N GLN G 43 49.09 58.87 -20.25
CA GLN G 43 47.96 58.05 -19.86
C GLN G 43 47.78 56.92 -20.86
N ALA G 44 47.00 55.91 -20.46
CA ALA G 44 46.68 54.82 -21.36
C ALA G 44 45.70 55.28 -22.44
N PRO G 45 45.85 54.81 -23.67
CA PRO G 45 44.88 55.17 -24.72
C PRO G 45 43.51 54.60 -24.41
N ARG G 46 42.49 55.26 -24.96
CA ARG G 46 41.11 54.84 -24.75
C ARG G 46 40.29 55.13 -26.00
N LEU G 47 39.37 54.22 -26.31
CA LEU G 47 38.44 54.45 -27.42
C LEU G 47 37.50 55.59 -27.08
N LEU G 48 37.15 56.37 -28.09
CA LEU G 48 36.22 57.49 -27.92
C LEU G 48 34.89 57.23 -28.61
N ILE G 49 34.91 56.94 -29.90
CA ILE G 49 33.71 56.67 -30.68
C ILE G 49 33.91 55.36 -31.41
N TYR G 50 32.96 54.43 -31.28
CA TYR G 50 33.03 53.16 -31.97
C TYR G 50 32.39 53.21 -33.35
N GLY G 51 31.95 54.39 -33.78
CA GLY G 51 31.36 54.58 -35.09
C GLY G 51 31.57 56.00 -35.59
N ALA G 52 30.54 56.60 -36.16
CA ALA G 52 30.64 57.98 -36.61
C ALA G 52 30.64 58.94 -35.43
N SER G 53 29.55 58.93 -34.64
CA SER G 53 29.44 59.85 -33.52
C SER G 53 28.76 59.23 -32.30
N SER G 54 28.51 57.92 -32.30
CA SER G 54 27.85 57.30 -31.17
C SER G 54 28.80 57.21 -29.98
N ARG G 55 28.31 57.66 -28.82
CA ARG G 55 29.16 57.77 -27.64
C ARG G 55 29.51 56.39 -27.07
N ALA G 56 30.74 56.30 -26.55
CA ALA G 56 31.21 55.09 -25.87
C ALA G 56 31.52 55.34 -24.40
N THR G 57 32.34 56.35 -24.08
CA THR G 57 32.71 56.69 -22.72
C THR G 57 32.34 58.15 -22.46
N GLY G 58 31.07 58.39 -22.13
CA GLY G 58 30.58 59.68 -21.71
C GLY G 58 30.30 60.67 -22.83
N ILE G 59 31.35 61.32 -23.33
CA ILE G 59 31.28 62.30 -24.42
C ILE G 59 30.09 63.23 -24.23
N PRO G 60 30.11 64.15 -23.25
CA PRO G 60 28.92 64.97 -22.99
C PRO G 60 28.47 65.83 -24.16
N ASP G 61 29.31 66.76 -24.60
CA ASP G 61 28.94 67.61 -25.72
C ASP G 61 30.10 67.98 -26.65
N ARG G 62 31.31 67.50 -26.42
CA ARG G 62 32.47 68.01 -27.14
C ARG G 62 32.74 67.21 -28.41
N PHE G 63 33.00 65.92 -28.27
CA PHE G 63 33.42 65.09 -29.40
C PHE G 63 32.20 64.73 -30.24
N SER G 64 32.18 65.15 -31.50
CA SER G 64 31.12 64.82 -32.43
C SER G 64 31.72 64.34 -33.73
N GLY G 65 30.98 63.47 -34.42
CA GLY G 65 31.41 62.94 -35.71
C GLY G 65 30.47 63.36 -36.81
N SER G 66 31.01 63.67 -37.98
CA SER G 66 30.23 64.11 -39.12
C SER G 66 30.86 63.57 -40.40
N GLY G 67 30.07 63.59 -41.47
CA GLY G 67 30.48 63.03 -42.74
C GLY G 67 29.66 61.79 -43.09
N SER G 68 29.95 61.24 -44.27
CA SER G 68 29.18 60.10 -44.76
C SER G 68 29.87 59.51 -45.97
N GLY G 69 29.78 58.19 -46.12
CA GLY G 69 30.36 57.52 -47.26
C GLY G 69 31.86 57.34 -47.15
N THR G 70 32.61 58.14 -47.92
CA THR G 70 34.06 58.08 -47.90
C THR G 70 34.69 59.08 -46.96
N ASP G 71 34.17 60.30 -46.89
CA ASP G 71 34.75 61.36 -46.08
C ASP G 71 34.09 61.44 -44.71
N PHE G 72 34.90 61.72 -43.69
CA PHE G 72 34.45 61.88 -42.31
C PHE G 72 35.36 62.87 -41.62
N THR G 73 34.86 63.44 -40.53
CA THR G 73 35.62 64.40 -39.75
C THR G 73 35.02 64.50 -38.35
N LEU G 74 35.75 65.16 -37.46
CA LEU G 74 35.37 65.31 -36.06
C LEU G 74 35.25 66.78 -35.70
N THR G 75 34.21 67.11 -34.92
CA THR G 75 33.90 68.47 -34.53
C THR G 75 33.91 68.57 -33.01
N ILE G 76 34.54 69.63 -32.51
CA ILE G 76 34.63 69.91 -31.08
C ILE G 76 34.01 71.27 -30.82
N SER G 77 33.08 71.34 -29.87
CA SER G 77 32.46 72.58 -29.45
C SER G 77 32.57 72.71 -27.94
N ARG G 78 32.95 73.90 -27.48
CA ARG G 78 33.08 74.20 -26.05
C ARG G 78 34.06 73.23 -25.38
N LEU G 79 35.31 73.31 -25.82
CA LEU G 79 36.35 72.45 -25.28
C LEU G 79 36.70 72.86 -23.85
N GLU G 80 36.87 71.87 -22.97
CA GLU G 80 37.28 72.09 -21.60
C GLU G 80 38.80 72.09 -21.52
N PRO G 81 39.42 73.12 -20.93
CA PRO G 81 40.86 73.35 -21.12
C PRO G 81 41.77 72.29 -20.51
N GLU G 82 41.26 71.38 -19.67
CA GLU G 82 42.13 70.45 -19.00
C GLU G 82 42.65 69.35 -19.93
N ASP G 83 41.83 68.92 -20.89
CA ASP G 83 42.16 67.74 -21.67
C ASP G 83 43.43 67.92 -22.52
N PHE G 84 43.38 68.80 -23.52
CA PHE G 84 44.47 68.98 -24.48
C PHE G 84 45.05 67.65 -24.93
N ALA G 85 44.16 66.71 -25.25
CA ALA G 85 44.54 65.33 -25.53
C ALA G 85 44.85 65.12 -27.00
N VAL G 86 45.47 63.98 -27.28
CA VAL G 86 45.79 63.57 -28.65
C VAL G 86 44.68 62.69 -29.18
N TYR G 87 44.25 62.97 -30.41
CA TYR G 87 43.12 62.28 -31.03
C TYR G 87 43.61 61.49 -32.23
N TYR G 88 43.26 60.21 -32.28
CA TYR G 88 43.62 59.34 -33.39
C TYR G 88 42.36 58.76 -34.02
N CYS G 89 42.39 58.52 -35.33
CA CYS G 89 41.28 57.91 -36.03
C CYS G 89 41.74 56.63 -36.71
N GLN G 90 40.92 55.59 -36.61
CA GLN G 90 41.23 54.25 -37.07
C GLN G 90 40.15 53.74 -38.01
N GLN G 91 40.57 53.11 -39.09
CA GLN G 91 39.68 52.42 -40.02
C GLN G 91 39.67 50.93 -39.73
N HIS G 92 38.59 50.26 -40.15
CA HIS G 92 38.41 48.85 -39.91
C HIS G 92 38.31 48.02 -41.18
N ASP G 93 38.25 48.63 -42.35
CA ASP G 93 38.08 47.87 -43.59
C ASP G 93 39.33 47.08 -43.94
N THR G 94 40.50 47.59 -43.59
CA THR G 94 41.77 46.92 -43.92
C THR G 94 42.63 46.81 -42.65
N SER G 95 42.59 45.64 -42.02
CA SER G 95 43.43 45.30 -40.86
C SER G 95 43.25 46.38 -39.79
N LEU G 96 44.33 47.00 -39.30
CA LEU G 96 44.23 47.98 -38.22
C LEU G 96 45.40 48.94 -38.34
N THR G 97 45.10 50.20 -38.64
CA THR G 97 46.10 51.24 -38.78
C THR G 97 45.67 52.47 -38.00
N PHE G 98 46.65 53.33 -37.70
CA PHE G 98 46.42 54.54 -36.93
C PHE G 98 46.65 55.77 -37.80
N GLY G 99 46.30 56.93 -37.24
CA GLY G 99 46.44 58.19 -37.95
C GLY G 99 47.84 58.78 -37.83
N GLY G 100 48.02 59.89 -38.53
CA GLY G 100 49.32 60.55 -38.53
C GLY G 100 49.68 61.14 -37.18
N GLY G 101 48.73 61.81 -36.53
CA GLY G 101 48.98 62.43 -35.25
C GLY G 101 48.47 63.84 -35.14
N THR G 102 48.18 64.28 -33.92
CA THR G 102 47.62 65.61 -33.68
C THR G 102 48.23 66.20 -32.42
N LYS G 103 48.54 67.49 -32.46
CA LYS G 103 49.12 68.19 -31.32
C LYS G 103 48.28 69.42 -30.99
N VAL G 104 47.94 69.59 -29.72
CA VAL G 104 47.23 70.77 -29.23
C VAL G 104 48.04 71.34 -28.07
N GLU G 105 48.37 72.62 -28.16
CA GLU G 105 49.20 73.29 -27.18
C GLU G 105 48.34 74.15 -26.25
N ILE G 106 49.01 74.91 -25.37
CA ILE G 106 48.31 75.67 -24.35
C ILE G 106 47.52 76.83 -24.97
N LYS G 107 48.14 77.54 -25.91
CA LYS G 107 47.55 78.75 -26.50
C LYS G 107 47.24 79.79 -25.43
N ARG G 108 48.30 80.28 -24.80
CA ARG G 108 48.20 81.26 -23.72
C ARG G 108 47.52 82.54 -24.21
C1 NAG H . -1.29 -4.34 70.71
C2 NAG H . -1.47 -4.11 72.20
C3 NAG H . -2.94 -3.88 72.54
C4 NAG H . -3.50 -2.74 71.70
C5 NAG H . -3.25 -3.03 70.22
C6 NAG H . -3.68 -1.90 69.31
C7 NAG H . 0.00 -5.10 73.90
C8 NAG H . 0.43 -6.37 74.60
N2 NAG H . -0.94 -5.23 72.96
O3 NAG H . -3.06 -3.56 73.92
O4 NAG H . -4.89 -2.62 71.92
O5 NAG H . -1.85 -3.23 69.99
O6 NAG H . -5.08 -1.68 69.37
O7 NAG H . 0.49 -4.00 74.19
C1 NAG H . -5.12 -1.40 72.65
C2 NAG H . -6.60 -1.02 72.52
C3 NAG H . -6.89 0.24 73.33
C4 NAG H . -6.42 0.08 74.76
C5 NAG H . -4.96 -0.36 74.80
C6 NAG H . -4.48 -0.67 76.20
C7 NAG H . -7.99 -1.53 70.57
C8 NAG H . -8.26 -1.22 69.13
N2 NAG H . -6.99 -0.85 71.13
O3 NAG H . -8.29 0.51 73.30
O4 NAG H . -6.55 1.31 75.47
O5 NAG H . -4.79 -1.55 74.02
O6 NAG H . -5.06 -1.87 76.68
O7 NAG H . -8.65 -2.36 71.19
C1 NAG I . -21.77 -6.08 63.19
C2 NAG I . -22.02 -5.07 62.09
C3 NAG I . -23.22 -4.21 62.42
C4 NAG I . -24.43 -5.07 62.76
C5 NAG I . -24.06 -6.17 63.78
C6 NAG I . -25.16 -7.18 64.00
C7 NAG I . -20.44 -3.86 60.64
C8 NAG I . -19.21 -3.01 60.60
N2 NAG I . -20.84 -4.25 61.87
O3 NAG I . -23.51 -3.37 61.31
O4 NAG I . -25.44 -4.28 63.39
O5 NAG I . -22.90 -6.90 63.33
O6 NAG I . -24.77 -8.15 64.96
O7 NAG I . -21.04 -4.20 59.63
C1 NAG I . -26.28 -3.49 62.52
C2 NAG I . -26.24 -2.06 63.07
C3 NAG I . -27.09 -1.13 62.21
C4 NAG I . -26.65 -1.23 60.75
C5 NAG I . -26.67 -2.67 60.28
C6 NAG I . -26.14 -2.84 58.87
C7 NAG I . -25.86 -1.72 65.47
C8 NAG I . -26.48 -1.71 66.83
N2 NAG I . -26.67 -2.02 64.46
O3 NAG I . -26.96 0.20 62.68
O4 NAG I . -27.52 -0.44 59.94
O5 NAG I . -25.86 -3.49 61.13
O6 NAG I . -25.93 -1.59 58.25
O7 NAG I . -24.67 -1.47 65.30
C1 NAG J . 17.60 0.02 69.86
C2 NAG J . 18.96 0.31 69.23
C3 NAG J . 19.01 1.77 68.78
C4 NAG J . 17.81 2.12 67.91
C5 NAG J . 16.50 1.63 68.55
C6 NAG J . 15.30 1.77 67.63
C7 NAG J . 20.24 0.58 71.33
C8 NAG J . 21.43 0.12 72.11
N2 NAG J . 20.05 0.01 70.14
O3 NAG J . 20.22 1.98 68.06
O4 NAG J . 17.71 3.53 67.80
O5 NAG J . 16.58 0.25 68.91
O6 NAG J . 14.14 1.22 68.23
O7 NAG J . 19.48 1.45 71.76
C1 NAG J . 18.38 4.10 66.65
C2 NAG J . 18.79 5.51 67.05
C3 NAG J . 19.51 6.20 65.91
C4 NAG J . 20.69 5.34 65.44
C5 NAG J . 20.22 3.93 65.10
C6 NAG J . 21.35 3.00 64.76
C7 NAG J . 17.68 7.10 68.55
C8 NAG J . 16.41 7.83 68.86
N2 NAG J . 17.65 6.29 67.49
O3 NAG J . 19.99 7.47 66.34
O4 NAG J . 21.28 5.92 64.28
O5 NAG J . 19.53 3.36 66.23
O6 NAG J . 22.48 3.23 65.61
O7 NAG J . 18.69 7.23 69.24
C1 NAG K . 26.49 46.43 -30.45
C2 NAG K . 25.84 45.70 -29.27
C3 NAG K . 25.06 46.70 -28.41
C4 NAG K . 25.93 47.88 -28.02
C5 NAG K . 26.60 48.49 -29.25
C6 NAG K . 27.62 49.56 -28.90
C7 NAG K . 24.59 43.61 -28.94
C8 NAG K . 23.69 42.59 -29.58
N2 NAG K . 24.98 44.63 -29.72
O3 NAG K . 24.57 46.04 -27.24
O4 NAG K . 25.11 48.86 -27.39
O5 NAG K . 27.31 47.48 -29.98
O6 NAG K . 28.85 48.98 -28.48
O7 NAG K . 24.96 43.51 -27.77
C1 NAG K . 25.65 49.28 -26.11
C2 NAG K . 24.71 50.34 -25.51
C3 NAG K . 25.19 50.80 -24.13
C4 NAG K . 25.43 49.60 -23.23
C5 NAG K . 26.36 48.60 -23.91
C6 NAG K . 26.58 47.34 -23.10
C7 NAG K . 25.30 52.38 -26.90
C8 NAG K . 26.74 52.27 -26.52
N2 NAG K . 24.43 51.47 -26.41
O3 NAG K . 24.21 51.67 -23.56
O4 NAG K . 26.02 50.02 -22.00
O5 NAG K . 25.81 48.20 -25.18
O6 NAG K . 25.48 47.08 -22.24
O7 NAG K . 24.90 53.28 -27.65
C1 BMA K . 25.02 50.06 -20.97
C2 BMA K . 25.74 50.18 -19.60
C3 BMA K . 24.72 50.43 -18.49
C4 BMA K . 23.76 51.56 -18.84
C5 BMA K . 23.09 51.26 -20.19
C6 BMA K . 22.13 52.34 -20.64
O2 BMA K . 26.63 51.29 -19.60
O3 BMA K . 25.37 50.71 -17.24
O4 BMA K . 22.76 51.69 -17.83
O5 BMA K . 24.12 51.14 -21.17
O6 BMA K . 21.15 52.54 -19.63
C1 FUC K . 29.18 49.52 -27.18
C2 FUC K . 29.55 48.33 -26.26
C3 FUC K . 30.81 47.64 -26.75
C4 FUC K . 31.96 48.65 -26.87
C5 FUC K . 31.53 49.85 -27.72
C6 FUC K . 32.54 50.99 -27.66
O2 FUC K . 28.48 47.41 -26.12
O3 FUC K . 31.20 46.63 -25.84
O4 FUC K . 32.35 49.09 -25.58
O5 FUC K . 30.27 50.42 -27.29
C1 NAG L . 34.01 -31.22 50.98
C2 NAG L . 35.10 -31.77 51.88
C3 NAG L . 36.12 -30.69 52.20
C4 NAG L . 36.65 -30.06 50.92
C5 NAG L . 35.50 -29.59 50.05
C6 NAG L . 35.95 -29.09 48.69
C7 NAG L . 35.06 -33.38 53.74
C8 NAG L . 34.36 -33.81 54.99
N2 NAG L . 34.53 -32.32 53.11
O3 NAG L . 37.19 -31.26 52.95
O4 NAG L . 37.49 -28.97 51.24
O5 NAG L . 34.59 -30.67 49.81
O6 NAG L . 36.77 -27.94 48.80
O7 NAG L . 36.04 -33.96 53.32
C1 NAG L . 38.85 -29.33 50.90
C2 NAG L . 39.68 -28.05 50.75
C3 NAG L . 41.12 -28.40 50.42
C4 NAG L . 41.69 -29.37 51.45
C5 NAG L . 40.77 -30.59 51.59
C6 NAG L . 41.20 -31.52 52.70
C7 NAG L . 39.19 -25.85 49.80
C8 NAG L . 38.55 -25.09 48.66
N2 NAG L . 39.11 -27.18 49.73
O3 NAG L . 41.90 -27.21 50.39
O4 NAG L . 42.98 -29.80 51.04
O5 NAG L . 39.43 -30.16 51.91
O6 NAG L . 41.28 -30.84 53.94
O7 NAG L . 39.74 -25.26 50.72
C1 NAG M . 37.73 -9.30 50.26
C2 NAG M . 38.03 -8.97 48.82
C3 NAG M . 39.37 -8.26 48.72
C4 NAG M . 39.41 -7.05 49.64
C5 NAG M . 38.94 -7.42 51.06
C6 NAG M . 38.77 -6.23 51.95
C7 NAG M . 37.80 -10.14 46.68
C8 NAG M . 37.83 -11.46 45.98
N2 NAG M . 38.02 -10.16 47.99
O3 NAG M . 39.57 -7.87 47.37
O4 NAG M . 40.74 -6.55 49.77
O5 NAG M . 37.68 -8.10 51.02
O6 NAG M . 37.41 -6.07 52.35
O7 NAG M . 37.61 -9.09 46.07
C1 NAG M . 41.26 -5.78 48.66
C2 NAG M . 42.46 -6.55 48.11
C3 NAG M . 43.04 -5.84 46.88
C4 NAG M . 41.95 -5.60 45.85
C5 NAG M . 40.78 -4.85 46.49
C6 NAG M . 39.62 -4.66 45.53
C7 NAG M . 43.47 -7.69 50.04
C8 NAG M . 44.60 -7.70 51.02
N2 NAG M . 43.49 -6.71 49.13
O3 NAG M . 44.07 -6.64 46.31
O4 NAG M . 42.47 -4.83 44.77
O5 NAG M . 40.30 -5.58 47.61
O6 NAG M . 39.90 -5.21 44.26
O7 NAG M . 42.57 -8.52 50.08
C1 NAG N . 28.05 -48.70 45.12
C2 NAG N . 27.39 -49.85 44.38
C3 NAG N . 28.02 -50.02 43.00
C4 NAG N . 28.00 -48.69 42.24
C5 NAG N . 28.62 -47.57 43.10
C6 NAG N . 28.50 -46.21 42.46
C7 NAG N . 28.58 -51.71 45.49
C8 NAG N . 28.41 -52.97 46.26
N2 NAG N . 27.45 -51.08 45.13
O3 NAG N . 27.31 -51.01 42.27
O4 NAG N . 28.77 -48.81 41.04
O5 NAG N . 27.94 -47.50 44.36
O6 NAG N . 28.80 -45.18 43.40
O7 NAG N . 29.69 -51.26 45.20
C1 NAG N . 27.93 -49.04 39.89
C2 NAG N . 28.80 -49.04 38.64
C3 NAG N . 27.95 -49.34 37.40
C4 NAG N . 27.16 -50.63 37.60
C5 NAG N . 26.35 -50.56 38.89
C6 NAG N . 25.65 -51.86 39.21
C7 NAG N . 30.63 -47.64 37.78
C8 NAG N . 31.22 -46.27 37.73
N2 NAG N . 29.51 -47.78 38.49
O3 NAG N . 28.80 -49.46 36.26
O4 NAG N . 26.27 -50.82 36.50
O5 NAG N . 27.23 -50.29 40.00
O6 NAG N . 26.32 -52.57 40.25
O7 NAG N . 31.15 -48.60 37.20
C1 NAG O . -10.01 -5.01 -49.92
C2 NAG O . -9.05 -5.65 -48.92
C3 NAG O . -7.70 -4.94 -48.96
C4 NAG O . -7.16 -4.85 -50.39
C5 NAG O . -8.22 -4.36 -51.37
C6 NAG O . -7.81 -4.55 -52.81
C7 NAG O . -9.17 -6.42 -46.60
C8 NAG O . -9.85 -6.26 -45.27
N2 NAG O . -9.60 -5.62 -47.57
O3 NAG O . -6.77 -5.64 -48.14
O4 NAG O . -6.08 -3.93 -50.37
O5 NAG O . -9.45 -5.07 -51.21
O6 NAG O . -7.89 -5.92 -53.16
O7 NAG O . -8.27 -7.24 -46.77
C1 NAG O . -4.90 -4.40 -51.08
C2 NAG O . -3.86 -3.28 -50.98
C3 NAG O . -2.55 -3.68 -51.67
C4 NAG O . -2.07 -5.03 -51.14
C5 NAG O . -3.18 -6.06 -51.23
C6 NAG O . -2.80 -7.39 -50.61
C7 NAG O . -4.76 -1.59 -52.65
C8 NAG O . -4.77 -2.62 -53.75
N2 NAG O . -4.33 -1.96 -51.43
O3 NAG O . -1.57 -2.68 -51.46
O4 NAG O . -0.95 -5.47 -51.89
O5 NAG O . -4.35 -5.61 -50.54
O6 NAG O . -1.98 -7.20 -49.46
O7 NAG O . -5.14 -0.44 -52.86
C1 BMA O . 0.24 -5.33 -51.08
C2 BMA O . 1.34 -6.23 -51.68
C3 BMA O . 2.67 -5.97 -50.98
C4 BMA O . 2.99 -4.47 -50.91
C5 BMA O . 1.83 -3.73 -50.24
C6 BMA O . 2.05 -2.23 -50.15
O2 BMA O . 1.53 -5.93 -53.06
O3 BMA O . 3.75 -6.68 -51.60
O4 BMA O . 4.18 -4.26 -50.15
O5 BMA O . 0.66 -3.96 -51.04
O6 BMA O . 3.35 -2.02 -49.62
C1 FUC O . -6.66 -6.33 -53.81
C2 FUC O . -6.15 -7.62 -53.12
C3 FUC O . -7.08 -8.80 -53.42
C4 FUC O . -7.32 -8.94 -54.92
C5 FUC O . -7.81 -7.62 -55.49
C6 FUC O . -7.93 -7.64 -57.00
O2 FUC O . -5.98 -7.46 -51.72
O3 FUC O . -6.47 -10.01 -52.96
O4 FUC O . -6.12 -9.32 -55.57
O5 FUC O . -6.89 -6.55 -55.18
C1 NAG P . -11.29 -47.95 52.05
C2 NAG P . -11.92 -49.15 52.76
C3 NAG P . -11.48 -50.45 52.11
C4 NAG P . -11.78 -50.42 50.61
C5 NAG P . -11.17 -49.17 49.98
C6 NAG P . -11.55 -49.00 48.53
C7 NAG P . -12.44 -48.75 55.12
C8 NAG P . -11.93 -48.81 56.53
N2 NAG P . -11.58 -49.15 54.18
O3 NAG P . -12.15 -51.52 52.74
O4 NAG P . -11.22 -51.57 49.98
O5 NAG P . -11.64 -47.99 50.66
O6 NAG P . -11.27 -50.17 47.78
O7 NAG P . -13.57 -48.38 54.86
C1 NAG P . -12.25 -52.54 49.78
C2 NAG P . -11.83 -53.48 48.65
C3 NAG P . -12.87 -54.58 48.46
C4 NAG P . -13.12 -55.31 49.78
C5 NAG P . -13.50 -54.30 50.85
C6 NAG P . -13.66 -54.92 52.22
C7 NAG P . -10.58 -52.94 46.60
C8 NAG P . -10.54 -52.11 45.36
N2 NAG P . -11.64 -52.75 47.41
O3 NAG P . -12.41 -55.51 47.48
O4 NAG P . -14.17 -56.26 49.63
O5 NAG P . -12.48 -53.31 50.97
O6 NAG P . -12.44 -55.51 52.67
O7 NAG P . -9.70 -53.75 46.87
C1 NAG Q . 0.96 -56.18 35.87
C2 NAG Q . 0.32 -55.89 34.53
C3 NAG Q . 0.09 -57.20 33.79
C4 NAG Q . 1.39 -58.00 33.69
C5 NAG Q . 2.09 -58.10 35.05
C6 NAG Q . 3.48 -58.67 34.96
C7 NAG Q . -1.41 -54.37 33.74
C8 NAG Q . -2.71 -53.68 34.05
N2 NAG Q . -0.92 -55.16 34.69
O3 NAG Q . -0.42 -56.89 32.49
O4 NAG Q . 1.10 -59.34 33.29
O5 NAG Q . 2.21 -56.81 35.68
O6 NAG Q . 4.31 -58.17 36.00
O7 NAG Q . -0.83 -54.21 32.66
C1 NAG Q . 0.80 -59.57 31.89
C2 NAG Q . -0.60 -60.22 31.85
C3 NAG Q . -1.03 -60.46 30.41
C4 NAG Q . -0.95 -59.17 29.61
C5 NAG Q . 0.46 -58.60 29.71
C6 NAG Q . 0.61 -57.28 29.00
C7 NAG Q . -1.31 -61.62 33.73
C8 NAG Q . -1.22 -62.97 34.38
N2 NAG Q . -0.62 -61.46 32.61
O3 NAG Q . -2.37 -60.95 30.40
O4 NAG Q . -1.25 -59.42 28.24
O5 NAG Q . 0.80 -58.38 31.08
O6 NAG Q . -0.44 -57.08 28.06
O7 NAG Q . -2.00 -60.73 34.21
C1 NAG R . -23.04 -36.53 62.71
C2 NAG R . -23.56 -35.20 63.20
C3 NAG R . -24.85 -34.86 62.48
C4 NAG R . -24.67 -34.97 60.96
C5 NAG R . -23.88 -36.22 60.54
C6 NAG R . -23.41 -36.14 59.10
C7 NAG R . -24.57 -36.03 65.31
C8 NAG R . -24.61 -35.86 66.80
N2 NAG R . -23.75 -35.21 64.65
O3 NAG R . -25.25 -33.54 62.83
O4 NAG R . -25.97 -35.09 60.39
O5 NAG R . -22.71 -36.42 61.35
O6 NAG R . -22.01 -35.89 59.04
O7 NAG R . -25.25 -36.88 64.73
C1 NAG R . -26.34 -33.95 59.59
C2 NAG R . -27.43 -34.43 58.64
C3 NAG R . -27.93 -33.27 57.78
C4 NAG R . -28.37 -32.12 58.66
C5 NAG R . -27.25 -31.73 59.62
C6 NAG R . -27.66 -30.66 60.61
C7 NAG R . -27.27 -36.81 58.05
C8 NAG R . -26.69 -37.81 57.09
N2 NAG R . -26.96 -35.52 57.81
O3 NAG R . -29.02 -33.71 56.97
O4 NAG R . -28.69 -30.99 57.84
O5 NAG R . -26.84 -32.87 60.39
O6 NAG R . -28.41 -29.63 59.98
O7 NAG R . -27.97 -37.14 58.99
C1 NAG S . -5.21 47.08 20.22
C2 NAG S . -4.70 46.08 21.26
C3 NAG S . -3.73 46.76 22.22
C4 NAG S . -2.61 47.45 21.45
C5 NAG S . -3.20 48.40 20.41
C6 NAG S . -2.15 49.03 19.52
C7 NAG S . -5.83 44.18 22.32
C8 NAG S . -7.05 43.72 23.06
N2 NAG S . -5.80 45.48 21.99
O3 NAG S . -3.18 45.79 23.10
O4 NAG S . -1.80 48.20 22.34
O5 NAG S . -4.10 47.68 19.55
O6 NAG S . -2.74 49.63 18.37
O7 NAG S . -4.91 43.41 22.04
C1 NAG T . -22.58 80.51 7.85
C2 NAG T . -21.78 81.57 8.60
C3 NAG T . -22.33 82.97 8.30
C4 NAG T . -22.38 83.20 6.80
C5 NAG T . -23.17 82.09 6.12
C6 NAG T . -23.18 82.20 4.61
C7 NAG T . -20.86 81.75 10.87
C8 NAG T . -21.05 81.39 12.32
N2 NAG T . -21.80 81.33 10.03
O3 NAG T . -21.50 83.96 8.91
O4 NAG T . -23.02 84.45 6.52
O5 NAG T . -22.59 80.82 6.43
O6 NAG T . -22.05 81.54 4.04
O7 NAG T . -19.89 82.40 10.49
C1 NAG U . -35.54 53.71 -1.13
C2 NAG U . -36.52 53.15 -2.15
C3 NAG U . -37.73 54.07 -2.29
C4 NAG U . -38.36 54.34 -0.93
C5 NAG U . -37.31 54.87 0.04
C6 NAG U . -37.85 55.04 1.44
C7 NAG U . -35.84 51.78 -4.07
C8 NAG U . -35.13 51.77 -5.39
N2 NAG U . -35.88 52.95 -3.44
O3 NAG U . -38.68 53.47 -3.17
O4 NAG U . -39.41 55.28 -1.06
O5 NAG U . -36.21 53.94 0.13
O6 NAG U . -36.82 55.39 2.35
O7 NAG U . -36.35 50.77 -3.60
C1 NAG V . -36.87 74.57 14.56
C2 NAG V . -36.64 76.07 14.74
C3 NAG V . -37.85 76.86 14.23
C4 NAG V . -38.18 76.46 12.81
C5 NAG V . -38.36 74.95 12.70
C6 NAG V . -38.58 74.47 11.29
C7 NAG V . -37.17 76.19 17.15
C8 NAG V . -36.67 76.61 18.50
N2 NAG V . -36.34 76.40 16.13
O3 NAG V . -37.56 78.26 14.30
O4 NAG V . -39.38 77.10 12.39
O5 NAG V . -37.17 74.29 13.18
O6 NAG V . -39.95 74.57 10.92
O7 NAG V . -38.28 75.69 17.01
C1 NAG W . -18.96 51.18 -22.51
C2 NAG W . -18.43 50.30 -23.64
C3 NAG W . -17.88 51.15 -24.78
C4 NAG W . -18.92 52.17 -25.23
C5 NAG W . -19.42 52.98 -24.04
C6 NAG W . -20.54 53.93 -24.39
C7 NAG W . -16.25 49.70 -22.63
C8 NAG W . -15.36 48.58 -22.21
N2 NAG W . -17.43 49.35 -23.17
O3 NAG W . -17.50 50.32 -25.87
O4 NAG W . -18.36 53.06 -26.19
O5 NAG W . -19.94 52.09 -23.03
O6 NAG W . -20.05 55.23 -24.65
O7 NAG W . -15.92 50.88 -22.47
C1 NAG X . -8.14 43.54 -7.72
C2 NAG X . -7.14 42.87 -8.66
C3 NAG X . -5.80 42.66 -7.96
C4 NAG X . -5.29 43.96 -7.36
C5 NAG X . -6.35 44.56 -6.45
C6 NAG X . -5.96 45.91 -5.90
C7 NAG X . -8.43 41.52 -10.26
C8 NAG X . -8.87 40.13 -10.62
N2 NAG X . -7.65 41.61 -9.17
O3 NAG X . -4.85 42.13 -8.88
O4 NAG X . -4.10 43.74 -6.62
O5 NAG X . -7.56 44.75 -7.19
O6 NAG X . -4.55 46.06 -5.85
O7 NAG X . -8.76 42.50 -10.90
C1 NAG Y . -36.34 23.76 24.89
C2 NAG Y . -36.51 25.14 25.54
C3 NAG Y . -37.37 25.04 26.80
C4 NAG Y . -38.69 24.35 26.48
C5 NAG Y . -38.44 23.01 25.80
C6 NAG Y . -39.71 22.31 25.36
C7 NAG Y . -34.32 25.23 26.70
C8 NAG Y . -33.06 26.02 26.87
N2 NAG Y . -35.22 25.75 25.84
O3 NAG Y . -37.61 26.33 27.31
O4 NAG Y . -39.42 24.14 27.68
O5 NAG Y . -37.64 23.20 24.63
O6 NAG Y . -40.81 23.22 25.34
O7 NAG Y . -34.52 24.19 27.30
C1 NAG Z . 5.48 28.58 -45.02
C2 NAG Z . 5.71 27.68 -46.25
C3 NAG Z . 5.92 28.52 -47.51
C4 NAG Z . 6.29 29.95 -47.14
C5 NAG Z . 7.27 29.94 -45.99
C6 NAG Z . 7.81 31.30 -45.66
C7 NAG Z . 6.69 25.55 -45.50
C8 NAG Z . 7.95 24.76 -45.36
N2 NAG Z . 6.83 26.76 -46.05
O3 NAG Z . 4.74 28.50 -48.29
O4 NAG Z . 6.89 30.60 -48.26
O5 NAG Z . 6.64 29.44 -44.80
O6 NAG Z . 6.77 32.18 -45.20
O7 NAG Z . 5.60 25.12 -45.15
C1 NAG AA . -15.44 21.09 39.31
C2 NAG AA . -16.61 20.17 39.66
C3 NAG AA . -17.87 20.98 39.95
C4 NAG AA . -17.60 22.05 40.99
C5 NAG AA . -16.40 22.90 40.56
C6 NAG AA . -15.99 23.93 41.60
C7 NAG AA . -16.13 18.11 38.40
C8 NAG AA . -16.52 17.25 37.24
N2 NAG AA . -16.86 19.22 38.58
O3 NAG AA . -18.90 20.12 40.40
O4 NAG AA . -18.73 22.90 41.14
O5 NAG AA . -15.26 22.04 40.36
O6 NAG AA . -14.81 24.60 41.21
O7 NAG AA . -15.17 17.83 39.12
C1 NAG BA . 21.64 24.45 25.02
C2 NAG BA . 22.87 24.07 24.21
C3 NAG BA . 24.12 24.10 25.08
C4 NAG BA . 24.25 25.46 25.76
C5 NAG BA . 22.97 25.78 26.52
C6 NAG BA . 22.98 27.16 27.14
C7 NAG BA . 23.37 22.34 22.53
C8 NAG BA . 23.07 20.95 22.05
N2 NAG BA . 22.70 22.74 23.61
O3 NAG BA . 25.27 23.85 24.27
O4 NAG BA . 25.35 25.45 26.66
O5 NAG BA . 21.85 25.74 25.62
O6 NAG BA . 24.29 27.49 27.61
O7 NAG BA . 24.19 23.06 21.97
C1 NAG CA . 18.06 25.20 45.82
C2 NAG CA . 18.70 26.56 45.45
C3 NAG CA . 19.98 26.37 44.62
C4 NAG CA . 20.91 25.36 45.29
C5 NAG CA . 20.16 24.07 45.58
C6 NAG CA . 21.00 23.03 46.29
C7 NAG CA . 17.11 27.37 43.65
C8 NAG CA . 17.33 26.12 42.84
N2 NAG CA . 17.77 27.50 44.82
O3 NAG CA . 20.64 27.62 44.48
O4 NAG CA . 22.01 25.07 44.43
O5 NAG CA . 19.04 24.35 46.44
O6 NAG CA . 21.25 21.92 45.45
O7 NAG CA . 16.36 28.27 43.25
C1 NAG DA . 31.97 -7.58 65.63
C2 NAG DA . 32.16 -6.15 66.09
C3 NAG DA . 33.23 -5.47 65.25
C4 NAG DA . 34.52 -6.28 65.28
C5 NAG DA . 34.25 -7.74 64.89
C6 NAG DA . 35.45 -8.63 65.04
C7 NAG DA . 30.32 -4.90 67.11
C8 NAG DA . 29.03 -4.16 66.87
N2 NAG DA . 30.91 -5.41 66.02
O3 NAG DA . 33.47 -4.16 65.75
O4 NAG DA . 35.47 -5.73 64.38
O5 NAG DA . 33.22 -8.29 65.72
O6 NAG DA . 36.66 -7.88 64.95
O7 NAG DA . 30.79 -5.02 68.23
C1 NAG EA . 14.82 -9.28 82.21
C2 NAG EA . 14.04 -8.18 82.92
C3 NAG EA . 14.02 -8.42 84.42
C4 NAG EA . 13.50 -9.82 84.73
C5 NAG EA . 14.30 -10.85 83.95
C6 NAG EA . 13.79 -12.26 84.11
C7 NAG EA . 15.82 -6.45 82.90
C8 NAG EA . 16.17 -5.06 82.49
N2 NAG EA . 14.57 -6.86 82.61
O3 NAG EA . 13.19 -7.45 85.05
O4 NAG EA . 13.62 -10.10 86.12
O5 NAG EA . 14.27 -10.56 82.54
O6 NAG EA . 14.18 -12.80 85.38
O7 NAG EA . 16.63 -7.19 83.46
C1 NAG FA . 33.04 -20.92 80.27
C2 NAG FA . 33.99 -19.82 79.78
C3 NAG FA . 35.40 -20.38 79.59
C4 NAG FA . 35.87 -21.11 80.84
C5 NAG FA . 34.84 -22.16 81.25
C6 NAG FA . 35.19 -22.86 82.54
C7 NAG FA . 32.65 -18.18 78.53
C8 NAG FA . 32.26 -17.69 77.18
N2 NAG FA . 33.51 -19.21 78.56
O3 NAG FA . 36.29 -19.32 79.27
O4 NAG FA . 37.13 -21.74 80.60
O5 NAG FA . 33.57 -21.53 81.45
O6 NAG FA . 34.88 -24.23 82.49
O7 NAG FA . 32.22 -17.69 79.57
C1 NAG GA . 34.26 31.78 -9.53
C2 NAG GA . 35.74 31.46 -9.50
C3 NAG GA . 36.34 32.02 -8.22
C4 NAG GA . 36.07 33.51 -8.16
C5 NAG GA . 34.58 33.75 -8.23
C6 NAG GA . 34.26 35.24 -8.19
C7 NAG GA . 36.08 29.41 -10.70
C8 NAG GA . 36.08 27.92 -10.65
N2 NAG GA . 35.98 30.04 -9.55
O3 NAG GA . 37.75 31.79 -8.19
O4 NAG GA . 36.60 34.04 -6.93
O5 NAG GA . 34.06 33.19 -9.43
O6 NAG GA . 34.79 35.79 -6.98
O7 NAG GA . 36.17 30.02 -11.76
C1 NAG HA . 38.68 -20.07 -20.53
C2 NAG HA . 38.05 -20.86 -19.38
C3 NAG HA . 38.45 -22.33 -19.47
C4 NAG HA . 38.15 -22.89 -20.86
C5 NAG HA . 38.78 -22.01 -21.93
C6 NAG HA . 38.40 -22.42 -23.33
C7 NAG HA . 37.61 -20.23 -17.05
C8 NAG HA . 38.18 -19.62 -15.80
N2 NAG HA . 38.44 -20.30 -18.09
O3 NAG HA . 37.76 -23.08 -18.48
O4 NAG HA . 38.67 -24.21 -20.97
O5 NAG HA . 38.32 -20.65 -21.78
O6 NAG HA . 38.10 -21.30 -24.14
O7 NAG HA . 36.45 -20.62 -17.11
C1 NAG IA . 62.94 -7.38 -49.58
C2 NAG IA . 64.38 -7.86 -49.39
C3 NAG IA . 65.15 -7.75 -50.71
C4 NAG IA . 64.41 -8.46 -51.82
C5 NAG IA . 62.97 -7.96 -51.92
C6 NAG IA . 62.14 -8.71 -52.94
C7 NAG IA . 65.99 -7.68 -47.55
C8 NAG IA . 66.58 -6.77 -46.51
N2 NAG IA . 65.05 -7.14 -48.33
O3 NAG IA . 66.45 -8.31 -50.53
O4 NAG IA . 65.08 -8.23 -53.07
O5 NAG IA . 62.32 -8.12 -50.65
O6 NAG IA . 62.83 -8.82 -54.18
O7 NAG IA . 66.34 -8.85 -47.68
C1 NAG JA . 46.84 16.44 -33.76
C2 NAG JA . 46.31 17.77 -34.28
C3 NAG JA . 47.35 18.44 -35.19
C4 NAG JA . 48.69 18.54 -34.48
C5 NAG JA . 49.12 17.17 -33.95
C6 NAG JA . 50.39 17.22 -33.13
C7 NAG JA . 44.20 18.60 -35.23
C8 NAG JA . 42.95 18.23 -35.98
N2 NAG JA . 45.06 17.60 -34.99
O3 NAG JA . 46.91 19.74 -35.56
O4 NAG JA . 49.69 19.01 -35.39
O5 NAG JA . 48.10 16.64 -33.09
O6 NAG JA . 51.08 18.44 -33.33
O7 NAG JA . 44.42 19.75 -34.87
C1 NAG KA . 69.17 3.01 -39.53
C2 NAG KA . 69.92 2.20 -40.56
C3 NAG KA . 70.89 3.08 -41.34
C4 NAG KA . 70.16 4.29 -41.92
C5 NAG KA . 69.39 5.02 -40.83
C6 NAG KA . 68.54 6.15 -41.37
C7 NAG KA . 71.56 1.17 -39.02
C8 NAG KA . 72.15 -0.12 -38.53
N2 NAG KA . 70.62 1.06 -39.96
O3 NAG KA . 71.49 2.33 -42.40
O4 NAG KA . 71.10 5.18 -42.52
O5 NAG KA . 68.50 4.11 -40.17
O6 NAG KA . 68.05 6.96 -40.31
O7 NAG KA . 71.94 2.25 -38.58
C1 NAG LA . 24.53 8.67 -50.87
C2 NAG LA . 23.67 9.54 -51.79
C3 NAG LA . 23.35 8.79 -53.10
C4 NAG LA . 24.63 8.27 -53.74
C5 NAG LA . 25.44 7.46 -52.72
C6 NAG LA . 26.77 6.99 -53.27
C7 NAG LA . 21.49 9.15 -50.69
C8 NAG LA . 20.30 9.81 -50.04
N2 NAG LA . 22.44 9.97 -51.13
O3 NAG LA . 22.67 9.67 -53.99
O4 NAG LA . 24.30 7.43 -54.85
O5 NAG LA . 25.72 8.26 -51.57
O6 NAG LA . 26.61 5.90 -54.16
O7 NAG LA . 21.57 7.93 -50.81
C1 NAG MA . 21.78 -3.39 -36.82
C2 NAG MA . 21.31 -2.61 -38.04
C3 NAG MA . 21.41 -3.47 -39.29
C4 NAG MA . 22.82 -4.03 -39.45
C5 NAG MA . 23.26 -4.75 -38.17
C6 NAG MA . 24.69 -5.22 -38.22
C7 NAG MA . 19.60 -0.89 -37.63
C8 NAG MA . 18.13 -0.61 -37.45
N2 NAG MA . 19.93 -2.17 -37.85
O3 NAG MA . 21.07 -2.69 -40.44
O4 NAG MA . 22.87 -4.95 -40.54
O5 NAG MA . 23.14 -3.87 -37.05
O6 NAG MA . 24.80 -6.51 -38.81
O7 NAG MA . 20.44 0.00 -37.57
C1 NAG NA . 42.11 8.60 3.07
C2 NAG NA . 42.45 9.98 2.53
C3 NAG NA . 43.63 10.57 3.32
C4 NAG NA . 44.22 9.60 4.33
C5 NAG NA . 43.17 8.86 5.17
C6 NAG NA . 42.83 9.58 6.45
C7 NAG NA . 43.72 9.25 0.54
C8 NAG NA . 43.83 9.36 -0.95
N2 NAG NA . 42.74 9.95 1.11
O3 NAG NA . 43.22 11.76 3.97
O4 NAG NA . 45.09 8.66 3.68
O5 NAG NA . 41.94 8.66 4.46
O6 NAG NA . 43.89 10.42 6.87
O7 NAG NA . 44.49 8.55 1.20
C1 NAG OA . -3.79 -34.06 -37.99
C2 NAG OA . -4.81 -35.20 -37.87
C3 NAG OA . -4.09 -36.52 -37.58
C4 NAG OA . -3.01 -36.78 -38.61
C5 NAG OA . -2.06 -35.59 -38.69
C6 NAG OA . -1.02 -35.72 -39.77
C7 NAG OA . -7.06 -35.28 -36.91
C8 NAG OA . -7.93 -34.89 -35.75
N2 NAG OA . -5.78 -34.91 -36.83
O3 NAG OA . -5.03 -37.58 -37.59
O4 NAG OA . -2.26 -37.94 -38.25
O5 NAG OA . -2.82 -34.39 -38.99
O6 NAG OA . -1.57 -35.49 -41.06
O7 NAG OA . -7.50 -35.90 -37.88
C1 NAG PA . 38.98 -15.20 14.28
C2 NAG PA . 38.92 -14.54 15.66
C3 NAG PA . 40.10 -13.59 15.85
C4 NAG PA . 41.41 -14.32 15.56
C5 NAG PA . 41.35 -14.97 14.19
C6 NAG PA . 42.58 -15.80 13.88
C7 NAG PA . 37.10 -13.59 17.03
C8 NAG PA . 35.81 -12.84 17.02
N2 NAG PA . 37.66 -13.82 15.84
O3 NAG PA . 40.10 -13.10 17.18
O4 NAG PA . 42.49 -13.39 15.60
O5 NAG PA . 40.24 -15.86 14.12
O6 NAG PA . 42.31 -16.76 12.86
O7 NAG PA . 37.63 -13.98 18.07
C1 NAG QA . 15.03 -40.60 -3.37
C2 NAG QA . 13.81 -41.45 -3.64
C3 NAG QA . 13.96 -42.81 -2.96
C4 NAG QA . 15.26 -43.48 -3.39
C5 NAG QA . 16.44 -42.53 -3.17
C6 NAG QA . 17.73 -43.08 -3.73
C7 NAG QA . 11.90 -39.96 -4.02
C8 NAG QA . 10.66 -39.36 -3.42
N2 NAG QA . 12.59 -40.79 -3.22
O3 NAG QA . 12.85 -43.63 -3.29
O4 NAG QA . 15.47 -44.66 -2.64
O5 NAG QA . 16.21 -41.27 -3.83
O6 NAG QA . 17.52 -44.26 -4.50
O7 NAG QA . 12.26 -39.71 -5.17
C1 NAG RA . 29.53 -46.57 10.51
C2 NAG RA . 30.18 -47.71 9.71
C3 NAG RA . 29.13 -48.50 8.91
C4 NAG RA . 27.97 -48.92 9.81
C5 NAG RA . 27.42 -47.71 10.55
C6 NAG RA . 26.32 -48.06 11.53
C7 NAG RA . 31.30 -46.42 7.84
C8 NAG RA . 29.99 -45.78 7.45
N2 NAG RA . 31.30 -47.28 8.87
O3 NAG RA . 29.74 -49.64 8.34
O4 NAG RA . 26.94 -49.51 9.04
O5 NAG RA . 28.47 -47.09 11.32
O6 NAG RA . 25.24 -48.72 10.86
O7 NAG RA . 32.34 -46.17 7.23
C1 NAG SA . 13.21 -57.41 45.68
C2 NAG SA . 14.11 -58.13 44.69
C3 NAG SA . 13.28 -58.90 43.66
C4 NAG SA . 12.29 -59.82 44.37
C5 NAG SA . 11.45 -59.02 45.35
C6 NAG SA . 10.51 -59.89 46.16
C7 NAG SA . 16.22 -56.90 44.47
C8 NAG SA . 17.00 -55.91 43.66
N2 NAG SA . 15.00 -57.20 44.02
O3 NAG SA . 14.14 -59.66 42.83
O4 NAG SA . 11.43 -60.43 43.40
O5 NAG SA . 12.31 -58.35 46.29
O6 NAG SA . 9.92 -60.90 45.35
O7 NAG SA . 16.67 -57.39 45.50
C1 NAG TA . 30.62 -49.15 61.02
C2 NAG TA . 32.07 -48.69 61.02
C3 NAG TA . 32.74 -49.04 62.35
C4 NAG TA . 31.92 -48.51 63.51
C5 NAG TA . 30.47 -48.96 63.40
C6 NAG TA . 29.58 -48.37 64.46
C7 NAG TA . 33.00 -50.55 59.69
C8 NAG TA . 33.80 -50.91 58.47
N2 NAG TA . 32.81 -49.24 59.91
O3 NAG TA . 34.05 -48.49 62.38
O4 NAG TA . 32.46 -48.98 64.75
O5 NAG TA . 29.93 -48.58 62.13
O6 NAG TA . 29.69 -49.07 65.69
O7 NAG TA . 32.55 -51.41 60.45
C1 NAG UA . 13.28 -60.86 65.42
C2 NAG UA . 13.32 -61.90 64.30
C3 NAG UA . 12.10 -62.82 64.38
C4 NAG UA . 11.98 -63.42 65.77
C5 NAG UA . 12.00 -62.33 66.84
C6 NAG UA . 12.02 -62.86 68.24
C7 NAG UA . 13.97 -61.80 61.93
C8 NAG UA . 13.95 -60.99 60.68
N2 NAG UA . 13.38 -61.25 63.01
O3 NAG UA . 12.23 -63.86 63.41
O4 NAG UA . 10.77 -64.16 65.88
O5 NAG UA . 13.19 -61.53 66.68
O6 NAG UA . 13.27 -62.65 68.87
O7 NAG UA . 14.51 -62.90 61.99
C1 NAG VA . -49.19 -27.59 -5.45
C2 NAG VA . -48.79 -26.93 -4.14
C3 NAG VA . -49.92 -27.07 -3.12
C4 NAG VA . -51.21 -26.51 -3.68
C5 NAG VA . -51.53 -27.19 -5.02
C6 NAG VA . -52.73 -26.60 -5.70
C7 NAG VA . -46.37 -26.93 -3.74
C8 NAG VA . -45.21 -27.65 -3.15
N2 NAG VA . -47.56 -27.51 -3.62
O3 NAG VA . -49.57 -26.35 -1.94
O4 NAG VA . -52.28 -26.75 -2.78
O5 NAG VA . -50.43 -27.02 -5.92
O6 NAG VA . -52.38 -25.48 -6.49
O7 NAG VA . -46.23 -25.85 -4.32
C1 NAG WA . -69.10 -38.86 -38.22
C2 NAG WA . -70.44 -39.45 -37.74
C3 NAG WA . -71.32 -39.81 -38.93
C4 NAG WA . -71.47 -38.62 -39.87
C5 NAG WA . -70.10 -38.08 -40.27
C6 NAG WA . -70.17 -36.84 -41.11
C7 NAG WA . -71.14 -41.10 -36.06
C8 NAG WA . -70.73 -42.32 -35.27
N2 NAG WA . -70.22 -40.61 -36.89
O3 NAG WA . -72.60 -40.23 -38.48
O4 NAG WA . -72.17 -39.02 -41.05
O5 NAG WA . -69.36 -37.75 -39.09
O6 NAG WA . -70.91 -37.06 -42.31
O7 NAG WA . -72.25 -40.60 -35.94
C1 NAG XA . -36.03 -36.37 -41.91
C2 NAG XA . -35.33 -35.62 -43.05
C3 NAG XA . -35.50 -36.39 -44.35
C4 NAG XA . -35.05 -37.83 -44.19
C5 NAG XA . -35.76 -38.48 -43.00
C6 NAG XA . -35.24 -39.87 -42.69
C7 NAG XA . -35.11 -33.26 -43.68
C8 NAG XA . -35.78 -31.92 -43.75
N2 NAG XA . -35.83 -34.27 -43.18
O3 NAG XA . -34.73 -35.76 -45.38
O4 NAG XA . -35.36 -38.57 -45.37
O5 NAG XA . -35.53 -37.69 -41.81
O6 NAG XA . -34.71 -39.94 -41.37
O7 NAG XA . -33.95 -33.43 -44.08
C1 NAG YA . -57.83 -51.05 -40.34
C2 NAG YA . -59.30 -51.29 -40.71
C3 NAG YA . -59.39 -51.94 -42.09
C4 NAG YA . -58.62 -51.12 -43.11
C5 NAG YA . -57.18 -50.91 -42.65
C6 NAG YA . -56.38 -50.02 -43.56
C7 NAG YA . -59.65 -53.35 -39.39
C8 NAG YA . -60.50 -54.00 -38.34
N2 NAG YA . -59.98 -52.10 -39.71
O3 NAG YA . -60.76 -52.03 -42.47
O4 NAG YA . -58.60 -51.79 -44.37
O5 NAG YA . -57.18 -50.28 -41.35
O6 NAG YA . -55.46 -49.22 -42.83
O7 NAG YA . -58.72 -53.94 -39.93
C1 NAG ZA . -40.38 -8.27 -45.43
C2 NAG ZA . -39.56 -7.24 -46.22
C3 NAG ZA . -40.47 -6.18 -46.83
C4 NAG ZA . -41.58 -6.84 -47.64
C5 NAG ZA . -42.32 -7.88 -46.79
C6 NAG ZA . -43.36 -8.65 -47.56
C7 NAG ZA . -38.78 -5.90 -44.29
C8 NAG ZA . -37.58 -5.36 -43.58
N2 NAG ZA . -38.53 -6.63 -45.40
O3 NAG ZA . -39.71 -5.32 -47.66
O4 NAG ZA . -42.51 -5.86 -48.09
O5 NAG ZA . -41.38 -8.85 -46.29
O6 NAG ZA . -44.12 -7.79 -48.41
O7 NAG ZA . -39.92 -5.70 -43.87
C1 NAG AB . -41.23 -9.42 -24.75
C2 NAG AB . -41.04 -8.91 -26.18
C3 NAG AB . -42.12 -7.88 -26.52
C4 NAG AB . -43.51 -8.44 -26.23
C5 NAG AB . -43.57 -8.94 -24.79
C6 NAG AB . -44.89 -9.58 -24.46
C7 NAG AB . -39.00 -8.53 -27.50
C8 NAG AB . -37.66 -7.88 -27.52
N2 NAG AB . -39.72 -8.34 -26.38
O3 NAG AB . -42.01 -7.54 -27.90
O4 NAG AB . -44.48 -7.42 -26.42
O5 NAG AB . -42.56 -9.93 -24.58
O6 NAG AB . -45.58 -8.84 -23.44
O7 NAG AB . -39.42 -9.19 -28.44
C1 NAG BB . -14.21 -45.08 -11.22
C2 NAG BB . -15.13 -46.07 -11.92
C3 NAG BB . -14.85 -47.48 -11.42
C4 NAG BB . -13.38 -47.82 -11.56
C5 NAG BB . -12.52 -46.75 -10.90
C6 NAG BB . -11.04 -46.94 -11.13
C7 NAG BB . -17.27 -45.14 -12.67
C8 NAG BB . -16.60 -44.87 -13.98
N2 NAG BB . -16.52 -45.72 -11.72
O3 NAG BB . -15.64 -48.41 -12.16
O4 NAG BB . -13.10 -49.08 -10.95
O5 NAG BB . -12.85 -45.46 -11.44
O6 NAG BB . -10.57 -46.15 -12.22
O7 NAG BB . -18.46 -44.85 -12.47
C1 NAG CB . -46.59 23.56 -4.06
C2 NAG CB . -46.48 24.49 -2.85
C3 NAG CB . -47.27 23.91 -1.68
C4 NAG CB . -48.71 23.63 -2.09
C5 NAG CB . -48.73 22.74 -3.34
C6 NAG CB . -50.12 22.51 -3.87
C7 NAG CB . -44.32 25.63 -3.05
C8 NAG CB . -42.91 25.73 -2.53
N2 NAG CB . -45.09 24.71 -2.47
O3 NAG CB . -47.25 24.84 -0.59
O4 NAG CB . -49.41 22.98 -1.04
O5 NAG CB . -47.96 23.35 -4.39
O6 NAG CB . -51.10 22.73 -2.88
O7 NAG CB . -44.73 26.35 -3.96
C1 NAG DB . -30.55 29.12 -33.50
C2 NAG DB . -29.29 28.81 -34.31
C3 NAG DB . -29.28 29.61 -35.60
C4 NAG DB . -30.56 29.37 -36.38
C5 NAG DB . -31.78 29.66 -35.50
C6 NAG DB . -33.09 29.32 -36.17
C7 NAG DB . -27.08 28.22 -33.40
C8 NAG DB . -25.92 28.67 -32.57
N2 NAG DB . -28.09 29.08 -33.53
O3 NAG DB . -28.15 29.22 -36.39
O4 NAG DB . -30.60 30.22 -37.52
O5 NAG DB . -31.71 28.86 -34.31
O6 NAG DB . -32.88 28.65 -37.41
O7 NAG DB . -27.10 27.12 -33.95
C1 NAG EB . -23.24 -40.89 13.11
C2 NAG EB . -21.86 -41.15 12.52
C3 NAG EB . -21.87 -42.47 11.75
C4 NAG EB . -22.36 -43.60 12.65
C5 NAG EB . -23.70 -43.25 13.28
C6 NAG EB . -24.16 -44.27 14.30
C7 NAG EB . -20.17 -39.76 11.44
C8 NAG EB . -19.91 -38.59 10.53
N2 NAG EB . -21.45 -40.05 11.66
O3 NAG EB . -20.55 -42.75 11.28
O4 NAG EB . -22.50 -44.79 11.88
O5 NAG EB . -23.61 -41.99 13.96
O6 NAG EB . -25.54 -44.56 14.15
O7 NAG EB . -19.25 -40.39 11.95
C1 NAG FB . -41.44 -7.28 23.34
C2 NAG FB . -41.54 -5.77 23.59
C3 NAG FB . -42.28 -5.50 24.89
C4 NAG FB . -43.63 -6.19 24.88
C5 NAG FB . -43.45 -7.68 24.61
C6 NAG FB . -44.77 -8.41 24.48
C7 NAG FB . -39.99 -3.96 23.03
C8 NAG FB . -38.57 -3.47 23.13
N2 NAG FB . -40.24 -5.16 23.59
O3 NAG FB . -42.46 -4.09 25.04
O4 NAG FB . -44.28 -6.01 26.14
O5 NAG FB . -42.75 -7.86 23.37
O6 NAG FB . -45.74 -7.90 25.38
O7 NAG FB . -40.86 -3.32 22.47
C1 NAG GB . -42.84 -25.45 35.46
C2 NAG GB . -44.33 -25.65 35.76
C3 NAG GB . -45.07 -24.30 35.88
C4 NAG GB . -44.33 -23.37 36.85
C5 NAG GB . -42.86 -23.26 36.43
C6 NAG GB . -42.05 -22.40 37.38
C7 NAG GB . -45.18 -26.44 33.50
C8 NAG GB . -44.63 -25.21 32.82
N2 NAG GB . -45.01 -26.55 34.84
O3 NAG GB . -46.38 -24.51 36.35
O4 NAG GB . -44.91 -22.08 36.84
O5 NAG GB . -42.26 -24.56 36.44
O6 NAG GB . -41.57 -21.23 36.74
O7 NAG GB . -45.77 -27.30 32.86
C1 NAG HB . -22.72 -21.36 70.38
C2 NAG HB . -23.99 -21.17 69.54
C3 NAG HB . -24.64 -19.82 69.87
C4 NAG HB . -24.87 -19.69 71.37
C5 NAG HB . -23.56 -19.94 72.13
C6 NAG HB . -23.74 -19.95 73.62
C7 NAG HB . -24.63 -21.61 67.22
C8 NAG HB . -24.18 -21.65 65.79
N2 NAG HB . -23.71 -21.27 68.12
O3 NAG HB . -25.88 -19.71 69.18
O4 NAG HB . -25.34 -18.39 71.67
O5 NAG HB . -23.02 -21.23 71.76
O6 NAG HB . -24.99 -20.52 73.98
O7 NAG HB . -25.79 -21.87 67.53
C1 NAG IB . -16.04 -44.12 72.01
C2 NAG IB . -16.80 -45.46 71.91
C3 NAG IB . -16.33 -46.41 73.00
C4 NAG IB . -14.82 -46.56 72.96
C5 NAG IB . -14.16 -45.20 73.02
C6 NAG IB . -12.66 -45.26 72.89
C7 NAG IB . -18.88 -44.75 73.05
C8 NAG IB . -20.37 -44.63 72.92
N2 NAG IB . -18.24 -45.26 71.99
O3 NAG IB . -16.95 -47.68 72.81
O4 NAG IB . -14.37 -47.36 74.05
O5 NAG IB . -14.64 -44.38 71.95
O6 NAG IB . -12.13 -46.34 73.66
O7 NAG IB . -18.29 -44.38 74.06
C1 NAG JB . -13.44 -27.76 85.47
C2 NAG JB . -14.86 -27.23 85.28
C3 NAG JB . -15.04 -25.91 86.03
C4 NAG JB . -14.63 -26.06 87.49
C5 NAG JB . -13.22 -26.64 87.58
C6 NAG JB . -12.80 -26.94 89.00
C7 NAG JB . -16.20 -27.66 83.28
C8 NAG JB . -16.38 -27.38 81.82
N2 NAG JB . -15.17 -27.06 83.87
O3 NAG JB . -16.40 -25.51 85.94
O4 NAG JB . -14.67 -24.81 88.14
O5 NAG JB . -13.15 -27.88 86.87
O6 NAG JB . -13.73 -27.78 89.66
O7 NAG JB . -16.97 -28.40 83.89
C1 NAG KB . -14.15 1.72 -50.87
C2 NAG KB . -15.22 1.50 -51.94
C3 NAG KB . -14.73 0.51 -52.99
C4 NAG KB . -13.26 0.73 -53.27
C5 NAG KB . -12.44 0.39 -52.03
C6 NAG KB . -11.19 1.23 -51.88
C7 NAG KB . -16.65 -0.09 -50.67
C8 NAG KB . -18.04 -0.35 -50.16
N2 NAG KB . -16.48 1.06 -51.36
O3 NAG KB . -15.48 0.68 -54.19
O4 NAG KB . -12.83 -0.10 -54.34
O5 NAG KB . -13.22 0.60 -50.84
O6 NAG KB . -10.08 0.44 -51.48
O7 NAG KB . -15.72 -0.87 -50.47
#